data_9JSZ
#
_entry.id   9JSZ
#
_cell.length_a   1.00
_cell.length_b   1.00
_cell.length_c   1.00
_cell.angle_alpha   90.00
_cell.angle_beta   90.00
_cell.angle_gamma   90.00
#
_symmetry.space_group_name_H-M   'P 1'
#
loop_
_entity.id
_entity.type
_entity.pdbx_description
1 polymer Ago
2 polymer DREN-APAZ
3 polymer "DNA (5'-D(*TP*AP*TP*CP*GP*TP*CP*AP*GP*CP*TP*GP*TP*GP*CP*AP*GP*TP*AP*TP*T)-3')"
4 polymer "RNA (5'-R(P*AP*UP*AP*CP*UP*GP*CP*AP*CP*AP*GP*CP*UP*GP*AP*CP*GP*AP*UP*A)-3')"
5 non-polymer 'MAGNESIUM ION'
#
loop_
_entity_poly.entity_id
_entity_poly.type
_entity_poly.pdbx_seq_one_letter_code
_entity_poly.pdbx_strand_id
1 'polypeptide(L)'
;MTFETRIFDEPELEFGDHHHHQDPRLGLSEAGPLQTFLGDVIKIGVVGNSKTIEDTRKFIETVSSGVEGKGEKHPNMHPP
FPGLGNQSPYRCRFEIEDGATAALTKSKLDKIGKEPDHYRAVEMAVDEIIGELQAMDDGGSRPDVAIIALPVKLLERVWN
AKVDARGTTEKSDSSGSDAPNFRGMLKAKAMGLSFPIQIVWEDVIDDKVTIPQKVKESSSRKIQDIAGRTWNLMTSLYYK
GSGRIPWRRMPLEGEFSACYVGISFYREADGQQLFTSAAQMFDERGRGFVLKGRRARTESRGRHPYMAREDAKKIIEDVL
AAYKLHHKTLPARVFILKTSRFKDEEADGIIAALDEAGTELRDLVWVQESYTARILRDGNYPVLRGTFVDLHGKGLLYTS
GSMPYYGTYPGKYDPNPLLLCPHHTSESTVAQLAEEIFSLTKVNWNSTQMNQRLPIPIRAARKVGEVLKYVGEGEVISAD
YRKYI
;
A,M,E,I
2 'polypeptide(L)'
;MTKKITANQIIGEIGENEVRGRFLTLGWQFDGRSRLEAGIDGIAEVMNEGQPMARMIAVQIKSTKEGKYTSESDTSFTYL
LRTQDLAYWRGSNLPVIVVFYRQSDHSFYWKEVSRDAGPGERRLNIDKVADLFNASTVNKLAALTVPKTGLGYYVPPLGG
GEDALINMLPLTLPNEMYIASTTYEPRKAIAVILNGDGPKRFDWVINGGTFWSFHDPRTSACSEIVDIDQVEAINTKELA
LHDDIDEQNRFSHLLRQTLRYQTDSDLGWDKDHKALYFRAIEREVSRNFAYTSSKKKTDANVVSVFKNSKDETRVSFVRH
HAFSPRFELMADQWYLIITPTYYYTTNGYAPHQFAAPLLAGKKRLDKSAALRGQVIMWHRFLTQSDHEDLFHSEETPEAY
LMFGEPPSIHLDVRVPEDGWVKEKVKRIDEAAQGEGLFSDDI
;
B,N,F,J
3 'polydeoxyribonucleotide'
;(DT)(DA)(DT)(DC)(DG)(DT)(DC)(DA)(DG)(DC)(DT)(DG)(DT)(DG)(DC)(DA)(DG)(DT)(DA)(DT)
(DT)
;
P,L,H,D
4 'polyribonucleotide' AUACUGCACAGCUGACGAUA O,K,G,C
#
# COMPACT_ATOMS: atom_id res chain seq x y z
N MET A 1 41.01 4.93 14.77
CA MET A 1 40.24 4.31 13.70
C MET A 1 39.38 3.16 14.23
N THR A 2 38.11 3.14 13.83
CA THR A 2 37.19 2.08 14.18
C THR A 2 36.94 1.21 12.96
N PHE A 3 37.07 -0.10 13.13
CA PHE A 3 36.97 -1.05 12.03
C PHE A 3 35.60 -1.72 12.03
N GLU A 4 34.92 -1.65 10.90
CA GLU A 4 33.63 -2.31 10.75
C GLU A 4 33.83 -3.81 10.55
N THR A 5 32.97 -4.60 11.17
CA THR A 5 33.04 -6.05 11.10
C THR A 5 31.74 -6.62 10.54
N ARG A 6 31.78 -7.91 10.25
CA ARG A 6 30.63 -8.59 9.67
C ARG A 6 30.64 -10.05 10.12
N ILE A 7 29.43 -10.60 10.32
CA ILE A 7 29.24 -12.00 10.65
C ILE A 7 28.35 -12.62 9.58
N PHE A 8 28.83 -13.68 8.96
CA PHE A 8 28.10 -14.38 7.91
C PHE A 8 27.55 -15.70 8.44
N ASP A 9 26.31 -15.99 8.08
CA ASP A 9 25.71 -17.27 8.44
C ASP A 9 26.38 -18.41 7.69
N GLU A 10 26.34 -19.59 8.28
CA GLU A 10 26.95 -20.77 7.66
C GLU A 10 26.15 -21.17 6.43
N PRO A 11 26.81 -21.34 5.28
CA PRO A 11 26.07 -21.60 4.04
C PRO A 11 25.48 -23.00 4.01
N GLU A 12 24.44 -23.15 3.20
CA GLU A 12 23.75 -24.41 3.01
C GLU A 12 24.01 -24.94 1.60
N LEU A 13 24.11 -26.26 1.48
CA LEU A 13 24.46 -26.91 0.23
C LEU A 13 23.26 -27.67 -0.32
N GLU A 14 23.28 -27.87 -1.65
CA GLU A 14 22.21 -28.58 -2.32
C GLU A 14 22.39 -30.09 -2.19
N PHE A 15 21.27 -30.81 -2.21
CA PHE A 15 21.26 -32.26 -2.09
C PHE A 15 20.10 -32.79 -2.93
N GLY A 16 19.72 -34.04 -2.68
CA GLY A 16 18.66 -34.65 -3.47
C GLY A 16 17.29 -34.09 -3.13
N ASP A 17 16.44 -34.02 -4.15
CA ASP A 17 15.06 -33.54 -4.06
C ASP A 17 14.97 -32.12 -3.51
N HIS A 18 15.82 -31.24 -4.05
CA HIS A 18 15.88 -29.82 -3.72
C HIS A 18 16.12 -29.57 -2.24
N HIS A 19 16.86 -30.45 -1.58
CA HIS A 19 17.14 -30.29 -0.17
C HIS A 19 18.19 -29.21 0.05
N HIS A 20 18.24 -28.72 1.28
CA HIS A 20 19.24 -27.72 1.66
C HIS A 20 19.66 -27.97 3.09
N HIS A 21 20.96 -28.24 3.28
CA HIS A 21 21.51 -28.44 4.61
C HIS A 21 22.94 -27.93 4.61
N GLN A 22 23.46 -27.66 5.80
CA GLN A 22 24.80 -27.11 5.94
C GLN A 22 25.85 -28.17 6.27
N ASP A 23 25.46 -29.42 6.39
CA ASP A 23 26.38 -30.51 6.72
C ASP A 23 26.34 -31.54 5.61
N PRO A 24 27.47 -31.85 4.96
CA PRO A 24 27.45 -32.87 3.90
C PRO A 24 27.03 -34.26 4.36
N ARG A 25 27.43 -34.67 5.56
CA ARG A 25 27.03 -35.99 6.06
C ARG A 25 25.53 -36.06 6.31
N LEU A 26 24.99 -35.08 7.03
CA LEU A 26 23.56 -35.06 7.30
C LEU A 26 22.77 -34.78 6.03
N GLY A 27 23.33 -33.95 5.13
CA GLY A 27 22.66 -33.69 3.88
C GLY A 27 22.55 -34.91 3.00
N LEU A 28 23.57 -35.79 3.03
CA LEU A 28 23.45 -37.06 2.34
C LEU A 28 22.51 -38.01 3.07
N SER A 29 22.48 -37.97 4.41
CA SER A 29 21.70 -38.95 5.16
C SER A 29 20.20 -38.70 5.01
N GLU A 30 19.74 -37.46 5.18
CA GLU A 30 18.32 -37.18 5.00
C GLU A 30 17.86 -37.28 3.54
N ALA A 31 18.66 -36.83 2.57
CA ALA A 31 18.14 -36.65 1.23
C ALA A 31 18.78 -37.51 0.14
N GLY A 32 19.99 -38.04 0.36
CA GLY A 32 20.70 -38.73 -0.69
C GLY A 32 21.46 -37.75 -1.56
N PRO A 33 22.20 -38.26 -2.55
CA PRO A 33 23.05 -37.38 -3.36
C PRO A 33 22.22 -36.50 -4.28
N LEU A 34 22.89 -35.47 -4.81
CA LEU A 34 22.22 -34.53 -5.71
C LEU A 34 21.79 -35.20 -7.00
N GLN A 35 22.64 -36.06 -7.55
CA GLN A 35 22.30 -36.87 -8.72
C GLN A 35 22.34 -38.33 -8.33
N THR A 36 21.24 -39.03 -8.56
CA THR A 36 21.18 -40.45 -8.25
C THR A 36 21.86 -41.26 -9.35
N PHE A 37 21.96 -42.56 -9.12
CA PHE A 37 22.62 -43.48 -10.04
C PHE A 37 21.57 -44.40 -10.67
N LEU A 38 21.66 -44.56 -11.99
CA LEU A 38 20.73 -45.47 -12.66
C LEU A 38 21.05 -46.93 -12.32
N GLY A 39 22.32 -47.28 -12.26
CA GLY A 39 22.71 -48.59 -11.78
C GLY A 39 22.61 -48.68 -10.27
N ASP A 40 22.77 -49.90 -9.76
CA ASP A 40 22.65 -50.16 -8.34
C ASP A 40 23.89 -50.83 -7.75
N VAL A 41 24.96 -50.95 -8.51
CA VAL A 41 26.18 -51.61 -8.05
C VAL A 41 27.39 -50.81 -8.52
N ILE A 42 28.41 -50.74 -7.66
CA ILE A 42 29.68 -50.10 -7.99
C ILE A 42 30.77 -51.14 -7.77
N LYS A 43 31.57 -51.40 -8.81
CA LYS A 43 32.58 -52.45 -8.77
C LYS A 43 33.92 -51.89 -8.32
N ILE A 44 34.56 -52.59 -7.39
CA ILE A 44 35.80 -52.14 -6.75
C ILE A 44 36.89 -53.17 -7.04
N GLY A 45 38.10 -52.70 -7.32
CA GLY A 45 39.23 -53.57 -7.55
C GLY A 45 40.35 -53.31 -6.56
N VAL A 46 41.10 -54.36 -6.23
CA VAL A 46 42.15 -54.30 -5.21
C VAL A 46 43.48 -54.70 -5.86
N VAL A 47 44.52 -53.91 -5.60
CA VAL A 47 45.89 -54.21 -6.03
C VAL A 47 46.78 -54.14 -4.81
N GLY A 48 47.63 -55.15 -4.63
CA GLY A 48 48.57 -55.15 -3.53
C GLY A 48 48.97 -56.59 -3.18
N ASN A 49 49.00 -56.87 -1.88
CA ASN A 49 49.30 -58.19 -1.37
C ASN A 49 48.02 -58.98 -1.14
N SER A 50 48.19 -60.29 -0.89
CA SER A 50 47.04 -61.15 -0.62
C SER A 50 46.40 -60.80 0.71
N LYS A 51 47.21 -60.52 1.72
CA LYS A 51 46.67 -60.11 3.02
C LYS A 51 45.93 -58.78 2.90
N THR A 52 46.47 -57.85 2.10
CA THR A 52 45.82 -56.56 1.91
C THR A 52 44.52 -56.69 1.13
N ILE A 53 44.47 -57.61 0.16
CA ILE A 53 43.21 -57.89 -0.55
C ILE A 53 42.19 -58.44 0.43
N GLU A 54 42.61 -59.36 1.29
CA GLU A 54 41.73 -59.93 2.31
C GLU A 54 41.18 -58.84 3.22
N ASP A 55 42.05 -58.00 3.78
CA ASP A 55 41.55 -57.01 4.73
C ASP A 55 40.81 -55.87 4.05
N THR A 56 41.02 -55.64 2.74
CA THR A 56 40.15 -54.71 2.03
C THR A 56 38.74 -55.26 1.89
N ARG A 57 38.61 -56.57 1.61
CA ARG A 57 37.28 -57.19 1.64
C ARG A 57 36.67 -57.13 3.03
N LYS A 58 37.49 -57.35 4.07
CA LYS A 58 36.98 -57.23 5.44
C LYS A 58 36.53 -55.82 5.77
N PHE A 59 37.25 -54.81 5.27
CA PHE A 59 36.87 -53.42 5.46
C PHE A 59 35.51 -53.13 4.83
N ILE A 60 35.31 -53.61 3.59
CA ILE A 60 34.06 -53.38 2.88
C ILE A 60 32.90 -54.06 3.61
N GLU A 61 33.06 -55.34 3.98
CA GLU A 61 31.96 -56.04 4.64
C GLU A 61 31.76 -55.55 6.06
N THR A 62 32.78 -54.96 6.68
CA THR A 62 32.63 -54.40 8.01
C THR A 62 31.81 -53.12 7.98
N VAL A 63 32.12 -52.22 7.03
CA VAL A 63 31.40 -50.95 6.97
C VAL A 63 30.12 -51.02 6.16
N SER A 64 29.81 -52.16 5.55
CA SER A 64 28.54 -52.30 4.85
C SER A 64 27.35 -52.21 5.80
N SER A 65 27.44 -52.84 6.96
CA SER A 65 26.33 -52.86 7.89
C SER A 65 26.28 -51.64 8.81
N GLY A 66 27.27 -50.76 8.75
CA GLY A 66 27.27 -49.57 9.57
C GLY A 66 28.08 -49.69 10.84
N VAL A 67 28.94 -48.71 11.10
CA VAL A 67 29.81 -48.69 12.27
C VAL A 67 29.67 -47.33 12.93
N GLU A 68 29.43 -47.33 14.25
CA GLU A 68 29.23 -46.11 15.01
C GLU A 68 30.54 -45.32 15.11
N GLY A 69 30.44 -44.13 15.70
CA GLY A 69 31.54 -43.19 15.68
C GLY A 69 32.44 -43.23 16.89
N LYS A 70 32.32 -42.22 17.75
CA LYS A 70 33.22 -42.05 18.89
C LYS A 70 32.37 -41.63 20.09
N GLY A 71 33.02 -41.05 21.09
CA GLY A 71 32.36 -40.72 22.34
C GLY A 71 31.26 -39.69 22.19
N GLU A 72 30.44 -39.59 23.23
CA GLU A 72 29.17 -38.89 23.21
C GLU A 72 29.33 -37.38 23.44
N LYS A 73 30.56 -36.91 23.65
CA LYS A 73 30.80 -35.50 23.99
C LYS A 73 30.37 -34.57 22.85
N HIS A 74 30.61 -34.96 21.61
CA HIS A 74 30.24 -34.14 20.45
C HIS A 74 29.51 -35.02 19.44
N PRO A 75 28.20 -35.22 19.63
CA PRO A 75 27.45 -36.06 18.67
C PRO A 75 27.36 -35.46 17.27
N ASN A 76 27.39 -34.14 17.13
CA ASN A 76 27.32 -33.52 15.82
C ASN A 76 28.63 -33.56 15.06
N MET A 77 29.74 -33.87 15.73
CA MET A 77 31.05 -33.87 15.08
C MET A 77 31.42 -35.23 14.49
N HIS A 78 30.97 -36.32 15.13
CA HIS A 78 31.18 -37.68 14.61
C HIS A 78 29.85 -38.39 14.51
N PRO A 79 29.07 -38.12 13.46
CA PRO A 79 27.81 -38.84 13.29
C PRO A 79 28.06 -40.28 12.90
N PRO A 80 27.15 -41.19 13.22
CA PRO A 80 27.34 -42.58 12.81
C PRO A 80 27.17 -42.76 11.30
N PHE A 81 27.87 -43.75 10.78
CA PHE A 81 27.73 -44.12 9.37
C PHE A 81 26.67 -45.20 9.25
N PRO A 82 25.54 -44.94 8.59
CA PRO A 82 24.46 -45.93 8.53
C PRO A 82 24.66 -47.06 7.54
N GLY A 83 25.86 -47.22 6.99
CA GLY A 83 26.15 -48.34 6.12
C GLY A 83 25.65 -48.14 4.70
N LEU A 84 25.71 -49.23 3.94
CA LEU A 84 25.33 -49.24 2.54
C LEU A 84 24.11 -50.13 2.29
N GLY A 85 23.32 -50.37 3.32
CA GLY A 85 22.20 -51.28 3.21
C GLY A 85 20.90 -50.66 2.76
N ASN A 86 19.86 -50.78 3.59
CA ASN A 86 18.54 -50.29 3.21
C ASN A 86 18.46 -48.77 3.19
N GLN A 87 19.25 -48.10 4.04
CA GLN A 87 19.15 -46.66 4.18
C GLN A 87 20.49 -45.99 3.84
N SER A 88 21.06 -46.37 2.71
CA SER A 88 22.38 -45.87 2.32
C SER A 88 22.31 -44.37 2.03
N PRO A 89 23.33 -43.61 2.44
CA PRO A 89 23.42 -42.20 2.00
C PRO A 89 23.55 -42.06 0.50
N TYR A 90 24.23 -43.00 -0.15
CA TYR A 90 24.42 -42.94 -1.59
C TYR A 90 23.35 -43.71 -2.36
N ARG A 91 22.54 -44.52 -1.67
CA ARG A 91 21.47 -45.32 -2.27
C ARG A 91 21.99 -46.28 -3.34
N CYS A 92 23.21 -46.79 -3.14
CA CYS A 92 23.83 -47.74 -4.04
C CYS A 92 24.60 -48.76 -3.24
N ARG A 93 24.92 -49.88 -3.89
CA ARG A 93 25.73 -50.92 -3.27
C ARG A 93 27.15 -50.90 -3.82
N PHE A 94 28.09 -51.30 -2.98
CA PHE A 94 29.52 -51.25 -3.30
C PHE A 94 30.08 -52.65 -3.18
N GLU A 95 30.37 -53.29 -4.32
CA GLU A 95 30.81 -54.69 -4.34
C GLU A 95 32.20 -54.81 -4.94
N ILE A 96 32.95 -55.78 -4.44
CA ILE A 96 34.23 -56.16 -5.03
C ILE A 96 33.98 -57.33 -5.97
N GLU A 97 34.34 -57.17 -7.24
CA GLU A 97 34.16 -58.25 -8.19
C GLU A 97 35.29 -59.28 -8.04
N ASP A 98 35.06 -60.46 -8.58
CA ASP A 98 36.00 -61.57 -8.46
C ASP A 98 37.07 -61.57 -9.52
N GLY A 99 36.99 -60.70 -10.52
CA GLY A 99 37.97 -60.66 -11.58
C GLY A 99 39.07 -59.65 -11.35
N ALA A 100 38.89 -58.76 -10.39
CA ALA A 100 39.87 -57.73 -10.04
C ALA A 100 40.45 -58.10 -8.68
N THR A 101 41.47 -58.96 -8.69
CA THR A 101 42.07 -59.48 -7.48
C THR A 101 43.60 -59.45 -7.61
N ALA A 102 44.12 -58.28 -8.00
CA ALA A 102 45.53 -58.12 -8.34
C ALA A 102 46.41 -58.32 -7.11
N ALA A 103 47.06 -59.46 -7.02
CA ALA A 103 47.95 -59.77 -5.92
C ALA A 103 49.40 -59.71 -6.40
N LEU A 104 50.22 -58.98 -5.67
CA LEU A 104 51.63 -58.86 -6.03
C LEU A 104 52.41 -60.06 -5.52
N THR A 105 53.66 -60.16 -5.97
CA THR A 105 54.52 -61.30 -5.66
C THR A 105 55.63 -60.87 -4.72
N LYS A 106 56.00 -61.77 -3.80
CA LYS A 106 57.05 -61.47 -2.83
C LYS A 106 58.42 -61.41 -3.48
N SER A 107 58.61 -62.12 -4.59
CA SER A 107 59.90 -62.09 -5.29
C SER A 107 60.16 -60.71 -5.90
N LYS A 108 59.11 -60.08 -6.45
CA LYS A 108 59.26 -58.73 -6.97
C LYS A 108 59.58 -57.73 -5.86
N LEU A 109 58.90 -57.85 -4.71
CA LEU A 109 59.17 -56.94 -3.59
C LEU A 109 60.54 -57.17 -2.99
N ASP A 110 61.06 -58.39 -3.07
CA ASP A 110 62.46 -58.62 -2.74
C ASP A 110 63.36 -57.94 -3.77
N LYS A 111 62.96 -58.00 -5.04
CA LYS A 111 63.76 -57.39 -6.10
C LYS A 111 63.82 -55.88 -5.95
N ILE A 112 62.67 -55.23 -5.96
CA ILE A 112 62.62 -53.78 -5.83
C ILE A 112 63.30 -53.35 -4.54
N GLY A 113 63.07 -54.12 -3.48
CA GLY A 113 63.64 -53.81 -2.20
C GLY A 113 65.12 -53.46 -2.29
N LYS A 114 65.79 -53.99 -3.31
CA LYS A 114 67.19 -53.64 -3.51
C LYS A 114 67.27 -52.14 -3.78
N GLU A 115 68.08 -51.43 -3.00
CA GLU A 115 68.15 -49.97 -3.16
C GLU A 115 69.47 -49.43 -3.73
N PRO A 116 70.03 -50.07 -4.78
CA PRO A 116 71.25 -49.44 -5.30
C PRO A 116 70.90 -48.04 -5.75
N ASP A 117 69.95 -47.90 -6.66
CA ASP A 117 69.49 -46.58 -7.05
C ASP A 117 68.05 -46.42 -6.61
N HIS A 118 67.80 -45.45 -5.75
CA HIS A 118 66.44 -45.26 -5.24
C HIS A 118 65.48 -44.81 -6.33
N TYR A 119 65.98 -44.07 -7.31
CA TYR A 119 65.07 -43.54 -8.33
C TYR A 119 64.52 -44.64 -9.22
N ARG A 120 65.36 -45.61 -9.60
CA ARG A 120 64.90 -46.69 -10.47
C ARG A 120 63.95 -47.64 -9.74
N ALA A 121 64.07 -47.75 -8.42
CA ALA A 121 63.14 -48.56 -7.65
C ALA A 121 61.72 -48.01 -7.75
N VAL A 122 61.58 -46.69 -7.58
CA VAL A 122 60.27 -46.05 -7.68
C VAL A 122 59.70 -46.21 -9.09
N GLU A 123 60.55 -45.97 -10.09
CA GLU A 123 60.11 -46.03 -11.48
C GLU A 123 59.66 -47.43 -11.87
N MET A 124 60.43 -48.45 -11.50
CA MET A 124 60.05 -49.80 -11.90
C MET A 124 58.88 -50.33 -11.07
N ALA A 125 58.76 -49.93 -9.81
CA ALA A 125 57.57 -50.30 -9.02
C ALA A 125 56.31 -49.71 -9.62
N VAL A 126 56.35 -48.40 -9.92
CA VAL A 126 55.18 -47.73 -10.47
C VAL A 126 54.86 -48.26 -11.86
N ASP A 127 55.88 -48.53 -12.67
CA ASP A 127 55.66 -49.06 -14.01
C ASP A 127 55.04 -50.46 -13.96
N GLU A 128 55.47 -51.30 -13.02
CA GLU A 128 54.89 -52.63 -12.93
C GLU A 128 53.46 -52.59 -12.42
N ILE A 129 53.17 -51.71 -11.46
CA ILE A 129 51.79 -51.55 -10.97
C ILE A 129 50.87 -51.05 -12.08
N ILE A 130 51.32 -50.05 -12.85
CA ILE A 130 50.50 -49.50 -13.92
C ILE A 130 50.34 -50.51 -15.06
N GLY A 131 51.38 -51.30 -15.33
CA GLY A 131 51.24 -52.36 -16.31
C GLY A 131 50.23 -53.41 -15.92
N GLU A 132 50.20 -53.77 -14.63
CA GLU A 132 49.22 -54.76 -14.19
C GLU A 132 47.81 -54.17 -14.23
N LEU A 133 47.65 -52.90 -13.87
CA LEU A 133 46.35 -52.25 -13.96
C LEU A 133 45.87 -52.15 -15.40
N GLN A 134 46.78 -51.86 -16.32
CA GLN A 134 46.45 -51.84 -17.74
C GLN A 134 46.02 -53.21 -18.22
N ALA A 135 46.72 -54.26 -17.76
CA ALA A 135 46.33 -55.62 -18.10
C ALA A 135 44.96 -55.98 -17.53
N MET A 136 44.61 -55.42 -16.38
CA MET A 136 43.28 -55.65 -15.81
C MET A 136 42.21 -54.90 -16.60
N ASP A 137 42.53 -53.71 -17.11
CA ASP A 137 41.55 -52.93 -17.86
C ASP A 137 41.25 -53.54 -19.23
N ASP A 138 42.20 -54.32 -19.78
CA ASP A 138 42.02 -54.87 -21.13
C ASP A 138 40.92 -55.92 -21.17
N GLY A 139 40.81 -56.74 -20.14
CA GLY A 139 39.86 -57.83 -20.13
C GLY A 139 38.44 -57.38 -19.83
N GLY A 140 37.55 -58.36 -19.72
CA GLY A 140 36.16 -58.10 -19.44
C GLY A 140 35.85 -58.03 -17.96
N SER A 141 36.76 -57.44 -17.19
CA SER A 141 36.62 -57.24 -15.76
C SER A 141 37.02 -55.82 -15.39
N ARG A 142 36.53 -54.84 -16.13
CA ARG A 142 36.82 -53.45 -15.86
C ARG A 142 36.16 -53.02 -14.56
N PRO A 143 36.89 -52.50 -13.58
CA PRO A 143 36.27 -51.95 -12.38
C PRO A 143 35.82 -50.52 -12.64
N ASP A 144 35.30 -49.89 -11.59
CA ASP A 144 34.91 -48.49 -11.64
C ASP A 144 35.89 -47.56 -10.95
N VAL A 145 36.38 -47.95 -9.78
CA VAL A 145 37.48 -47.27 -9.11
C VAL A 145 38.35 -48.34 -8.46
N ALA A 146 39.67 -48.21 -8.60
CA ALA A 146 40.59 -49.23 -8.13
C ALA A 146 41.28 -48.76 -6.85
N ILE A 147 41.05 -49.48 -5.77
CA ILE A 147 41.88 -49.34 -4.57
C ILE A 147 43.19 -50.06 -4.85
N ILE A 148 44.29 -49.34 -4.74
CA ILE A 148 45.59 -49.93 -5.06
C ILE A 148 46.44 -49.97 -3.80
N ALA A 149 45.77 -50.26 -2.68
CA ALA A 149 46.28 -50.16 -1.31
C ALA A 149 47.65 -50.80 -1.13
N LEU A 150 48.64 -49.96 -0.81
CA LEU A 150 50.04 -50.35 -0.73
C LEU A 150 50.30 -51.13 0.55
N PRO A 151 51.27 -52.04 0.54
CA PRO A 151 51.65 -52.76 1.75
C PRO A 151 52.78 -52.06 2.49
N VAL A 152 52.98 -52.49 3.74
CA VAL A 152 54.05 -51.93 4.56
C VAL A 152 55.41 -52.32 4.00
N LYS A 153 55.53 -53.53 3.48
CA LYS A 153 56.82 -54.05 3.05
C LYS A 153 57.37 -53.30 1.84
N LEU A 154 56.52 -53.05 0.84
CA LEU A 154 56.98 -52.34 -0.36
C LEU A 154 57.25 -50.87 -0.04
N LEU A 155 56.33 -50.22 0.69
CA LEU A 155 56.41 -48.78 0.88
C LEU A 155 57.60 -48.40 1.77
N GLU A 156 57.90 -49.20 2.79
CA GLU A 156 59.00 -48.87 3.70
C GLU A 156 60.36 -48.96 3.02
N ARG A 157 60.47 -49.72 1.94
CA ARG A 157 61.71 -49.81 1.19
C ARG A 157 61.72 -48.89 -0.02
N VAL A 158 60.73 -48.00 -0.12
CA VAL A 158 60.68 -47.04 -1.22
C VAL A 158 60.39 -45.62 -0.77
N TRP A 159 59.91 -45.39 0.46
CA TRP A 159 59.50 -44.07 0.90
C TRP A 159 60.32 -43.56 2.09
N ASN A 160 60.42 -44.33 3.16
CA ASN A 160 61.11 -43.88 4.37
C ASN A 160 62.53 -44.44 4.45
N ALA A 161 62.68 -45.76 4.44
CA ALA A 161 64.00 -46.39 4.52
C ALA A 161 64.62 -46.59 3.15
N LYS A 162 64.21 -45.80 2.15
CA LYS A 162 64.71 -45.79 0.76
C LYS A 162 64.94 -47.17 0.15
N ALA A 179 65.19 -38.28 -3.65
CA ALA A 179 64.15 -39.11 -3.06
C ALA A 179 62.76 -38.71 -3.58
N PRO A 180 62.32 -39.35 -4.65
CA PRO A 180 61.00 -39.03 -5.22
C PRO A 180 59.87 -39.53 -4.34
N ASN A 181 58.67 -39.07 -4.67
CA ASN A 181 57.44 -39.41 -3.96
C ASN A 181 56.93 -40.78 -4.40
N PHE A 182 55.68 -41.10 -4.09
CA PHE A 182 54.98 -42.21 -4.72
C PHE A 182 53.71 -41.77 -5.44
N ARG A 183 52.88 -40.96 -4.77
CA ARG A 183 51.57 -40.60 -5.29
C ARG A 183 51.67 -39.80 -6.57
N GLY A 184 52.64 -38.88 -6.64
CA GLY A 184 52.83 -38.01 -7.78
C GLY A 184 53.05 -38.72 -9.10
N MET A 185 54.16 -39.45 -9.23
CA MET A 185 54.41 -40.17 -10.47
C MET A 185 53.49 -41.36 -10.63
N LEU A 186 52.95 -41.91 -9.54
CA LEU A 186 52.01 -43.02 -9.67
C LEU A 186 50.73 -42.59 -10.36
N LYS A 187 50.13 -41.47 -9.92
CA LYS A 187 48.96 -40.95 -10.61
C LYS A 187 49.33 -40.26 -11.92
N ALA A 188 50.58 -39.85 -12.09
CA ALA A 188 51.03 -39.34 -13.38
C ALA A 188 51.10 -40.46 -14.41
N LYS A 189 51.36 -41.69 -13.97
CA LYS A 189 51.36 -42.83 -14.88
C LYS A 189 49.98 -43.45 -15.05
N ALA A 190 49.16 -43.45 -14.00
CA ALA A 190 47.80 -43.99 -14.09
C ALA A 190 46.88 -42.94 -14.72
N MET A 191 47.09 -42.72 -16.02
CA MET A 191 46.41 -41.63 -16.71
C MET A 191 45.67 -42.05 -17.96
N GLY A 192 45.90 -43.27 -18.47
CA GLY A 192 45.20 -43.73 -19.65
C GLY A 192 44.13 -44.75 -19.33
N LEU A 193 44.09 -45.20 -18.08
CA LEU A 193 43.10 -46.18 -17.67
C LEU A 193 41.74 -45.53 -17.50
N SER A 194 40.69 -46.25 -17.88
CA SER A 194 39.33 -45.71 -17.81
C SER A 194 38.69 -45.96 -16.45
N PHE A 195 39.44 -45.62 -15.39
CA PHE A 195 39.02 -45.61 -13.99
C PHE A 195 40.12 -44.93 -13.19
N PRO A 196 39.79 -44.18 -12.15
CA PRO A 196 40.82 -43.57 -11.30
C PRO A 196 41.39 -44.60 -10.35
N ILE A 197 42.30 -44.14 -9.49
CA ILE A 197 42.91 -45.00 -8.47
C ILE A 197 42.76 -44.32 -7.12
N GLN A 198 42.89 -45.12 -6.07
CA GLN A 198 42.91 -44.61 -4.70
C GLN A 198 43.95 -45.38 -3.92
N ILE A 199 44.97 -44.68 -3.45
CA ILE A 199 45.96 -45.28 -2.56
C ILE A 199 45.38 -45.37 -1.16
N VAL A 200 45.56 -46.51 -0.52
CA VAL A 200 45.15 -46.71 0.87
C VAL A 200 46.33 -47.29 1.63
N TRP A 201 46.89 -46.51 2.54
CA TRP A 201 47.87 -47.03 3.48
C TRP A 201 47.23 -48.07 4.39
N GLU A 202 48.02 -49.07 4.81
CA GLU A 202 47.49 -50.27 5.43
C GLU A 202 46.80 -50.02 6.77
N ASP A 203 47.08 -48.87 7.41
CA ASP A 203 46.43 -48.56 8.68
C ASP A 203 44.93 -48.30 8.52
N VAL A 204 44.53 -47.73 7.37
CA VAL A 204 43.13 -47.40 7.15
C VAL A 204 42.28 -48.66 7.05
N ILE A 205 42.75 -49.66 6.31
CA ILE A 205 41.97 -50.87 6.11
C ILE A 205 42.15 -51.87 7.25
N ASP A 206 43.26 -51.80 7.98
CA ASP A 206 43.48 -52.65 9.14
C ASP A 206 44.03 -51.78 10.27
N ASP A 207 43.25 -51.63 11.33
CA ASP A 207 43.61 -50.73 12.44
C ASP A 207 44.53 -51.37 13.47
N LYS A 208 44.75 -52.69 13.39
CA LYS A 208 45.64 -53.34 14.36
C LYS A 208 47.10 -53.01 14.07
N VAL A 209 47.44 -52.78 12.82
CA VAL A 209 48.82 -52.51 12.43
C VAL A 209 49.20 -51.09 12.82
N THR A 210 50.47 -50.88 13.15
CA THR A 210 51.00 -49.55 13.42
C THR A 210 52.24 -49.35 12.56
N ILE A 211 52.24 -48.27 11.78
CA ILE A 211 53.28 -47.99 10.80
C ILE A 211 54.16 -46.87 11.33
N PRO A 212 55.46 -47.08 11.52
CA PRO A 212 56.32 -46.03 12.05
C PRO A 212 56.60 -44.95 11.04
N GLN A 213 56.87 -43.74 11.54
CA GLN A 213 57.21 -42.60 10.71
C GLN A 213 58.69 -42.61 10.35
N LYS A 214 59.08 -41.69 9.47
CA LYS A 214 60.44 -41.71 8.92
C LYS A 214 61.44 -41.09 9.89
N VAL A 215 61.29 -39.79 10.18
CA VAL A 215 62.32 -39.06 10.91
C VAL A 215 62.29 -39.42 12.39
N LYS A 216 61.13 -39.25 13.03
CA LYS A 216 60.96 -39.72 14.41
C LYS A 216 60.53 -41.18 14.34
N GLU A 217 61.53 -42.04 14.13
CA GLU A 217 61.27 -43.47 13.90
C GLU A 217 60.71 -44.15 15.14
N SER A 218 61.02 -43.63 16.33
CA SER A 218 60.37 -44.11 17.54
C SER A 218 58.88 -43.80 17.51
N SER A 219 58.53 -42.61 17.03
CA SER A 219 57.13 -42.21 16.92
C SER A 219 56.49 -42.81 15.68
N SER A 220 55.19 -42.59 15.52
CA SER A 220 54.44 -43.14 14.40
C SER A 220 53.21 -42.28 14.18
N ARG A 221 52.58 -42.50 13.03
CA ARG A 221 51.42 -41.70 12.66
C ARG A 221 50.18 -42.11 13.46
N LYS A 222 49.33 -41.12 13.74
CA LYS A 222 48.05 -41.34 14.39
C LYS A 222 46.94 -40.91 13.43
N ILE A 223 45.86 -41.68 13.40
CA ILE A 223 44.77 -41.46 12.45
C ILE A 223 43.47 -41.26 13.21
N GLN A 224 42.37 -41.13 12.46
CA GLN A 224 41.04 -41.08 13.08
C GLN A 224 40.65 -42.47 13.59
N ASP A 225 39.45 -42.58 14.15
CA ASP A 225 39.12 -43.85 14.79
C ASP A 225 38.64 -44.93 13.82
N ILE A 226 37.40 -44.85 13.34
CA ILE A 226 36.92 -45.74 12.29
C ILE A 226 36.05 -44.98 11.29
N ALA A 227 35.04 -44.26 11.79
CA ALA A 227 33.91 -43.83 10.96
C ALA A 227 34.21 -42.56 10.16
N GLY A 228 35.08 -41.68 10.66
CA GLY A 228 35.48 -40.53 9.87
C GLY A 228 36.24 -40.94 8.63
N ARG A 229 37.18 -41.88 8.77
CA ARG A 229 37.83 -42.47 7.62
C ARG A 229 36.83 -43.16 6.72
N THR A 230 35.84 -43.84 7.32
CA THR A 230 34.80 -44.51 6.54
C THR A 230 33.99 -43.50 5.72
N TRP A 231 33.61 -42.38 6.35
CA TRP A 231 32.85 -41.34 5.66
C TRP A 231 33.64 -40.76 4.50
N ASN A 232 34.89 -40.36 4.76
CA ASN A 232 35.70 -39.71 3.73
C ASN A 232 36.00 -40.66 2.58
N LEU A 233 36.40 -41.89 2.88
CA LEU A 233 36.76 -42.83 1.84
C LEU A 233 35.54 -43.29 1.07
N MET A 234 34.38 -43.44 1.72
CA MET A 234 33.19 -43.86 1.01
C MET A 234 32.67 -42.77 0.08
N THR A 235 32.73 -41.50 0.52
CA THR A 235 32.35 -40.41 -0.36
C THR A 235 33.30 -40.31 -1.55
N SER A 236 34.61 -40.48 -1.31
CA SER A 236 35.58 -40.45 -2.40
C SER A 236 35.35 -41.59 -3.38
N LEU A 237 35.08 -42.79 -2.86
CA LEU A 237 34.83 -43.94 -3.72
C LEU A 237 33.56 -43.78 -4.52
N TYR A 238 32.50 -43.22 -3.91
CA TYR A 238 31.25 -43.01 -4.63
C TYR A 238 31.42 -42.01 -5.77
N TYR A 239 32.11 -40.89 -5.50
CA TYR A 239 32.32 -39.90 -6.54
C TYR A 239 33.23 -40.42 -7.64
N LYS A 240 34.23 -41.21 -7.28
CA LYS A 240 35.14 -41.76 -8.29
C LYS A 240 34.45 -42.82 -9.14
N GLY A 241 33.68 -43.70 -8.52
CA GLY A 241 33.05 -44.79 -9.23
C GLY A 241 31.86 -44.38 -10.07
N SER A 242 30.87 -43.73 -9.45
CA SER A 242 29.67 -43.39 -10.19
C SER A 242 29.91 -42.24 -11.16
N GLY A 243 30.67 -41.23 -10.73
CA GLY A 243 30.82 -40.02 -11.49
C GLY A 243 29.73 -39.00 -11.26
N ARG A 244 28.70 -39.35 -10.49
CA ARG A 244 27.65 -38.41 -10.14
C ARG A 244 28.03 -37.67 -8.86
N ILE A 245 27.87 -36.36 -8.89
CA ILE A 245 28.36 -35.48 -7.82
C ILE A 245 27.50 -35.65 -6.57
N PRO A 246 28.10 -35.70 -5.38
CA PRO A 246 27.28 -35.86 -4.17
C PRO A 246 26.54 -34.58 -3.77
N TRP A 247 27.19 -33.43 -3.84
CA TRP A 247 26.56 -32.19 -3.40
C TRP A 247 27.14 -31.02 -4.17
N ARG A 248 26.44 -29.89 -4.09
CA ARG A 248 26.94 -28.63 -4.64
C ARG A 248 26.37 -27.49 -3.82
N ARG A 249 27.00 -26.32 -3.94
CA ARG A 249 26.54 -25.14 -3.22
C ARG A 249 25.24 -24.64 -3.82
N MET A 250 24.29 -24.28 -2.95
CA MET A 250 22.99 -23.83 -3.43
C MET A 250 23.08 -22.45 -4.07
N PRO A 251 22.56 -22.27 -5.28
CA PRO A 251 22.50 -20.92 -5.85
C PRO A 251 21.46 -20.07 -5.15
N LEU A 252 21.70 -18.76 -5.16
CA LEU A 252 20.78 -17.81 -4.58
C LEU A 252 19.75 -17.38 -5.62
N GLU A 253 18.54 -17.09 -5.15
CA GLU A 253 17.45 -16.68 -6.03
C GLU A 253 17.73 -15.29 -6.59
N GLY A 254 17.53 -15.14 -7.89
CA GLY A 254 17.77 -13.87 -8.55
C GLY A 254 19.23 -13.46 -8.61
N GLU A 255 20.13 -14.42 -8.84
CA GLU A 255 21.55 -14.15 -8.97
C GLU A 255 21.99 -14.34 -10.41
N PHE A 256 23.09 -13.68 -10.76
CA PHE A 256 23.60 -13.73 -12.13
C PHE A 256 24.36 -15.03 -12.36
N SER A 257 24.72 -15.26 -13.63
CA SER A 257 25.52 -16.41 -14.00
C SER A 257 26.99 -16.12 -13.74
N ALA A 258 27.68 -17.07 -13.10
CA ALA A 258 29.04 -16.85 -12.64
C ALA A 258 29.92 -18.03 -13.03
N CYS A 259 31.23 -17.76 -13.04
CA CYS A 259 32.23 -18.77 -13.40
C CYS A 259 33.45 -18.56 -12.52
N TYR A 260 33.97 -19.64 -11.94
CA TYR A 260 35.04 -19.58 -10.95
C TYR A 260 36.31 -20.18 -11.51
N VAL A 261 37.39 -19.39 -11.51
CA VAL A 261 38.71 -19.84 -11.95
C VAL A 261 39.69 -19.60 -10.81
N GLY A 262 40.61 -20.54 -10.62
CA GLY A 262 41.63 -20.39 -9.60
C GLY A 262 43.01 -20.69 -10.17
N ILE A 263 44.01 -20.01 -9.63
CA ILE A 263 45.39 -20.13 -10.10
C ILE A 263 46.30 -20.36 -8.91
N SER A 264 47.06 -21.45 -8.94
CA SER A 264 48.03 -21.80 -7.91
C SER A 264 49.43 -21.87 -8.53
N PHE A 265 50.39 -22.33 -7.73
CA PHE A 265 51.79 -22.30 -8.14
C PHE A 265 52.48 -23.56 -7.62
N TYR A 266 53.58 -23.94 -8.27
CA TYR A 266 54.39 -25.05 -7.79
C TYR A 266 55.81 -24.91 -8.32
N ARG A 267 56.67 -25.81 -7.87
CA ARG A 267 58.04 -25.95 -8.36
C ARG A 267 58.20 -27.37 -8.91
N GLU A 268 58.99 -27.49 -9.98
CA GLU A 268 59.17 -28.79 -10.63
C GLU A 268 60.16 -29.64 -9.84
N ALA A 269 60.47 -30.82 -10.39
CA ALA A 269 61.44 -31.74 -9.77
C ALA A 269 62.86 -31.42 -10.22
N ASP A 270 63.25 -30.17 -10.06
CA ASP A 270 64.58 -29.70 -10.45
C ASP A 270 64.99 -28.58 -9.49
N GLY A 271 65.97 -27.80 -9.88
CA GLY A 271 66.48 -26.76 -9.00
C GLY A 271 65.72 -25.45 -8.97
N GLN A 272 65.60 -24.79 -10.13
CA GLN A 272 65.21 -23.38 -10.18
C GLN A 272 64.19 -23.12 -11.27
N GLN A 273 63.09 -23.88 -11.31
CA GLN A 273 62.05 -23.62 -12.31
C GLN A 273 60.66 -23.71 -11.69
N LEU A 274 59.81 -22.74 -11.98
CA LEU A 274 58.43 -22.70 -11.49
C LEU A 274 57.47 -22.68 -12.67
N PHE A 275 56.37 -23.44 -12.55
CA PHE A 275 55.57 -23.80 -13.72
C PHE A 275 54.09 -23.43 -13.65
N THR A 276 53.58 -22.93 -12.51
CA THR A 276 52.20 -22.47 -12.28
C THR A 276 51.12 -23.53 -12.45
N SER A 277 49.87 -23.23 -12.06
CA SER A 277 48.78 -24.18 -12.17
C SER A 277 47.45 -23.44 -12.13
N ALA A 278 46.38 -24.13 -12.54
CA ALA A 278 45.05 -23.53 -12.64
C ALA A 278 43.97 -24.58 -12.44
N ALA A 279 42.74 -24.10 -12.21
CA ALA A 279 41.56 -24.92 -12.03
C ALA A 279 40.32 -24.08 -12.34
N GLN A 280 39.19 -24.76 -12.53
CA GLN A 280 38.02 -24.14 -13.14
C GLN A 280 36.75 -24.89 -12.76
N MET A 281 35.67 -24.14 -12.50
CA MET A 281 34.37 -24.75 -12.22
C MET A 281 33.25 -23.76 -12.51
N PHE A 282 32.06 -24.31 -12.80
CA PHE A 282 30.84 -23.54 -13.01
C PHE A 282 29.64 -24.46 -12.77
N ASP A 283 28.46 -24.05 -13.22
CA ASP A 283 27.23 -24.79 -13.00
C ASP A 283 26.62 -25.25 -14.33
N GLU A 284 25.77 -26.28 -14.25
CA GLU A 284 25.05 -26.80 -15.38
C GLU A 284 23.59 -26.32 -15.32
N ARG A 285 22.82 -26.64 -16.36
CA ARG A 285 21.45 -26.12 -16.48
C ARG A 285 20.53 -26.73 -15.43
N GLY A 286 20.34 -28.05 -15.50
CA GLY A 286 19.36 -28.69 -14.64
C GLY A 286 19.73 -28.77 -13.18
N ARG A 287 20.71 -29.62 -12.85
CA ARG A 287 21.17 -29.77 -11.47
C ARG A 287 22.58 -30.37 -11.55
N GLY A 288 23.59 -29.52 -11.40
CA GLY A 288 24.95 -30.01 -11.53
C GLY A 288 25.95 -28.93 -11.20
N PHE A 289 27.21 -29.35 -11.09
CA PHE A 289 28.33 -28.47 -10.80
C PHE A 289 29.59 -29.15 -11.34
N VAL A 290 30.06 -28.70 -12.51
CA VAL A 290 31.25 -29.29 -13.08
C VAL A 290 32.48 -28.79 -12.34
N LEU A 291 33.57 -29.54 -12.46
CA LEU A 291 34.86 -29.17 -11.89
C LEU A 291 35.92 -29.94 -12.64
N LYS A 292 36.79 -29.25 -13.36
CA LYS A 292 37.72 -29.91 -14.26
C LYS A 292 39.10 -29.31 -14.07
N GLY A 293 40.00 -29.68 -14.97
CA GLY A 293 41.31 -29.08 -15.09
C GLY A 293 41.54 -28.67 -16.53
N ARG A 294 42.78 -28.84 -16.99
CA ARG A 294 43.14 -28.54 -18.36
C ARG A 294 43.98 -29.68 -18.92
N ARG A 295 43.80 -29.97 -20.21
CA ARG A 295 44.53 -31.05 -20.87
C ARG A 295 45.93 -30.65 -21.29
N ALA A 296 46.27 -29.38 -21.23
CA ALA A 296 47.55 -28.89 -21.74
C ALA A 296 48.49 -28.59 -20.58
N ARG A 297 49.75 -28.96 -20.76
CA ARG A 297 50.77 -28.65 -19.77
C ARG A 297 51.11 -27.17 -19.81
N THR A 298 51.62 -26.66 -18.70
CA THR A 298 52.10 -25.29 -18.60
C THR A 298 53.61 -25.32 -18.50
N GLU A 299 54.28 -24.51 -19.33
CA GLU A 299 55.72 -24.44 -19.34
C GLU A 299 56.19 -23.41 -18.31
N SER A 300 57.47 -23.05 -18.37
CA SER A 300 58.05 -22.10 -17.45
C SER A 300 58.69 -20.94 -18.22
N ARG A 301 58.77 -19.79 -17.56
CA ARG A 301 59.46 -18.63 -18.09
C ARG A 301 60.49 -18.06 -17.12
N GLY A 302 60.20 -18.10 -15.82
CA GLY A 302 61.11 -17.56 -14.81
C GLY A 302 60.95 -18.32 -13.51
N ARG A 303 61.10 -17.60 -12.40
CA ARG A 303 60.97 -18.20 -11.08
C ARG A 303 60.10 -17.41 -10.11
N HIS A 304 59.79 -16.15 -10.40
CA HIS A 304 58.77 -15.45 -9.65
C HIS A 304 57.41 -16.07 -9.95
N PRO A 305 56.51 -16.10 -8.99
CA PRO A 305 55.13 -16.51 -9.30
C PRO A 305 54.39 -15.46 -10.13
N TYR A 306 54.67 -15.40 -11.44
CA TYR A 306 54.03 -14.47 -12.35
C TYR A 306 53.38 -15.21 -13.52
N MET A 307 52.64 -14.46 -14.34
CA MET A 307 51.73 -15.05 -15.31
C MET A 307 51.96 -14.63 -16.76
N ALA A 308 52.74 -13.58 -17.02
CA ALA A 308 52.97 -12.99 -18.35
C ALA A 308 51.62 -12.59 -18.94
N ARG A 309 51.44 -12.71 -20.25
CA ARG A 309 50.20 -12.28 -20.90
C ARG A 309 49.46 -13.43 -21.58
N GLU A 310 50.15 -14.20 -22.43
CA GLU A 310 49.49 -15.23 -23.21
C GLU A 310 48.95 -16.36 -22.35
N ASP A 311 49.60 -16.64 -21.21
CA ASP A 311 49.14 -17.68 -20.31
C ASP A 311 47.78 -17.32 -19.71
N ALA A 312 47.65 -16.12 -19.17
CA ALA A 312 46.39 -15.67 -18.60
C ALA A 312 45.30 -15.56 -19.66
N LYS A 313 45.67 -15.08 -20.85
CA LYS A 313 44.69 -14.96 -21.92
C LYS A 313 44.17 -16.32 -22.37
N LYS A 314 45.05 -17.33 -22.49
CA LYS A 314 44.57 -18.64 -22.92
C LYS A 314 43.82 -19.36 -21.81
N ILE A 315 44.14 -19.08 -20.54
CA ILE A 315 43.34 -19.61 -19.44
C ILE A 315 41.91 -19.09 -19.50
N ILE A 316 41.76 -17.78 -19.73
CA ILE A 316 40.43 -17.18 -19.80
C ILE A 316 39.68 -17.69 -21.03
N GLU A 317 40.38 -17.84 -22.16
CA GLU A 317 39.74 -18.37 -23.36
C GLU A 317 39.26 -19.81 -23.16
N ASP A 318 40.07 -20.63 -22.48
CA ASP A 318 39.68 -22.02 -22.22
C ASP A 318 38.45 -22.09 -21.32
N VAL A 319 38.42 -21.30 -20.25
CA VAL A 319 37.30 -21.41 -19.31
C VAL A 319 36.01 -20.85 -19.94
N LEU A 320 36.12 -19.79 -20.75
CA LEU A 320 34.93 -19.25 -21.40
C LEU A 320 34.41 -20.18 -22.47
N ALA A 321 35.30 -20.84 -23.23
CA ALA A 321 34.87 -21.81 -24.22
C ALA A 321 34.18 -23.00 -23.57
N ALA A 322 34.69 -23.45 -22.42
CA ALA A 322 34.07 -24.58 -21.75
C ALA A 322 32.74 -24.22 -21.12
N TYR A 323 32.53 -22.95 -20.75
CA TYR A 323 31.20 -22.55 -20.31
C TYR A 323 30.22 -22.46 -21.49
N LYS A 324 30.69 -21.88 -22.61
CA LYS A 324 29.83 -21.71 -23.77
C LYS A 324 29.42 -23.03 -24.39
N LEU A 325 30.29 -24.04 -24.33
CA LEU A 325 29.95 -25.35 -24.87
C LEU A 325 28.84 -26.03 -24.07
N HIS A 326 28.70 -25.70 -22.80
CA HIS A 326 27.70 -26.36 -21.96
C HIS A 326 26.39 -25.59 -21.89
N HIS A 327 26.44 -24.28 -21.71
CA HIS A 327 25.21 -23.52 -21.47
C HIS A 327 24.65 -22.84 -22.72
N LYS A 328 25.34 -22.94 -23.86
CA LYS A 328 25.04 -22.27 -25.12
C LYS A 328 25.02 -20.75 -25.01
N THR A 329 25.54 -20.18 -23.93
CA THR A 329 25.61 -18.75 -23.72
C THR A 329 26.86 -18.41 -22.92
N LEU A 330 27.35 -17.19 -23.11
CA LEU A 330 28.48 -16.71 -22.34
C LEU A 330 28.03 -16.36 -20.92
N PRO A 331 28.88 -16.53 -19.92
CA PRO A 331 28.49 -16.18 -18.56
C PRO A 331 28.49 -14.68 -18.35
N ALA A 332 27.77 -14.25 -17.32
CA ALA A 332 27.63 -12.83 -17.04
C ALA A 332 28.66 -12.30 -16.05
N ARG A 333 29.47 -13.17 -15.46
CA ARG A 333 30.35 -12.77 -14.37
C ARG A 333 31.48 -13.78 -14.22
N VAL A 334 32.70 -13.30 -14.08
CA VAL A 334 33.89 -14.14 -13.96
C VAL A 334 34.56 -13.85 -12.63
N PHE A 335 34.85 -14.90 -11.87
CA PHE A 335 35.45 -14.80 -10.55
C PHE A 335 36.78 -15.55 -10.55
N ILE A 336 37.87 -14.83 -10.33
CA ILE A 336 39.23 -15.36 -10.45
C ILE A 336 39.94 -15.20 -9.11
N LEU A 337 40.58 -16.27 -8.66
CA LEU A 337 41.34 -16.28 -7.40
C LEU A 337 42.78 -16.72 -7.69
N LYS A 338 43.74 -15.97 -7.17
CA LYS A 338 45.16 -16.28 -7.33
C LYS A 338 45.80 -16.44 -5.97
N THR A 339 47.13 -16.59 -5.95
CA THR A 339 47.89 -16.70 -4.72
C THR A 339 49.01 -15.69 -4.59
N SER A 340 49.62 -15.27 -5.69
CA SER A 340 50.60 -14.20 -5.67
C SER A 340 49.96 -12.90 -6.14
N ARG A 341 50.78 -11.86 -6.25
CA ARG A 341 50.27 -10.50 -6.41
C ARG A 341 49.60 -10.30 -7.77
N PHE A 342 48.44 -9.64 -7.76
CA PHE A 342 47.71 -9.32 -8.97
C PHE A 342 48.27 -8.02 -9.52
N LYS A 343 49.25 -8.12 -10.40
CA LYS A 343 49.91 -6.96 -10.96
C LYS A 343 49.40 -6.70 -12.38
N ASP A 344 49.89 -5.61 -12.97
CA ASP A 344 49.43 -5.17 -14.29
C ASP A 344 50.12 -5.93 -15.42
N GLU A 345 51.03 -6.85 -15.11
CA GLU A 345 51.62 -7.67 -16.16
C GLU A 345 50.60 -8.60 -16.79
N GLU A 346 49.69 -9.15 -15.99
CA GLU A 346 48.68 -10.07 -16.48
C GLU A 346 47.25 -9.57 -16.37
N ALA A 347 47.00 -8.53 -15.56
CA ALA A 347 45.63 -8.02 -15.41
C ALA A 347 45.13 -7.38 -16.69
N ASP A 348 46.03 -6.74 -17.45
CA ASP A 348 45.66 -6.21 -18.75
C ASP A 348 45.25 -7.32 -19.71
N GLY A 349 45.99 -8.43 -19.69
CA GLY A 349 45.63 -9.57 -20.53
C GLY A 349 44.31 -10.20 -20.12
N ILE A 350 44.08 -10.32 -18.81
CA ILE A 350 42.82 -10.86 -18.30
C ILE A 350 41.65 -9.98 -18.72
N ILE A 351 41.80 -8.66 -18.55
CA ILE A 351 40.72 -7.74 -18.85
C ILE A 351 40.44 -7.69 -20.34
N ALA A 352 41.50 -7.71 -21.17
CA ALA A 352 41.31 -7.74 -22.62
C ALA A 352 40.65 -9.04 -23.07
N ALA A 353 41.07 -10.17 -22.48
CA ALA A 353 40.49 -11.46 -22.82
C ALA A 353 39.06 -11.60 -22.29
N LEU A 354 38.66 -10.76 -21.33
CA LEU A 354 37.26 -10.71 -20.94
C LEU A 354 36.45 -9.78 -21.84
N ASP A 355 37.00 -8.61 -22.19
CA ASP A 355 36.21 -7.66 -22.97
C ASP A 355 36.13 -8.02 -24.44
N GLU A 356 36.96 -8.96 -24.93
CA GLU A 356 36.72 -9.42 -26.29
C GLU A 356 35.52 -10.36 -26.36
N ALA A 357 35.08 -10.89 -25.23
CA ALA A 357 33.94 -11.81 -25.18
C ALA A 357 32.70 -11.19 -24.57
N GLY A 358 32.76 -9.94 -24.12
CA GLY A 358 31.57 -9.22 -23.72
C GLY A 358 31.02 -9.51 -22.34
N THR A 359 31.79 -10.19 -21.48
CA THR A 359 31.32 -10.45 -20.13
C THR A 359 31.39 -9.17 -19.30
N GLU A 360 30.27 -8.83 -18.67
CA GLU A 360 30.15 -7.52 -18.03
C GLU A 360 30.86 -7.48 -16.68
N LEU A 361 30.39 -8.29 -15.73
CA LEU A 361 30.97 -8.27 -14.39
C LEU A 361 32.32 -8.98 -14.37
N ARG A 362 33.19 -8.54 -13.47
CA ARG A 362 34.53 -9.09 -13.39
C ARG A 362 35.07 -8.86 -11.99
N ASP A 363 35.49 -9.93 -11.31
CA ASP A 363 36.09 -9.83 -9.99
C ASP A 363 37.45 -10.53 -10.00
N LEU A 364 38.43 -9.89 -9.37
CA LEU A 364 39.79 -10.43 -9.31
C LEU A 364 40.31 -10.24 -7.91
N VAL A 365 40.57 -11.35 -7.21
CA VAL A 365 40.93 -11.33 -5.80
C VAL A 365 42.26 -12.07 -5.62
N TRP A 366 43.24 -11.39 -5.04
CA TRP A 366 44.44 -12.04 -4.54
C TRP A 366 44.17 -12.59 -3.15
N VAL A 367 44.55 -13.84 -2.94
CA VAL A 367 44.41 -14.50 -1.64
C VAL A 367 45.78 -14.52 -0.99
N GLN A 368 45.86 -14.00 0.23
CA GLN A 368 47.09 -14.04 1.01
C GLN A 368 46.90 -14.98 2.20
N GLU A 369 47.77 -15.97 2.30
CA GLU A 369 47.90 -16.78 3.51
C GLU A 369 49.11 -16.37 4.34
N SER A 370 49.80 -15.31 3.95
CA SER A 370 50.99 -14.82 4.65
C SER A 370 50.69 -13.41 5.17
N TYR A 371 50.20 -13.33 6.41
CA TYR A 371 49.95 -12.08 7.11
C TYR A 371 50.76 -12.09 8.40
N THR A 372 50.58 -11.04 9.22
CA THR A 372 51.28 -10.99 10.50
C THR A 372 50.42 -10.40 11.62
N ALA A 373 49.10 -10.43 11.49
CA ALA A 373 48.23 -9.84 12.50
C ALA A 373 46.94 -10.63 12.63
N ARG A 374 46.42 -10.73 13.85
CA ARG A 374 45.20 -11.49 14.13
C ARG A 374 44.17 -10.65 14.85
N ILE A 375 43.11 -11.29 15.35
CA ILE A 375 42.03 -10.61 16.07
C ILE A 375 41.80 -11.33 17.39
N LEU A 376 41.71 -10.56 18.48
CA LEU A 376 41.75 -11.08 19.84
C LEU A 376 40.43 -10.75 20.53
N ARG A 377 39.81 -11.75 21.15
CA ARG A 377 38.53 -11.57 21.81
C ARG A 377 38.59 -12.15 23.22
N ASP A 378 37.56 -11.81 24.01
CA ASP A 378 37.44 -12.29 25.38
C ASP A 378 37.21 -13.80 25.41
N GLY A 379 37.67 -14.44 26.48
CA GLY A 379 37.43 -15.86 26.66
C GLY A 379 38.52 -16.73 26.08
N ASN A 380 38.36 -18.03 26.30
CA ASN A 380 39.37 -19.01 25.89
C ASN A 380 39.20 -19.46 24.45
N TYR A 381 38.21 -18.97 23.73
CA TYR A 381 37.95 -19.41 22.37
C TYR A 381 38.22 -18.27 21.39
N PRO A 382 38.72 -18.57 20.19
CA PRO A 382 38.97 -17.51 19.20
C PRO A 382 37.70 -17.14 18.45
N VAL A 383 37.83 -16.29 17.43
CA VAL A 383 36.66 -15.85 16.69
C VAL A 383 36.08 -16.99 15.87
N LEU A 384 34.80 -16.88 15.55
CA LEU A 384 34.08 -17.94 14.87
C LEU A 384 34.51 -18.04 13.41
N ARG A 385 33.90 -19.00 12.71
CA ARG A 385 34.07 -19.09 11.27
C ARG A 385 33.34 -17.95 10.59
N GLY A 386 34.01 -17.34 9.62
CA GLY A 386 33.38 -16.32 8.81
C GLY A 386 33.37 -14.93 9.41
N THR A 387 34.17 -14.66 10.42
CA THR A 387 34.27 -13.30 10.93
C THR A 387 35.03 -12.44 9.94
N PHE A 388 34.43 -11.30 9.58
CA PHE A 388 34.96 -10.39 8.58
C PHE A 388 35.35 -9.09 9.24
N VAL A 389 36.52 -8.57 8.86
CA VAL A 389 36.88 -7.19 9.18
C VAL A 389 37.42 -6.54 7.91
N ASP A 390 37.11 -5.26 7.73
CA ASP A 390 37.47 -4.51 6.54
C ASP A 390 38.57 -3.51 6.89
N LEU A 391 39.77 -3.80 6.40
CA LEU A 391 40.92 -2.92 6.57
C LEU A 391 41.09 -2.05 5.33
N HIS A 392 40.14 -1.13 5.16
CA HIS A 392 40.18 -0.04 4.18
C HIS A 392 40.33 -0.54 2.75
N GLY A 393 39.81 -1.72 2.46
CA GLY A 393 40.01 -2.35 1.17
C GLY A 393 40.46 -3.78 1.32
N LYS A 394 41.26 -4.07 2.35
CA LYS A 394 41.61 -5.44 2.65
C LYS A 394 40.45 -6.13 3.37
N GLY A 395 40.32 -7.42 3.12
CA GLY A 395 39.11 -8.13 3.47
C GLY A 395 39.25 -9.25 4.49
N LEU A 396 39.92 -9.01 5.62
CA LEU A 396 40.45 -10.09 6.44
C LEU A 396 39.33 -10.98 6.97
N LEU A 397 39.38 -12.26 6.59
CA LEU A 397 38.28 -13.19 6.75
C LEU A 397 38.80 -14.46 7.41
N TYR A 398 38.10 -14.91 8.45
CA TYR A 398 38.47 -16.12 9.19
C TYR A 398 37.63 -17.27 8.65
N THR A 399 38.19 -18.04 7.73
CA THR A 399 37.49 -19.17 7.13
C THR A 399 37.45 -20.39 8.05
N SER A 400 38.15 -20.35 9.18
CA SER A 400 38.04 -21.34 10.24
C SER A 400 37.62 -20.64 11.53
N GLY A 401 37.49 -21.42 12.60
CA GLY A 401 37.14 -20.86 13.88
C GLY A 401 36.25 -21.80 14.67
N SER A 402 35.62 -21.25 15.70
CA SER A 402 34.69 -22.02 16.51
C SER A 402 33.42 -22.32 15.74
N MET A 403 32.65 -23.27 16.24
CA MET A 403 31.48 -23.79 15.54
C MET A 403 30.28 -23.82 16.46
N PRO A 404 29.20 -23.08 16.16
CA PRO A 404 27.94 -23.32 16.87
C PRO A 404 27.31 -24.66 16.55
N TYR A 405 27.72 -25.32 15.46
CA TYR A 405 27.16 -26.60 15.06
C TYR A 405 28.01 -27.76 15.56
N TYR A 406 29.30 -27.77 15.24
CA TYR A 406 30.19 -28.79 15.80
C TYR A 406 30.39 -28.61 17.30
N GLY A 407 30.05 -27.45 17.86
CA GLY A 407 29.96 -27.29 19.29
C GLY A 407 31.25 -27.00 20.01
N THR A 408 32.36 -26.84 19.29
CA THR A 408 33.65 -26.64 19.93
C THR A 408 34.60 -25.98 18.93
N TYR A 409 35.88 -25.92 19.32
CA TYR A 409 36.95 -25.52 18.43
C TYR A 409 37.78 -26.74 18.03
N PRO A 410 37.82 -27.10 16.74
CA PRO A 410 38.63 -28.25 16.30
C PRO A 410 40.07 -27.86 15.95
N GLY A 411 40.84 -27.50 16.97
CA GLY A 411 42.21 -27.11 16.72
C GLY A 411 42.93 -26.78 18.02
N LYS A 412 44.16 -26.28 17.86
CA LYS A 412 45.02 -25.98 18.99
C LYS A 412 45.30 -24.49 19.15
N TYR A 413 45.73 -23.82 18.09
CA TYR A 413 46.21 -22.44 18.16
C TYR A 413 45.30 -21.52 17.36
N ASP A 414 45.68 -20.24 17.33
CA ASP A 414 44.91 -19.28 16.56
C ASP A 414 45.11 -19.60 15.10
N PRO A 415 44.01 -19.63 14.36
CA PRO A 415 44.11 -20.00 12.95
C PRO A 415 44.59 -18.83 12.09
N ASN A 416 45.35 -19.14 11.06
CA ASN A 416 45.79 -18.09 10.14
C ASN A 416 44.66 -17.78 9.17
N PRO A 417 44.11 -16.58 9.21
CA PRO A 417 42.96 -16.27 8.36
C PRO A 417 43.38 -15.88 6.96
N LEU A 418 42.41 -15.95 6.05
CA LEU A 418 42.64 -15.49 4.69
C LEU A 418 42.64 -13.97 4.65
N LEU A 419 43.52 -13.41 3.83
CA LEU A 419 43.54 -11.98 3.57
C LEU A 419 43.09 -11.77 2.13
N LEU A 420 41.90 -11.19 1.98
CA LEU A 420 41.39 -10.82 0.68
C LEU A 420 42.00 -9.50 0.24
N CYS A 421 42.59 -9.48 -0.96
CA CYS A 421 43.06 -8.25 -1.57
C CYS A 421 42.45 -8.22 -2.97
N PRO A 422 41.25 -7.66 -3.11
CA PRO A 422 40.68 -7.51 -4.44
C PRO A 422 41.50 -6.55 -5.28
N HIS A 423 41.63 -6.85 -6.56
CA HIS A 423 42.26 -5.92 -7.48
C HIS A 423 41.36 -4.69 -7.64
N HIS A 424 41.98 -3.57 -8.00
CA HIS A 424 41.19 -2.36 -8.19
C HIS A 424 40.38 -2.39 -9.48
N THR A 425 40.54 -3.42 -10.31
CA THR A 425 39.69 -3.64 -11.46
C THR A 425 38.41 -4.39 -11.08
N SER A 426 38.34 -4.94 -9.88
CA SER A 426 37.21 -5.76 -9.46
C SER A 426 35.96 -4.91 -9.27
N GLU A 427 34.80 -5.58 -9.37
CA GLU A 427 33.51 -4.91 -9.41
C GLU A 427 32.83 -4.86 -8.04
N SER A 428 32.59 -6.02 -7.44
CA SER A 428 31.82 -6.07 -6.21
C SER A 428 32.64 -5.55 -5.03
N THR A 429 31.94 -5.29 -3.94
CA THR A 429 32.58 -4.82 -2.72
C THR A 429 33.38 -5.94 -2.06
N VAL A 430 34.21 -5.57 -1.10
CA VAL A 430 35.05 -6.55 -0.41
C VAL A 430 34.24 -7.43 0.54
N ALA A 431 33.02 -7.03 0.89
CA ALA A 431 32.21 -7.83 1.80
C ALA A 431 31.38 -8.87 1.07
N GLN A 432 31.00 -8.61 -0.18
CA GLN A 432 30.26 -9.61 -0.95
C GLN A 432 31.16 -10.75 -1.42
N LEU A 433 32.37 -10.41 -1.85
CA LEU A 433 33.28 -11.43 -2.37
C LEU A 433 33.72 -12.40 -1.29
N ALA A 434 33.88 -11.90 -0.05
CA ALA A 434 34.24 -12.78 1.05
C ALA A 434 33.11 -13.73 1.40
N GLU A 435 31.86 -13.26 1.35
CA GLU A 435 30.73 -14.16 1.55
C GLU A 435 30.64 -15.19 0.43
N GLU A 436 30.96 -14.78 -0.80
CA GLU A 436 30.95 -15.72 -1.93
C GLU A 436 31.99 -16.82 -1.75
N ILE A 437 33.22 -16.44 -1.36
CA ILE A 437 34.22 -17.50 -1.19
C ILE A 437 33.99 -18.26 0.10
N PHE A 438 33.31 -17.66 1.08
CA PHE A 438 32.89 -18.39 2.27
C PHE A 438 31.90 -19.48 1.92
N SER A 439 31.00 -19.19 0.98
CA SER A 439 30.16 -20.26 0.43
C SER A 439 30.98 -21.24 -0.39
N LEU A 440 32.04 -20.77 -1.06
CA LEU A 440 32.80 -21.61 -1.98
C LEU A 440 33.78 -22.55 -1.27
N THR A 441 34.08 -22.33 0.01
CA THR A 441 35.11 -23.12 0.68
C THR A 441 34.69 -24.57 0.91
N LYS A 442 33.39 -24.83 1.06
CA LYS A 442 32.89 -26.13 1.50
C LYS A 442 32.51 -27.04 0.34
N VAL A 443 33.18 -26.90 -0.81
CA VAL A 443 32.80 -27.64 -2.00
C VAL A 443 33.98 -28.60 -2.24
N ASN A 444 34.64 -28.98 -1.15
CA ASN A 444 35.73 -29.95 -1.20
C ASN A 444 35.15 -31.36 -1.24
N TRP A 445 35.38 -32.07 -2.34
CA TRP A 445 34.88 -33.42 -2.51
C TRP A 445 35.84 -34.48 -1.98
N ASN A 446 36.97 -34.06 -1.40
CA ASN A 446 37.89 -35.02 -0.79
C ASN A 446 37.31 -35.58 0.50
N SER A 447 36.73 -34.74 1.34
CA SER A 447 36.27 -35.14 2.65
C SER A 447 34.95 -34.46 2.97
N THR A 448 34.36 -34.84 4.10
CA THR A 448 33.12 -34.26 4.58
C THR A 448 33.33 -33.26 5.72
N GLN A 449 34.56 -32.80 5.90
CA GLN A 449 34.86 -31.85 6.96
C GLN A 449 34.29 -30.49 6.66
N MET A 450 33.83 -29.79 7.69
CA MET A 450 33.29 -28.45 7.55
C MET A 450 34.33 -27.35 7.66
N ASN A 451 35.42 -27.58 8.39
CA ASN A 451 36.37 -26.52 8.68
C ASN A 451 37.38 -26.31 7.55
N GLN A 452 36.89 -26.16 6.32
CA GLN A 452 37.77 -25.84 5.22
C GLN A 452 38.23 -24.39 5.33
N ARG A 453 39.47 -24.14 4.95
CA ARG A 453 40.07 -22.81 5.09
C ARG A 453 40.37 -22.18 3.73
N LEU A 454 41.13 -22.86 2.89
CA LEU A 454 41.38 -22.32 1.57
C LEU A 454 40.14 -22.53 0.69
N PRO A 455 39.90 -21.66 -0.27
CA PRO A 455 38.78 -21.87 -1.20
C PRO A 455 39.07 -23.03 -2.14
N ILE A 456 38.00 -23.60 -2.68
CA ILE A 456 38.08 -24.78 -3.53
C ILE A 456 38.79 -24.58 -4.87
N PRO A 457 38.79 -23.40 -5.56
CA PRO A 457 39.59 -23.36 -6.80
C PRO A 457 41.08 -23.39 -6.57
N ILE A 458 41.54 -22.73 -5.51
CA ILE A 458 42.96 -22.78 -5.14
C ILE A 458 43.35 -24.20 -4.73
N ARG A 459 42.46 -24.88 -3.99
CA ARG A 459 42.73 -26.26 -3.58
C ARG A 459 42.80 -27.19 -4.79
N ALA A 460 41.87 -27.04 -5.73
CA ALA A 460 41.87 -27.88 -6.91
C ALA A 460 43.09 -27.62 -7.79
N ALA A 461 43.49 -26.35 -7.93
CA ALA A 461 44.68 -26.04 -8.72
C ALA A 461 45.94 -26.55 -8.05
N ARG A 462 45.99 -26.54 -6.71
CA ARG A 462 47.12 -27.12 -6.00
C ARG A 462 47.21 -28.63 -6.22
N LYS A 463 46.06 -29.33 -6.20
CA LYS A 463 46.06 -30.76 -6.49
C LYS A 463 46.51 -31.05 -7.91
N VAL A 464 46.02 -30.26 -8.87
CA VAL A 464 46.40 -30.43 -10.28
C VAL A 464 47.90 -30.19 -10.46
N GLY A 465 48.43 -29.16 -9.81
CA GLY A 465 49.86 -28.89 -9.90
C GLY A 465 50.70 -29.97 -9.24
N GLU A 466 50.23 -30.52 -8.12
CA GLU A 466 50.97 -31.59 -7.45
C GLU A 466 51.01 -32.85 -8.31
N VAL A 467 49.93 -33.14 -9.01
CA VAL A 467 49.95 -34.29 -9.93
C VAL A 467 50.84 -34.00 -11.14
N LEU A 468 50.71 -32.80 -11.72
CA LEU A 468 51.45 -32.44 -12.93
C LEU A 468 52.93 -32.14 -12.69
N LYS A 469 53.36 -32.09 -11.43
CA LYS A 469 54.77 -31.87 -11.11
C LYS A 469 55.68 -32.94 -11.66
N TYR A 470 55.17 -34.18 -11.82
CA TYR A 470 56.01 -35.29 -12.24
C TYR A 470 55.56 -35.93 -13.55
N VAL A 471 54.73 -35.23 -14.33
CA VAL A 471 54.23 -35.79 -15.57
C VAL A 471 55.30 -35.68 -16.64
N GLY A 472 55.60 -36.79 -17.31
CA GLY A 472 56.54 -36.75 -18.42
C GLY A 472 55.95 -36.06 -19.63
N GLU A 473 56.84 -35.42 -20.41
CA GLU A 473 56.40 -34.66 -21.57
C GLU A 473 55.87 -35.57 -22.66
N GLY A 474 54.90 -35.06 -23.42
CA GLY A 474 54.23 -35.84 -24.44
C GLY A 474 53.10 -36.71 -23.93
N GLU A 475 52.76 -36.63 -22.64
CA GLU A 475 51.67 -37.40 -22.06
C GLU A 475 50.42 -36.55 -22.04
N VAL A 476 49.30 -37.12 -22.49
CA VAL A 476 48.03 -36.42 -22.54
C VAL A 476 47.43 -36.37 -21.14
N ILE A 477 47.09 -35.16 -20.69
CA ILE A 477 46.54 -34.95 -19.36
C ILE A 477 45.02 -35.09 -19.44
N SER A 478 44.40 -35.43 -18.31
CA SER A 478 42.97 -35.61 -18.22
C SER A 478 42.34 -34.46 -17.45
N ALA A 479 41.26 -33.91 -18.01
CA ALA A 479 40.51 -32.88 -17.32
C ALA A 479 39.52 -33.44 -16.31
N ASP A 480 39.33 -34.76 -16.28
CA ASP A 480 38.42 -35.36 -15.33
C ASP A 480 38.99 -35.24 -13.93
N TYR A 481 38.21 -34.70 -13.00
CA TYR A 481 38.68 -34.45 -11.65
C TYR A 481 38.78 -35.72 -10.80
N ARG A 482 38.23 -36.84 -11.27
CA ARG A 482 38.28 -38.08 -10.50
C ARG A 482 39.69 -38.63 -10.36
N LYS A 483 40.61 -38.26 -11.25
CA LYS A 483 42.00 -38.68 -11.16
C LYS A 483 42.85 -37.73 -10.32
N TYR A 484 42.24 -36.92 -9.48
CA TYR A 484 42.99 -35.91 -8.78
C TYR A 484 42.81 -35.93 -7.26
N ILE A 485 41.63 -36.25 -6.77
CA ILE A 485 41.40 -36.29 -5.33
C ILE A 485 41.73 -37.67 -4.79
N THR B 6 -4.57 -12.66 50.78
CA THR B 6 -3.52 -12.95 51.74
C THR B 6 -2.27 -12.11 51.47
N ALA B 7 -1.10 -12.65 51.81
CA ALA B 7 0.16 -11.98 51.55
C ALA B 7 1.05 -12.76 50.59
N ASN B 8 1.30 -14.04 50.86
CA ASN B 8 2.17 -14.84 50.00
C ASN B 8 1.52 -15.12 48.66
N GLN B 9 0.19 -15.17 48.60
CA GLN B 9 -0.51 -15.28 47.32
C GLN B 9 -0.26 -14.04 46.46
N ILE B 10 -0.30 -12.86 47.07
CA ILE B 10 -0.01 -11.62 46.36
C ILE B 10 1.46 -11.59 45.94
N ILE B 11 2.35 -12.13 46.78
CA ILE B 11 3.76 -12.20 46.42
C ILE B 11 3.97 -13.12 45.23
N GLY B 12 3.25 -14.25 45.18
CA GLY B 12 3.35 -15.15 44.04
C GLY B 12 2.81 -14.54 42.76
N GLU B 13 1.68 -13.84 42.85
CA GLU B 13 1.13 -13.19 41.67
C GLU B 13 1.97 -12.00 41.22
N ILE B 14 2.75 -11.41 42.13
CA ILE B 14 3.80 -10.49 41.71
C ILE B 14 4.88 -11.23 40.96
N GLY B 15 5.32 -12.37 41.52
CA GLY B 15 6.50 -13.06 41.01
C GLY B 15 6.33 -13.62 39.62
N GLU B 16 5.13 -14.15 39.31
CA GLU B 16 4.89 -14.68 37.97
C GLU B 16 4.94 -13.57 36.92
N ASN B 17 4.34 -12.42 37.21
CA ASN B 17 4.38 -11.29 36.27
C ASN B 17 5.79 -10.75 36.11
N GLU B 18 6.55 -10.68 37.19
CA GLU B 18 7.87 -10.08 37.06
C GLU B 18 8.86 -11.04 36.41
N VAL B 19 8.70 -12.35 36.60
CA VAL B 19 9.54 -13.28 35.85
C VAL B 19 9.09 -13.37 34.39
N ARG B 20 7.81 -13.08 34.11
CA ARG B 20 7.38 -12.85 32.73
C ARG B 20 8.12 -11.68 32.13
N GLY B 21 8.27 -10.59 32.89
CA GLY B 21 9.06 -9.47 32.40
C GLY B 21 10.53 -9.79 32.22
N ARG B 22 11.09 -10.59 33.13
CA ARG B 22 12.50 -11.00 33.03
C ARG B 22 12.71 -11.90 31.81
N PHE B 23 11.73 -12.71 31.46
CA PHE B 23 11.79 -13.43 30.19
C PHE B 23 11.60 -12.48 29.01
N LEU B 24 10.79 -11.44 29.19
CA LEU B 24 10.50 -10.48 28.13
C LEU B 24 11.63 -9.50 27.87
N THR B 25 12.65 -9.42 28.73
CA THR B 25 13.77 -8.53 28.42
C THR B 25 14.61 -9.05 27.27
N LEU B 26 14.43 -10.31 26.85
CA LEU B 26 15.05 -10.87 25.67
C LEU B 26 13.94 -11.38 24.74
N GLY B 27 14.34 -11.94 23.61
CA GLY B 27 13.40 -12.58 22.71
C GLY B 27 13.05 -13.98 23.18
N TRP B 28 12.28 -14.06 24.26
CA TRP B 28 12.01 -15.32 24.94
C TRP B 28 10.55 -15.42 25.32
N GLN B 29 9.66 -15.28 24.32
CA GLN B 29 8.25 -14.96 24.51
C GLN B 29 7.54 -15.91 25.47
N PHE B 30 6.87 -15.34 26.45
CA PHE B 30 6.28 -16.09 27.54
C PHE B 30 4.75 -16.06 27.44
N ASP B 31 4.11 -17.17 27.78
CA ASP B 31 2.66 -17.26 27.73
C ASP B 31 2.13 -17.77 29.06
N GLY B 32 0.90 -17.36 29.38
CA GLY B 32 0.28 -17.73 30.64
C GLY B 32 -0.49 -19.03 30.55
N ARG B 33 -1.17 -19.35 31.66
CA ARG B 33 -1.85 -20.62 31.84
C ARG B 33 -3.23 -20.36 32.42
N SER B 34 -4.13 -21.34 32.25
CA SER B 34 -5.48 -21.26 32.80
C SER B 34 -5.43 -21.44 34.32
N ARG B 35 -6.62 -21.42 34.93
CA ARG B 35 -6.71 -21.38 36.39
C ARG B 35 -6.36 -22.72 37.02
N LEU B 36 -6.93 -23.81 36.50
CA LEU B 36 -6.86 -25.12 37.16
C LEU B 36 -5.80 -25.98 36.48
N GLU B 37 -4.55 -25.76 36.87
CA GLU B 37 -3.47 -26.64 36.45
C GLU B 37 -2.75 -27.31 37.62
N ALA B 38 -2.28 -26.52 38.59
CA ALA B 38 -1.69 -26.99 39.84
C ALA B 38 -0.46 -27.88 39.60
N GLY B 39 0.59 -27.26 39.08
CA GLY B 39 1.83 -27.99 38.90
C GLY B 39 2.73 -27.56 37.76
N ILE B 40 2.22 -26.78 36.81
CA ILE B 40 3.06 -26.13 35.81
C ILE B 40 2.43 -24.78 35.46
N ASP B 41 3.28 -23.79 35.26
CA ASP B 41 2.87 -22.43 34.94
C ASP B 41 3.19 -22.15 33.47
N GLY B 42 3.06 -20.88 33.09
CA GLY B 42 3.26 -20.40 31.73
C GLY B 42 4.52 -20.87 31.02
N ILE B 43 4.47 -20.91 29.69
CA ILE B 43 5.45 -21.62 28.88
C ILE B 43 6.26 -20.60 28.11
N ALA B 44 7.57 -20.82 28.04
CA ALA B 44 8.51 -19.93 27.36
C ALA B 44 8.87 -20.49 26.00
N GLU B 45 8.96 -19.61 25.01
CA GLU B 45 9.28 -19.98 23.64
C GLU B 45 10.48 -19.17 23.18
N VAL B 46 11.41 -19.85 22.54
CA VAL B 46 12.63 -19.20 22.07
C VAL B 46 12.35 -18.47 20.77
N MET B 47 12.89 -17.26 20.63
CA MET B 47 13.08 -16.62 19.34
C MET B 47 14.48 -16.04 19.27
N ASN B 48 15.14 -16.24 18.14
CA ASN B 48 16.38 -15.54 17.84
C ASN B 48 16.04 -14.23 17.17
N GLU B 49 16.56 -13.12 17.72
CA GLU B 49 16.40 -11.73 17.24
C GLU B 49 14.94 -11.33 17.01
N GLY B 50 13.99 -12.00 17.66
CA GLY B 50 12.58 -11.76 17.43
C GLY B 50 11.92 -12.70 16.44
N GLN B 51 12.68 -13.56 15.77
CA GLN B 51 12.13 -14.50 14.81
C GLN B 51 11.91 -15.85 15.49
N PRO B 52 10.68 -16.34 15.55
CA PRO B 52 10.42 -17.62 16.23
C PRO B 52 10.99 -18.81 15.48
N MET B 53 11.26 -19.88 16.24
CA MET B 53 11.47 -21.19 15.66
C MET B 53 10.74 -22.29 16.41
N ALA B 54 9.92 -21.93 17.42
CA ALA B 54 9.07 -22.84 18.19
C ALA B 54 9.87 -23.92 18.90
N ARG B 55 10.70 -23.47 19.82
CA ARG B 55 11.31 -24.35 20.82
C ARG B 55 10.79 -23.96 22.19
N MET B 56 10.35 -24.94 22.96
CA MET B 56 9.50 -24.71 24.11
C MET B 56 10.21 -25.12 25.41
N ILE B 57 9.91 -24.40 26.48
CA ILE B 57 10.34 -24.76 27.84
C ILE B 57 9.18 -24.48 28.79
N ALA B 58 8.76 -25.51 29.53
CA ALA B 58 7.76 -25.32 30.57
C ALA B 58 8.42 -24.78 31.83
N VAL B 59 7.81 -23.75 32.42
CA VAL B 59 8.38 -23.02 33.54
C VAL B 59 7.39 -23.04 34.70
N GLN B 60 7.88 -23.27 35.92
CA GLN B 60 7.08 -23.28 37.13
C GLN B 60 7.59 -22.21 38.09
N ILE B 61 6.68 -21.36 38.56
CA ILE B 61 7.03 -20.14 39.29
C ILE B 61 6.81 -20.34 40.78
N LYS B 62 7.69 -19.75 41.58
CA LYS B 62 7.46 -19.58 43.02
C LYS B 62 8.25 -18.37 43.50
N SER B 63 7.81 -17.78 44.60
CA SER B 63 8.36 -16.50 44.99
C SER B 63 8.23 -16.29 46.50
N THR B 64 9.24 -15.66 47.09
CA THR B 64 9.18 -15.18 48.46
C THR B 64 9.32 -13.66 48.47
N LYS B 65 9.34 -13.08 49.67
CA LYS B 65 9.38 -11.64 49.82
C LYS B 65 10.80 -11.12 50.07
N GLU B 66 11.46 -11.62 51.11
CA GLU B 66 12.73 -11.07 51.56
C GLU B 66 13.34 -12.05 52.56
N GLY B 67 14.64 -11.90 52.79
CA GLY B 67 15.33 -12.58 53.86
C GLY B 67 16.32 -13.62 53.36
N LYS B 68 17.15 -14.07 54.29
CA LYS B 68 18.10 -15.13 54.01
C LYS B 68 17.36 -16.44 53.78
N TYR B 69 17.77 -17.17 52.74
CA TYR B 69 17.10 -18.41 52.37
C TYR B 69 17.71 -19.57 53.13
N THR B 70 17.38 -20.80 52.76
CA THR B 70 17.87 -21.98 53.46
C THR B 70 19.34 -22.19 53.13
N SER B 71 20.20 -22.09 54.16
CA SER B 71 21.66 -22.23 54.04
C SER B 71 22.23 -21.26 53.02
N GLU B 72 21.72 -20.03 53.00
CA GLU B 72 22.10 -19.08 51.97
C GLU B 72 23.45 -18.45 52.26
N SER B 73 24.27 -18.35 51.23
CA SER B 73 25.58 -17.72 51.32
C SER B 73 25.72 -16.64 50.26
N ASP B 74 26.92 -16.11 50.07
CA ASP B 74 27.17 -15.11 49.05
C ASP B 74 27.40 -15.71 47.67
N THR B 75 27.53 -17.03 47.56
CA THR B 75 27.84 -17.65 46.28
C THR B 75 26.90 -18.82 45.99
N SER B 76 26.28 -19.40 47.02
CA SER B 76 25.41 -20.54 46.82
C SER B 76 24.32 -20.55 47.87
N PHE B 77 23.19 -21.19 47.52
CA PHE B 77 22.11 -21.45 48.46
C PHE B 77 21.28 -22.61 47.95
N THR B 78 20.83 -23.46 48.87
CA THR B 78 20.09 -24.66 48.54
C THR B 78 18.61 -24.48 48.84
N TYR B 79 17.83 -25.48 48.42
CA TYR B 79 16.39 -25.47 48.62
C TYR B 79 15.89 -26.90 48.70
N LEU B 80 14.69 -27.06 49.26
CA LEU B 80 14.05 -28.36 49.38
C LEU B 80 12.84 -28.43 48.48
N LEU B 81 12.55 -29.63 47.98
CA LEU B 81 11.46 -29.84 47.04
C LEU B 81 10.55 -30.94 47.57
N ARG B 82 9.30 -30.92 47.10
CA ARG B 82 8.29 -31.83 47.62
C ARG B 82 8.47 -33.24 47.07
N THR B 83 7.55 -34.12 47.42
CA THR B 83 7.65 -35.55 47.11
C THR B 83 6.69 -36.01 46.02
N GLN B 84 5.50 -35.44 45.96
CA GLN B 84 4.48 -35.88 45.01
C GLN B 84 4.57 -35.21 43.65
N ASP B 85 5.49 -34.26 43.48
CA ASP B 85 5.61 -33.51 42.24
C ASP B 85 6.61 -34.09 41.25
N LEU B 86 7.33 -35.15 41.63
CA LEU B 86 8.34 -35.71 40.74
C LEU B 86 7.73 -36.41 39.53
N ALA B 87 6.49 -36.89 39.65
CA ALA B 87 5.81 -37.50 38.50
C ALA B 87 5.60 -36.48 37.38
N TYR B 88 5.25 -35.25 37.73
CA TYR B 88 5.12 -34.20 36.74
C TYR B 88 6.44 -33.50 36.45
N TRP B 89 7.42 -33.62 37.34
CA TRP B 89 8.77 -33.12 37.12
C TRP B 89 9.63 -34.09 36.33
N ARG B 90 9.07 -35.24 35.96
CA ARG B 90 9.70 -36.16 35.00
C ARG B 90 10.13 -35.42 33.74
N GLY B 91 11.26 -35.84 33.19
CA GLY B 91 11.88 -35.17 32.06
C GLY B 91 11.13 -35.43 30.78
N SER B 92 10.00 -34.76 30.63
CA SER B 92 9.03 -35.00 29.56
C SER B 92 9.51 -34.40 28.23
N ASN B 93 8.59 -34.27 27.28
CA ASN B 93 8.93 -33.73 25.97
C ASN B 93 9.45 -32.29 26.04
N LEU B 94 9.10 -31.54 27.08
CA LEU B 94 9.78 -30.30 27.37
C LEU B 94 10.30 -30.30 28.80
N PRO B 95 11.52 -29.81 29.02
CA PRO B 95 12.04 -29.72 30.39
C PRO B 95 11.26 -28.71 31.23
N VAL B 96 11.17 -29.00 32.52
CA VAL B 96 10.38 -28.21 33.45
C VAL B 96 11.37 -27.41 34.30
N ILE B 97 11.67 -26.19 33.85
CA ILE B 97 12.53 -25.30 34.61
C ILE B 97 11.72 -24.62 35.70
N VAL B 98 12.21 -24.67 36.93
CA VAL B 98 11.56 -24.00 38.05
C VAL B 98 12.32 -22.72 38.35
N VAL B 99 11.59 -21.69 38.78
CA VAL B 99 12.15 -20.38 39.07
C VAL B 99 11.59 -19.87 40.38
N PHE B 100 12.42 -19.17 41.14
CA PHE B 100 12.05 -18.53 42.40
C PHE B 100 12.39 -17.06 42.34
N TYR B 101 11.63 -16.26 43.10
CA TYR B 101 11.88 -14.83 43.20
C TYR B 101 12.33 -14.49 44.62
N ARG B 102 13.43 -13.74 44.73
CA ARG B 102 13.73 -12.93 45.90
C ARG B 102 13.58 -11.46 45.52
N GLN B 103 12.63 -10.78 46.17
CA GLN B 103 12.25 -9.43 45.74
C GLN B 103 13.31 -8.40 46.10
N SER B 104 14.09 -8.64 47.17
CA SER B 104 14.91 -7.61 47.78
C SER B 104 15.98 -7.08 46.82
N ASP B 105 16.71 -7.98 46.15
CA ASP B 105 17.66 -7.58 45.12
C ASP B 105 17.13 -7.90 43.71
N HIS B 106 15.82 -8.11 43.59
CA HIS B 106 15.09 -8.54 42.38
C HIS B 106 15.83 -9.64 41.63
N SER B 107 15.98 -10.78 42.30
CA SER B 107 16.72 -11.92 41.76
C SER B 107 15.75 -13.04 41.40
N PHE B 108 15.97 -13.62 40.22
CA PHE B 108 15.17 -14.71 39.68
C PHE B 108 16.06 -15.94 39.56
N TYR B 109 15.92 -16.87 40.50
CA TYR B 109 16.79 -18.04 40.56
C TYR B 109 16.21 -19.20 39.77
N TRP B 110 17.06 -19.85 38.98
CA TRP B 110 16.70 -21.08 38.30
C TRP B 110 17.87 -22.05 38.34
N LYS B 111 17.56 -23.33 38.37
CA LYS B 111 18.54 -24.41 38.32
C LYS B 111 18.09 -25.41 37.27
N GLU B 112 19.04 -26.12 36.67
CA GLU B 112 18.75 -27.03 35.58
C GLU B 112 17.89 -28.19 36.06
N VAL B 113 16.94 -28.59 35.23
CA VAL B 113 16.13 -29.78 35.44
C VAL B 113 16.23 -30.59 34.15
N SER B 114 17.20 -31.49 34.09
CA SER B 114 17.39 -32.29 32.88
C SER B 114 16.47 -33.50 32.86
N ARG B 115 16.65 -34.42 33.81
CA ARG B 115 15.86 -35.64 33.90
C ARG B 115 16.08 -36.30 35.26
N ASP B 116 14.99 -36.63 35.95
CA ASP B 116 15.10 -37.37 37.20
C ASP B 116 15.43 -38.83 36.93
N ALA B 117 16.03 -39.48 37.93
CA ALA B 117 16.58 -40.82 37.72
C ALA B 117 16.46 -41.61 39.02
N GLY B 118 17.23 -42.70 39.11
CA GLY B 118 17.22 -43.61 40.24
C GLY B 118 17.53 -43.03 41.60
N PRO B 119 18.53 -42.13 41.73
CA PRO B 119 18.71 -41.42 43.01
C PRO B 119 17.46 -40.72 43.54
N GLY B 120 16.85 -39.84 42.74
CA GLY B 120 15.68 -39.11 43.20
C GLY B 120 15.99 -38.15 44.33
N GLU B 121 17.06 -37.38 44.18
CA GLU B 121 17.56 -36.50 45.24
C GLU B 121 16.64 -35.32 45.53
N ARG B 122 15.64 -35.06 44.68
CA ARG B 122 14.82 -33.84 44.61
C ARG B 122 15.63 -32.59 44.92
N ARG B 123 15.09 -31.73 45.80
CA ARG B 123 15.77 -30.53 46.30
C ARG B 123 16.22 -29.59 45.19
N LEU B 124 17.18 -28.72 45.50
CA LEU B 124 17.79 -27.83 44.51
C LEU B 124 19.11 -27.32 45.06
N ASN B 125 20.05 -27.05 44.14
CA ASN B 125 21.44 -26.74 44.47
C ASN B 125 21.89 -25.48 43.76
N ILE B 126 21.13 -24.39 43.91
CA ILE B 126 21.38 -23.17 43.15
C ILE B 126 22.70 -22.55 43.62
N ASP B 127 23.41 -21.91 42.70
CA ASP B 127 24.50 -21.02 43.08
C ASP B 127 24.14 -19.58 42.68
N LYS B 128 24.78 -18.63 43.35
CA LYS B 128 24.42 -17.22 43.15
C LYS B 128 24.92 -16.69 41.81
N VAL B 129 26.13 -17.05 41.42
CA VAL B 129 26.77 -16.39 40.28
C VAL B 129 26.46 -17.08 38.95
N ALA B 130 26.46 -18.41 38.90
CA ALA B 130 26.42 -19.12 37.63
C ALA B 130 25.07 -19.76 37.31
N ASP B 131 24.02 -19.45 38.08
CA ASP B 131 22.68 -19.97 37.78
C ASP B 131 21.63 -18.89 37.97
N LEU B 132 21.89 -17.68 37.47
CA LEU B 132 20.95 -16.58 37.56
C LEU B 132 20.47 -16.19 36.17
N PHE B 133 19.27 -15.60 36.13
CA PHE B 133 18.72 -15.10 34.87
C PHE B 133 19.53 -13.92 34.38
N ASN B 134 20.06 -14.03 33.16
CA ASN B 134 21.00 -13.05 32.65
C ASN B 134 20.93 -13.04 31.13
N ALA B 135 21.52 -12.01 30.54
CA ALA B 135 21.71 -11.92 29.10
C ALA B 135 23.09 -12.37 28.66
N SER B 136 23.85 -12.98 29.56
CA SER B 136 25.21 -13.43 29.28
C SER B 136 25.36 -14.93 29.19
N THR B 137 24.59 -15.70 29.96
CA THR B 137 24.72 -17.15 29.97
C THR B 137 23.42 -17.81 29.53
N VAL B 138 22.84 -17.32 28.43
CA VAL B 138 21.53 -17.82 28.02
C VAL B 138 21.62 -19.03 27.09
N ASN B 139 22.73 -19.21 26.35
CA ASN B 139 22.87 -20.36 25.47
C ASN B 139 22.93 -21.66 26.26
N LYS B 140 23.68 -21.67 27.37
CA LYS B 140 23.62 -22.78 28.31
C LYS B 140 22.22 -22.95 28.88
N LEU B 141 21.49 -21.85 29.03
CA LEU B 141 20.07 -21.92 29.38
C LEU B 141 19.27 -22.55 28.24
N ALA B 142 19.60 -22.23 27.00
CA ALA B 142 18.74 -22.54 25.86
C ALA B 142 19.07 -23.86 25.18
N ALA B 143 20.08 -24.59 25.65
CA ALA B 143 20.50 -25.82 25.00
C ALA B 143 19.90 -27.06 25.67
N LEU B 144 18.68 -26.95 26.18
CA LEU B 144 18.10 -28.02 26.97
C LEU B 144 17.08 -28.86 26.22
N THR B 145 16.28 -28.24 25.34
CA THR B 145 15.21 -28.98 24.67
C THR B 145 15.73 -29.93 23.61
N VAL B 146 16.90 -29.65 23.02
CA VAL B 146 17.53 -30.56 22.07
C VAL B 146 18.02 -31.79 22.84
N PRO B 147 17.58 -32.98 22.46
CA PRO B 147 18.02 -34.19 23.16
C PRO B 147 19.41 -34.62 22.68
N LYS B 148 20.00 -35.54 23.46
CA LYS B 148 21.27 -36.12 23.06
C LYS B 148 21.11 -37.00 21.82
N THR B 149 20.03 -37.78 21.76
CA THR B 149 19.74 -38.57 20.58
C THR B 149 19.23 -37.68 19.45
N GLY B 150 19.55 -38.07 18.22
CA GLY B 150 19.13 -37.30 17.06
C GLY B 150 20.17 -36.27 16.65
N LEU B 151 20.43 -36.17 15.35
CA LEU B 151 21.45 -35.27 14.83
C LEU B 151 20.83 -34.28 13.86
N GLY B 152 21.47 -33.13 13.72
CA GLY B 152 21.00 -32.06 12.86
C GLY B 152 20.33 -30.92 13.60
N TYR B 153 19.93 -31.11 14.85
CA TYR B 153 19.32 -30.04 15.63
C TYR B 153 20.41 -29.25 16.34
N TYR B 154 20.30 -27.92 16.26
CA TYR B 154 21.23 -27.03 16.95
C TYR B 154 20.55 -25.68 17.12
N VAL B 155 21.08 -24.88 18.04
CA VAL B 155 20.53 -23.57 18.36
C VAL B 155 21.61 -22.53 18.08
N PRO B 156 21.30 -21.46 17.36
CA PRO B 156 22.29 -20.42 17.08
C PRO B 156 22.61 -19.61 18.33
N PRO B 157 23.65 -18.76 18.30
CA PRO B 157 23.88 -17.84 19.41
C PRO B 157 22.71 -16.90 19.64
N LEU B 158 22.41 -16.64 20.91
CA LEU B 158 21.19 -15.93 21.31
C LEU B 158 21.57 -14.55 21.86
N GLY B 159 21.63 -13.57 20.97
CA GLY B 159 21.74 -12.18 21.37
C GLY B 159 23.07 -11.82 22.00
N GLY B 160 23.08 -10.67 22.66
CA GLY B 160 24.27 -10.19 23.33
C GLY B 160 25.30 -9.63 22.38
N GLY B 161 26.46 -9.31 22.94
CA GLY B 161 27.55 -8.75 22.18
C GLY B 161 28.84 -8.81 22.96
N GLU B 162 29.92 -8.44 22.28
CA GLU B 162 31.26 -8.53 22.84
C GLU B 162 32.14 -7.56 22.08
N ASP B 163 33.09 -6.95 22.80
CA ASP B 163 34.05 -6.02 22.22
C ASP B 163 35.42 -6.69 22.17
N ALA B 164 35.87 -7.03 20.97
CA ALA B 164 37.16 -7.65 20.74
C ALA B 164 38.19 -6.58 20.41
N LEU B 165 39.43 -6.98 20.12
CA LEU B 165 40.47 -6.02 19.84
C LEU B 165 41.47 -6.60 18.84
N ILE B 166 42.29 -5.72 18.27
CA ILE B 166 43.26 -6.04 17.24
C ILE B 166 44.65 -5.66 17.75
N ASN B 167 45.62 -6.55 17.58
CA ASN B 167 46.96 -6.35 18.15
C ASN B 167 47.73 -5.32 17.33
N MET B 168 47.61 -4.05 17.70
CA MET B 168 48.19 -2.97 16.91
C MET B 168 48.65 -1.87 17.85
N LEU B 169 49.71 -1.18 17.47
CA LEU B 169 50.26 -0.09 18.29
C LEU B 169 50.17 1.22 17.53
N PRO B 170 49.37 2.19 17.98
CA PRO B 170 49.49 3.55 17.43
C PRO B 170 50.72 4.26 17.96
N LEU B 171 51.68 4.45 17.07
CA LEU B 171 52.92 5.12 17.47
C LEU B 171 52.82 6.62 17.31
N THR B 172 53.60 7.34 18.09
CA THR B 172 53.63 8.81 18.03
C THR B 172 54.98 9.23 17.48
N LEU B 173 55.04 9.43 16.17
CA LEU B 173 56.26 9.81 15.50
C LEU B 173 56.59 11.29 15.75
N PRO B 174 57.87 11.66 15.74
CA PRO B 174 58.24 13.07 15.81
C PRO B 174 57.82 13.83 14.56
N ASN B 175 57.65 15.14 14.74
CA ASN B 175 57.12 15.97 13.66
C ASN B 175 58.15 16.20 12.55
N GLU B 176 59.44 16.30 12.91
CA GLU B 176 60.46 16.71 11.97
C GLU B 176 61.61 15.70 11.96
N MET B 177 62.35 15.68 10.86
CA MET B 177 63.58 14.90 10.76
C MET B 177 64.51 15.60 9.78
N TYR B 178 65.77 15.16 9.76
CA TYR B 178 66.84 15.87 9.07
C TYR B 178 67.40 15.04 7.92
N ILE B 179 67.60 15.70 6.78
CA ILE B 179 68.21 15.10 5.60
C ILE B 179 69.61 15.70 5.43
N ALA B 180 70.60 14.84 5.20
CA ALA B 180 71.98 15.29 5.06
C ALA B 180 72.68 14.50 3.97
N SER B 181 73.25 15.19 2.99
CA SER B 181 74.06 14.58 1.96
C SER B 181 75.52 14.62 2.39
N THR B 182 76.17 13.46 2.40
CA THR B 182 77.47 13.34 3.05
C THR B 182 78.23 12.14 2.49
N THR B 183 79.53 12.13 2.78
CA THR B 183 80.46 11.06 2.43
C THR B 183 80.45 10.02 3.56
N TYR B 184 81.49 9.18 3.61
CA TYR B 184 81.69 8.13 4.63
C TYR B 184 80.57 7.09 4.55
N GLU B 185 80.61 6.34 3.44
CA GLU B 185 79.78 5.17 3.12
C GLU B 185 79.69 4.19 4.30
N PRO B 186 78.58 3.45 4.43
CA PRO B 186 78.25 2.82 5.75
C PRO B 186 79.27 1.85 6.31
N ARG B 187 80.03 1.14 5.46
CA ARG B 187 81.07 0.27 5.99
C ARG B 187 82.20 1.07 6.62
N LYS B 188 82.59 2.18 5.98
CA LYS B 188 83.52 3.11 6.61
C LYS B 188 82.88 3.79 7.82
N ALA B 189 81.57 4.05 7.75
CA ALA B 189 80.88 4.68 8.87
C ALA B 189 80.88 3.81 10.11
N ILE B 190 80.59 2.51 9.94
CA ILE B 190 80.65 1.61 11.09
C ILE B 190 82.10 1.38 11.52
N ALA B 191 83.04 1.36 10.56
CA ALA B 191 84.44 1.19 10.89
C ALA B 191 85.03 2.36 11.68
N VAL B 192 84.45 3.56 11.54
CA VAL B 192 84.91 4.69 12.33
C VAL B 192 84.05 4.89 13.59
N ILE B 193 82.81 4.41 13.59
CA ILE B 193 81.91 4.64 14.72
C ILE B 193 81.96 3.52 15.76
N LEU B 194 82.55 2.37 15.43
CA LEU B 194 82.58 1.27 16.40
C LEU B 194 83.49 1.57 17.58
N ASN B 195 84.66 2.15 17.33
CA ASN B 195 85.60 2.48 18.40
C ASN B 195 85.23 3.84 18.99
N GLY B 196 84.16 3.84 19.79
CA GLY B 196 83.69 5.05 20.42
C GLY B 196 83.14 4.77 21.80
N ASP B 197 83.08 5.83 22.61
CA ASP B 197 82.55 5.75 23.97
C ASP B 197 81.43 6.74 24.22
N GLY B 198 81.07 7.56 23.25
CA GLY B 198 80.00 8.52 23.41
C GLY B 198 78.68 7.98 22.90
N PRO B 199 77.83 8.86 22.37
CA PRO B 199 76.51 8.43 21.85
C PRO B 199 76.58 7.92 20.42
N LYS B 200 77.22 6.77 20.24
CA LYS B 200 77.29 6.12 18.94
C LYS B 200 76.02 5.30 18.73
N ARG B 201 74.94 6.02 18.44
CA ARG B 201 73.61 5.43 18.36
C ARG B 201 73.09 5.54 16.94
N PHE B 202 72.54 4.45 16.41
CA PHE B 202 72.20 4.32 15.01
C PHE B 202 70.71 4.60 14.81
N ASP B 203 70.40 5.55 13.93
CA ASP B 203 69.02 5.86 13.60
C ASP B 203 69.04 6.48 12.22
N TRP B 204 69.76 5.85 11.29
CA TRP B 204 69.91 6.39 9.95
C TRP B 204 70.00 5.27 8.93
N VAL B 205 69.75 5.64 7.67
CA VAL B 205 69.99 4.78 6.52
C VAL B 205 70.81 5.57 5.52
N ILE B 206 71.97 5.04 5.14
CA ILE B 206 72.78 5.64 4.10
C ILE B 206 72.30 5.06 2.77
N ASN B 207 71.54 5.85 2.03
CA ASN B 207 70.97 5.42 0.75
C ASN B 207 71.24 6.51 -0.28
N GLY B 208 72.02 6.18 -1.30
CA GLY B 208 72.42 7.16 -2.29
C GLY B 208 73.26 8.28 -1.73
N GLY B 209 74.09 7.98 -0.72
CA GLY B 209 74.91 9.00 -0.08
C GLY B 209 74.13 10.05 0.68
N THR B 210 73.07 9.66 1.39
CA THR B 210 72.24 10.59 2.13
C THR B 210 71.90 9.97 3.48
N PHE B 211 71.66 10.82 4.48
CA PHE B 211 71.62 10.36 5.87
C PHE B 211 70.21 10.01 6.34
N TRP B 212 69.28 10.97 6.29
CA TRP B 212 67.86 10.80 6.66
C TRP B 212 67.72 10.34 8.13
N SER B 213 68.12 11.24 9.03
CA SER B 213 68.03 11.01 10.46
C SER B 213 66.96 11.90 11.09
N PHE B 214 66.51 11.52 12.28
CA PHE B 214 65.54 12.32 13.01
C PHE B 214 66.10 12.98 14.26
N HIS B 215 67.17 12.44 14.83
CA HIS B 215 67.87 13.10 15.92
C HIS B 215 68.99 13.97 15.35
N ASP B 216 69.51 14.86 16.19
CA ASP B 216 70.51 15.83 15.75
C ASP B 216 71.82 15.12 15.43
N PRO B 217 72.32 15.19 14.20
CA PRO B 217 73.54 14.45 13.86
C PRO B 217 74.80 15.12 14.36
N ARG B 218 74.80 16.45 14.41
CA ARG B 218 75.98 17.18 14.87
C ARG B 218 76.18 17.02 16.37
N THR B 219 75.10 17.00 17.14
CA THR B 219 75.18 16.97 18.59
C THR B 219 75.17 15.54 19.14
N SER B 220 76.05 14.70 18.61
CA SER B 220 76.21 13.31 19.06
C SER B 220 77.58 12.82 18.59
N ALA B 221 77.79 11.52 18.68
CA ALA B 221 78.98 10.89 18.13
C ALA B 221 78.88 10.68 16.62
N CYS B 222 77.79 11.11 16.00
CA CYS B 222 77.62 11.10 14.55
C CYS B 222 78.07 12.39 13.90
N SER B 223 79.06 13.08 14.50
CA SER B 223 79.54 14.33 13.93
C SER B 223 80.39 14.10 12.69
N GLU B 224 81.22 13.05 12.69
CA GLU B 224 82.14 12.81 11.59
C GLU B 224 81.43 12.37 10.32
N ILE B 225 80.34 11.61 10.46
CA ILE B 225 79.59 11.17 9.28
C ILE B 225 78.87 12.35 8.63
N VAL B 226 78.23 13.21 9.43
CA VAL B 226 77.46 14.32 8.87
C VAL B 226 78.36 15.51 8.54
N ASP B 227 79.61 15.50 9.02
CA ASP B 227 80.62 16.57 8.89
C ASP B 227 80.08 17.83 9.58
N ILE B 228 80.55 19.00 9.16
CA ILE B 228 80.19 20.25 9.82
C ILE B 228 79.22 21.08 9.01
N ASP B 229 78.78 20.60 7.84
CA ASP B 229 77.89 21.35 6.97
C ASP B 229 76.92 20.39 6.31
N GLN B 230 76.07 20.94 5.43
CA GLN B 230 74.99 20.21 4.75
C GLN B 230 74.03 19.56 5.74
N VAL B 231 73.72 20.26 6.83
CA VAL B 231 72.76 19.82 7.83
C VAL B 231 71.58 20.78 7.80
N GLU B 232 70.37 20.22 7.70
CA GLU B 232 69.15 21.03 7.60
C GLU B 232 68.04 20.30 8.36
N ALA B 233 66.80 20.74 8.12
CA ALA B 233 65.63 20.17 8.77
C ALA B 233 64.45 20.23 7.81
N ILE B 234 63.53 19.28 7.97
CA ILE B 234 62.33 19.21 7.13
C ILE B 234 61.24 18.48 7.91
N ASN B 235 60.01 18.95 7.76
CA ASN B 235 58.88 18.29 8.40
C ASN B 235 58.63 16.93 7.73
N THR B 236 58.16 15.97 8.54
CA THR B 236 58.04 14.60 8.08
C THR B 236 56.82 14.38 7.18
N LYS B 237 55.85 15.28 7.19
CA LYS B 237 54.58 15.03 6.51
C LYS B 237 54.66 15.19 5.00
N GLU B 238 55.51 16.10 4.51
CA GLU B 238 55.55 16.37 3.07
C GLU B 238 56.18 15.21 2.31
N LEU B 239 57.20 14.57 2.88
CA LEU B 239 57.91 13.48 2.22
C LEU B 239 57.46 12.11 2.70
N ALA B 240 56.38 12.03 3.49
CA ALA B 240 55.84 10.75 3.91
C ALA B 240 55.07 10.03 2.80
N LEU B 241 54.51 10.78 1.85
CA LEU B 241 53.68 10.22 0.79
C LEU B 241 54.45 10.22 -0.52
N HIS B 242 54.52 9.06 -1.18
CA HIS B 242 55.29 8.92 -2.41
C HIS B 242 54.48 8.13 -3.42
N ASP B 243 54.81 8.34 -4.70
CA ASP B 243 54.29 7.50 -5.77
C ASP B 243 55.16 6.28 -6.03
N ASP B 244 56.40 6.27 -5.55
CA ASP B 244 57.34 5.19 -5.80
C ASP B 244 57.36 4.25 -4.60
N ILE B 245 57.05 2.98 -4.84
CA ILE B 245 57.00 2.00 -3.77
C ILE B 245 58.40 1.69 -3.23
N ASP B 246 59.43 1.87 -4.06
CA ASP B 246 60.80 1.73 -3.58
C ASP B 246 61.13 2.81 -2.56
N GLU B 247 60.64 4.03 -2.78
CA GLU B 247 60.81 5.09 -1.81
C GLU B 247 60.02 4.80 -0.53
N GLN B 248 58.86 4.16 -0.65
CA GLN B 248 58.12 3.72 0.53
C GLN B 248 58.89 2.66 1.30
N ASN B 249 59.59 1.76 0.59
CA ASN B 249 60.44 0.79 1.25
C ASN B 249 61.64 1.45 1.92
N ARG B 250 62.15 2.54 1.32
CA ARG B 250 63.20 3.32 1.97
C ARG B 250 62.70 3.98 3.25
N PHE B 251 61.45 4.48 3.23
CA PHE B 251 60.86 5.04 4.44
C PHE B 251 60.60 3.96 5.48
N SER B 252 60.26 2.74 5.06
CA SER B 252 60.12 1.64 6.01
C SER B 252 61.48 1.27 6.61
N HIS B 253 62.54 1.33 5.80
CA HIS B 253 63.90 1.15 6.30
C HIS B 253 64.23 2.22 7.34
N LEU B 254 63.84 3.46 7.06
CA LEU B 254 64.01 4.55 8.01
C LEU B 254 63.26 4.27 9.30
N LEU B 255 62.03 3.76 9.20
CA LEU B 255 61.25 3.45 10.40
C LEU B 255 61.89 2.35 11.23
N ARG B 256 62.38 1.30 10.57
CA ARG B 256 63.01 0.19 11.28
C ARG B 256 64.29 0.64 11.97
N GLN B 257 65.15 1.37 11.26
CA GLN B 257 66.35 1.90 11.90
C GLN B 257 66.05 2.98 12.92
N THR B 258 64.88 3.62 12.82
CA THR B 258 64.47 4.58 13.84
C THR B 258 64.13 3.87 15.14
N LEU B 259 63.36 2.79 15.03
CA LEU B 259 63.02 2.02 16.21
C LEU B 259 64.24 1.26 16.71
N ARG B 260 65.12 0.87 15.79
CA ARG B 260 66.32 0.14 16.20
C ARG B 260 67.13 0.96 17.21
N TYR B 261 67.08 2.28 17.12
CA TYR B 261 67.55 3.12 18.21
C TYR B 261 66.63 2.99 19.41
N GLN B 262 65.32 3.11 19.18
CA GLN B 262 64.36 3.25 20.27
C GLN B 262 64.21 1.94 21.05
N THR B 263 64.05 0.82 20.34
CA THR B 263 63.88 -0.47 20.98
C THR B 263 65.20 -1.14 21.32
N ASP B 264 66.31 -0.39 21.29
CA ASP B 264 67.58 -0.84 21.86
C ASP B 264 67.67 -0.48 23.35
N SER B 265 66.63 -0.85 24.10
CA SER B 265 66.53 -0.40 25.48
C SER B 265 67.39 -1.24 26.42
N ASP B 266 67.05 -2.53 26.55
CA ASP B 266 67.82 -3.38 27.46
C ASP B 266 68.89 -4.19 26.72
N LEU B 267 68.45 -5.11 25.86
CA LEU B 267 69.34 -6.02 25.14
C LEU B 267 68.88 -6.18 23.70
N GLY B 268 68.66 -5.07 23.00
CA GLY B 268 68.20 -5.12 21.64
C GLY B 268 69.28 -5.45 20.63
N TRP B 269 69.30 -4.71 19.51
CA TRP B 269 70.24 -4.93 18.39
C TRP B 269 70.12 -6.36 17.86
N ASP B 270 68.93 -6.66 17.34
CA ASP B 270 68.52 -8.04 17.09
C ASP B 270 68.86 -8.47 15.67
N LYS B 271 69.24 -9.76 15.53
CA LYS B 271 69.76 -10.29 14.27
C LYS B 271 68.71 -10.97 13.42
N ASP B 272 67.75 -11.66 14.03
CA ASP B 272 66.69 -12.31 13.25
C ASP B 272 65.64 -11.26 12.87
N HIS B 273 64.56 -11.71 12.23
CA HIS B 273 63.46 -10.80 11.92
C HIS B 273 62.59 -10.53 13.14
N LYS B 274 62.71 -11.34 14.19
CA LYS B 274 62.06 -11.07 15.46
C LYS B 274 62.99 -10.24 16.32
N ALA B 275 62.49 -9.13 16.84
CA ALA B 275 63.29 -8.21 17.62
C ALA B 275 63.18 -8.55 19.11
N LEU B 276 63.67 -7.65 19.96
CA LEU B 276 63.49 -7.67 21.41
C LEU B 276 64.05 -8.94 22.06
N TYR B 277 65.38 -9.04 22.02
CA TYR B 277 66.12 -10.10 22.68
C TYR B 277 66.39 -9.80 24.17
N PHE B 278 65.60 -8.94 24.81
CA PHE B 278 65.94 -8.41 26.12
C PHE B 278 65.90 -9.49 27.20
N ARG B 279 66.75 -9.32 28.21
CA ARG B 279 66.97 -10.32 29.25
C ARG B 279 67.53 -9.64 30.49
N ALA B 280 68.03 -10.45 31.42
CA ALA B 280 68.67 -10.01 32.66
C ALA B 280 70.18 -10.26 32.60
N ILE B 281 70.86 -10.04 33.72
CA ILE B 281 72.32 -10.06 33.71
C ILE B 281 72.90 -11.12 34.64
N GLU B 282 72.21 -11.44 35.74
CA GLU B 282 72.77 -12.35 36.73
C GLU B 282 71.97 -13.65 36.88
N ARG B 283 70.69 -13.57 37.24
CA ARG B 283 69.91 -14.80 37.37
C ARG B 283 69.14 -15.15 36.11
N GLU B 284 69.17 -14.26 35.11
CA GLU B 284 68.47 -14.43 33.83
C GLU B 284 66.97 -14.65 34.03
N VAL B 285 66.38 -13.90 34.97
CA VAL B 285 64.93 -13.87 35.18
C VAL B 285 64.49 -12.41 35.21
N SER B 286 63.21 -12.20 34.90
CA SER B 286 62.64 -10.85 35.02
C SER B 286 61.54 -10.78 36.09
N ARG B 287 60.47 -11.57 35.94
CA ARG B 287 59.27 -11.51 36.78
C ARG B 287 58.79 -10.06 36.93
N ASN B 288 58.31 -9.54 35.81
CA ASN B 288 58.22 -8.09 35.62
C ASN B 288 56.98 -7.80 34.78
N PHE B 289 56.97 -6.61 34.16
CA PHE B 289 55.85 -6.06 33.36
C PHE B 289 54.61 -5.89 34.24
N ALA B 290 54.76 -4.98 35.21
CA ALA B 290 53.72 -4.73 36.21
C ALA B 290 52.50 -4.10 35.54
N TYR B 291 51.44 -4.90 35.40
CA TYR B 291 50.19 -4.47 34.78
C TYR B 291 49.24 -4.07 35.90
N THR B 292 49.11 -2.76 36.12
CA THR B 292 48.39 -2.26 37.28
C THR B 292 46.88 -2.40 37.16
N SER B 293 46.35 -2.35 35.93
CA SER B 293 44.92 -2.48 35.60
C SER B 293 44.14 -1.38 36.34
N SER B 294 42.93 -1.66 36.81
CA SER B 294 42.15 -0.70 37.58
C SER B 294 41.50 -1.29 38.82
N LYS B 295 41.58 -2.60 39.03
CA LYS B 295 41.05 -3.23 40.24
C LYS B 295 42.09 -3.99 41.04
N LYS B 296 43.17 -4.46 40.40
CA LYS B 296 44.28 -5.16 41.04
C LYS B 296 45.40 -5.27 40.02
N LYS B 297 46.62 -5.46 40.51
CA LYS B 297 47.77 -5.68 39.67
C LYS B 297 48.18 -7.14 39.74
N THR B 298 48.72 -7.65 38.64
CA THR B 298 49.13 -9.04 38.54
C THR B 298 50.46 -9.10 37.79
N ASP B 299 51.28 -10.09 38.15
CA ASP B 299 52.59 -10.26 37.56
C ASP B 299 52.66 -11.62 36.86
N ALA B 300 53.47 -11.68 35.81
CA ALA B 300 53.66 -12.91 35.04
C ALA B 300 55.13 -13.07 34.72
N ASN B 301 55.54 -14.33 34.52
CA ASN B 301 56.94 -14.64 34.27
C ASN B 301 57.33 -14.22 32.87
N VAL B 302 57.80 -12.98 32.73
CA VAL B 302 58.17 -12.46 31.42
C VAL B 302 59.42 -13.16 30.89
N VAL B 303 60.42 -13.32 31.75
CA VAL B 303 61.61 -14.10 31.43
C VAL B 303 61.62 -15.32 32.33
N SER B 304 61.58 -16.50 31.72
CA SER B 304 61.34 -17.76 32.43
C SER B 304 62.57 -18.65 32.34
N VAL B 305 62.92 -19.25 33.48
CA VAL B 305 63.98 -20.26 33.57
C VAL B 305 63.35 -21.55 34.06
N PHE B 306 63.50 -22.62 33.27
CA PHE B 306 62.94 -23.92 33.61
C PHE B 306 64.04 -24.96 33.55
N LYS B 307 64.19 -25.73 34.61
CA LYS B 307 65.20 -26.79 34.67
C LYS B 307 64.71 -28.02 33.94
N ASN B 308 65.66 -28.79 33.41
CA ASN B 308 65.32 -30.04 32.74
C ASN B 308 64.90 -31.09 33.75
N SER B 309 64.17 -32.10 33.25
CA SER B 309 63.64 -33.14 34.13
C SER B 309 64.74 -34.05 34.67
N LYS B 310 65.65 -34.49 33.79
CA LYS B 310 66.66 -35.47 34.20
C LYS B 310 67.73 -34.82 35.07
N ASP B 311 68.19 -33.63 34.71
CA ASP B 311 69.20 -32.91 35.47
C ASP B 311 68.63 -31.59 35.96
N GLU B 312 68.76 -31.34 37.26
CA GLU B 312 68.16 -30.17 37.88
C GLU B 312 69.16 -29.08 38.27
N THR B 313 70.45 -29.41 38.37
CA THR B 313 71.42 -28.43 38.82
C THR B 313 71.88 -27.47 37.73
N ARG B 314 71.54 -27.74 36.47
CA ARG B 314 71.91 -26.88 35.36
C ARG B 314 70.67 -26.32 34.70
N VAL B 315 70.72 -25.04 34.32
CA VAL B 315 69.61 -24.39 33.63
C VAL B 315 69.55 -24.94 32.21
N SER B 316 68.39 -25.50 31.85
CA SER B 316 68.22 -26.06 30.52
C SER B 316 68.11 -24.97 29.47
N PHE B 317 67.09 -24.12 29.60
CA PHE B 317 66.83 -23.07 28.63
C PHE B 317 66.26 -21.86 29.34
N VAL B 318 66.49 -20.68 28.75
CA VAL B 318 65.99 -19.41 29.28
C VAL B 318 65.02 -18.84 28.25
N ARG B 319 63.86 -18.39 28.73
CA ARG B 319 62.77 -17.96 27.86
C ARG B 319 62.67 -16.44 27.84
N HIS B 320 62.51 -15.88 26.65
CA HIS B 320 62.22 -14.46 26.47
C HIS B 320 61.04 -14.33 25.50
N HIS B 321 60.53 -13.11 25.37
CA HIS B 321 59.43 -12.81 24.47
C HIS B 321 59.94 -11.96 23.31
N ALA B 322 59.26 -12.05 22.17
CA ALA B 322 59.72 -11.36 20.98
C ALA B 322 58.53 -11.07 20.08
N PHE B 323 58.75 -10.21 19.08
CA PHE B 323 57.73 -9.89 18.10
C PHE B 323 58.39 -9.48 16.79
N SER B 324 57.61 -9.50 15.72
CA SER B 324 58.10 -9.14 14.39
C SER B 324 57.36 -7.95 13.83
N PRO B 325 57.97 -6.77 13.78
CA PRO B 325 57.31 -5.62 13.15
C PRO B 325 57.32 -5.73 11.64
N ARG B 326 56.35 -5.07 11.01
CA ARG B 326 56.27 -5.08 9.55
C ARG B 326 55.99 -3.74 8.92
N PHE B 327 55.55 -2.72 9.67
CA PHE B 327 55.45 -1.33 9.24
C PHE B 327 54.51 -1.16 8.03
N GLU B 328 53.23 -1.44 8.27
CA GLU B 328 52.19 -1.19 7.29
C GLU B 328 51.50 0.13 7.63
N LEU B 329 51.58 1.08 6.73
CA LEU B 329 50.79 2.30 6.87
C LEU B 329 49.31 1.98 6.64
N MET B 330 48.45 2.74 7.32
CA MET B 330 47.01 2.52 7.25
C MET B 330 46.36 3.82 6.80
N ALA B 331 46.28 4.01 5.48
CA ALA B 331 45.73 5.21 4.83
C ALA B 331 46.43 6.48 5.35
N ASP B 332 47.73 6.56 5.03
CA ASP B 332 48.62 7.65 5.45
C ASP B 332 48.67 7.78 6.97
N GLN B 333 48.74 6.64 7.65
CA GLN B 333 48.88 6.60 9.10
C GLN B 333 49.66 5.35 9.46
N TRP B 334 50.77 5.50 10.16
CA TRP B 334 51.68 4.40 10.44
C TRP B 334 51.37 3.79 11.80
N TYR B 335 51.07 2.50 11.80
CA TYR B 335 50.88 1.71 13.01
C TYR B 335 51.91 0.58 13.04
N LEU B 336 52.16 0.07 14.24
CA LEU B 336 53.10 -1.03 14.43
C LEU B 336 52.33 -2.33 14.63
N ILE B 337 52.65 -3.32 13.81
CA ILE B 337 51.98 -4.61 13.85
C ILE B 337 52.78 -5.54 14.76
N ILE B 338 52.14 -6.05 15.80
CA ILE B 338 52.80 -6.88 16.80
C ILE B 338 52.35 -8.32 16.63
N THR B 339 53.32 -9.21 16.48
CA THR B 339 53.10 -10.65 16.31
C THR B 339 53.90 -11.39 17.38
N PRO B 340 53.28 -11.77 18.49
CA PRO B 340 54.05 -12.34 19.61
C PRO B 340 54.64 -13.70 19.28
N THR B 341 55.81 -13.96 19.88
CA THR B 341 56.49 -15.24 19.74
C THR B 341 57.43 -15.42 20.92
N TYR B 342 57.87 -16.67 21.11
CA TYR B 342 58.78 -17.00 22.18
C TYR B 342 60.22 -16.95 21.70
N TYR B 343 61.15 -17.02 22.64
CA TYR B 343 62.58 -17.07 22.32
C TYR B 343 63.26 -17.93 23.37
N TYR B 344 63.45 -19.21 23.05
CA TYR B 344 64.28 -20.09 23.86
C TYR B 344 65.74 -19.82 23.56
N THR B 345 66.56 -19.77 24.60
CA THR B 345 67.98 -19.47 24.40
C THR B 345 68.79 -20.31 25.37
N THR B 346 70.01 -20.68 24.96
CA THR B 346 70.94 -21.39 25.82
C THR B 346 71.30 -20.58 27.05
N ASN B 347 71.94 -19.43 26.84
CA ASN B 347 72.27 -18.51 27.92
C ASN B 347 72.07 -17.05 27.56
N GLY B 348 71.93 -16.71 26.29
CA GLY B 348 71.76 -15.32 25.90
C GLY B 348 72.41 -14.98 24.58
N TYR B 349 73.20 -15.90 24.02
CA TYR B 349 73.96 -15.61 22.82
C TYR B 349 73.89 -16.67 21.73
N ALA B 350 73.43 -17.87 22.03
CA ALA B 350 73.35 -18.94 21.05
C ALA B 350 71.99 -19.61 21.09
N PRO B 351 71.50 -20.09 19.94
CA PRO B 351 70.22 -20.81 19.93
C PRO B 351 70.30 -22.13 20.68
N HIS B 352 69.16 -22.54 21.23
CA HIS B 352 69.09 -23.76 22.02
C HIS B 352 69.18 -24.99 21.13
N GLN B 353 69.59 -26.10 21.73
CA GLN B 353 69.75 -27.35 20.99
C GLN B 353 68.40 -27.93 20.60
N PHE B 354 67.57 -28.25 21.60
CA PHE B 354 66.20 -28.66 21.34
C PHE B 354 65.29 -27.95 22.35
N ALA B 355 64.35 -27.18 21.83
CA ALA B 355 63.28 -26.61 22.65
C ALA B 355 61.95 -26.55 21.91
N ALA B 356 61.88 -27.04 20.67
CA ALA B 356 60.64 -26.98 19.90
C ALA B 356 59.50 -27.81 20.49
N PRO B 357 59.66 -29.11 20.84
CA PRO B 357 58.46 -29.87 21.25
C PRO B 357 57.86 -29.44 22.58
N LEU B 358 58.57 -28.69 23.40
CA LEU B 358 57.96 -28.14 24.61
C LEU B 358 57.17 -26.88 24.33
N LEU B 359 57.58 -26.10 23.32
CA LEU B 359 56.76 -24.97 22.88
C LEU B 359 55.47 -25.47 22.24
N ALA B 360 55.56 -26.54 21.43
CA ALA B 360 54.36 -27.14 20.86
C ALA B 360 53.49 -27.76 21.93
N GLY B 361 54.10 -28.35 22.96
CA GLY B 361 53.31 -28.88 24.07
C GLY B 361 52.63 -27.78 24.87
N LYS B 362 53.30 -26.65 25.04
CA LYS B 362 52.68 -25.50 25.70
C LYS B 362 51.51 -24.97 24.88
N LYS B 363 51.69 -24.88 23.56
CA LYS B 363 50.61 -24.46 22.68
C LYS B 363 49.46 -25.46 22.65
N ARG B 364 49.76 -26.74 22.91
CA ARG B 364 48.73 -27.77 22.89
C ARG B 364 47.76 -27.61 24.05
N LEU B 365 48.26 -27.28 25.23
CA LEU B 365 47.41 -27.02 26.39
C LEU B 365 46.97 -25.57 26.50
N ASP B 366 47.44 -24.72 25.59
CA ASP B 366 47.10 -23.31 25.62
C ASP B 366 45.72 -23.06 25.03
N LYS B 367 45.17 -21.89 25.33
CA LYS B 367 43.98 -21.35 24.70
C LYS B 367 44.37 -20.05 24.01
N SER B 368 43.37 -19.34 23.50
CA SER B 368 43.58 -17.99 23.00
C SER B 368 43.35 -16.93 24.07
N ALA B 369 42.87 -17.32 25.26
CA ALA B 369 42.73 -16.38 26.36
C ALA B 369 44.08 -15.86 26.83
N ALA B 370 45.08 -16.75 26.89
CA ALA B 370 46.41 -16.34 27.29
C ALA B 370 47.09 -15.46 26.26
N LEU B 371 46.68 -15.56 25.01
CA LEU B 371 47.26 -14.74 23.97
C LEU B 371 46.84 -13.29 24.16
N ARG B 372 45.53 -13.07 24.28
CA ARG B 372 45.01 -11.71 24.43
C ARG B 372 45.54 -11.06 25.71
N GLY B 373 45.55 -11.82 26.81
CA GLY B 373 46.13 -11.32 28.04
C GLY B 373 47.62 -11.04 27.89
N GLN B 374 48.32 -11.88 27.12
CA GLN B 374 49.72 -11.63 26.82
C GLN B 374 49.91 -10.33 26.07
N VAL B 375 49.05 -10.05 25.08
CA VAL B 375 49.16 -8.84 24.29
C VAL B 375 48.88 -7.60 25.15
N ILE B 376 47.88 -7.67 26.04
CA ILE B 376 47.56 -6.50 26.84
C ILE B 376 48.63 -6.24 27.91
N MET B 377 49.17 -7.30 28.53
CA MET B 377 50.25 -7.06 29.49
C MET B 377 51.54 -6.66 28.78
N TRP B 378 51.70 -7.07 27.53
CA TRP B 378 52.88 -6.73 26.76
C TRP B 378 52.80 -5.34 26.16
N HIS B 379 51.60 -4.76 26.09
CA HIS B 379 51.48 -3.35 25.74
C HIS B 379 51.44 -2.44 26.96
N ARG B 380 51.07 -2.97 28.13
CA ARG B 380 51.06 -2.15 29.34
C ARG B 380 52.47 -1.67 29.72
N PHE B 381 53.50 -2.43 29.37
CA PHE B 381 54.86 -1.93 29.54
C PHE B 381 55.27 -1.01 28.39
N LEU B 382 54.82 -1.31 27.17
CA LEU B 382 55.27 -0.55 26.00
C LEU B 382 54.77 0.90 25.98
N THR B 383 53.73 1.23 26.75
CA THR B 383 53.31 2.63 26.81
C THR B 383 54.30 3.51 27.57
N GLN B 384 55.19 2.91 28.35
CA GLN B 384 56.26 3.64 29.02
C GLN B 384 57.61 3.11 28.59
N PRO B 397 65.99 9.48 25.99
CA PRO B 397 65.78 10.93 25.94
C PRO B 397 65.17 11.38 24.61
N GLU B 398 65.92 11.18 23.51
CA GLU B 398 65.39 11.52 22.19
C GLU B 398 64.23 10.62 21.81
N ALA B 399 64.30 9.35 22.19
CA ALA B 399 63.21 8.42 21.93
C ALA B 399 62.00 8.78 22.79
N TYR B 400 60.82 8.84 22.15
CA TYR B 400 59.59 9.00 22.92
C TYR B 400 59.32 7.76 23.77
N LEU B 401 59.52 6.56 23.19
CA LEU B 401 59.35 5.27 23.86
C LEU B 401 57.96 5.09 24.45
N MET B 402 56.96 5.71 23.84
CA MET B 402 55.58 5.63 24.29
C MET B 402 54.70 5.23 23.12
N PHE B 403 53.58 4.59 23.45
CA PHE B 403 52.69 4.06 22.42
C PHE B 403 51.25 4.20 22.90
N GLY B 404 50.33 4.17 21.94
CA GLY B 404 48.94 4.41 22.23
C GLY B 404 48.19 3.18 22.74
N GLU B 405 47.01 2.94 22.17
CA GLU B 405 46.15 1.84 22.59
C GLU B 405 45.63 1.11 21.36
N PRO B 406 45.62 -0.23 21.38
CA PRO B 406 45.07 -0.98 20.25
C PRO B 406 43.58 -0.73 20.10
N PRO B 407 43.07 -0.70 18.87
CA PRO B 407 41.65 -0.44 18.67
C PRO B 407 40.78 -1.63 19.06
N SER B 408 39.52 -1.33 19.36
CA SER B 408 38.54 -2.33 19.75
C SER B 408 37.33 -2.26 18.83
N ILE B 409 36.72 -3.42 18.59
CA ILE B 409 35.61 -3.56 17.66
C ILE B 409 34.45 -4.27 18.36
N HIS B 410 33.25 -4.04 17.84
CA HIS B 410 32.01 -4.56 18.40
C HIS B 410 31.50 -5.67 17.49
N LEU B 411 31.31 -6.86 18.05
CA LEU B 411 30.86 -8.02 17.29
C LEU B 411 29.34 -8.07 17.26
N ASP B 412 28.80 -8.45 16.09
CA ASP B 412 27.35 -8.61 15.96
C ASP B 412 26.86 -9.81 16.77
N VAL B 413 27.62 -10.90 16.77
CA VAL B 413 27.22 -12.11 17.47
C VAL B 413 28.22 -12.41 18.59
N ARG B 414 27.79 -13.24 19.52
CA ARG B 414 28.59 -13.64 20.66
C ARG B 414 28.95 -15.12 20.56
N VAL B 415 30.16 -15.46 20.95
CA VAL B 415 30.61 -16.85 20.88
C VAL B 415 29.88 -17.67 21.95
N PRO B 416 29.36 -18.85 21.61
CA PRO B 416 28.55 -19.61 22.58
C PRO B 416 29.35 -20.41 23.60
N GLU B 417 30.61 -20.01 23.85
CA GLU B 417 31.48 -20.68 24.83
C GLU B 417 30.87 -20.72 26.22
N ASP B 418 30.00 -19.76 26.55
CA ASP B 418 29.28 -19.78 27.82
C ASP B 418 28.39 -21.02 27.95
N GLY B 419 27.90 -21.55 26.84
CA GLY B 419 27.14 -22.78 26.82
C GLY B 419 27.94 -24.03 26.58
N TRP B 420 29.26 -23.95 26.57
CA TRP B 420 30.14 -25.07 26.27
C TRP B 420 31.07 -25.35 27.45
N VAL B 421 31.91 -26.38 27.27
CA VAL B 421 32.87 -26.80 28.28
C VAL B 421 34.26 -26.43 27.76
N LYS B 422 35.18 -26.16 28.69
CA LYS B 422 36.52 -25.74 28.33
C LYS B 422 37.32 -26.88 27.70
N GLU B 423 38.22 -26.53 26.79
CA GLU B 423 39.07 -27.49 26.12
C GLU B 423 40.21 -27.91 27.06
N LYS B 424 41.06 -28.81 26.58
CA LYS B 424 42.22 -29.25 27.34
C LYS B 424 43.42 -29.48 26.42
N MET C 1 -0.68 -47.53 -40.64
CA MET C 1 -1.06 -46.13 -40.88
C MET C 1 0.10 -45.22 -40.48
N THR C 2 0.30 -44.15 -41.27
CA THR C 2 1.36 -43.19 -41.03
C THR C 2 0.91 -42.01 -40.17
N PHE C 3 -0.06 -42.23 -39.29
CA PHE C 3 -0.59 -41.19 -38.41
C PHE C 3 -0.22 -41.50 -36.97
N GLU C 4 0.42 -40.54 -36.31
CA GLU C 4 0.86 -40.68 -34.94
C GLU C 4 0.09 -39.68 -34.09
N THR C 5 -0.78 -40.19 -33.22
CA THR C 5 -1.65 -39.38 -32.41
C THR C 5 -1.11 -39.28 -30.99
N ARG C 6 -1.09 -38.06 -30.46
CA ARG C 6 -0.62 -37.80 -29.11
C ARG C 6 -1.73 -37.11 -28.32
N ILE C 7 -1.86 -37.46 -27.05
CA ILE C 7 -2.80 -36.81 -26.15
C ILE C 7 -1.96 -36.22 -25.02
N PHE C 8 -1.62 -34.94 -25.15
CA PHE C 8 -0.89 -34.25 -24.10
C PHE C 8 -1.78 -34.01 -22.89
N ASP C 9 -1.16 -33.98 -21.71
CA ASP C 9 -1.90 -33.72 -20.49
C ASP C 9 -2.14 -32.21 -20.34
N GLU C 10 -2.96 -31.86 -19.36
CA GLU C 10 -3.19 -30.45 -19.07
C GLU C 10 -1.94 -29.84 -18.46
N PRO C 11 -1.42 -28.75 -19.02
CA PRO C 11 -0.19 -28.15 -18.48
C PRO C 11 -0.45 -27.49 -17.13
N GLU C 12 0.60 -27.47 -16.32
CA GLU C 12 0.51 -26.88 -14.99
C GLU C 12 0.84 -25.39 -15.03
N LEU C 13 0.33 -24.67 -14.04
CA LEU C 13 0.58 -23.25 -13.89
C LEU C 13 1.15 -23.01 -12.50
N GLU C 14 2.29 -22.33 -12.43
CA GLU C 14 2.99 -22.12 -11.17
C GLU C 14 2.43 -20.89 -10.47
N PHE C 15 1.79 -21.10 -9.33
CA PHE C 15 1.26 -20.02 -8.51
C PHE C 15 2.33 -19.62 -7.48
N GLY C 16 1.92 -18.82 -6.50
CA GLY C 16 2.85 -18.43 -5.47
C GLY C 16 3.18 -19.55 -4.51
N ASP C 17 4.28 -19.36 -3.79
CA ASP C 17 4.76 -20.27 -2.74
C ASP C 17 5.02 -21.67 -3.27
N HIS C 18 5.53 -21.75 -4.51
CA HIS C 18 5.96 -23.00 -5.16
C HIS C 18 4.84 -24.02 -5.25
N HIS C 19 3.62 -23.56 -5.55
CA HIS C 19 2.47 -24.44 -5.72
C HIS C 19 1.99 -24.36 -7.17
N HIS C 20 1.71 -25.51 -7.76
CA HIS C 20 1.29 -25.59 -9.15
C HIS C 20 0.01 -26.41 -9.29
N HIS C 21 -0.91 -25.91 -10.10
CA HIS C 21 -2.19 -26.56 -10.34
C HIS C 21 -2.65 -26.16 -11.74
N GLN C 22 -3.53 -26.98 -12.32
CA GLN C 22 -3.98 -26.74 -13.69
C GLN C 22 -5.13 -25.77 -13.79
N ASP C 23 -5.79 -25.42 -12.69
CA ASP C 23 -6.93 -24.52 -12.73
C ASP C 23 -6.54 -23.17 -12.14
N PRO C 24 -6.64 -22.08 -12.91
CA PRO C 24 -6.37 -20.76 -12.33
C PRO C 24 -7.30 -20.37 -11.19
N ARG C 25 -8.57 -20.79 -11.24
CA ARG C 25 -9.52 -20.43 -10.17
C ARG C 25 -9.13 -21.08 -8.85
N LEU C 26 -9.09 -22.42 -8.83
CA LEU C 26 -8.73 -23.13 -7.61
C LEU C 26 -7.27 -22.90 -7.24
N GLY C 27 -6.40 -22.70 -8.22
CA GLY C 27 -5.01 -22.41 -7.92
C GLY C 27 -4.83 -21.08 -7.23
N LEU C 28 -5.54 -20.05 -7.69
CA LEU C 28 -5.49 -18.75 -6.99
C LEU C 28 -6.17 -18.85 -5.63
N SER C 29 -7.26 -19.61 -5.53
CA SER C 29 -7.95 -19.77 -4.26
C SER C 29 -7.14 -20.58 -3.25
N GLU C 30 -6.16 -21.36 -3.72
CA GLU C 30 -5.34 -22.17 -2.83
C GLU C 30 -4.07 -21.45 -2.40
N ALA C 31 -3.29 -20.95 -3.36
CA ALA C 31 -1.96 -20.42 -3.06
C ALA C 31 -1.80 -18.93 -3.33
N GLY C 32 -2.75 -18.30 -4.01
CA GLY C 32 -2.67 -16.88 -4.27
C GLY C 32 -1.79 -16.56 -5.46
N PRO C 33 -1.59 -15.27 -5.72
CA PRO C 33 -0.81 -14.86 -6.89
C PRO C 33 0.66 -15.23 -6.76
N LEU C 34 1.32 -15.34 -7.91
CA LEU C 34 2.74 -15.69 -7.93
C LEU C 34 3.59 -14.56 -7.33
N GLN C 35 3.40 -13.34 -7.81
CA GLN C 35 4.11 -12.18 -7.30
C GLN C 35 3.19 -11.47 -6.31
N THR C 36 3.53 -11.56 -5.03
CA THR C 36 2.69 -10.97 -3.99
C THR C 36 2.79 -9.46 -4.02
N PHE C 37 1.75 -8.81 -3.51
CA PHE C 37 1.67 -7.36 -3.44
C PHE C 37 2.07 -6.91 -2.04
N LEU C 38 3.11 -6.09 -1.95
CA LEU C 38 3.58 -5.58 -0.67
C LEU C 38 2.64 -4.46 -0.24
N GLY C 39 1.68 -4.81 0.62
CA GLY C 39 0.66 -3.90 1.07
C GLY C 39 -0.67 -4.62 1.15
N ASP C 40 -1.73 -3.84 1.35
CA ASP C 40 -3.07 -4.41 1.41
C ASP C 40 -4.13 -3.57 0.72
N VAL C 41 -3.77 -2.47 0.08
CA VAL C 41 -4.73 -1.49 -0.42
C VAL C 41 -4.69 -1.44 -1.94
N ILE C 42 -5.84 -1.63 -2.57
CA ILE C 42 -6.04 -1.28 -3.97
C ILE C 42 -7.18 -0.26 -4.01
N LYS C 43 -6.86 0.97 -4.38
CA LYS C 43 -7.84 2.04 -4.41
C LYS C 43 -8.52 2.07 -5.76
N ILE C 44 -9.84 2.21 -5.75
CA ILE C 44 -10.65 2.20 -6.96
C ILE C 44 -11.38 3.54 -7.08
N GLY C 45 -11.36 4.11 -8.27
CA GLY C 45 -12.19 5.27 -8.60
C GLY C 45 -13.24 4.87 -9.62
N VAL C 46 -14.44 5.46 -9.49
CA VAL C 46 -15.56 5.12 -10.34
C VAL C 46 -16.01 6.38 -11.09
N VAL C 47 -16.22 6.24 -12.39
CA VAL C 47 -16.71 7.32 -13.24
C VAL C 47 -18.00 6.86 -13.90
N GLY C 48 -19.04 7.68 -13.80
CA GLY C 48 -20.30 7.37 -14.45
C GLY C 48 -21.38 8.31 -13.96
N ASN C 49 -22.63 7.93 -14.19
CA ASN C 49 -23.71 8.72 -13.62
C ASN C 49 -23.90 8.29 -12.16
N SER C 50 -24.88 8.89 -11.48
CA SER C 50 -25.07 8.63 -10.06
C SER C 50 -25.45 7.17 -9.80
N LYS C 51 -26.45 6.66 -10.54
CA LYS C 51 -26.97 5.32 -10.31
C LYS C 51 -25.93 4.25 -10.59
N THR C 52 -25.08 4.46 -11.61
CA THR C 52 -23.99 3.54 -11.87
C THR C 52 -23.00 3.50 -10.72
N ILE C 53 -22.73 4.64 -10.09
CA ILE C 53 -21.80 4.68 -8.97
C ILE C 53 -22.38 3.97 -7.76
N GLU C 54 -23.67 4.19 -7.45
CA GLU C 54 -24.28 3.50 -6.33
C GLU C 54 -24.36 2.00 -6.56
N ASP C 55 -24.67 1.58 -7.79
CA ASP C 55 -24.71 0.15 -8.08
C ASP C 55 -23.31 -0.46 -8.10
N THR C 56 -22.29 0.32 -8.47
CA THR C 56 -20.91 -0.16 -8.38
C THR C 56 -20.50 -0.39 -6.93
N ARG C 57 -20.83 0.55 -6.05
CA ARG C 57 -20.53 0.38 -4.63
C ARG C 57 -21.29 -0.81 -4.05
N LYS C 58 -22.56 -0.97 -4.44
CA LYS C 58 -23.35 -2.12 -3.99
C LYS C 58 -22.78 -3.42 -4.51
N PHE C 59 -22.29 -3.43 -5.75
CA PHE C 59 -21.69 -4.61 -6.34
C PHE C 59 -20.44 -5.02 -5.59
N ILE C 60 -19.57 -4.04 -5.29
CA ILE C 60 -18.34 -4.34 -4.54
C ILE C 60 -18.67 -4.86 -3.15
N GLU C 61 -19.64 -4.23 -2.48
CA GLU C 61 -20.03 -4.64 -1.13
C GLU C 61 -20.62 -6.04 -1.12
N THR C 62 -21.42 -6.38 -2.14
CA THR C 62 -22.00 -7.72 -2.20
C THR C 62 -20.95 -8.77 -2.51
N VAL C 63 -20.12 -8.54 -3.54
CA VAL C 63 -19.15 -9.56 -3.95
C VAL C 63 -17.97 -9.67 -3.01
N SER C 64 -17.80 -8.74 -2.07
CA SER C 64 -16.76 -8.91 -1.07
C SER C 64 -17.12 -9.90 0.02
N SER C 65 -18.35 -10.42 0.02
CA SER C 65 -18.84 -11.28 1.10
C SER C 65 -19.21 -12.68 0.59
N GLY C 66 -18.48 -13.19 -0.39
CA GLY C 66 -18.71 -14.54 -0.87
C GLY C 66 -19.89 -14.64 -1.84
N VAL C 67 -19.73 -15.47 -2.87
CA VAL C 67 -20.72 -15.63 -3.92
C VAL C 67 -20.95 -17.12 -4.12
N GLU C 68 -22.22 -17.53 -4.13
CA GLU C 68 -22.58 -18.94 -4.27
C GLU C 68 -22.29 -19.44 -5.69
N GLY C 69 -22.17 -20.76 -5.81
CA GLY C 69 -22.01 -21.37 -7.11
C GLY C 69 -23.31 -21.46 -7.88
N LYS C 70 -23.19 -21.79 -9.17
CA LYS C 70 -24.38 -21.89 -10.01
C LYS C 70 -25.23 -23.09 -9.64
N GLY C 71 -24.59 -24.23 -9.42
CA GLY C 71 -25.33 -25.43 -9.05
C GLY C 71 -24.38 -26.57 -8.81
N GLU C 72 -24.96 -27.72 -8.43
CA GLU C 72 -24.18 -28.93 -8.21
C GLU C 72 -23.83 -29.65 -9.50
N LYS C 73 -24.45 -29.28 -10.61
CA LYS C 73 -24.11 -29.87 -11.90
C LYS C 73 -22.79 -29.30 -12.38
N HIS C 74 -21.78 -30.19 -12.53
CA HIS C 74 -20.40 -29.88 -12.91
C HIS C 74 -19.81 -28.82 -11.98
N PRO C 75 -19.47 -29.18 -10.75
CA PRO C 75 -19.02 -28.17 -9.77
C PRO C 75 -17.75 -27.43 -10.16
N ASN C 76 -16.82 -28.08 -10.87
CA ASN C 76 -15.59 -27.41 -11.27
C ASN C 76 -15.83 -26.34 -12.32
N MET C 77 -16.94 -26.43 -13.06
CA MET C 77 -17.28 -25.37 -14.00
C MET C 77 -17.71 -24.10 -13.29
N HIS C 78 -18.33 -24.24 -12.11
CA HIS C 78 -18.85 -23.10 -11.35
C HIS C 78 -18.38 -23.19 -9.90
N PRO C 79 -17.15 -22.78 -9.61
CA PRO C 79 -16.70 -22.73 -8.22
C PRO C 79 -17.14 -21.44 -7.55
N PRO C 80 -17.39 -21.47 -6.23
CA PRO C 80 -17.88 -20.27 -5.57
C PRO C 80 -16.78 -19.27 -5.29
N PHE C 81 -17.10 -18.00 -5.49
CA PHE C 81 -16.15 -16.93 -5.17
C PHE C 81 -16.02 -16.81 -3.65
N PRO C 82 -14.81 -16.69 -3.13
CA PRO C 82 -14.62 -16.68 -1.66
C PRO C 82 -14.60 -15.30 -1.02
N GLY C 83 -14.63 -14.21 -1.78
CA GLY C 83 -14.66 -12.89 -1.21
C GLY C 83 -13.29 -12.41 -0.76
N LEU C 84 -13.23 -11.13 -0.39
CA LEU C 84 -11.97 -10.49 0.01
C LEU C 84 -11.77 -10.52 1.53
N GLY C 85 -11.89 -11.69 2.13
CA GLY C 85 -11.63 -11.84 3.55
C GLY C 85 -10.23 -12.35 3.81
N ASN C 86 -10.12 -13.24 4.78
CA ASN C 86 -8.86 -13.95 4.99
C ASN C 86 -8.69 -15.13 4.06
N GLN C 87 -9.75 -15.53 3.37
CA GLN C 87 -9.71 -16.57 2.34
C GLN C 87 -9.60 -15.98 0.94
N SER C 88 -9.23 -14.71 0.84
CA SER C 88 -9.19 -14.02 -0.45
C SER C 88 -8.10 -14.62 -1.34
N PRO C 89 -8.38 -14.85 -2.62
CA PRO C 89 -7.33 -15.34 -3.51
C PRO C 89 -6.52 -14.21 -4.13
N TYR C 90 -6.23 -13.16 -3.36
CA TYR C 90 -5.35 -12.08 -3.81
C TYR C 90 -4.44 -11.55 -2.72
N ARG C 91 -4.72 -11.84 -1.44
CA ARG C 91 -3.98 -11.34 -0.28
C ARG C 91 -3.95 -9.81 -0.23
N CYS C 92 -5.01 -9.17 -0.70
CA CYS C 92 -5.16 -7.72 -0.64
C CYS C 92 -6.65 -7.40 -0.77
N ARG C 93 -7.02 -6.17 -0.43
CA ARG C 93 -8.40 -5.76 -0.48
C ARG C 93 -8.55 -4.46 -1.28
N PHE C 94 -9.75 -4.29 -1.84
CA PHE C 94 -10.09 -3.17 -2.70
C PHE C 94 -11.00 -2.22 -1.93
N GLU C 95 -10.68 -0.93 -1.96
CA GLU C 95 -11.56 0.07 -1.38
C GLU C 95 -11.75 1.25 -2.33
N ILE C 96 -12.94 1.84 -2.27
CA ILE C 96 -13.34 2.95 -3.12
C ILE C 96 -13.33 4.19 -2.25
N GLU C 97 -12.24 4.96 -2.31
CA GLU C 97 -12.15 6.18 -1.55
C GLU C 97 -13.11 7.24 -2.10
N ASP C 98 -13.60 8.08 -1.21
CA ASP C 98 -14.59 9.10 -1.55
C ASP C 98 -13.97 10.37 -2.08
N GLY C 99 -12.65 10.53 -1.98
CA GLY C 99 -11.99 11.75 -2.43
C GLY C 99 -11.88 11.87 -3.94
N ALA C 100 -12.17 10.79 -4.68
CA ALA C 100 -12.13 10.84 -6.13
C ALA C 100 -13.20 9.90 -6.66
N THR C 101 -14.28 10.46 -7.17
CA THR C 101 -15.38 9.70 -7.75
C THR C 101 -16.15 10.64 -8.66
N ALA C 102 -16.23 10.31 -9.95
CA ALA C 102 -16.77 11.22 -10.94
C ALA C 102 -18.23 10.87 -11.24
N ALA C 103 -19.13 11.78 -10.89
CA ALA C 103 -20.55 11.65 -11.19
C ALA C 103 -20.87 12.51 -12.41
N LEU C 104 -21.55 11.92 -13.39
CA LEU C 104 -21.83 12.57 -14.65
C LEU C 104 -23.22 13.21 -14.62
N THR C 105 -23.28 14.52 -14.88
CA THR C 105 -24.55 15.22 -14.79
C THR C 105 -25.48 14.84 -15.95
N LYS C 106 -26.79 14.95 -15.68
CA LYS C 106 -27.79 14.53 -16.65
C LYS C 106 -27.93 15.51 -17.81
N SER C 107 -27.49 16.76 -17.65
CA SER C 107 -27.53 17.70 -18.76
C SER C 107 -26.55 17.29 -19.86
N LYS C 108 -25.36 16.87 -19.48
CA LYS C 108 -24.38 16.43 -20.48
C LYS C 108 -24.81 15.14 -21.15
N LEU C 109 -25.43 14.22 -20.40
CA LEU C 109 -25.94 13.00 -21.01
C LEU C 109 -27.12 13.29 -21.94
N ASP C 110 -27.95 14.27 -21.58
CA ASP C 110 -29.02 14.71 -22.46
C ASP C 110 -28.48 15.31 -23.75
N LYS C 111 -27.40 16.08 -23.64
CA LYS C 111 -26.77 16.65 -24.83
C LYS C 111 -26.11 15.57 -25.68
N ILE C 112 -25.56 14.53 -25.04
CA ILE C 112 -25.00 13.40 -25.77
C ILE C 112 -26.09 12.67 -26.53
N GLY C 113 -27.24 12.44 -25.89
CA GLY C 113 -28.33 11.75 -26.53
C GLY C 113 -29.13 12.55 -27.53
N LYS C 114 -28.73 13.79 -27.82
CA LYS C 114 -29.44 14.63 -28.77
C LYS C 114 -28.66 14.88 -30.06
N GLU C 115 -27.37 14.60 -30.09
CA GLU C 115 -26.57 14.87 -31.27
C GLU C 115 -26.87 13.83 -32.35
N PRO C 116 -27.19 14.25 -33.58
CA PRO C 116 -27.46 13.28 -34.65
C PRO C 116 -26.19 12.76 -35.31
N ASP C 117 -25.11 13.54 -35.25
CA ASP C 117 -23.86 13.11 -35.84
C ASP C 117 -23.22 12.02 -34.99
N HIS C 118 -22.83 10.92 -35.63
CA HIS C 118 -22.40 9.73 -34.89
C HIS C 118 -20.99 9.87 -34.33
N TYR C 119 -20.09 10.53 -35.06
CA TYR C 119 -18.68 10.48 -34.70
C TYR C 119 -18.36 11.40 -33.53
N ARG C 120 -18.72 12.68 -33.63
CA ARG C 120 -18.32 13.65 -32.63
C ARG C 120 -19.03 13.46 -31.29
N ALA C 121 -20.19 12.79 -31.27
CA ALA C 121 -20.87 12.55 -30.00
C ALA C 121 -20.10 11.54 -29.15
N VAL C 122 -19.71 10.43 -29.75
CA VAL C 122 -18.88 9.46 -29.06
C VAL C 122 -17.52 10.06 -28.71
N GLU C 123 -16.99 10.91 -29.61
CA GLU C 123 -15.72 11.57 -29.34
C GLU C 123 -15.79 12.50 -28.13
N MET C 124 -16.87 13.29 -28.02
CA MET C 124 -16.96 14.22 -26.90
C MET C 124 -17.27 13.50 -25.60
N ALA C 125 -18.02 12.40 -25.65
CA ALA C 125 -18.22 11.60 -24.45
C ALA C 125 -16.90 11.01 -23.96
N VAL C 126 -16.11 10.47 -24.88
CA VAL C 126 -14.81 9.89 -24.54
C VAL C 126 -13.89 10.97 -23.97
N ASP C 127 -13.87 12.14 -24.60
CA ASP C 127 -12.98 13.22 -24.17
C ASP C 127 -13.38 13.77 -22.81
N GLU C 128 -14.67 13.87 -22.53
CA GLU C 128 -15.12 14.35 -21.24
C GLU C 128 -14.68 13.36 -20.17
N ILE C 129 -14.95 12.06 -20.37
CA ILE C 129 -14.48 11.06 -19.41
C ILE C 129 -12.97 11.15 -19.20
N ILE C 130 -12.22 11.35 -20.29
CA ILE C 130 -10.75 11.43 -20.20
C ILE C 130 -10.33 12.67 -19.41
N GLY C 131 -11.03 13.79 -19.59
CA GLY C 131 -10.72 14.98 -18.81
C GLY C 131 -11.01 14.81 -17.33
N GLU C 132 -12.12 14.14 -17.01
CA GLU C 132 -12.41 13.83 -15.60
C GLU C 132 -11.32 12.95 -14.99
N LEU C 133 -10.88 11.93 -15.73
CA LEU C 133 -9.84 11.04 -15.23
C LEU C 133 -8.49 11.75 -15.14
N GLN C 134 -8.21 12.69 -16.04
CA GLN C 134 -6.95 13.42 -15.99
C GLN C 134 -6.90 14.35 -14.79
N ALA C 135 -8.00 15.05 -14.51
CA ALA C 135 -8.05 15.87 -13.31
C ALA C 135 -8.07 15.03 -12.05
N MET C 136 -8.58 13.80 -12.13
CA MET C 136 -8.43 12.83 -11.04
C MET C 136 -6.96 12.52 -10.81
N ASP C 137 -6.20 12.32 -11.89
CA ASP C 137 -4.80 11.92 -11.77
C ASP C 137 -3.90 13.06 -11.28
N ASP C 138 -4.20 14.29 -11.69
CA ASP C 138 -3.31 15.41 -11.37
C ASP C 138 -3.34 15.77 -9.88
N GLY C 139 -4.42 15.45 -9.18
CA GLY C 139 -4.57 15.82 -7.79
C GLY C 139 -3.91 14.83 -6.85
N GLY C 140 -4.24 14.98 -5.57
CA GLY C 140 -3.70 14.12 -4.54
C GLY C 140 -4.63 12.98 -4.18
N SER C 141 -5.57 12.67 -5.07
CA SER C 141 -6.53 11.59 -4.85
C SER C 141 -6.38 10.55 -5.96
N ARG C 142 -5.15 10.18 -6.26
CA ARG C 142 -4.87 9.25 -7.35
C ARG C 142 -5.32 7.84 -6.97
N PRO C 143 -6.15 7.18 -7.78
CA PRO C 143 -6.51 5.80 -7.52
C PRO C 143 -5.55 4.82 -8.19
N ASP C 144 -5.62 3.57 -7.74
CA ASP C 144 -4.81 2.51 -8.34
C ASP C 144 -5.39 2.05 -9.68
N VAL C 145 -6.72 1.99 -9.78
CA VAL C 145 -7.39 1.54 -11.00
C VAL C 145 -8.76 2.19 -11.05
N ALA C 146 -9.18 2.61 -12.24
CA ALA C 146 -10.44 3.29 -12.44
C ALA C 146 -11.47 2.37 -13.07
N ILE C 147 -12.75 2.65 -12.80
CA ILE C 147 -13.86 1.88 -13.34
C ILE C 147 -14.83 2.84 -14.02
N ILE C 148 -15.15 2.56 -15.28
CA ILE C 148 -16.13 3.34 -16.04
C ILE C 148 -17.39 2.49 -16.12
N ALA C 149 -18.39 2.83 -15.32
CA ALA C 149 -19.66 2.11 -15.30
C ALA C 149 -20.68 2.90 -16.10
N LEU C 150 -21.22 2.29 -17.15
CA LEU C 150 -22.03 3.04 -18.09
C LEU C 150 -23.52 2.83 -17.84
N PRO C 151 -24.34 3.89 -18.01
CA PRO C 151 -25.78 3.73 -17.81
C PRO C 151 -26.48 3.20 -19.05
N VAL C 152 -27.81 3.16 -19.02
CA VAL C 152 -28.57 2.64 -20.15
C VAL C 152 -28.74 3.69 -21.23
N LYS C 153 -29.14 4.92 -20.84
CA LYS C 153 -29.45 5.95 -21.82
C LYS C 153 -28.22 6.44 -22.56
N LEU C 154 -27.05 6.35 -21.93
CA LEU C 154 -25.81 6.59 -22.67
C LEU C 154 -25.54 5.46 -23.66
N LEU C 155 -25.93 4.23 -23.31
CA LEU C 155 -25.58 3.07 -24.12
C LEU C 155 -26.36 3.00 -25.42
N GLU C 156 -27.52 3.66 -25.51
CA GLU C 156 -28.23 3.70 -26.80
C GLU C 156 -27.46 4.52 -27.82
N ARG C 157 -26.77 5.56 -27.38
CA ARG C 157 -26.00 6.41 -28.30
C ARG C 157 -24.58 5.89 -28.49
N VAL C 158 -23.97 5.38 -27.42
CA VAL C 158 -22.59 4.91 -27.49
C VAL C 158 -22.50 3.62 -28.29
N TRP C 159 -23.41 2.68 -28.02
CA TRP C 159 -23.38 1.37 -28.66
C TRP C 159 -24.38 1.28 -29.83
N ASN C 160 -25.66 1.48 -29.55
CA ASN C 160 -26.68 1.28 -30.57
C ASN C 160 -26.83 2.49 -31.47
N PRO C 180 -18.93 3.29 -34.51
CA PRO C 180 -17.67 3.66 -33.84
C PRO C 180 -17.53 3.02 -32.47
N ASN C 181 -16.35 2.47 -32.20
CA ASN C 181 -16.10 1.78 -30.93
C ASN C 181 -15.92 2.79 -29.80
N PHE C 182 -16.18 2.33 -28.59
CA PHE C 182 -15.99 3.10 -27.37
C PHE C 182 -14.80 2.64 -26.56
N ARG C 183 -14.60 1.33 -26.44
CA ARG C 183 -13.49 0.78 -25.66
C ARG C 183 -12.15 1.14 -26.28
N GLY C 184 -12.04 1.04 -27.60
CA GLY C 184 -10.79 1.39 -28.26
C GLY C 184 -10.45 2.86 -28.15
N MET C 185 -11.45 3.73 -28.32
CA MET C 185 -11.23 5.16 -28.17
C MET C 185 -10.83 5.52 -26.75
N LEU C 186 -11.51 4.95 -25.76
CA LEU C 186 -11.21 5.27 -24.37
C LEU C 186 -9.84 4.75 -23.95
N LYS C 187 -9.51 3.51 -24.32
CA LYS C 187 -8.20 2.97 -23.95
C LYS C 187 -7.07 3.57 -24.74
N ALA C 188 -7.34 4.14 -25.93
CA ALA C 188 -6.33 4.89 -26.63
C ALA C 188 -6.08 6.24 -25.99
N LYS C 189 -7.16 6.91 -25.56
CA LYS C 189 -7.01 8.24 -24.99
C LYS C 189 -6.63 8.24 -23.52
N ALA C 190 -6.56 7.08 -22.88
CA ALA C 190 -6.18 6.99 -21.47
C ALA C 190 -4.77 6.46 -21.28
N MET C 191 -3.95 6.46 -22.31
CA MET C 191 -2.61 5.89 -22.20
C MET C 191 -1.60 6.86 -21.59
N GLY C 192 -1.97 8.12 -21.38
CA GLY C 192 -1.11 9.06 -20.72
C GLY C 192 -1.24 9.11 -19.22
N LEU C 193 -2.13 8.31 -18.63
CA LEU C 193 -2.36 8.31 -17.20
C LEU C 193 -1.41 7.33 -16.51
N SER C 194 -1.37 7.43 -15.19
CA SER C 194 -0.52 6.56 -14.38
C SER C 194 -1.26 5.35 -13.85
N PHE C 195 -2.51 5.15 -14.24
CA PHE C 195 -3.28 3.99 -13.80
C PHE C 195 -4.09 3.46 -14.97
N PRO C 196 -4.38 2.16 -14.98
CA PRO C 196 -5.28 1.60 -16.01
C PRO C 196 -6.73 1.66 -15.58
N ILE C 197 -7.61 1.52 -16.58
CA ILE C 197 -9.04 1.62 -16.39
C ILE C 197 -9.72 0.34 -16.82
N GLN C 198 -10.97 0.17 -16.39
CA GLN C 198 -11.77 -1.00 -16.70
C GLN C 198 -13.21 -0.57 -16.92
N ILE C 199 -13.82 -1.06 -17.99
CA ILE C 199 -15.17 -0.67 -18.39
C ILE C 199 -16.15 -1.73 -17.93
N VAL C 200 -17.28 -1.30 -17.37
CA VAL C 200 -18.34 -2.19 -16.88
C VAL C 200 -19.67 -1.69 -17.40
N TRP C 201 -20.48 -2.59 -17.97
CA TRP C 201 -21.79 -2.20 -18.48
C TRP C 201 -22.82 -2.15 -17.35
N GLU C 202 -24.01 -1.69 -17.70
CA GLU C 202 -25.08 -1.55 -16.71
C GLU C 202 -25.63 -2.92 -16.30
N ASP C 203 -25.56 -3.91 -17.18
CA ASP C 203 -26.22 -5.19 -16.93
C ASP C 203 -25.50 -6.01 -15.87
N VAL C 204 -24.18 -5.87 -15.76
CA VAL C 204 -23.41 -6.65 -14.79
C VAL C 204 -23.69 -6.18 -13.37
N ILE C 205 -23.70 -4.86 -13.16
CA ILE C 205 -23.81 -4.33 -11.81
C ILE C 205 -25.23 -4.52 -11.27
N ASP C 206 -26.25 -4.29 -12.10
CA ASP C 206 -27.63 -4.42 -11.67
C ASP C 206 -28.29 -5.56 -12.44
N ASP C 207 -28.88 -6.50 -11.71
CA ASP C 207 -29.56 -7.64 -12.31
C ASP C 207 -31.02 -7.34 -12.66
N LYS C 208 -31.50 -6.14 -12.39
CA LYS C 208 -32.89 -5.81 -12.68
C LYS C 208 -33.08 -5.41 -14.14
N VAL C 209 -32.23 -4.51 -14.64
CA VAL C 209 -32.39 -3.97 -15.98
C VAL C 209 -31.43 -4.68 -16.92
N THR C 210 -31.80 -4.71 -18.21
CA THR C 210 -31.03 -5.40 -19.23
C THR C 210 -31.30 -4.71 -20.57
N ILE C 211 -30.27 -4.57 -21.38
CA ILE C 211 -30.35 -3.74 -22.60
C ILE C 211 -30.43 -4.62 -23.85
N PRO C 212 -31.02 -4.10 -24.95
CA PRO C 212 -30.96 -4.80 -26.23
C PRO C 212 -29.73 -4.44 -27.05
N GLN C 213 -29.64 -4.91 -28.29
CA GLN C 213 -28.49 -4.65 -29.16
C GLN C 213 -28.95 -4.05 -30.48
N LYS C 214 -28.03 -4.00 -31.45
CA LYS C 214 -28.17 -3.25 -32.68
C LYS C 214 -29.35 -3.67 -33.56
N VAL C 215 -29.51 -4.99 -33.75
CA VAL C 215 -30.65 -5.46 -34.54
C VAL C 215 -31.92 -5.33 -33.72
N LYS C 216 -33.07 -5.55 -34.37
CA LYS C 216 -34.35 -5.54 -33.68
C LYS C 216 -34.38 -6.60 -32.60
N GLU C 217 -34.82 -6.24 -31.41
CA GLU C 217 -34.75 -7.12 -30.24
C GLU C 217 -36.00 -6.95 -29.40
N SER C 218 -36.93 -7.88 -29.52
CA SER C 218 -38.02 -7.98 -28.55
C SER C 218 -37.48 -8.42 -27.19
N SER C 219 -36.51 -9.32 -27.19
CA SER C 219 -35.91 -9.87 -25.99
C SER C 219 -34.70 -9.01 -25.61
N SER C 220 -33.81 -9.45 -24.74
CA SER C 220 -32.64 -8.68 -24.36
C SER C 220 -31.43 -9.59 -24.36
N ARG C 221 -30.26 -9.01 -24.08
CA ARG C 221 -29.04 -9.81 -23.99
C ARG C 221 -29.04 -10.62 -22.70
N LYS C 222 -28.15 -11.59 -22.62
CA LYS C 222 -28.02 -12.40 -21.42
C LYS C 222 -26.54 -12.67 -21.15
N ILE C 223 -26.17 -12.64 -19.88
CA ILE C 223 -24.80 -12.91 -19.46
C ILE C 223 -24.83 -14.03 -18.42
N GLN C 224 -23.65 -14.60 -18.17
CA GLN C 224 -23.55 -15.71 -17.25
C GLN C 224 -23.73 -15.24 -15.81
N ASP C 225 -23.88 -16.20 -14.91
CA ASP C 225 -24.25 -15.91 -13.53
C ASP C 225 -23.09 -15.23 -12.81
N ILE C 226 -23.42 -14.68 -11.63
CA ILE C 226 -22.53 -13.74 -10.95
C ILE C 226 -21.29 -14.38 -10.37
N ALA C 227 -21.19 -15.72 -10.36
CA ALA C 227 -19.96 -16.36 -9.91
C ALA C 227 -18.81 -16.12 -10.89
N GLY C 228 -19.04 -16.37 -12.18
CA GLY C 228 -18.00 -16.15 -13.17
C GLY C 228 -17.67 -14.69 -13.39
N ARG C 229 -18.69 -13.82 -13.29
CA ARG C 229 -18.49 -12.38 -13.45
C ARG C 229 -17.51 -11.86 -12.41
N THR C 230 -17.69 -12.29 -11.15
CA THR C 230 -16.83 -11.83 -10.07
C THR C 230 -15.39 -12.30 -10.28
N TRP C 231 -15.21 -13.58 -10.66
CA TRP C 231 -13.87 -14.12 -10.86
C TRP C 231 -13.12 -13.38 -11.95
N ASN C 232 -13.73 -13.25 -13.14
CA ASN C 232 -13.06 -12.61 -14.26
C ASN C 232 -12.81 -11.14 -13.99
N LEU C 233 -13.85 -10.41 -13.56
CA LEU C 233 -13.73 -8.97 -13.35
C LEU C 233 -12.72 -8.65 -12.25
N MET C 234 -12.72 -9.40 -11.15
CA MET C 234 -11.84 -9.04 -10.07
C MET C 234 -10.42 -9.54 -10.27
N THR C 235 -10.21 -10.62 -11.04
CA THR C 235 -8.83 -10.96 -11.41
C THR C 235 -8.24 -9.89 -12.32
N SER C 236 -9.03 -9.38 -13.27
CA SER C 236 -8.57 -8.26 -14.09
C SER C 236 -8.30 -7.03 -13.24
N LEU C 237 -9.17 -6.76 -12.26
CA LEU C 237 -8.99 -5.60 -11.38
C LEU C 237 -7.73 -5.73 -10.54
N TYR C 238 -7.44 -6.92 -10.00
CA TYR C 238 -6.25 -7.10 -9.19
C TYR C 238 -4.98 -6.94 -10.01
N TYR C 239 -4.94 -7.54 -11.21
CA TYR C 239 -3.75 -7.39 -12.05
C TYR C 239 -3.57 -5.95 -12.50
N LYS C 240 -4.67 -5.24 -12.76
CA LYS C 240 -4.56 -3.84 -13.17
C LYS C 240 -4.12 -2.95 -12.02
N GLY C 241 -4.59 -3.23 -10.82
CA GLY C 241 -4.28 -2.39 -9.67
C GLY C 241 -2.90 -2.61 -9.09
N SER C 242 -2.56 -3.87 -8.80
CA SER C 242 -1.29 -4.14 -8.14
C SER C 242 -0.11 -4.00 -9.10
N GLY C 243 -0.26 -4.47 -10.33
CA GLY C 243 0.84 -4.50 -11.27
C GLY C 243 1.71 -5.73 -11.20
N ARG C 244 1.34 -6.71 -10.37
CA ARG C 244 2.07 -7.95 -10.23
C ARG C 244 1.24 -9.10 -10.80
N ILE C 245 1.89 -9.98 -11.53
CA ILE C 245 1.22 -11.00 -12.32
C ILE C 245 0.63 -12.08 -11.42
N PRO C 246 -0.57 -12.59 -11.71
CA PRO C 246 -1.17 -13.65 -10.88
C PRO C 246 -0.48 -14.99 -11.00
N TRP C 247 -0.33 -15.51 -12.22
CA TRP C 247 0.26 -16.83 -12.42
C TRP C 247 1.12 -16.79 -13.68
N ARG C 248 1.78 -17.92 -13.94
CA ARG C 248 2.70 -18.02 -15.07
C ARG C 248 2.83 -19.49 -15.46
N ARG C 249 3.40 -19.72 -16.63
CA ARG C 249 3.68 -21.07 -17.07
C ARG C 249 4.81 -21.67 -16.24
N MET C 250 4.61 -22.87 -15.74
CA MET C 250 5.63 -23.53 -14.92
C MET C 250 6.79 -23.97 -15.80
N PRO C 251 8.02 -23.56 -15.51
CA PRO C 251 9.14 -23.98 -16.35
C PRO C 251 9.66 -25.35 -15.95
N LEU C 252 9.98 -26.16 -16.96
CA LEU C 252 10.57 -27.46 -16.71
C LEU C 252 12.04 -27.29 -16.37
N GLU C 253 12.68 -28.40 -15.98
CA GLU C 253 14.08 -28.39 -15.60
C GLU C 253 14.91 -28.98 -16.75
N GLY C 254 15.88 -28.22 -17.24
CA GLY C 254 16.79 -28.73 -18.24
C GLY C 254 16.88 -27.93 -19.51
N GLU C 255 15.80 -27.24 -19.88
CA GLU C 255 15.79 -26.53 -21.15
C GLU C 255 16.61 -25.26 -21.08
N PHE C 256 17.00 -24.78 -22.26
CA PHE C 256 17.78 -23.57 -22.40
C PHE C 256 16.91 -22.34 -22.16
N SER C 257 17.56 -21.20 -22.03
CA SER C 257 16.85 -19.93 -21.91
C SER C 257 16.14 -19.60 -23.21
N ALA C 258 14.93 -19.07 -23.10
CA ALA C 258 14.09 -18.84 -24.27
C ALA C 258 13.40 -17.49 -24.16
N CYS C 259 12.98 -16.97 -25.32
CA CYS C 259 12.27 -15.69 -25.42
C CYS C 259 11.19 -15.81 -26.47
N TYR C 260 9.95 -15.54 -26.08
CA TYR C 260 8.79 -15.78 -26.92
C TYR C 260 8.29 -14.49 -27.55
N VAL C 261 8.01 -14.54 -28.85
CA VAL C 261 7.47 -13.41 -29.61
C VAL C 261 6.21 -13.88 -30.34
N GLY C 262 5.19 -13.03 -30.37
CA GLY C 262 3.99 -13.30 -31.13
C GLY C 262 3.66 -12.14 -32.04
N ILE C 263 3.03 -12.46 -33.18
CA ILE C 263 2.76 -11.48 -34.23
C ILE C 263 1.34 -11.69 -34.74
N SER C 264 0.56 -10.60 -34.80
CA SER C 264 -0.79 -10.62 -35.36
C SER C 264 -0.96 -9.37 -36.24
N PHE C 265 -2.19 -9.14 -36.70
CA PHE C 265 -2.49 -8.04 -37.61
C PHE C 265 -3.82 -7.41 -37.21
N TYR C 266 -4.08 -6.21 -37.75
CA TYR C 266 -5.34 -5.50 -37.52
C TYR C 266 -5.58 -4.52 -38.66
N ARG C 267 -6.55 -3.62 -38.48
CA ARG C 267 -6.98 -2.68 -39.51
C ARG C 267 -7.01 -1.27 -38.94
N GLU C 268 -7.29 -0.28 -39.80
CA GLU C 268 -7.26 1.13 -39.44
C GLU C 268 -8.62 1.71 -39.06
N ALA C 269 -9.71 0.95 -39.24
CA ALA C 269 -11.11 1.28 -38.97
C ALA C 269 -11.67 2.34 -39.91
N ASP C 270 -10.87 2.91 -40.79
CA ASP C 270 -11.34 3.79 -41.87
C ASP C 270 -10.91 3.31 -43.24
N GLY C 271 -9.66 2.87 -43.37
CA GLY C 271 -9.18 2.28 -44.60
C GLY C 271 -9.12 0.77 -44.52
N GLN C 272 -8.53 0.17 -45.55
CA GLN C 272 -8.37 -1.28 -45.63
C GLN C 272 -6.94 -1.72 -45.36
N GLN C 273 -6.09 -0.80 -44.89
CA GLN C 273 -4.68 -1.10 -44.72
C GLN C 273 -4.44 -1.89 -43.44
N LEU C 274 -3.53 -2.86 -43.51
CA LEU C 274 -3.24 -3.75 -42.40
C LEU C 274 -1.93 -3.37 -41.74
N PHE C 275 -1.88 -3.51 -40.42
CA PHE C 275 -0.69 -3.28 -39.61
C PHE C 275 -0.24 -4.59 -38.98
N THR C 276 0.93 -4.56 -38.32
CA THR C 276 1.45 -5.71 -37.60
C THR C 276 1.70 -5.35 -36.15
N SER C 277 1.32 -6.25 -35.25
CA SER C 277 1.50 -6.07 -33.81
C SER C 277 2.52 -7.08 -33.29
N ALA C 278 2.90 -6.91 -32.02
CA ALA C 278 3.95 -7.74 -31.43
C ALA C 278 3.81 -7.77 -29.92
N ALA C 279 4.46 -8.77 -29.32
CA ALA C 279 4.53 -8.90 -27.86
C ALA C 279 5.74 -9.76 -27.53
N GLN C 280 6.40 -9.42 -26.42
CA GLN C 280 7.62 -10.10 -25.99
C GLN C 280 7.41 -10.77 -24.65
N MET C 281 7.94 -11.99 -24.51
CA MET C 281 7.94 -12.68 -23.23
C MET C 281 9.29 -13.33 -22.98
N PHE C 282 9.73 -13.28 -21.74
CA PHE C 282 10.88 -14.06 -21.29
C PHE C 282 10.75 -14.28 -19.78
N ASP C 283 11.37 -15.35 -19.31
CA ASP C 283 11.35 -15.63 -17.88
C ASP C 283 12.24 -14.63 -17.14
N GLU C 284 11.74 -14.18 -16.00
CA GLU C 284 12.51 -13.25 -15.17
C GLU C 284 13.61 -14.00 -14.43
N ARG C 285 14.66 -13.26 -14.07
CA ARG C 285 15.76 -13.81 -13.27
C ARG C 285 15.27 -13.94 -11.84
N GLY C 286 14.57 -15.04 -11.59
CA GLY C 286 13.89 -15.24 -10.33
C GLY C 286 12.52 -15.86 -10.55
N ARG C 287 11.52 -15.40 -9.81
CA ARG C 287 10.16 -15.89 -9.95
C ARG C 287 9.30 -14.75 -10.49
N GLY C 288 9.23 -14.65 -11.80
CA GLY C 288 8.44 -13.61 -12.44
C GLY C 288 8.31 -13.86 -13.92
N PHE C 289 7.50 -13.03 -14.56
CA PHE C 289 7.24 -13.10 -15.98
C PHE C 289 7.20 -11.69 -16.55
N VAL C 290 7.44 -11.57 -17.85
CA VAL C 290 7.43 -10.29 -18.54
C VAL C 290 6.50 -10.39 -19.74
N LEU C 291 5.54 -9.47 -19.82
CA LEU C 291 4.60 -9.34 -20.93
C LEU C 291 4.61 -7.92 -21.48
N LYS C 292 5.80 -7.41 -21.75
CA LYS C 292 5.94 -6.07 -22.30
C LYS C 292 5.35 -5.99 -23.70
N GLY C 293 4.95 -4.78 -24.08
CA GLY C 293 4.65 -4.43 -25.44
C GLY C 293 5.83 -3.75 -26.10
N ARG C 294 5.55 -2.95 -27.12
CA ARG C 294 6.64 -2.32 -27.84
C ARG C 294 6.26 -0.89 -28.11
N ARG C 295 7.06 0.04 -27.60
CA ARG C 295 6.73 1.46 -27.74
C ARG C 295 6.95 1.97 -29.16
N ALA C 296 6.49 1.20 -30.14
CA ALA C 296 6.63 1.63 -31.53
C ALA C 296 5.37 1.27 -32.31
N ARG C 297 4.97 2.15 -33.22
CA ARG C 297 3.76 1.91 -34.00
C ARG C 297 4.09 1.43 -35.40
N THR C 298 4.57 0.20 -35.52
CA THR C 298 4.83 -0.37 -36.84
C THR C 298 3.78 0.15 -37.80
N GLU C 299 4.21 0.64 -38.96
CA GLU C 299 3.27 1.20 -39.93
C GLU C 299 2.74 0.14 -40.89
N SER C 300 2.18 0.58 -42.01
CA SER C 300 1.64 -0.35 -42.99
C SER C 300 2.40 -0.28 -44.30
N ARG C 301 2.43 -1.37 -45.04
CA ARG C 301 3.08 -1.39 -46.34
C ARG C 301 2.14 -1.96 -47.37
N GLY C 302 0.85 -1.72 -47.20
CA GLY C 302 -0.14 -2.29 -48.11
C GLY C 302 -1.08 -3.19 -47.33
N ARG C 303 -2.25 -3.46 -47.91
CA ARG C 303 -3.23 -4.28 -47.21
C ARG C 303 -2.90 -5.75 -47.30
N HIS C 304 -1.76 -6.14 -46.73
CA HIS C 304 -1.33 -7.54 -46.81
C HIS C 304 -1.04 -8.10 -45.43
N PRO C 305 -1.40 -9.36 -45.21
CA PRO C 305 -1.17 -10.00 -43.91
C PRO C 305 0.25 -10.50 -43.82
N TYR C 306 1.19 -9.75 -44.39
CA TYR C 306 2.60 -10.14 -44.31
C TYR C 306 3.46 -8.91 -44.14
N MET C 307 4.47 -8.99 -43.28
CA MET C 307 5.30 -7.83 -43.00
C MET C 307 6.58 -7.87 -43.83
N ALA C 308 7.42 -6.87 -43.64
CA ALA C 308 8.69 -6.74 -44.35
C ALA C 308 9.78 -7.48 -43.58
N ARG C 309 11.03 -7.27 -43.95
CA ARG C 309 12.15 -7.94 -43.31
C ARG C 309 12.94 -7.05 -42.35
N GLU C 310 12.96 -5.74 -42.60
CA GLU C 310 13.72 -4.84 -41.74
C GLU C 310 13.03 -4.63 -40.40
N ASP C 311 11.69 -4.56 -40.40
CA ASP C 311 10.97 -4.39 -39.15
C ASP C 311 11.05 -5.64 -38.28
N ALA C 312 11.10 -6.81 -38.91
CA ALA C 312 11.35 -8.05 -38.15
C ALA C 312 12.72 -8.03 -37.51
N LYS C 313 13.72 -7.52 -38.24
CA LYS C 313 15.06 -7.38 -37.69
C LYS C 313 15.08 -6.43 -36.51
N LYS C 314 14.37 -5.30 -36.60
CA LYS C 314 14.31 -4.36 -35.49
C LYS C 314 13.57 -4.96 -34.29
N ILE C 315 12.54 -5.77 -34.56
CA ILE C 315 11.82 -6.46 -33.50
C ILE C 315 12.76 -7.41 -32.76
N ILE C 316 13.56 -8.17 -33.50
CA ILE C 316 14.47 -9.13 -32.88
C ILE C 316 15.58 -8.41 -32.09
N GLU C 317 16.09 -7.28 -32.62
CA GLU C 317 17.09 -6.52 -31.88
C GLU C 317 16.52 -5.91 -30.61
N ASP C 318 15.28 -5.42 -30.64
CA ASP C 318 14.66 -4.90 -29.43
C ASP C 318 14.45 -6.00 -28.39
N VAL C 319 14.04 -7.18 -28.85
CA VAL C 319 13.84 -8.32 -27.96
C VAL C 319 15.15 -8.73 -27.30
N LEU C 320 16.22 -8.82 -28.10
CA LEU C 320 17.52 -9.20 -27.57
C LEU C 320 18.11 -8.14 -26.65
N ALA C 321 17.87 -6.87 -26.95
CA ALA C 321 18.34 -5.79 -26.08
C ALA C 321 17.63 -5.84 -24.73
N ALA C 322 16.32 -6.09 -24.73
CA ALA C 322 15.58 -6.21 -23.47
C ALA C 322 16.07 -7.41 -22.66
N TYR C 323 16.30 -8.54 -23.33
CA TYR C 323 16.78 -9.72 -22.61
C TYR C 323 18.17 -9.51 -22.04
N LYS C 324 19.08 -8.91 -22.82
CA LYS C 324 20.43 -8.67 -22.32
C LYS C 324 20.47 -7.55 -21.28
N LEU C 325 19.47 -6.68 -21.26
CA LEU C 325 19.39 -5.69 -20.19
C LEU C 325 18.92 -6.33 -18.89
N HIS C 326 17.94 -7.24 -18.97
CA HIS C 326 17.46 -7.83 -17.72
C HIS C 326 18.40 -8.90 -17.18
N HIS C 327 18.98 -9.73 -18.04
CA HIS C 327 19.72 -10.92 -17.61
C HIS C 327 21.23 -10.76 -17.70
N LYS C 328 21.73 -9.66 -18.24
CA LYS C 328 23.15 -9.38 -18.48
C LYS C 328 23.82 -10.43 -19.38
N THR C 329 23.04 -11.14 -20.19
CA THR C 329 23.55 -12.11 -21.14
C THR C 329 22.51 -12.34 -22.22
N LEU C 330 22.97 -12.90 -23.34
CA LEU C 330 22.08 -13.23 -24.44
C LEU C 330 21.26 -14.47 -24.09
N PRO C 331 20.13 -14.69 -24.77
CA PRO C 331 19.41 -15.94 -24.59
C PRO C 331 20.00 -17.04 -25.47
N ALA C 332 19.38 -18.21 -25.44
CA ALA C 332 19.78 -19.33 -26.27
C ALA C 332 18.74 -19.75 -27.28
N ARG C 333 17.46 -19.51 -27.01
CA ARG C 333 16.37 -19.94 -27.89
C ARG C 333 15.41 -18.78 -28.12
N VAL C 334 14.84 -18.75 -29.32
CA VAL C 334 13.87 -17.73 -29.71
C VAL C 334 12.68 -18.42 -30.36
N PHE C 335 11.49 -18.19 -29.82
CA PHE C 335 10.24 -18.72 -30.39
C PHE C 335 9.44 -17.55 -30.95
N ILE C 336 9.03 -17.68 -32.21
CA ILE C 336 8.20 -16.68 -32.88
C ILE C 336 6.93 -17.35 -33.38
N LEU C 337 5.79 -16.84 -32.93
CA LEU C 337 4.48 -17.34 -33.31
C LEU C 337 3.78 -16.32 -34.21
N LYS C 338 3.19 -16.80 -35.30
CA LYS C 338 2.58 -15.89 -36.26
C LYS C 338 1.26 -16.46 -36.77
N THR C 339 0.30 -15.55 -37.00
CA THR C 339 -0.97 -15.90 -37.59
C THR C 339 -0.85 -16.12 -39.10
N SER C 340 0.11 -15.47 -39.75
CA SER C 340 0.33 -15.63 -41.18
C SER C 340 1.48 -16.59 -41.44
N ARG C 341 1.49 -17.16 -42.63
CA ARG C 341 2.53 -18.10 -43.03
C ARG C 341 3.86 -17.37 -43.18
N PHE C 342 4.92 -17.99 -42.66
CA PHE C 342 6.26 -17.42 -42.78
C PHE C 342 6.71 -17.41 -44.23
N LYS C 343 7.52 -16.41 -44.57
CA LYS C 343 8.06 -16.23 -45.91
C LYS C 343 9.58 -16.18 -45.85
N ASP C 344 10.20 -16.05 -47.02
CA ASP C 344 11.66 -16.04 -47.11
C ASP C 344 12.24 -14.75 -46.54
N GLU C 345 11.58 -13.63 -46.76
CA GLU C 345 12.13 -12.34 -46.35
C GLU C 345 12.15 -12.20 -44.84
N GLU C 346 11.04 -12.55 -44.17
CA GLU C 346 10.96 -12.45 -42.72
C GLU C 346 11.93 -13.43 -42.05
N ALA C 347 12.03 -14.65 -42.59
CA ALA C 347 12.96 -15.64 -42.04
C ALA C 347 14.40 -15.18 -42.23
N ASP C 348 14.72 -14.58 -43.38
CA ASP C 348 16.06 -14.08 -43.63
C ASP C 348 16.40 -12.96 -42.66
N GLY C 349 15.46 -12.04 -42.43
CA GLY C 349 15.71 -10.96 -41.49
C GLY C 349 15.91 -11.44 -40.06
N ILE C 350 15.05 -12.36 -39.61
CA ILE C 350 15.17 -12.90 -38.25
C ILE C 350 16.47 -13.68 -38.09
N ILE C 351 16.82 -14.50 -39.08
CA ILE C 351 18.04 -15.29 -39.02
C ILE C 351 19.28 -14.40 -39.03
N ALA C 352 19.25 -13.34 -39.85
CA ALA C 352 20.37 -12.41 -39.90
C ALA C 352 20.55 -11.68 -38.57
N ALA C 353 19.45 -11.26 -37.95
CA ALA C 353 19.54 -10.63 -36.64
C ALA C 353 20.07 -11.59 -35.58
N LEU C 354 19.63 -12.86 -35.62
CA LEU C 354 20.05 -13.82 -34.61
C LEU C 354 21.52 -14.20 -34.76
N ASP C 355 21.99 -14.44 -35.98
CA ASP C 355 23.40 -14.77 -36.12
C ASP C 355 24.30 -13.54 -36.00
N GLU C 356 23.75 -12.33 -36.17
CA GLU C 356 24.47 -11.15 -35.74
C GLU C 356 24.64 -11.14 -34.22
N ALA C 357 23.58 -11.50 -33.49
CA ALA C 357 23.70 -11.60 -32.04
C ALA C 357 24.46 -12.86 -31.63
N GLY C 358 24.17 -13.99 -32.27
CA GLY C 358 24.83 -15.23 -31.95
C GLY C 358 24.05 -16.20 -31.09
N THR C 359 22.79 -16.44 -31.44
CA THR C 359 21.97 -17.45 -30.81
C THR C 359 21.79 -18.63 -31.77
N GLU C 360 21.77 -19.84 -31.21
CA GLU C 360 21.88 -21.05 -32.01
C GLU C 360 20.59 -21.85 -32.12
N LEU C 361 19.57 -21.55 -31.33
CA LEU C 361 18.32 -22.32 -31.36
C LEU C 361 17.19 -21.41 -31.82
N ARG C 362 16.48 -21.84 -32.87
CA ARG C 362 15.42 -21.05 -33.48
C ARG C 362 14.19 -21.91 -33.68
N ASP C 363 13.01 -21.27 -33.61
CA ASP C 363 11.74 -21.96 -33.82
C ASP C 363 10.74 -20.98 -34.39
N LEU C 364 10.27 -21.23 -35.60
CA LEU C 364 9.33 -20.36 -36.32
C LEU C 364 8.10 -21.17 -36.68
N VAL C 365 6.93 -20.76 -36.20
CA VAL C 365 5.71 -21.54 -36.33
C VAL C 365 4.58 -20.62 -36.82
N TRP C 366 3.88 -21.04 -37.87
CA TRP C 366 2.66 -20.39 -38.31
C TRP C 366 1.46 -21.13 -37.73
N VAL C 367 0.49 -20.38 -37.21
CA VAL C 367 -0.76 -20.91 -36.70
C VAL C 367 -1.87 -20.60 -37.70
N GLN C 368 -2.53 -21.64 -38.19
CA GLN C 368 -3.68 -21.50 -39.09
C GLN C 368 -4.95 -21.95 -38.36
N GLU C 369 -5.99 -21.14 -38.46
CA GLU C 369 -7.25 -21.43 -37.78
C GLU C 369 -8.36 -21.84 -38.73
N SER C 370 -8.05 -22.12 -40.00
CA SER C 370 -9.04 -22.53 -40.98
C SER C 370 -8.55 -23.80 -41.65
N TYR C 371 -8.84 -24.94 -41.04
CA TYR C 371 -8.54 -26.25 -41.62
C TYR C 371 -9.76 -27.13 -41.42
N THR C 372 -10.30 -27.65 -42.52
CA THR C 372 -11.55 -28.41 -42.48
C THR C 372 -11.29 -29.91 -42.34
N ALA C 373 -10.48 -30.28 -41.35
CA ALA C 373 -10.24 -31.67 -40.99
C ALA C 373 -10.44 -31.82 -39.49
N ARG C 374 -11.07 -32.92 -39.09
CA ARG C 374 -11.39 -33.16 -37.70
C ARG C 374 -11.26 -34.65 -37.39
N ILE C 375 -11.12 -34.94 -36.10
CA ILE C 375 -11.11 -36.31 -35.59
C ILE C 375 -12.52 -36.64 -35.13
N LEU C 376 -13.10 -37.69 -35.69
CA LEU C 376 -14.49 -38.04 -35.43
C LEU C 376 -14.58 -39.36 -34.69
N ARG C 377 -15.56 -39.44 -33.79
CA ARG C 377 -15.84 -40.66 -33.06
C ARG C 377 -17.30 -40.65 -32.64
N ASP C 378 -17.84 -41.83 -32.35
CA ASP C 378 -19.23 -41.95 -31.94
C ASP C 378 -19.35 -41.83 -30.43
N GLY C 379 -20.51 -41.35 -29.98
CA GLY C 379 -20.76 -41.18 -28.56
C GLY C 379 -21.23 -39.79 -28.20
N ASN C 380 -21.70 -39.04 -29.19
CA ASN C 380 -22.32 -37.71 -29.05
C ASN C 380 -21.37 -36.67 -28.49
N TYR C 381 -20.07 -36.93 -28.42
CA TYR C 381 -19.12 -36.03 -27.81
C TYR C 381 -17.83 -36.05 -28.61
N PRO C 382 -17.11 -34.92 -28.69
CA PRO C 382 -15.87 -34.90 -29.47
C PRO C 382 -14.68 -35.41 -28.68
N VAL C 383 -13.48 -35.34 -29.28
CA VAL C 383 -12.27 -35.85 -28.65
C VAL C 383 -11.82 -34.91 -27.54
N LEU C 384 -10.84 -35.35 -26.75
CA LEU C 384 -10.35 -34.54 -25.65
C LEU C 384 -9.55 -33.34 -26.15
N ARG C 385 -9.49 -32.31 -25.31
CA ARG C 385 -8.66 -31.15 -25.59
C ARG C 385 -7.19 -31.53 -25.45
N GLY C 386 -6.40 -31.21 -26.48
CA GLY C 386 -5.00 -31.58 -26.48
C GLY C 386 -4.76 -32.83 -27.30
N THR C 387 -5.35 -32.89 -28.48
CA THR C 387 -5.18 -34.00 -29.41
C THR C 387 -4.30 -33.52 -30.54
N PHE C 388 -3.17 -34.19 -30.75
CA PHE C 388 -2.18 -33.80 -31.74
C PHE C 388 -2.05 -34.90 -32.78
N VAL C 389 -2.26 -34.54 -34.05
CA VAL C 389 -2.11 -35.46 -35.17
C VAL C 389 -1.06 -34.88 -36.11
N ASP C 390 -0.09 -35.70 -36.49
CA ASP C 390 0.96 -35.28 -37.41
C ASP C 390 0.49 -35.54 -38.83
N LEU C 391 0.20 -34.48 -39.57
CA LEU C 391 -0.25 -34.57 -40.95
C LEU C 391 0.92 -34.40 -41.92
N HIS C 392 1.89 -35.31 -41.80
CA HIS C 392 3.11 -35.35 -42.62
C HIS C 392 3.89 -34.04 -42.55
N GLY C 393 4.40 -33.76 -41.34
CA GLY C 393 5.18 -32.57 -41.11
C GLY C 393 4.40 -31.36 -40.62
N LYS C 394 3.08 -31.46 -40.55
CA LYS C 394 2.23 -30.41 -39.99
C LYS C 394 1.67 -30.90 -38.66
N GLY C 395 0.94 -30.02 -37.98
CA GLY C 395 0.33 -30.45 -36.74
C GLY C 395 -1.10 -30.01 -36.52
N LEU C 396 -2.02 -30.96 -36.37
CA LEU C 396 -3.39 -30.63 -36.02
C LEU C 396 -3.53 -30.71 -34.50
N LEU C 397 -3.91 -29.61 -33.87
CA LEU C 397 -4.03 -29.53 -32.42
C LEU C 397 -5.46 -29.21 -32.03
N TYR C 398 -5.98 -29.96 -31.06
CA TYR C 398 -7.31 -29.74 -30.51
C TYR C 398 -7.14 -28.96 -29.20
N THR C 399 -6.97 -27.64 -29.32
CA THR C 399 -6.88 -26.83 -28.10
C THR C 399 -8.25 -26.62 -27.47
N SER C 400 -9.32 -26.80 -28.23
CA SER C 400 -10.68 -26.87 -27.68
C SER C 400 -11.22 -28.28 -27.87
N GLY C 401 -11.87 -28.80 -26.84
CA GLY C 401 -12.38 -30.16 -26.89
C GLY C 401 -12.93 -30.59 -25.55
N SER C 402 -13.09 -31.90 -25.38
CA SER C 402 -13.60 -32.43 -24.13
C SER C 402 -12.57 -32.26 -23.01
N MET C 403 -13.07 -32.10 -21.78
CA MET C 403 -12.23 -31.84 -20.64
C MET C 403 -12.59 -32.78 -19.50
N PRO C 404 -11.69 -33.66 -19.06
CA PRO C 404 -11.99 -34.49 -17.89
C PRO C 404 -11.65 -33.82 -16.57
N TYR C 405 -11.95 -32.53 -16.46
CA TYR C 405 -11.92 -31.78 -15.21
C TYR C 405 -13.19 -30.97 -15.00
N TYR C 406 -13.75 -30.43 -16.08
CA TYR C 406 -14.99 -29.67 -16.06
C TYR C 406 -16.22 -30.57 -16.07
N GLY C 407 -16.03 -31.89 -16.10
CA GLY C 407 -17.12 -32.81 -16.30
C GLY C 407 -17.35 -33.11 -17.77
N THR C 408 -17.94 -32.18 -18.50
CA THR C 408 -18.26 -32.40 -19.91
C THR C 408 -17.51 -31.42 -20.80
N TYR C 409 -17.87 -31.43 -22.08
CA TYR C 409 -17.37 -30.44 -23.03
C TYR C 409 -18.38 -29.29 -23.10
N PRO C 410 -18.01 -28.09 -22.67
CA PRO C 410 -18.97 -26.97 -22.70
C PRO C 410 -19.15 -26.43 -24.11
N GLY C 411 -20.30 -26.72 -24.70
CA GLY C 411 -20.61 -26.21 -26.02
C GLY C 411 -21.27 -27.20 -26.96
N LYS C 412 -21.66 -26.73 -28.14
CA LYS C 412 -22.38 -27.53 -29.11
C LYS C 412 -21.55 -27.69 -30.37
N TYR C 413 -22.07 -28.51 -31.29
CA TYR C 413 -21.44 -28.89 -32.57
C TYR C 413 -20.07 -29.50 -32.26
N ASP C 414 -19.03 -29.09 -32.98
CA ASP C 414 -17.70 -29.61 -32.72
C ASP C 414 -16.68 -28.48 -32.53
N PRO C 415 -15.63 -28.73 -31.73
CA PRO C 415 -14.61 -27.68 -31.63
C PRO C 415 -13.60 -27.75 -32.77
N ASN C 416 -13.46 -26.68 -33.52
CA ASN C 416 -12.50 -26.66 -34.63
C ASN C 416 -11.08 -26.74 -34.09
N PRO C 417 -10.20 -27.44 -34.81
CA PRO C 417 -8.81 -27.53 -34.39
C PRO C 417 -7.93 -26.50 -35.11
N LEU C 418 -6.69 -26.33 -34.65
CA LEU C 418 -5.78 -25.38 -35.27
C LEU C 418 -4.57 -26.10 -35.83
N LEU C 419 -3.97 -25.56 -36.88
CA LEU C 419 -2.84 -26.23 -37.50
C LEU C 419 -1.55 -25.45 -37.26
N LEU C 420 -0.54 -26.16 -36.78
CA LEU C 420 0.79 -25.62 -36.53
C LEU C 420 1.72 -26.04 -37.67
N CYS C 421 2.26 -25.06 -38.37
CA CYS C 421 3.14 -25.29 -39.51
C CYS C 421 4.51 -24.69 -39.23
N PRO C 422 5.51 -25.50 -38.88
CA PRO C 422 6.84 -24.95 -38.61
C PRO C 422 7.56 -24.56 -39.88
N HIS C 423 8.45 -23.57 -39.74
CA HIS C 423 9.36 -23.24 -40.82
C HIS C 423 10.43 -24.32 -40.95
N HIS C 424 11.08 -24.36 -42.10
CA HIS C 424 12.11 -25.36 -42.34
C HIS C 424 13.44 -25.02 -41.68
N THR C 425 13.56 -23.84 -41.08
CA THR C 425 14.75 -23.47 -40.33
C THR C 425 14.61 -23.76 -38.84
N SER C 426 13.42 -24.12 -38.37
CA SER C 426 13.22 -24.41 -36.96
C SER C 426 13.90 -25.71 -36.57
N GLU C 427 14.50 -25.73 -35.37
CA GLU C 427 15.28 -26.87 -34.94
C GLU C 427 14.41 -27.97 -34.35
N SER C 428 13.53 -27.62 -33.41
CA SER C 428 12.74 -28.61 -32.71
C SER C 428 11.69 -29.23 -33.63
N THR C 429 11.32 -30.47 -33.30
CA THR C 429 10.36 -31.21 -34.11
C THR C 429 8.94 -30.71 -33.83
N VAL C 430 7.98 -31.25 -34.59
CA VAL C 430 6.62 -30.76 -34.52
C VAL C 430 5.94 -31.17 -33.21
N ALA C 431 6.32 -32.31 -32.63
CA ALA C 431 5.64 -32.78 -31.42
C ALA C 431 6.02 -31.94 -30.21
N GLN C 432 7.31 -31.66 -30.03
CA GLN C 432 7.76 -30.84 -28.91
C GLN C 432 7.24 -29.42 -29.03
N LEU C 433 7.25 -28.87 -30.26
CA LEU C 433 6.68 -27.54 -30.49
C LEU C 433 5.20 -27.52 -30.19
N ALA C 434 4.47 -28.57 -30.58
CA ALA C 434 3.04 -28.63 -30.32
C ALA C 434 2.74 -28.69 -28.83
N GLU C 435 3.52 -29.50 -28.09
CA GLU C 435 3.33 -29.57 -26.64
C GLU C 435 3.65 -28.23 -25.98
N GLU C 436 4.70 -27.55 -26.43
CA GLU C 436 5.09 -26.31 -25.79
C GLU C 436 4.16 -25.15 -26.14
N ILE C 437 3.60 -25.13 -27.35
CA ILE C 437 2.53 -24.17 -27.66
C ILE C 437 1.27 -24.49 -26.86
N PHE C 438 0.98 -25.78 -26.66
CA PHE C 438 -0.15 -26.17 -25.84
C PHE C 438 0.03 -25.74 -24.38
N SER C 439 1.28 -25.62 -23.93
CA SER C 439 1.55 -25.12 -22.59
C SER C 439 1.43 -23.60 -22.48
N LEU C 440 1.33 -22.89 -23.61
CA LEU C 440 1.33 -21.44 -23.63
C LEU C 440 -0.07 -20.85 -23.78
N THR C 441 -1.12 -21.67 -23.73
CA THR C 441 -2.46 -21.18 -24.04
C THR C 441 -3.09 -20.52 -22.83
N LYS C 442 -3.28 -21.25 -21.73
CA LYS C 442 -4.02 -20.75 -20.58
C LYS C 442 -3.09 -19.92 -19.69
N VAL C 443 -2.71 -18.76 -20.21
CA VAL C 443 -1.86 -17.82 -19.48
C VAL C 443 -2.55 -16.48 -19.26
N ASN C 444 -3.47 -16.07 -20.14
CA ASN C 444 -4.04 -14.73 -20.10
C ASN C 444 -4.85 -14.50 -18.83
N TRP C 445 -4.75 -13.29 -18.30
CA TRP C 445 -5.34 -12.95 -17.02
C TRP C 445 -6.66 -12.22 -17.16
N ASN C 446 -7.14 -12.02 -18.38
CA ASN C 446 -8.49 -11.48 -18.57
C ASN C 446 -9.54 -12.51 -18.19
N SER C 447 -9.29 -13.77 -18.52
CA SER C 447 -10.21 -14.87 -18.23
C SER C 447 -9.64 -15.76 -17.15
N THR C 448 -10.46 -16.72 -16.71
CA THR C 448 -10.04 -17.72 -15.74
C THR C 448 -10.50 -19.13 -16.11
N GLN C 449 -11.17 -19.30 -17.25
CA GLN C 449 -11.59 -20.61 -17.69
C GLN C 449 -10.43 -21.34 -18.37
N MET C 450 -10.69 -22.56 -18.84
CA MET C 450 -9.67 -23.33 -19.51
C MET C 450 -9.85 -23.41 -21.02
N ASN C 451 -11.06 -23.23 -21.54
CA ASN C 451 -11.30 -23.32 -22.98
C ASN C 451 -10.77 -22.07 -23.68
N GLN C 452 -9.44 -22.00 -23.77
CA GLN C 452 -8.74 -20.96 -24.49
C GLN C 452 -8.04 -21.62 -25.68
N ARG C 453 -8.50 -21.31 -26.88
CA ARG C 453 -8.01 -21.94 -28.09
C ARG C 453 -6.91 -21.13 -28.78
N LEU C 454 -6.45 -20.04 -28.16
CA LEU C 454 -5.44 -19.20 -28.77
C LEU C 454 -4.29 -19.04 -27.80
N PRO C 455 -3.05 -19.29 -28.22
CA PRO C 455 -1.90 -19.03 -27.35
C PRO C 455 -1.71 -17.55 -27.10
N ILE C 456 -1.22 -17.24 -25.90
CA ILE C 456 -1.02 -15.85 -25.47
C ILE C 456 -0.02 -15.03 -26.30
N PRO C 457 0.97 -15.59 -27.03
CA PRO C 457 1.66 -14.72 -28.01
C PRO C 457 0.75 -14.19 -29.10
N ILE C 458 -0.32 -14.92 -29.44
CA ILE C 458 -1.25 -14.46 -30.46
C ILE C 458 -2.29 -13.53 -29.84
N ARG C 459 -2.85 -13.93 -28.70
CA ARG C 459 -3.91 -13.15 -28.06
C ARG C 459 -3.40 -11.81 -27.55
N ALA C 460 -2.18 -11.78 -26.98
CA ALA C 460 -1.63 -10.52 -26.50
C ALA C 460 -1.35 -9.56 -27.65
N ALA C 461 -0.86 -10.08 -28.77
CA ALA C 461 -0.65 -9.24 -29.96
C ALA C 461 -1.96 -8.72 -30.51
N ARG C 462 -3.01 -9.56 -30.49
CA ARG C 462 -4.34 -9.11 -30.93
C ARG C 462 -4.88 -8.00 -30.04
N LYS C 463 -4.70 -8.13 -28.71
CA LYS C 463 -5.16 -7.09 -27.79
C LYS C 463 -4.40 -5.79 -28.00
N VAL C 464 -3.09 -5.89 -28.18
CA VAL C 464 -2.25 -4.71 -28.41
C VAL C 464 -2.67 -4.01 -29.69
N GLY C 465 -2.92 -4.78 -30.75
CA GLY C 465 -3.36 -4.20 -32.00
C GLY C 465 -4.75 -3.59 -31.92
N GLU C 466 -5.65 -4.21 -31.16
CA GLU C 466 -7.00 -3.69 -31.03
C GLU C 466 -7.02 -2.36 -30.29
N VAL C 467 -6.19 -2.23 -29.25
CA VAL C 467 -6.10 -0.94 -28.57
C VAL C 467 -5.39 0.08 -29.45
N LEU C 468 -4.35 -0.34 -30.16
CA LEU C 468 -3.52 0.55 -30.96
C LEU C 468 -4.18 1.01 -32.26
N LYS C 469 -5.46 0.73 -32.46
CA LYS C 469 -6.12 1.11 -33.71
C LYS C 469 -6.39 2.61 -33.79
N TYR C 470 -6.81 3.21 -32.68
CA TYR C 470 -7.25 4.59 -32.67
C TYR C 470 -6.20 5.56 -32.14
N VAL C 471 -4.98 5.10 -31.88
CA VAL C 471 -3.95 5.97 -31.33
C VAL C 471 -3.45 6.89 -32.44
N GLY C 472 -3.49 8.20 -32.17
CA GLY C 472 -3.04 9.16 -33.15
C GLY C 472 -1.53 9.19 -33.29
N GLU C 473 -1.08 9.79 -34.39
CA GLU C 473 0.35 9.94 -34.61
C GLU C 473 0.93 11.01 -33.69
N GLY C 474 2.19 10.82 -33.31
CA GLY C 474 2.83 11.71 -32.37
C GLY C 474 2.25 11.65 -30.97
N GLU C 475 1.86 10.47 -30.53
CA GLU C 475 1.29 10.26 -29.20
C GLU C 475 2.18 9.30 -28.42
N VAL C 476 1.78 9.03 -27.18
CA VAL C 476 2.55 8.18 -26.28
C VAL C 476 2.02 6.76 -26.35
N ILE C 477 2.91 5.81 -26.59
CA ILE C 477 2.59 4.39 -26.59
C ILE C 477 3.35 3.75 -25.44
N SER C 478 2.63 3.14 -24.51
CA SER C 478 3.22 2.54 -23.33
C SER C 478 3.46 1.06 -23.56
N ALA C 479 4.64 0.59 -23.15
CA ALA C 479 4.95 -0.83 -23.21
C ALA C 479 4.30 -1.62 -22.07
N ASP C 480 3.66 -0.93 -21.13
CA ASP C 480 2.94 -1.60 -20.06
C ASP C 480 1.73 -2.35 -20.63
N TYR C 481 1.58 -3.60 -20.22
CA TYR C 481 0.49 -4.42 -20.74
C TYR C 481 -0.85 -4.09 -20.09
N ARG C 482 -0.85 -3.42 -18.94
CA ARG C 482 -2.09 -3.14 -18.23
C ARG C 482 -2.95 -2.11 -18.94
N LYS C 483 -2.41 -1.39 -19.90
CA LYS C 483 -3.18 -0.44 -20.70
C LYS C 483 -3.84 -1.07 -21.90
N TYR C 484 -3.71 -2.38 -22.09
CA TYR C 484 -4.18 -3.05 -23.30
C TYR C 484 -5.32 -4.03 -23.07
N ILE C 485 -5.25 -4.85 -22.02
CA ILE C 485 -6.30 -5.85 -21.81
C ILE C 485 -7.58 -5.19 -21.30
N ALA D 7 -14.45 -6.96 11.49
CA ALA D 7 -15.46 -8.01 11.47
C ALA D 7 -14.81 -9.39 11.42
N ASN D 8 -13.84 -9.55 10.52
CA ASN D 8 -13.12 -10.83 10.44
C ASN D 8 -12.15 -11.02 11.59
N GLN D 9 -11.80 -9.95 12.30
CA GLN D 9 -10.92 -10.09 13.45
C GLN D 9 -11.63 -10.71 14.64
N ILE D 10 -12.94 -10.48 14.76
CA ILE D 10 -13.69 -11.04 15.89
C ILE D 10 -14.14 -12.47 15.62
N ILE D 11 -14.27 -12.87 14.35
CA ILE D 11 -14.68 -14.23 14.06
C ILE D 11 -13.59 -15.23 14.41
N GLY D 12 -12.32 -14.83 14.27
CA GLY D 12 -11.24 -15.70 14.69
C GLY D 12 -11.17 -15.86 16.20
N GLU D 13 -11.39 -14.77 16.94
CA GLU D 13 -11.41 -14.84 18.39
C GLU D 13 -12.56 -15.69 18.91
N ILE D 14 -13.75 -15.52 18.34
CA ILE D 14 -14.88 -16.32 18.81
C ILE D 14 -14.74 -17.78 18.37
N GLY D 15 -14.12 -18.03 17.21
CA GLY D 15 -13.84 -19.40 16.81
C GLY D 15 -12.86 -20.09 17.72
N GLU D 16 -11.80 -19.38 18.11
CA GLU D 16 -10.84 -19.91 19.08
C GLU D 16 -11.51 -20.16 20.42
N ASN D 17 -12.37 -19.24 20.85
CA ASN D 17 -13.03 -19.39 22.15
C ASN D 17 -13.97 -20.59 22.17
N GLU D 18 -14.78 -20.78 21.12
CA GLU D 18 -15.69 -21.92 21.15
C GLU D 18 -15.00 -23.24 20.84
N VAL D 19 -13.91 -23.23 20.07
CA VAL D 19 -13.12 -24.45 19.91
C VAL D 19 -12.48 -24.84 21.24
N ARG D 20 -12.00 -23.85 22.00
CA ARG D 20 -11.52 -24.13 23.35
C ARG D 20 -12.64 -24.60 24.27
N GLY D 21 -13.84 -24.07 24.10
CA GLY D 21 -14.97 -24.56 24.89
C GLY D 21 -15.31 -26.00 24.59
N ARG D 22 -15.21 -26.39 23.32
CA ARG D 22 -15.31 -27.80 22.95
C ARG D 22 -14.17 -28.61 23.58
N PHE D 23 -12.97 -28.03 23.60
CA PHE D 23 -11.82 -28.73 24.15
C PHE D 23 -11.98 -28.87 25.64
N LEU D 24 -12.33 -27.78 26.31
CA LEU D 24 -12.50 -27.82 27.76
C LEU D 24 -13.74 -28.63 28.11
N THR D 25 -14.55 -28.96 27.11
CA THR D 25 -15.75 -29.74 27.36
C THR D 25 -15.39 -31.06 28.01
N LEU D 26 -14.39 -31.75 27.46
CA LEU D 26 -13.96 -33.02 28.00
C LEU D 26 -12.57 -32.91 28.59
N GLY D 27 -12.24 -31.75 29.11
CA GLY D 27 -10.91 -31.56 29.67
C GLY D 27 -9.98 -30.80 28.74
N TRP D 28 -8.93 -31.48 28.25
CA TRP D 28 -8.04 -31.00 27.18
C TRP D 28 -7.53 -29.58 27.45
N GLN D 29 -6.73 -29.47 28.51
CA GLN D 29 -6.32 -28.18 29.07
C GLN D 29 -5.63 -27.30 28.04
N PHE D 30 -6.26 -26.19 27.70
CA PHE D 30 -5.83 -25.30 26.63
C PHE D 30 -5.51 -23.94 27.23
N ASP D 31 -4.36 -23.38 26.88
CA ASP D 31 -3.99 -22.05 27.34
C ASP D 31 -4.39 -20.95 26.37
N GLY D 32 -4.25 -21.18 25.07
CA GLY D 32 -4.26 -20.10 24.11
C GLY D 32 -2.93 -19.38 24.15
N ARG D 33 -2.86 -18.26 23.44
CA ARG D 33 -1.65 -17.48 23.39
C ARG D 33 -1.93 -16.05 23.82
N SER D 34 -0.87 -15.26 23.90
CA SER D 34 -0.98 -13.82 24.04
C SER D 34 -1.16 -13.22 22.64
N ARG D 35 -1.07 -11.90 22.54
CA ARG D 35 -1.12 -11.25 21.24
C ARG D 35 0.25 -11.17 20.58
N LEU D 36 1.28 -11.71 21.22
CA LEU D 36 2.63 -11.75 20.69
C LEU D 36 2.89 -12.96 19.81
N GLU D 37 1.91 -13.86 19.67
CA GLU D 37 2.15 -15.12 18.98
C GLU D 37 2.22 -14.91 17.47
N ALA D 38 2.85 -15.87 16.80
CA ALA D 38 2.92 -15.87 15.34
C ALA D 38 2.99 -17.33 14.89
N GLY D 39 2.02 -17.74 14.10
CA GLY D 39 1.99 -19.11 13.63
C GLY D 39 1.24 -20.03 14.57
N ILE D 40 1.98 -20.74 15.43
CA ILE D 40 1.40 -21.72 16.32
C ILE D 40 0.56 -21.03 17.39
N ASP D 41 -0.62 -21.59 17.67
CA ASP D 41 -1.49 -21.09 18.72
C ASP D 41 -1.06 -21.73 20.05
N GLY D 42 -1.93 -21.67 21.05
CA GLY D 42 -1.56 -22.04 22.40
C GLY D 42 -1.28 -23.51 22.60
N ILE D 43 -0.95 -23.84 23.84
CA ILE D 43 -0.52 -25.17 24.24
C ILE D 43 -1.68 -25.86 24.94
N ALA D 44 -1.95 -27.11 24.55
CA ALA D 44 -3.00 -27.89 25.16
C ALA D 44 -2.48 -29.26 25.58
N GLU D 45 -3.25 -29.94 26.41
CA GLU D 45 -2.91 -31.27 26.89
C GLU D 45 -4.11 -32.20 26.71
N VAL D 46 -4.04 -33.40 27.28
CA VAL D 46 -5.15 -34.36 27.21
C VAL D 46 -5.53 -34.75 28.63
N MET D 47 -6.82 -34.64 28.95
CA MET D 47 -7.31 -35.04 30.25
C MET D 47 -7.56 -36.55 30.29
N ASN D 48 -7.35 -37.14 31.47
CA ASN D 48 -7.57 -38.57 31.69
C ASN D 48 -8.44 -38.74 32.92
N GLU D 49 -9.76 -38.63 32.72
CA GLU D 49 -10.79 -38.86 33.74
C GLU D 49 -10.62 -37.96 34.97
N GLY D 50 -10.02 -36.80 34.81
CA GLY D 50 -9.91 -35.84 35.89
C GLY D 50 -8.51 -35.53 36.39
N GLN D 51 -7.46 -35.87 35.63
CA GLN D 51 -6.09 -35.57 36.05
C GLN D 51 -5.22 -35.47 34.80
N PRO D 52 -4.37 -34.44 34.70
CA PRO D 52 -3.57 -34.26 33.47
C PRO D 52 -2.46 -35.29 33.32
N MET D 53 -2.81 -36.49 32.88
CA MET D 53 -1.80 -37.52 32.66
C MET D 53 -0.91 -37.19 31.47
N ALA D 54 -1.47 -36.56 30.44
CA ALA D 54 -0.68 -36.17 29.28
C ALA D 54 0.25 -35.02 29.63
N ARG D 55 1.43 -35.02 29.01
CA ARG D 55 2.45 -34.05 29.39
C ARG D 55 2.26 -32.72 28.67
N MET D 56 2.41 -32.70 27.33
CA MET D 56 2.09 -31.50 26.56
C MET D 56 1.91 -31.83 25.09
N ILE D 57 1.23 -30.93 24.38
CA ILE D 57 1.11 -30.98 22.93
C ILE D 57 0.76 -29.57 22.45
N ALA D 58 0.92 -29.32 21.14
CA ALA D 58 0.60 -28.03 20.56
C ALA D 58 -0.63 -28.12 19.67
N VAL D 59 -1.42 -27.04 19.65
CA VAL D 59 -2.68 -26.95 18.90
C VAL D 59 -2.70 -25.61 18.17
N GLN D 60 -3.24 -25.58 16.95
CA GLN D 60 -3.45 -24.31 16.25
C GLN D 60 -4.89 -24.18 15.78
N ILE D 61 -5.47 -23.00 16.04
CA ILE D 61 -6.81 -22.63 15.58
C ILE D 61 -6.76 -22.16 14.13
N LYS D 62 -7.82 -22.46 13.38
CA LYS D 62 -8.06 -21.85 12.08
C LYS D 62 -9.57 -21.74 11.88
N SER D 63 -10.08 -20.52 11.89
CA SER D 63 -11.51 -20.26 11.85
C SER D 63 -11.86 -19.50 10.57
N THR D 64 -12.99 -19.86 9.95
CA THR D 64 -13.50 -19.15 8.80
C THR D 64 -14.99 -18.91 8.98
N LYS D 65 -15.53 -18.03 8.14
CA LYS D 65 -16.91 -17.58 8.24
C LYS D 65 -17.86 -18.64 7.69
N GLU D 66 -19.13 -18.26 7.49
CA GLU D 66 -20.05 -19.11 6.77
C GLU D 66 -19.62 -19.25 5.32
N GLY D 67 -19.68 -20.46 4.80
CA GLY D 67 -19.27 -20.74 3.43
C GLY D 67 -18.49 -22.04 3.35
N LYS D 68 -18.70 -22.75 2.26
CA LYS D 68 -18.05 -24.03 2.04
C LYS D 68 -16.58 -23.83 1.68
N TYR D 69 -15.81 -24.91 1.77
CA TYR D 69 -14.38 -24.87 1.51
C TYR D 69 -14.12 -25.14 0.02
N THR D 70 -12.85 -25.32 -0.32
CA THR D 70 -12.46 -25.57 -1.70
C THR D 70 -12.81 -27.00 -2.10
N SER D 71 -13.54 -27.13 -3.22
CA SER D 71 -13.93 -28.42 -3.81
C SER D 71 -14.73 -29.26 -2.82
N GLU D 72 -15.56 -28.62 -2.01
CA GLU D 72 -16.36 -29.31 -1.01
C GLU D 72 -17.69 -29.71 -1.62
N SER D 73 -17.91 -31.00 -1.81
CA SER D 73 -19.18 -31.53 -2.30
C SER D 73 -19.63 -32.66 -1.38
N ASP D 74 -20.24 -32.29 -0.25
CA ASP D 74 -21.01 -33.17 0.64
C ASP D 74 -20.22 -34.31 1.28
N THR D 75 -18.93 -34.44 0.98
CA THR D 75 -18.17 -35.59 1.49
C THR D 75 -16.77 -35.26 1.99
N SER D 76 -16.18 -34.12 1.62
CA SER D 76 -14.77 -33.86 1.88
C SER D 76 -14.51 -32.39 1.59
N PHE D 77 -13.28 -31.95 1.86
CA PHE D 77 -12.76 -30.68 1.39
C PHE D 77 -11.25 -30.73 1.44
N THR D 78 -10.62 -29.65 0.98
CA THR D 78 -9.17 -29.60 0.83
C THR D 78 -8.63 -28.31 1.42
N TYR D 79 -7.45 -28.40 2.02
CA TYR D 79 -6.75 -27.23 2.55
C TYR D 79 -5.29 -27.31 2.15
N LEU D 80 -4.69 -26.15 1.87
CA LEU D 80 -3.30 -26.08 1.47
C LEU D 80 -2.50 -25.37 2.56
N LEU D 81 -1.25 -25.82 2.74
CA LEU D 81 -0.40 -25.38 3.83
C LEU D 81 0.80 -24.62 3.27
N ARG D 82 1.06 -23.43 3.81
CA ARG D 82 2.22 -22.65 3.40
C ARG D 82 3.50 -23.32 3.88
N THR D 83 4.50 -23.38 3.01
CA THR D 83 5.73 -24.09 3.33
C THR D 83 6.55 -23.40 4.40
N GLN D 84 6.37 -22.10 4.60
CA GLN D 84 6.98 -21.44 5.75
C GLN D 84 6.41 -22.00 7.06
N ASP D 85 5.09 -22.18 7.11
CA ASP D 85 4.45 -22.78 8.28
C ASP D 85 4.86 -24.24 8.44
N LEU D 86 4.97 -24.96 7.33
CA LEU D 86 5.38 -26.37 7.38
C LEU D 86 6.80 -26.50 7.91
N ALA D 87 7.71 -25.65 7.44
CA ALA D 87 9.08 -25.66 7.97
C ALA D 87 9.12 -25.19 9.41
N TYR D 88 8.18 -24.33 9.81
CA TYR D 88 8.09 -23.90 11.20
C TYR D 88 7.69 -25.06 12.11
N TRP D 89 6.71 -25.86 11.70
CA TRP D 89 6.25 -26.95 12.57
C TRP D 89 7.17 -28.16 12.48
N ARG D 90 7.82 -28.39 11.33
CA ARG D 90 8.72 -29.52 11.19
C ARG D 90 9.92 -29.39 12.12
N GLY D 91 10.49 -28.20 12.23
CA GLY D 91 11.49 -27.94 13.25
C GLY D 91 10.82 -27.49 14.53
N SER D 92 10.58 -28.44 15.43
CA SER D 92 9.87 -28.17 16.68
C SER D 92 10.22 -29.30 17.65
N ASN D 93 9.55 -29.29 18.81
CA ASN D 93 9.72 -30.35 19.81
C ASN D 93 8.38 -30.85 20.32
N LEU D 94 7.31 -30.70 19.53
CA LEU D 94 5.96 -31.02 19.99
C LEU D 94 5.05 -31.23 18.80
N PRO D 95 4.14 -32.20 18.86
CA PRO D 95 3.18 -32.37 17.76
C PRO D 95 2.18 -31.23 17.71
N VAL D 96 1.63 -31.01 16.52
CA VAL D 96 0.67 -29.95 16.27
C VAL D 96 -0.59 -30.52 15.65
N ILE D 97 -1.71 -29.84 15.88
CA ILE D 97 -3.00 -30.24 15.32
C ILE D 97 -3.63 -29.00 14.70
N VAL D 98 -4.49 -29.25 13.70
CA VAL D 98 -5.14 -28.22 12.90
C VAL D 98 -6.63 -28.49 12.88
N VAL D 99 -7.43 -27.45 13.15
CA VAL D 99 -8.88 -27.55 13.20
C VAL D 99 -9.51 -26.60 12.18
N PHE D 100 -10.84 -26.54 12.14
CA PHE D 100 -11.55 -25.76 11.14
C PHE D 100 -12.72 -25.03 11.79
N TYR D 101 -13.64 -24.51 10.96
CA TYR D 101 -14.65 -23.56 11.38
C TYR D 101 -15.80 -24.23 12.12
N ARG D 102 -16.70 -23.39 12.62
CA ARG D 102 -17.68 -23.86 13.60
C ARG D 102 -19.07 -23.24 13.50
N GLN D 103 -19.38 -22.43 12.49
CA GLN D 103 -20.62 -21.67 12.54
C GLN D 103 -21.72 -22.18 11.62
N SER D 104 -21.44 -23.09 10.70
CA SER D 104 -22.53 -23.68 9.93
C SER D 104 -23.27 -24.71 10.76
N ASP D 105 -22.59 -25.79 11.15
CA ASP D 105 -23.15 -26.76 12.08
C ASP D 105 -22.11 -27.27 13.06
N HIS D 106 -21.16 -26.40 13.44
CA HIS D 106 -20.11 -26.68 14.42
C HIS D 106 -19.24 -27.87 14.00
N SER D 107 -18.53 -27.67 12.89
CA SER D 107 -17.72 -28.72 12.29
C SER D 107 -16.28 -28.65 12.81
N PHE D 108 -16.13 -29.02 14.08
CA PHE D 108 -14.79 -29.16 14.64
C PHE D 108 -14.17 -30.44 14.11
N TYR D 109 -13.12 -30.31 13.33
CA TYR D 109 -12.42 -31.44 12.74
C TYR D 109 -10.97 -31.43 13.22
N TRP D 110 -10.35 -32.59 13.28
CA TRP D 110 -8.94 -32.69 13.68
C TRP D 110 -8.11 -33.21 12.53
N LYS D 111 -6.94 -32.58 12.31
CA LYS D 111 -5.96 -33.13 11.39
C LYS D 111 -4.57 -32.97 11.97
N GLU D 112 -3.75 -34.00 11.84
CA GLU D 112 -2.40 -34.01 12.38
C GLU D 112 -1.40 -34.23 11.26
N VAL D 113 -0.33 -33.44 11.28
CA VAL D 113 0.80 -33.63 10.36
C VAL D 113 1.93 -34.32 11.10
N SER D 114 2.52 -35.33 10.48
CA SER D 114 3.50 -36.18 11.12
C SER D 114 4.87 -35.52 11.07
N ARG D 115 5.90 -36.25 11.49
CA ARG D 115 7.28 -35.77 11.45
C ARG D 115 8.20 -36.88 10.96
N ASP D 116 7.76 -37.62 9.94
CA ASP D 116 8.53 -38.73 9.42
C ASP D 116 9.63 -38.23 8.49
N ALA D 117 10.44 -39.16 8.00
CA ALA D 117 11.55 -38.82 7.11
C ALA D 117 11.02 -38.38 5.75
N GLY D 118 11.67 -37.37 5.18
CA GLY D 118 11.28 -36.84 3.89
C GLY D 118 10.44 -35.58 4.01
N PRO D 119 10.85 -34.52 3.33
CA PRO D 119 10.10 -33.27 3.39
C PRO D 119 8.81 -33.34 2.60
N GLY D 120 7.91 -32.41 2.90
CA GLY D 120 6.66 -32.28 2.17
C GLY D 120 5.48 -32.95 2.85
N GLU D 121 4.55 -32.14 3.36
CA GLU D 121 3.37 -32.66 4.03
C GLU D 121 2.11 -31.86 3.72
N ARG D 122 2.08 -31.09 2.64
CA ARG D 122 0.98 -30.19 2.36
C ARG D 122 -0.21 -30.95 1.76
N ARG D 123 -1.20 -30.21 1.28
CA ARG D 123 -2.42 -30.71 0.65
C ARG D 123 -3.18 -31.64 1.61
N LEU D 124 -3.66 -31.03 2.70
CA LEU D 124 -4.49 -31.73 3.67
C LEU D 124 -5.87 -31.96 3.07
N ASN D 125 -6.15 -33.21 2.70
CA ASN D 125 -7.44 -33.58 2.13
C ASN D 125 -8.29 -34.20 3.25
N ILE D 126 -9.23 -33.42 3.77
CA ILE D 126 -10.08 -33.86 4.87
C ILE D 126 -11.18 -34.72 4.27
N ASP D 127 -11.95 -35.40 5.12
CA ASP D 127 -12.74 -36.54 4.68
C ASP D 127 -14.06 -36.57 5.45
N LYS D 128 -14.69 -37.74 5.47
CA LYS D 128 -16.06 -37.93 5.96
C LYS D 128 -16.14 -37.94 7.48
N VAL D 129 -17.26 -38.44 8.00
CA VAL D 129 -17.66 -38.31 9.39
C VAL D 129 -16.74 -39.00 10.39
N ALA D 130 -15.71 -39.70 9.94
CA ALA D 130 -14.73 -40.29 10.84
C ALA D 130 -13.58 -39.33 11.16
N ASP D 131 -13.79 -38.02 11.02
CA ASP D 131 -12.73 -37.04 11.20
C ASP D 131 -13.24 -35.82 11.96
N LEU D 132 -14.10 -36.03 12.96
CA LEU D 132 -14.74 -34.94 13.67
C LEU D 132 -14.53 -35.03 15.18
N PHE D 133 -14.52 -33.87 15.82
CA PHE D 133 -14.49 -33.80 17.28
C PHE D 133 -15.85 -34.17 17.83
N ASN D 134 -15.94 -35.30 18.52
CA ASN D 134 -17.18 -35.73 19.18
C ASN D 134 -16.82 -36.74 20.25
N ALA D 135 -17.84 -37.38 20.81
CA ALA D 135 -17.66 -38.44 21.80
C ALA D 135 -17.46 -39.81 21.15
N SER D 136 -17.43 -39.86 19.81
CA SER D 136 -17.19 -41.13 19.12
C SER D 136 -15.77 -41.64 19.37
N THR D 137 -14.78 -40.78 19.16
CA THR D 137 -13.38 -41.16 19.36
C THR D 137 -12.59 -39.91 19.69
N VAL D 138 -11.82 -39.95 20.78
CA VAL D 138 -11.00 -38.82 21.19
C VAL D 138 -9.53 -39.18 21.36
N ASN D 139 -9.19 -40.43 21.61
CA ASN D 139 -7.80 -40.81 21.90
C ASN D 139 -6.96 -40.98 20.65
N LYS D 140 -7.56 -41.00 19.46
CA LYS D 140 -6.86 -41.37 18.23
C LYS D 140 -5.73 -40.40 17.88
N LEU D 141 -5.90 -39.12 18.22
CA LEU D 141 -4.84 -38.13 18.04
C LEU D 141 -4.29 -37.66 19.39
N ALA D 142 -4.33 -38.54 20.39
CA ALA D 142 -3.72 -38.26 21.69
C ALA D 142 -2.64 -39.25 22.06
N ALA D 143 -2.27 -40.15 21.15
CA ALA D 143 -1.27 -41.18 21.41
C ALA D 143 0.09 -40.81 20.84
N LEU D 144 0.45 -39.54 20.90
CA LEU D 144 1.71 -39.04 20.34
C LEU D 144 2.76 -38.79 21.43
N THR D 145 2.81 -39.68 22.43
CA THR D 145 3.80 -39.58 23.50
C THR D 145 5.20 -39.88 22.98
N GLY D 161 -7.11 -47.38 -25.47
CA GLY D 161 -8.06 -46.35 -25.83
C GLY D 161 -9.03 -46.78 -26.92
N GLU D 162 -9.80 -45.83 -27.44
CA GLU D 162 -10.76 -46.10 -28.50
C GLU D 162 -10.23 -45.56 -29.81
N ASP D 163 -10.14 -46.44 -30.80
CA ASP D 163 -9.69 -46.03 -32.13
C ASP D 163 -10.80 -45.23 -32.82
N ALA D 164 -10.42 -44.10 -33.38
CA ALA D 164 -11.36 -43.17 -34.00
C ALA D 164 -11.03 -43.04 -35.50
N LEU D 165 -11.71 -42.12 -36.17
CA LEU D 165 -11.52 -41.91 -37.59
C LEU D 165 -11.49 -40.42 -37.90
N ILE D 166 -10.96 -40.09 -39.08
CA ILE D 166 -10.85 -38.72 -39.54
C ILE D 166 -11.77 -38.56 -40.74
N ASN D 167 -12.08 -37.30 -41.08
CA ASN D 167 -13.00 -37.04 -42.18
C ASN D 167 -12.27 -36.84 -43.51
N MET D 168 -11.41 -37.79 -43.86
CA MET D 168 -10.69 -37.71 -45.13
C MET D 168 -11.02 -38.91 -45.99
N LEU D 169 -10.86 -38.77 -47.30
CA LEU D 169 -11.13 -39.87 -48.22
C LEU D 169 -9.98 -40.09 -49.17
N PRO D 170 -9.26 -41.22 -49.01
CA PRO D 170 -8.19 -41.48 -49.99
C PRO D 170 -8.79 -41.80 -51.36
N LEU D 171 -8.35 -41.07 -52.37
CA LEU D 171 -8.89 -41.17 -53.71
C LEU D 171 -7.90 -41.90 -54.62
N THR D 172 -8.36 -42.96 -55.27
CA THR D 172 -7.56 -43.71 -56.23
C THR D 172 -7.86 -43.19 -57.63
N LEU D 173 -6.84 -42.73 -58.32
CA LEU D 173 -6.99 -42.15 -59.64
C LEU D 173 -7.23 -43.23 -60.69
N PRO D 174 -7.82 -42.86 -61.83
CA PRO D 174 -7.87 -43.79 -62.99
C PRO D 174 -6.53 -43.91 -63.67
N ASN D 175 -6.51 -44.57 -64.83
CA ASN D 175 -5.24 -44.77 -65.52
C ASN D 175 -4.79 -43.50 -66.24
N GLU D 176 -5.64 -42.94 -67.10
CA GLU D 176 -5.24 -41.87 -68.00
C GLU D 176 -6.26 -40.74 -68.02
N MET D 177 -5.76 -39.50 -68.05
CA MET D 177 -6.56 -38.35 -68.44
C MET D 177 -6.28 -38.01 -69.90
N TYR D 178 -6.86 -36.91 -70.37
CA TYR D 178 -6.71 -36.47 -71.74
C TYR D 178 -6.41 -34.98 -71.78
N ILE D 179 -5.54 -34.59 -72.72
CA ILE D 179 -5.16 -33.20 -72.91
C ILE D 179 -5.36 -32.84 -74.37
N ALA D 180 -5.52 -31.54 -74.63
CA ALA D 180 -5.72 -31.01 -75.97
C ALA D 180 -5.37 -29.54 -75.98
N SER D 181 -5.47 -28.92 -77.15
CA SER D 181 -5.25 -27.48 -77.32
C SER D 181 -6.40 -26.89 -78.11
N THR D 182 -7.06 -25.88 -77.53
CA THR D 182 -8.28 -25.30 -78.09
C THR D 182 -8.51 -23.95 -77.40
N THR D 183 -8.82 -22.92 -78.19
CA THR D 183 -8.82 -21.54 -77.71
C THR D 183 -10.18 -20.86 -77.83
N TYR D 184 -11.25 -21.51 -77.40
CA TYR D 184 -12.52 -20.81 -77.23
C TYR D 184 -12.74 -20.47 -75.76
N GLU D 185 -13.47 -19.38 -75.54
CA GLU D 185 -13.78 -18.92 -74.19
C GLU D 185 -14.71 -19.93 -73.50
N PRO D 186 -14.54 -20.17 -72.21
CA PRO D 186 -15.44 -21.09 -71.49
C PRO D 186 -16.89 -20.65 -71.46
N ARG D 187 -17.17 -19.36 -71.54
CA ARG D 187 -18.56 -18.89 -71.59
C ARG D 187 -19.23 -19.33 -72.88
N LYS D 188 -18.50 -19.29 -74.00
CA LYS D 188 -19.06 -19.76 -75.27
C LYS D 188 -19.19 -21.29 -75.30
N ALA D 189 -18.26 -21.99 -74.66
CA ALA D 189 -18.32 -23.45 -74.62
C ALA D 189 -19.51 -23.94 -73.81
N ILE D 190 -19.82 -23.26 -72.70
CA ILE D 190 -21.00 -23.60 -71.91
C ILE D 190 -22.26 -23.40 -72.74
N ALA D 191 -22.34 -22.27 -73.44
CA ALA D 191 -23.48 -21.99 -74.31
C ALA D 191 -23.53 -22.95 -75.49
N VAL D 192 -22.39 -23.50 -75.90
CA VAL D 192 -22.40 -24.55 -76.91
C VAL D 192 -23.01 -25.82 -76.34
N ILE D 193 -22.60 -26.20 -75.12
CA ILE D 193 -23.02 -27.50 -74.59
C ILE D 193 -24.44 -27.48 -74.04
N LEU D 194 -25.01 -26.31 -73.73
CA LEU D 194 -26.41 -26.35 -73.29
C LEU D 194 -27.38 -26.34 -74.46
N ASN D 195 -27.05 -25.63 -75.53
CA ASN D 195 -27.92 -25.54 -76.70
C ASN D 195 -27.84 -26.76 -77.60
N GLY D 196 -26.92 -27.68 -77.35
CA GLY D 196 -26.72 -28.83 -78.20
C GLY D 196 -27.74 -29.92 -77.97
N ASP D 197 -27.43 -31.10 -78.53
CA ASP D 197 -28.30 -32.25 -78.45
C ASP D 197 -27.71 -33.43 -77.69
N GLY D 198 -26.41 -33.40 -77.37
CA GLY D 198 -25.77 -34.51 -76.70
C GLY D 198 -26.01 -34.49 -75.20
N PRO D 199 -25.35 -35.42 -74.52
CA PRO D 199 -25.46 -35.48 -73.05
C PRO D 199 -24.77 -34.29 -72.40
N LYS D 200 -25.26 -33.93 -71.21
CA LYS D 200 -24.73 -32.78 -70.46
C LYS D 200 -23.51 -33.24 -69.66
N ARG D 201 -22.41 -33.43 -70.38
CA ARG D 201 -21.18 -33.89 -69.76
C ARG D 201 -20.51 -32.74 -69.00
N PHE D 202 -20.13 -33.01 -67.75
CA PHE D 202 -19.54 -32.01 -66.87
C PHE D 202 -18.15 -32.42 -66.43
N ASP D 203 -17.33 -32.93 -67.37
CA ASP D 203 -15.98 -33.37 -67.06
C ASP D 203 -14.91 -32.53 -67.73
N TRP D 204 -15.26 -31.36 -68.27
CA TRP D 204 -14.34 -30.59 -69.09
C TRP D 204 -13.95 -29.30 -68.38
N VAL D 205 -12.64 -29.11 -68.21
CA VAL D 205 -12.08 -27.89 -67.62
C VAL D 205 -11.04 -27.36 -68.59
N ILE D 206 -11.20 -26.10 -69.00
CA ILE D 206 -10.29 -25.45 -69.93
C ILE D 206 -9.62 -24.27 -69.21
N ASN D 207 -8.30 -24.28 -69.18
CA ASN D 207 -7.52 -23.22 -68.56
C ASN D 207 -6.14 -23.21 -69.20
N GLY D 208 -5.65 -22.01 -69.51
CA GLY D 208 -4.40 -21.90 -70.24
C GLY D 208 -4.50 -22.35 -71.68
N GLY D 209 -5.71 -22.39 -72.24
CA GLY D 209 -5.92 -22.83 -73.60
C GLY D 209 -5.90 -24.34 -73.80
N THR D 210 -5.88 -25.13 -72.73
CA THR D 210 -5.75 -26.57 -72.81
C THR D 210 -7.03 -27.24 -72.35
N PHE D 211 -7.55 -28.14 -73.19
CA PHE D 211 -8.74 -28.92 -72.85
C PHE D 211 -8.35 -30.11 -71.99
N TRP D 212 -8.99 -30.24 -70.84
CA TRP D 212 -8.73 -31.34 -69.91
C TRP D 212 -10.02 -32.08 -69.61
N SER D 213 -9.95 -33.40 -69.53
CA SER D 213 -11.10 -34.22 -69.19
C SER D 213 -10.65 -35.58 -68.68
N PHE D 214 -11.57 -36.26 -68.00
CA PHE D 214 -11.38 -37.64 -67.57
C PHE D 214 -11.86 -38.63 -68.62
N HIS D 215 -13.04 -38.40 -69.17
CA HIS D 215 -13.49 -39.12 -70.35
C HIS D 215 -12.74 -38.63 -71.58
N ASP D 216 -12.79 -39.42 -72.64
CA ASP D 216 -12.16 -39.04 -73.90
C ASP D 216 -13.04 -38.04 -74.64
N PRO D 217 -12.49 -36.87 -75.02
CA PRO D 217 -13.31 -35.88 -75.75
C PRO D 217 -13.87 -36.38 -77.07
N ARG D 218 -13.08 -37.15 -77.83
CA ARG D 218 -13.53 -37.60 -79.14
C ARG D 218 -14.58 -38.69 -79.05
N THR D 219 -14.63 -39.43 -77.96
CA THR D 219 -15.71 -40.38 -77.71
C THR D 219 -16.83 -39.73 -76.92
N SER D 220 -17.30 -38.58 -77.42
CA SER D 220 -18.32 -37.79 -76.75
C SER D 220 -18.94 -36.85 -77.77
N ALA D 221 -20.08 -36.28 -77.39
CA ALA D 221 -20.71 -35.22 -78.17
C ALA D 221 -20.13 -33.86 -77.86
N CYS D 222 -19.18 -33.78 -76.93
CA CYS D 222 -18.52 -32.53 -76.55
C CYS D 222 -17.31 -32.22 -77.42
N SER D 223 -17.09 -32.99 -78.49
CA SER D 223 -15.96 -32.78 -79.38
C SER D 223 -16.11 -31.52 -80.25
N GLU D 224 -17.29 -30.88 -80.24
CA GLU D 224 -17.51 -29.67 -81.02
C GLU D 224 -16.61 -28.52 -80.58
N ILE D 225 -16.22 -28.50 -79.29
CA ILE D 225 -15.42 -27.43 -78.75
C ILE D 225 -14.00 -27.90 -78.49
N VAL D 226 -13.53 -28.84 -79.32
CA VAL D 226 -12.14 -29.30 -79.25
C VAL D 226 -11.70 -29.68 -80.66
N ASP D 227 -10.39 -29.58 -80.90
CA ASP D 227 -9.82 -29.99 -82.17
C ASP D 227 -9.70 -31.51 -82.22
N ILE D 228 -10.02 -32.06 -83.39
CA ILE D 228 -10.03 -33.52 -83.55
C ILE D 228 -8.61 -34.08 -83.52
N ASP D 229 -7.68 -33.40 -84.18
CA ASP D 229 -6.34 -33.94 -84.40
C ASP D 229 -5.38 -33.70 -83.24
N GLN D 230 -5.80 -32.99 -82.20
CA GLN D 230 -4.91 -32.61 -81.11
C GLN D 230 -5.30 -33.22 -79.77
N VAL D 231 -6.06 -34.32 -79.78
CA VAL D 231 -6.45 -35.00 -78.56
C VAL D 231 -5.40 -36.05 -78.21
N GLU D 232 -4.89 -35.99 -76.99
CA GLU D 232 -3.85 -36.91 -76.53
C GLU D 232 -4.24 -37.50 -75.19
N ALA D 233 -3.80 -38.73 -74.95
CA ALA D 233 -4.02 -39.43 -73.70
C ALA D 233 -2.73 -39.44 -72.88
N ILE D 234 -2.82 -39.01 -71.62
CA ILE D 234 -1.65 -38.88 -70.77
C ILE D 234 -1.92 -39.62 -69.46
N ASN D 235 -0.84 -39.99 -68.79
CA ASN D 235 -0.94 -40.74 -67.55
C ASN D 235 -1.47 -39.86 -66.42
N THR D 236 -2.30 -40.46 -65.56
CA THR D 236 -2.87 -39.72 -64.44
C THR D 236 -1.80 -39.34 -63.42
N LYS D 237 -0.88 -40.25 -63.13
CA LYS D 237 0.08 -40.07 -62.06
C LYS D 237 1.17 -39.06 -62.37
N GLU D 238 1.30 -38.63 -63.62
CA GLU D 238 2.30 -37.61 -63.95
C GLU D 238 1.87 -36.24 -63.45
N LEU D 239 0.61 -35.87 -63.66
CA LEU D 239 0.10 -34.59 -63.23
C LEU D 239 -0.50 -34.60 -61.82
N ALA D 240 -0.57 -35.77 -61.19
CA ALA D 240 -1.09 -35.84 -59.84
C ALA D 240 -0.12 -35.24 -58.83
N LEU D 241 1.18 -35.36 -59.08
CA LEU D 241 2.21 -34.82 -58.21
C LEU D 241 3.10 -33.87 -59.00
N HIS D 242 3.36 -32.69 -58.42
CA HIS D 242 4.24 -31.71 -59.03
C HIS D 242 4.64 -30.70 -57.95
N ASP D 243 5.41 -29.71 -58.36
CA ASP D 243 5.77 -28.59 -57.49
C ASP D 243 4.92 -27.36 -57.72
N ASP D 244 4.39 -27.18 -58.92
CA ASP D 244 3.45 -26.11 -59.20
C ASP D 244 2.15 -26.34 -58.45
N ILE D 245 1.50 -25.24 -58.05
CA ILE D 245 0.25 -25.32 -57.32
C ILE D 245 -0.94 -24.82 -58.14
N ASP D 246 -0.70 -24.07 -59.23
CA ASP D 246 -1.80 -23.68 -60.12
C ASP D 246 -2.35 -24.90 -60.85
N GLU D 247 -1.47 -25.83 -61.22
CA GLU D 247 -1.94 -27.09 -61.79
C GLU D 247 -2.70 -27.92 -60.76
N GLN D 248 -2.33 -27.81 -59.48
CA GLN D 248 -3.12 -28.46 -58.43
C GLN D 248 -4.50 -27.85 -58.31
N ASN D 249 -4.60 -26.52 -58.44
CA ASN D 249 -5.90 -25.87 -58.41
C ASN D 249 -6.76 -26.28 -59.61
N ARG D 250 -6.15 -26.39 -60.79
CA ARG D 250 -6.88 -26.86 -61.96
C ARG D 250 -7.32 -28.32 -61.79
N PHE D 251 -6.45 -29.14 -61.18
CA PHE D 251 -6.78 -30.52 -60.87
C PHE D 251 -7.96 -30.62 -59.92
N SER D 252 -7.99 -29.76 -58.90
CA SER D 252 -9.08 -29.76 -57.93
C SER D 252 -10.38 -29.30 -58.56
N HIS D 253 -10.32 -28.30 -59.46
CA HIS D 253 -11.52 -27.88 -60.18
C HIS D 253 -12.02 -29.00 -61.09
N LEU D 254 -11.11 -29.73 -61.74
CA LEU D 254 -11.50 -30.87 -62.56
C LEU D 254 -12.15 -31.96 -61.72
N LEU D 255 -11.62 -32.21 -60.52
CA LEU D 255 -12.21 -33.20 -59.64
C LEU D 255 -13.59 -32.76 -59.14
N ARG D 256 -13.76 -31.46 -58.88
CA ARG D 256 -15.07 -30.95 -58.49
C ARG D 256 -16.09 -31.10 -59.64
N GLN D 257 -15.66 -30.80 -60.86
CA GLN D 257 -16.53 -31.00 -62.02
C GLN D 257 -16.89 -32.47 -62.20
N THR D 258 -15.92 -33.36 -62.01
CA THR D 258 -16.17 -34.80 -62.14
C THR D 258 -17.14 -35.30 -61.07
N LEU D 259 -16.98 -34.84 -59.83
CA LEU D 259 -17.87 -35.25 -58.75
C LEU D 259 -19.26 -34.67 -58.94
N ARG D 260 -19.38 -33.49 -59.54
CA ARG D 260 -20.68 -33.00 -59.96
C ARG D 260 -21.28 -33.87 -61.06
N TYR D 261 -20.43 -34.33 -61.99
CA TYR D 261 -20.91 -35.10 -63.14
C TYR D 261 -21.45 -36.45 -62.73
N GLN D 262 -20.70 -37.21 -61.94
CA GLN D 262 -21.11 -38.58 -61.63
C GLN D 262 -22.04 -38.67 -60.43
N THR D 263 -22.72 -37.56 -60.08
CA THR D 263 -23.75 -37.58 -59.04
C THR D 263 -25.01 -36.80 -59.39
N ASP D 264 -25.07 -36.09 -60.51
CA ASP D 264 -26.18 -35.16 -60.78
C ASP D 264 -27.42 -35.89 -61.30
N SER D 265 -27.97 -36.76 -60.45
CA SER D 265 -29.18 -37.48 -60.82
C SER D 265 -30.22 -37.35 -59.72
N ASP D 266 -29.77 -37.23 -58.47
CA ASP D 266 -30.66 -37.11 -57.32
C ASP D 266 -30.42 -35.82 -56.54
N LEU D 267 -29.77 -34.84 -57.15
CA LEU D 267 -29.37 -33.62 -56.47
C LEU D 267 -29.19 -32.52 -57.49
N GLY D 268 -28.55 -31.42 -57.08
CA GLY D 268 -28.26 -30.31 -57.97
C GLY D 268 -27.00 -29.59 -57.55
N TRP D 269 -27.04 -28.26 -57.60
CA TRP D 269 -25.92 -27.43 -57.19
C TRP D 269 -26.43 -26.08 -56.73
N ASP D 270 -25.97 -25.63 -55.57
CA ASP D 270 -26.19 -24.26 -55.11
C ASP D 270 -24.86 -23.67 -54.69
N LYS D 271 -24.57 -22.46 -55.19
CA LYS D 271 -23.27 -21.85 -54.94
C LYS D 271 -23.11 -21.42 -53.48
N ASP D 272 -24.20 -21.20 -52.77
CA ASP D 272 -24.10 -20.93 -51.35
C ASP D 272 -23.68 -22.20 -50.60
N HIS D 273 -22.54 -22.10 -49.89
CA HIS D 273 -21.86 -23.19 -49.21
C HIS D 273 -21.43 -24.34 -50.14
N LYS D 274 -21.52 -24.14 -51.47
CA LYS D 274 -21.19 -25.13 -52.49
C LYS D 274 -21.93 -26.45 -52.28
N ALA D 275 -23.26 -26.36 -52.28
CA ALA D 275 -24.13 -27.44 -51.82
C ALA D 275 -24.75 -28.18 -52.99
N LEU D 276 -24.69 -29.52 -52.94
CA LEU D 276 -25.39 -30.38 -53.90
C LEU D 276 -26.69 -30.86 -53.29
N TYR D 277 -27.62 -29.93 -53.12
CA TYR D 277 -28.86 -30.25 -52.41
C TYR D 277 -29.77 -31.11 -53.28
N PHE D 278 -30.51 -31.99 -52.61
CA PHE D 278 -31.40 -32.92 -53.31
C PHE D 278 -32.58 -32.19 -53.92
N ARG D 279 -33.03 -32.68 -55.07
CA ARG D 279 -34.15 -32.09 -55.80
C ARG D 279 -35.41 -32.89 -55.52
N ALA D 280 -36.45 -32.21 -55.05
CA ALA D 280 -37.70 -32.85 -54.66
C ALA D 280 -38.63 -32.89 -55.87
N ILE D 281 -38.76 -34.06 -56.48
CA ILE D 281 -39.64 -34.26 -57.62
C ILE D 281 -40.79 -35.21 -57.31
N GLU D 282 -40.74 -35.92 -56.18
CA GLU D 282 -41.76 -36.90 -55.82
C GLU D 282 -42.96 -36.28 -55.11
N ARG D 283 -43.17 -34.98 -55.28
CA ARG D 283 -44.33 -34.24 -54.73
C ARG D 283 -44.38 -34.32 -53.21
N GLU D 284 -43.34 -33.76 -52.58
CA GLU D 284 -43.27 -33.50 -51.14
C GLU D 284 -43.36 -34.79 -50.32
N VAL D 285 -42.42 -35.69 -50.55
CA VAL D 285 -42.29 -36.92 -49.78
C VAL D 285 -40.88 -36.96 -49.19
N SER D 286 -40.80 -37.21 -47.89
CA SER D 286 -39.52 -37.33 -47.22
C SER D 286 -38.81 -38.62 -47.64
N ARG D 287 -37.51 -38.66 -47.42
CA ARG D 287 -36.67 -39.78 -47.82
C ARG D 287 -35.89 -40.27 -46.61
N ASN D 288 -36.17 -41.50 -46.17
CA ASN D 288 -35.38 -42.12 -45.13
C ASN D 288 -34.03 -42.60 -45.67
N PHE D 289 -34.05 -43.17 -46.87
CA PHE D 289 -32.88 -43.72 -47.58
C PHE D 289 -32.14 -44.75 -46.71
N ALA D 290 -32.83 -45.86 -46.49
CA ALA D 290 -32.25 -46.98 -45.76
C ALA D 290 -31.18 -47.66 -46.62
N TYR D 291 -30.02 -47.91 -46.01
CA TYR D 291 -28.95 -48.67 -46.66
C TYR D 291 -28.64 -49.97 -45.91
N THR D 292 -28.40 -49.89 -44.60
CA THR D 292 -28.12 -51.02 -43.71
C THR D 292 -26.95 -51.86 -44.23
N SER D 293 -25.77 -51.23 -44.21
CA SER D 293 -24.59 -51.78 -44.86
C SER D 293 -24.12 -53.08 -44.20
N SER D 294 -23.96 -53.07 -42.87
CA SER D 294 -23.45 -54.24 -42.18
C SER D 294 -24.47 -54.87 -41.24
N LYS D 295 -24.94 -54.13 -40.23
CA LYS D 295 -25.94 -54.66 -39.31
C LYS D 295 -27.23 -53.86 -39.34
N LYS D 296 -27.18 -52.58 -38.96
CA LYS D 296 -28.38 -51.73 -38.93
C LYS D 296 -27.91 -50.29 -38.90
N LYS D 297 -28.17 -49.56 -39.98
CA LYS D 297 -27.76 -48.16 -40.06
C LYS D 297 -28.64 -47.46 -41.09
N THR D 298 -28.41 -46.14 -41.22
CA THR D 298 -29.12 -45.25 -42.14
C THR D 298 -30.64 -45.30 -41.93
N ASP D 299 -31.05 -45.40 -40.67
CA ASP D 299 -32.46 -45.32 -40.31
C ASP D 299 -32.91 -43.91 -40.01
N ALA D 300 -31.99 -42.95 -39.95
CA ALA D 300 -32.34 -41.56 -39.75
C ALA D 300 -32.83 -40.95 -41.07
N ASN D 301 -33.69 -39.94 -40.94
CA ASN D 301 -34.31 -39.31 -42.11
C ASN D 301 -33.28 -38.42 -42.81
N VAL D 302 -32.89 -38.81 -44.03
CA VAL D 302 -31.98 -37.99 -44.81
C VAL D 302 -32.68 -36.73 -45.29
N VAL D 303 -33.93 -36.86 -45.74
CA VAL D 303 -34.76 -35.72 -46.13
C VAL D 303 -35.96 -35.70 -45.19
N SER D 304 -36.29 -34.51 -44.68
CA SER D 304 -37.42 -34.34 -43.79
C SER D 304 -38.37 -33.28 -44.34
N VAL D 305 -39.65 -33.43 -44.00
CA VAL D 305 -40.70 -32.53 -44.45
C VAL D 305 -41.35 -31.90 -43.23
N PHE D 306 -41.43 -30.57 -43.21
CA PHE D 306 -42.08 -29.84 -42.14
C PHE D 306 -43.10 -28.89 -42.74
N LYS D 307 -44.29 -28.85 -42.13
CA LYS D 307 -45.35 -27.97 -42.57
C LYS D 307 -45.45 -26.78 -41.62
N ASN D 308 -46.35 -25.86 -41.94
CA ASN D 308 -46.44 -24.58 -41.23
C ASN D 308 -47.03 -24.78 -39.83
N SER D 309 -47.15 -23.66 -39.11
CA SER D 309 -47.64 -23.71 -37.73
C SER D 309 -49.12 -24.07 -37.67
N LYS D 310 -49.94 -23.49 -38.53
CA LYS D 310 -51.37 -23.74 -38.53
C LYS D 310 -51.87 -24.40 -39.80
N ASP D 311 -51.57 -23.81 -40.96
CA ASP D 311 -52.17 -24.26 -42.23
C ASP D 311 -51.26 -25.24 -42.95
N GLU D 312 -51.83 -26.35 -43.39
CA GLU D 312 -51.10 -27.33 -44.17
C GLU D 312 -51.05 -26.99 -45.66
N THR D 313 -51.87 -26.03 -46.11
CA THR D 313 -51.76 -25.56 -47.49
C THR D 313 -50.46 -24.79 -47.70
N ARG D 314 -50.04 -24.03 -46.70
CA ARG D 314 -48.77 -23.33 -46.74
C ARG D 314 -47.70 -24.26 -46.15
N VAL D 315 -46.60 -24.44 -46.89
CA VAL D 315 -45.50 -25.28 -46.46
C VAL D 315 -44.41 -24.38 -45.89
N SER D 316 -43.96 -24.70 -44.68
CA SER D 316 -42.92 -23.89 -44.05
C SER D 316 -41.57 -24.13 -44.71
N PHE D 317 -41.06 -25.36 -44.62
CA PHE D 317 -39.80 -25.72 -45.25
C PHE D 317 -39.72 -27.24 -45.33
N VAL D 318 -39.30 -27.74 -46.50
CA VAL D 318 -38.87 -29.12 -46.64
C VAL D 318 -37.35 -29.12 -46.72
N ARG D 319 -36.72 -29.87 -45.82
CA ARG D 319 -35.29 -29.73 -45.59
C ARG D 319 -34.55 -31.03 -45.90
N HIS D 320 -33.30 -30.87 -46.35
CA HIS D 320 -32.41 -31.99 -46.60
C HIS D 320 -30.99 -31.46 -46.54
N HIS D 321 -30.05 -32.34 -46.28
CA HIS D 321 -28.66 -31.95 -46.11
C HIS D 321 -27.81 -32.31 -47.32
N ALA D 322 -26.85 -31.43 -47.61
CA ALA D 322 -25.93 -31.58 -48.72
C ALA D 322 -24.51 -31.41 -48.17
N PHE D 323 -23.55 -31.26 -49.07
CA PHE D 323 -22.16 -31.23 -48.66
C PHE D 323 -21.35 -30.45 -49.69
N SER D 324 -20.05 -30.35 -49.48
CA SER D 324 -19.17 -29.62 -50.38
C SER D 324 -17.78 -30.18 -50.24
N PRO D 325 -17.15 -30.56 -51.35
CA PRO D 325 -15.85 -31.21 -51.21
C PRO D 325 -14.64 -30.34 -51.51
N ARG D 326 -13.63 -30.39 -50.64
CA ARG D 326 -12.39 -29.68 -50.89
C ARG D 326 -11.32 -30.73 -51.06
N PHE D 327 -10.54 -30.64 -52.13
CA PHE D 327 -9.55 -31.67 -52.41
C PHE D 327 -8.15 -31.17 -52.11
N GLU D 328 -7.29 -32.06 -51.65
CA GLU D 328 -5.91 -31.70 -51.34
C GLU D 328 -5.00 -32.91 -51.57
N LEU D 329 -3.72 -32.75 -51.23
CA LEU D 329 -2.74 -33.80 -51.42
C LEU D 329 -1.92 -34.00 -50.14
N MET D 330 -1.43 -35.22 -49.96
CA MET D 330 -0.52 -35.54 -48.87
C MET D 330 0.38 -36.67 -49.37
N ALA D 331 1.68 -36.36 -49.52
CA ALA D 331 2.70 -37.31 -49.97
C ALA D 331 2.32 -37.96 -51.29
N ASP D 332 1.86 -37.12 -52.23
CA ASP D 332 1.36 -37.52 -53.56
C ASP D 332 0.21 -38.52 -53.47
N GLN D 333 -0.62 -38.40 -52.43
CA GLN D 333 -1.86 -39.15 -52.31
C GLN D 333 -2.97 -38.14 -52.06
N TRP D 334 -3.95 -38.10 -52.95
CA TRP D 334 -4.96 -37.05 -52.85
C TRP D 334 -6.08 -37.44 -51.91
N TYR D 335 -6.77 -36.43 -51.40
CA TYR D 335 -7.82 -36.61 -50.40
C TYR D 335 -8.97 -35.65 -50.67
N LEU D 336 -10.16 -36.06 -50.23
CA LEU D 336 -11.38 -35.26 -50.28
C LEU D 336 -11.85 -34.99 -48.86
N ILE D 337 -12.52 -33.85 -48.67
CA ILE D 337 -13.10 -33.50 -47.38
C ILE D 337 -14.63 -33.50 -47.49
N ILE D 338 -15.29 -33.61 -46.33
CA ILE D 338 -16.74 -33.52 -46.24
C ILE D 338 -17.09 -32.44 -45.22
N THR D 339 -17.77 -31.39 -45.66
CA THR D 339 -18.42 -30.42 -44.78
C THR D 339 -19.91 -30.44 -45.07
N PRO D 340 -20.67 -31.25 -44.34
CA PRO D 340 -22.11 -31.33 -44.59
C PRO D 340 -22.84 -30.13 -44.00
N THR D 341 -23.65 -29.48 -44.84
CA THR D 341 -24.54 -28.42 -44.42
C THR D 341 -25.98 -28.87 -44.60
N TYR D 342 -26.89 -28.18 -43.93
CA TYR D 342 -28.31 -28.41 -44.16
C TYR D 342 -28.79 -27.50 -45.28
N TYR D 343 -30.04 -27.69 -45.70
CA TYR D 343 -30.64 -26.86 -46.73
C TYR D 343 -32.14 -26.93 -46.57
N TYR D 344 -32.78 -25.77 -46.41
CA TYR D 344 -34.21 -25.68 -46.20
C TYR D 344 -34.84 -25.02 -47.42
N THR D 345 -35.66 -25.77 -48.14
CA THR D 345 -36.44 -25.25 -49.24
C THR D 345 -37.87 -25.04 -48.78
N THR D 346 -38.38 -23.82 -48.97
CA THR D 346 -39.73 -23.48 -48.48
C THR D 346 -40.80 -24.26 -49.23
N ASN D 347 -40.77 -24.23 -50.56
CA ASN D 347 -41.82 -24.85 -51.36
C ASN D 347 -41.30 -25.69 -52.52
N GLY D 348 -40.04 -25.57 -52.90
CA GLY D 348 -39.53 -26.32 -54.03
C GLY D 348 -38.16 -25.90 -54.50
N TYR D 349 -38.03 -25.66 -55.80
CA TYR D 349 -36.75 -25.38 -56.43
C TYR D 349 -36.33 -23.92 -56.34
N ALA D 350 -37.16 -23.06 -55.74
CA ALA D 350 -36.76 -21.68 -55.49
C ALA D 350 -35.77 -21.63 -54.32
N PRO D 351 -34.79 -20.73 -54.37
CA PRO D 351 -33.89 -20.57 -53.22
C PRO D 351 -34.62 -20.00 -52.01
N HIS D 352 -34.07 -20.29 -50.84
CA HIS D 352 -34.72 -19.92 -49.59
C HIS D 352 -34.63 -18.40 -49.36
N GLN D 353 -35.75 -17.81 -48.94
CA GLN D 353 -35.78 -16.40 -48.59
C GLN D 353 -34.94 -16.13 -47.34
N PHE D 354 -35.04 -16.99 -46.33
CA PHE D 354 -34.28 -16.82 -45.09
C PHE D 354 -33.97 -18.17 -44.46
N ALA D 355 -32.69 -18.43 -44.23
CA ALA D 355 -32.27 -19.73 -43.73
C ALA D 355 -31.17 -19.65 -42.67
N ALA D 356 -30.59 -18.47 -42.43
CA ALA D 356 -29.57 -18.33 -41.39
C ALA D 356 -30.06 -18.66 -39.98
N PRO D 357 -31.24 -18.19 -39.51
CA PRO D 357 -31.66 -18.62 -38.15
C PRO D 357 -31.96 -20.10 -38.05
N LEU D 358 -32.55 -20.71 -39.07
CA LEU D 358 -32.84 -22.15 -39.02
C LEU D 358 -31.56 -22.97 -39.07
N LEU D 359 -30.61 -22.57 -39.92
CA LEU D 359 -29.33 -23.27 -39.99
C LEU D 359 -28.54 -23.11 -38.69
N ALA D 360 -28.62 -21.93 -38.08
CA ALA D 360 -28.00 -21.72 -36.77
C ALA D 360 -28.66 -22.59 -35.70
N GLY D 361 -29.99 -22.68 -35.73
CA GLY D 361 -30.69 -23.46 -34.71
C GLY D 361 -30.43 -24.95 -34.83
N LYS D 362 -30.40 -25.48 -36.05
CA LYS D 362 -30.13 -26.91 -36.23
C LYS D 362 -28.70 -27.26 -35.86
N LYS D 363 -27.75 -26.37 -36.18
CA LYS D 363 -26.37 -26.59 -35.77
C LYS D 363 -26.21 -26.46 -34.27
N ARG D 364 -27.03 -25.63 -33.62
CA ARG D 364 -27.05 -25.58 -32.17
C ARG D 364 -27.64 -26.86 -31.58
N LEU D 365 -28.53 -27.53 -32.31
CA LEU D 365 -29.24 -28.68 -31.78
C LEU D 365 -28.41 -29.96 -31.86
N ASP D 366 -27.78 -30.21 -33.00
CA ASP D 366 -27.11 -31.48 -33.24
C ASP D 366 -25.81 -31.60 -32.47
N LYS D 367 -25.60 -32.76 -31.85
CA LYS D 367 -24.37 -33.05 -31.15
C LYS D 367 -23.35 -33.63 -32.13
N SER D 368 -22.25 -34.20 -31.60
CA SER D 368 -21.19 -34.72 -32.45
C SER D 368 -21.58 -36.01 -33.15
N ALA D 369 -22.62 -36.71 -32.68
CA ALA D 369 -22.99 -37.98 -33.28
C ALA D 369 -23.62 -37.80 -34.64
N ALA D 370 -24.26 -36.65 -34.89
CA ALA D 370 -24.84 -36.39 -36.21
C ALA D 370 -23.75 -36.27 -37.27
N LEU D 371 -22.63 -35.64 -36.92
CA LEU D 371 -21.48 -35.63 -37.82
C LEU D 371 -20.90 -37.04 -38.00
N ARG D 372 -20.86 -37.82 -36.91
CA ARG D 372 -20.41 -39.21 -37.01
C ARG D 372 -21.36 -40.04 -37.85
N GLY D 373 -22.66 -39.86 -37.66
CA GLY D 373 -23.64 -40.56 -38.50
C GLY D 373 -23.53 -40.16 -39.96
N GLN D 374 -23.26 -38.88 -40.22
CA GLN D 374 -23.08 -38.42 -41.60
C GLN D 374 -21.82 -39.01 -42.22
N VAL D 375 -20.70 -39.03 -41.49
CA VAL D 375 -19.49 -39.57 -42.11
C VAL D 375 -19.52 -41.08 -42.19
N ILE D 376 -20.39 -41.75 -41.43
CA ILE D 376 -20.55 -43.19 -41.61
C ILE D 376 -21.66 -43.54 -42.60
N MET D 377 -22.50 -42.58 -42.98
CA MET D 377 -23.56 -42.85 -43.94
C MET D 377 -23.33 -42.23 -45.32
N TRP D 378 -22.39 -41.32 -45.48
CA TRP D 378 -22.15 -40.64 -46.73
C TRP D 378 -20.74 -40.87 -47.24
N HIS D 379 -20.61 -40.81 -48.56
CA HIS D 379 -19.37 -40.98 -49.33
C HIS D 379 -18.74 -42.35 -49.17
N ARG D 380 -19.44 -43.28 -48.56
CA ARG D 380 -19.16 -44.71 -48.59
C ARG D 380 -20.39 -45.50 -48.97
N PHE D 381 -21.57 -45.05 -48.53
CA PHE D 381 -22.82 -45.77 -48.78
C PHE D 381 -23.90 -44.91 -49.42
N LEU D 382 -23.65 -43.61 -49.62
CA LEU D 382 -24.56 -42.74 -50.36
C LEU D 382 -23.76 -42.05 -51.45
N THR D 383 -24.31 -42.08 -52.68
CA THR D 383 -23.67 -41.61 -53.91
C THR D 383 -22.33 -42.30 -54.16
N GLN D 384 -22.16 -43.51 -53.62
CA GLN D 384 -21.01 -44.39 -53.90
C GLN D 384 -21.57 -45.80 -53.99
N SER D 385 -21.98 -46.20 -55.18
CA SER D 385 -22.60 -47.50 -55.38
C SER D 385 -22.09 -48.17 -56.66
N TYR D 400 -15.80 -43.43 -62.43
CA TYR D 400 -14.43 -43.15 -62.83
C TYR D 400 -13.52 -43.04 -61.62
N LEU D 401 -13.99 -42.37 -60.58
CA LEU D 401 -13.24 -42.20 -59.34
C LEU D 401 -13.71 -43.20 -58.31
N MET D 402 -12.77 -43.97 -57.75
CA MET D 402 -13.07 -44.95 -56.72
C MET D 402 -12.72 -44.38 -55.35
N PHE D 403 -13.65 -44.50 -54.42
CA PHE D 403 -13.53 -43.86 -53.11
C PHE D 403 -13.31 -44.92 -52.04
N GLY D 404 -12.23 -44.77 -51.28
CA GLY D 404 -11.88 -45.73 -50.26
C GLY D 404 -12.54 -45.44 -48.92
N GLU D 405 -12.16 -46.25 -47.93
CA GLU D 405 -12.64 -46.08 -46.58
C GLU D 405 -11.93 -44.91 -45.91
N PRO D 406 -12.61 -44.18 -45.01
CA PRO D 406 -11.94 -43.11 -44.26
C PRO D 406 -10.85 -43.66 -43.36
N PRO D 407 -9.75 -42.94 -43.22
CA PRO D 407 -8.63 -43.46 -42.41
C PRO D 407 -8.99 -43.55 -40.93
N SER D 408 -8.39 -44.53 -40.27
CA SER D 408 -8.64 -44.80 -38.86
C SER D 408 -7.35 -44.66 -38.07
N ILE D 409 -7.45 -44.04 -36.90
CA ILE D 409 -6.32 -43.77 -36.05
C ILE D 409 -6.59 -44.33 -34.67
N HIS D 410 -5.52 -44.49 -33.90
CA HIS D 410 -5.62 -44.98 -32.52
C HIS D 410 -5.46 -43.80 -31.57
N LEU D 411 -6.44 -43.62 -30.70
CA LEU D 411 -6.39 -42.59 -29.67
C LEU D 411 -5.94 -43.23 -28.36
N ASP D 412 -4.95 -42.62 -27.72
CA ASP D 412 -4.30 -43.26 -26.57
C ASP D 412 -5.19 -43.25 -25.34
N VAL D 413 -6.11 -42.29 -25.24
CA VAL D 413 -7.00 -42.16 -24.09
C VAL D 413 -8.43 -42.04 -24.60
N ARG D 414 -9.31 -42.90 -24.11
CA ARG D 414 -10.72 -42.88 -24.49
C ARG D 414 -11.48 -41.89 -23.61
N VAL D 415 -12.35 -41.10 -24.23
CA VAL D 415 -13.16 -40.13 -23.52
C VAL D 415 -14.21 -40.86 -22.69
N PRO D 416 -14.27 -40.62 -21.37
CA PRO D 416 -15.23 -41.35 -20.52
C PRO D 416 -16.64 -40.80 -20.60
N GLU D 417 -17.32 -41.10 -21.71
CA GLU D 417 -18.66 -40.59 -21.95
C GLU D 417 -19.70 -41.21 -21.02
N ASP D 418 -19.40 -42.37 -20.43
CA ASP D 418 -20.36 -43.05 -19.57
C ASP D 418 -20.55 -42.37 -18.23
N GLY D 419 -19.67 -41.43 -17.86
CA GLY D 419 -19.75 -40.79 -16.56
C GLY D 419 -20.61 -39.56 -16.50
N TRP D 420 -20.91 -38.95 -17.65
CA TRP D 420 -21.65 -37.69 -17.63
C TRP D 420 -23.16 -37.94 -17.57
N VAL D 421 -23.90 -36.84 -17.44
CA VAL D 421 -25.36 -36.88 -17.36
C VAL D 421 -25.98 -37.25 -18.71
N LYS D 422 -25.25 -37.02 -19.81
CA LYS D 422 -25.72 -37.15 -21.19
C LYS D 422 -26.93 -36.22 -21.41
N GLU D 423 -26.63 -34.92 -21.33
CA GLU D 423 -27.63 -33.86 -21.36
C GLU D 423 -28.07 -33.51 -22.78
N LYS D 424 -28.49 -34.52 -23.54
CA LYS D 424 -28.94 -34.40 -24.94
C LYS D 424 -27.90 -33.72 -25.83
N THR K 2 -39.68 -8.73 -2.96
CA THR K 2 -39.24 -7.94 -1.81
C THR K 2 -38.94 -6.51 -2.23
N PHE K 3 -38.85 -5.62 -1.24
CA PHE K 3 -38.63 -4.19 -1.48
C PHE K 3 -37.37 -3.73 -0.78
N GLU K 4 -36.60 -2.89 -1.47
CA GLU K 4 -35.35 -2.37 -0.94
C GLU K 4 -35.62 -1.26 0.07
N THR K 5 -34.71 -1.08 1.01
CA THR K 5 -34.89 -0.08 2.06
C THR K 5 -33.54 0.42 2.54
N ARG K 6 -33.56 1.59 3.17
CA ARG K 6 -32.41 2.15 3.86
C ARG K 6 -32.86 2.71 5.21
N ILE K 7 -31.87 2.94 6.07
CA ILE K 7 -32.07 3.61 7.34
C ILE K 7 -31.06 4.74 7.45
N PHE K 8 -31.41 5.75 8.23
CA PHE K 8 -30.56 6.92 8.39
C PHE K 8 -30.33 7.20 9.87
N ASP K 9 -29.07 7.45 10.22
CA ASP K 9 -28.78 7.95 11.55
C ASP K 9 -29.28 9.39 11.68
N GLU K 10 -29.52 9.80 12.91
CA GLU K 10 -30.13 11.10 13.16
C GLU K 10 -29.14 12.23 12.88
N PRO K 11 -29.49 13.20 12.04
CA PRO K 11 -28.55 14.27 11.71
C PRO K 11 -28.32 15.20 12.89
N GLU K 12 -27.12 15.77 12.93
CA GLU K 12 -26.74 16.68 14.01
C GLU K 12 -27.06 18.12 13.62
N LEU K 13 -26.91 19.02 14.59
CA LEU K 13 -27.16 20.45 14.40
C LEU K 13 -25.94 21.21 14.87
N GLU K 14 -25.48 22.18 14.06
CA GLU K 14 -24.31 22.96 14.42
C GLU K 14 -24.64 23.94 15.53
N PHE K 15 -23.64 24.25 16.34
CA PHE K 15 -23.81 25.16 17.47
C PHE K 15 -22.49 25.90 17.69
N GLY K 16 -22.34 26.50 18.87
CA GLY K 16 -21.14 27.25 19.17
C GLY K 16 -19.94 26.35 19.36
N ASP K 17 -18.75 26.80 18.96
CA ASP K 17 -17.55 25.96 19.06
C ASP K 17 -17.65 24.74 18.15
N HIS K 18 -18.12 24.95 16.94
CA HIS K 18 -18.23 23.90 15.93
C HIS K 18 -18.99 22.66 16.41
N HIS K 19 -19.83 22.78 17.43
CA HIS K 19 -20.39 21.61 18.09
C HIS K 19 -21.58 21.04 17.33
N HIS K 20 -21.57 19.74 17.12
CA HIS K 20 -22.61 19.04 16.38
C HIS K 20 -23.41 18.16 17.34
N HIS K 21 -24.73 18.30 17.33
CA HIS K 21 -25.58 17.45 18.15
C HIS K 21 -26.96 17.34 17.53
N GLN K 22 -27.61 16.21 17.75
CA GLN K 22 -28.95 15.95 17.24
C GLN K 22 -30.04 16.47 18.14
N ASP K 23 -29.71 16.94 19.34
CA ASP K 23 -30.68 17.44 20.31
C ASP K 23 -30.45 18.93 20.51
N PRO K 24 -31.26 19.80 19.88
CA PRO K 24 -30.97 21.25 19.92
C PRO K 24 -31.01 21.87 21.31
N ARG K 25 -31.86 21.34 22.19
CA ARG K 25 -31.85 21.78 23.59
C ARG K 25 -30.50 21.46 24.24
N LEU K 26 -30.01 20.24 24.02
CA LEU K 26 -28.74 19.83 24.61
C LEU K 26 -27.57 20.59 24.00
N GLY K 27 -27.59 20.81 22.69
CA GLY K 27 -26.52 21.55 22.05
C GLY K 27 -26.48 23.00 22.48
N LEU K 28 -27.66 23.63 22.61
CA LEU K 28 -27.72 25.00 23.11
C LEU K 28 -27.24 25.09 24.55
N SER K 29 -27.64 24.14 25.40
CA SER K 29 -27.23 24.21 26.79
C SER K 29 -25.79 23.80 27.01
N GLU K 30 -25.19 23.05 26.08
CA GLU K 30 -23.83 22.55 26.27
C GLU K 30 -22.76 23.42 25.62
N ALA K 31 -23.04 24.00 24.44
CA ALA K 31 -22.01 24.76 23.74
C ALA K 31 -22.47 26.16 23.34
N GLY K 32 -23.60 26.63 23.85
CA GLY K 32 -24.07 27.96 23.55
C GLY K 32 -24.65 28.08 22.16
N PRO K 33 -25.10 29.27 21.80
CA PRO K 33 -25.65 29.47 20.45
C PRO K 33 -24.54 29.50 19.41
N LEU K 34 -24.95 29.37 18.15
CA LEU K 34 -23.99 29.37 17.04
C LEU K 34 -23.31 30.72 16.91
N GLN K 35 -24.07 31.80 17.00
CA GLN K 35 -23.52 33.16 16.97
C GLN K 35 -23.92 33.85 18.26
N THR K 36 -22.95 34.08 19.14
CA THR K 36 -23.22 34.73 20.41
C THR K 36 -23.42 36.22 20.20
N PHE K 37 -24.11 36.84 21.15
CA PHE K 37 -24.38 38.27 21.12
C PHE K 37 -23.27 39.03 21.84
N LEU K 38 -23.07 40.29 21.43
CA LEU K 38 -22.04 41.11 22.04
C LEU K 38 -22.46 41.60 23.42
N GLY K 39 -23.55 42.36 23.48
CA GLY K 39 -24.08 42.80 24.76
C GLY K 39 -25.03 41.79 25.37
N ASP K 40 -25.03 41.74 26.70
CA ASP K 40 -25.89 40.80 27.43
C ASP K 40 -27.23 41.42 27.79
N VAL K 41 -27.90 42.02 26.81
CA VAL K 41 -29.19 42.67 27.04
C VAL K 41 -30.15 42.30 25.93
N ILE K 42 -31.38 41.97 26.30
CA ILE K 42 -32.51 41.91 25.38
C ILE K 42 -33.67 42.62 26.04
N LYS K 43 -34.26 43.59 25.32
CA LYS K 43 -35.40 44.35 25.81
C LYS K 43 -36.66 43.87 25.11
N ILE K 44 -37.67 43.52 25.89
CA ILE K 44 -38.90 42.92 25.36
C ILE K 44 -40.08 43.83 25.71
N GLY K 45 -40.87 44.18 24.70
CA GLY K 45 -42.09 44.90 24.94
C GLY K 45 -43.21 43.98 25.41
N VAL K 46 -44.26 44.58 25.96
CA VAL K 46 -45.37 43.81 26.52
C VAL K 46 -46.64 44.64 26.44
N VAL K 47 -47.71 44.05 25.93
CA VAL K 47 -49.04 44.63 25.93
C VAL K 47 -49.95 43.71 26.73
N GLY K 48 -50.66 44.28 27.70
CA GLY K 48 -51.54 43.50 28.55
C GLY K 48 -52.08 44.33 29.68
N ASN K 49 -53.00 43.73 30.44
CA ASN K 49 -53.54 44.38 31.62
C ASN K 49 -52.53 44.27 32.76
N SER K 50 -52.86 44.92 33.89
CA SER K 50 -51.89 45.05 34.98
C SER K 50 -51.54 43.71 35.63
N LYS K 51 -52.42 42.73 35.53
CA LYS K 51 -52.14 41.43 36.14
C LYS K 51 -51.12 40.64 35.33
N THR K 52 -51.15 40.76 34.01
CA THR K 52 -50.22 39.98 33.18
C THR K 52 -48.80 40.53 33.20
N ILE K 53 -48.63 41.85 33.30
CA ILE K 53 -47.29 42.43 33.36
C ILE K 53 -46.56 41.98 34.63
N GLU K 54 -47.24 42.02 35.78
CA GLU K 54 -46.56 41.72 37.04
C GLU K 54 -46.15 40.24 37.12
N ASP K 55 -47.06 39.32 36.82
CA ASP K 55 -46.68 37.92 36.90
C ASP K 55 -45.82 37.51 35.73
N THR K 56 -45.82 38.29 34.63
CA THR K 56 -44.78 38.12 33.61
C THR K 56 -43.40 38.46 34.18
N ARG K 57 -43.31 39.53 34.97
CA ARG K 57 -42.04 39.89 35.61
C ARG K 57 -41.59 38.81 36.59
N LYS K 58 -42.51 38.30 37.42
CA LYS K 58 -42.13 37.19 38.28
C LYS K 58 -41.86 35.89 37.52
N PHE K 59 -42.47 35.70 36.34
CA PHE K 59 -42.12 34.54 35.52
C PHE K 59 -40.69 34.64 35.01
N ILE K 60 -40.31 35.83 34.52
CA ILE K 60 -38.95 36.06 34.04
C ILE K 60 -37.94 35.90 35.18
N GLU K 61 -38.33 36.34 36.38
CA GLU K 61 -37.44 36.18 37.53
C GLU K 61 -37.34 34.70 37.95
N THR K 62 -38.46 33.98 37.97
CA THR K 62 -38.47 32.63 38.51
C THR K 62 -37.86 31.61 37.54
N VAL K 63 -37.89 31.86 36.23
CA VAL K 63 -37.25 30.93 35.31
C VAL K 63 -35.74 30.99 35.36
N SER K 64 -35.16 31.96 36.07
CA SER K 64 -33.71 32.11 36.18
C SER K 64 -33.12 31.35 37.36
N SER K 65 -33.76 30.27 37.80
CA SER K 65 -33.24 29.51 38.92
C SER K 65 -33.35 28.00 38.73
N GLY K 66 -33.67 27.52 37.53
CA GLY K 66 -33.68 26.09 37.28
C GLY K 66 -35.01 25.39 37.44
N VAL K 67 -36.04 25.85 36.72
CA VAL K 67 -37.32 25.16 36.71
C VAL K 67 -37.16 23.79 36.06
N GLU K 68 -37.53 22.75 36.81
CA GLU K 68 -37.33 21.38 36.35
C GLU K 68 -38.44 20.96 35.40
N GLY K 69 -38.37 19.72 34.94
CA GLY K 69 -39.28 19.20 33.93
C GLY K 69 -40.57 18.65 34.50
N LYS K 70 -41.23 17.82 33.70
CA LYS K 70 -42.49 17.21 34.13
C LYS K 70 -42.26 16.11 35.15
N GLY K 71 -41.21 15.31 34.96
CA GLY K 71 -40.96 14.22 35.90
C GLY K 71 -39.55 13.71 35.79
N GLU K 72 -39.16 12.94 36.81
CA GLU K 72 -37.84 12.33 36.83
C GLU K 72 -37.69 11.24 35.77
N LYS K 73 -38.78 10.52 35.48
CA LYS K 73 -38.75 9.49 34.45
C LYS K 73 -38.56 10.12 33.08
N HIS K 74 -37.79 9.43 32.22
CA HIS K 74 -37.49 9.81 30.84
C HIS K 74 -36.98 11.25 30.78
N PRO K 75 -35.76 11.50 31.24
CA PRO K 75 -35.36 12.86 31.63
C PRO K 75 -34.95 13.75 30.47
N ASN K 76 -35.26 13.34 29.24
CA ASN K 76 -34.69 13.95 28.05
C ASN K 76 -35.68 14.50 27.02
N MET K 77 -36.99 14.27 27.14
CA MET K 77 -37.89 15.06 26.30
C MET K 77 -38.28 16.36 26.97
N HIS K 78 -38.39 16.35 28.30
CA HIS K 78 -38.59 17.58 29.06
C HIS K 78 -37.36 17.80 29.94
N PRO K 79 -36.29 18.37 29.39
CA PRO K 79 -35.06 18.55 30.16
C PRO K 79 -35.20 19.65 31.17
N PRO K 80 -34.35 19.69 32.21
CA PRO K 80 -34.38 20.83 33.13
C PRO K 80 -33.84 22.09 32.47
N PHE K 81 -34.62 23.16 32.54
CA PHE K 81 -34.16 24.45 32.04
C PHE K 81 -33.07 24.98 32.96
N PRO K 82 -31.88 25.33 32.43
CA PRO K 82 -30.77 25.74 33.29
C PRO K 82 -30.90 27.16 33.83
N GLY K 83 -31.90 27.91 33.39
CA GLY K 83 -32.11 29.26 33.88
C GLY K 83 -31.63 30.31 32.90
N LEU K 84 -31.57 31.54 33.41
CA LEU K 84 -31.06 32.68 32.66
C LEU K 84 -29.83 33.29 33.33
N GLY K 85 -29.20 32.57 34.25
CA GLY K 85 -28.07 33.12 34.98
C GLY K 85 -26.84 32.24 34.99
N ASN K 86 -25.76 32.75 34.38
CA ASN K 86 -24.39 32.22 34.41
C ASN K 86 -24.23 30.87 33.71
N GLN K 87 -25.31 30.24 33.27
CA GLN K 87 -25.27 28.98 32.56
C GLN K 87 -26.33 28.92 31.47
N SER K 88 -26.70 30.08 30.94
CA SER K 88 -27.85 30.18 30.05
C SER K 88 -27.57 29.49 28.71
N PRO K 89 -28.59 28.89 28.09
CA PRO K 89 -28.43 28.40 26.71
C PRO K 89 -28.13 29.51 25.73
N TYR K 90 -28.58 30.73 26.01
CA TYR K 90 -28.41 31.86 25.11
C TYR K 90 -27.27 32.78 25.54
N ARG K 91 -26.79 32.65 26.78
CA ARG K 91 -25.68 33.44 27.34
C ARG K 91 -25.96 34.94 27.28
N CYS K 92 -27.23 35.31 27.52
CA CYS K 92 -27.64 36.71 27.55
C CYS K 92 -28.82 36.82 28.50
N ARG K 93 -29.07 38.05 28.97
CA ARG K 93 -30.19 38.31 29.85
C ARG K 93 -31.32 39.00 29.11
N PHE K 94 -32.54 38.76 29.56
CA PHE K 94 -33.75 39.22 28.91
C PHE K 94 -34.62 39.93 29.94
N GLU K 95 -35.17 41.08 29.56
CA GLU K 95 -35.92 41.86 30.53
C GLU K 95 -36.91 42.77 29.82
N ILE K 96 -37.87 43.27 30.60
CA ILE K 96 -38.86 44.24 30.13
C ILE K 96 -38.38 45.62 30.55
N GLU K 97 -38.13 46.50 29.58
CA GLU K 97 -37.73 47.87 29.89
C GLU K 97 -38.94 48.66 30.38
N ASP K 98 -38.68 49.70 31.17
CA ASP K 98 -39.74 50.57 31.66
C ASP K 98 -40.05 51.70 30.69
N GLY K 99 -40.24 51.34 29.43
CA GLY K 99 -40.72 52.26 28.41
C GLY K 99 -41.66 51.53 27.48
N ALA K 100 -41.86 50.23 27.73
CA ALA K 100 -42.80 49.39 27.01
C ALA K 100 -43.62 48.65 28.07
N THR K 101 -44.66 49.31 28.56
CA THR K 101 -45.52 48.79 29.61
C THR K 101 -46.98 49.07 29.27
N ALA K 102 -47.37 48.69 28.06
CA ALA K 102 -48.67 49.09 27.50
C ALA K 102 -49.83 48.49 28.29
N ALA K 103 -50.94 49.22 28.27
CA ALA K 103 -52.21 48.78 28.85
C ALA K 103 -53.32 49.07 27.85
N LEU K 104 -54.50 48.53 28.13
CA LEU K 104 -55.63 48.62 27.23
C LEU K 104 -56.82 49.27 27.92
N THR K 105 -57.55 50.08 27.16
CA THR K 105 -58.76 50.71 27.67
C THR K 105 -59.89 49.69 27.74
N LYS K 106 -60.73 49.84 28.77
CA LYS K 106 -61.84 48.94 29.02
C LYS K 106 -63.19 49.61 28.77
N SER K 107 -63.20 50.60 27.86
CA SER K 107 -64.39 51.38 27.58
C SER K 107 -65.15 50.90 26.35
N LYS K 108 -64.46 50.50 25.29
CA LYS K 108 -65.08 50.11 24.04
C LYS K 108 -65.34 48.61 24.00
N LEU K 109 -66.19 48.13 24.90
CA LEU K 109 -66.47 46.71 24.99
C LEU K 109 -67.93 46.36 24.72
N ASP K 110 -68.87 46.98 25.44
CA ASP K 110 -70.26 46.54 25.43
C ASP K 110 -70.91 46.72 24.07
N LYS K 111 -70.64 47.84 23.40
CA LYS K 111 -71.16 48.02 22.05
C LYS K 111 -70.46 47.10 21.06
N ILE K 112 -69.23 46.69 21.35
CA ILE K 112 -68.64 45.58 20.61
C ILE K 112 -69.34 44.28 20.98
N GLY K 113 -69.71 44.13 22.26
CA GLY K 113 -70.48 42.99 22.70
C GLY K 113 -71.91 42.97 22.18
N LYS K 114 -72.44 44.14 21.79
CA LYS K 114 -73.73 44.16 21.11
C LYS K 114 -73.63 43.59 19.70
N GLU K 115 -72.43 43.55 19.11
CA GLU K 115 -72.07 42.88 17.88
C GLU K 115 -72.90 43.30 16.66
N PRO K 116 -72.72 44.52 16.14
CA PRO K 116 -73.31 44.80 14.83
C PRO K 116 -72.54 44.15 13.69
N ASP K 117 -71.21 44.17 13.77
CA ASP K 117 -70.36 43.59 12.74
C ASP K 117 -69.04 43.19 13.40
N HIS K 118 -68.44 42.12 12.90
CA HIS K 118 -67.19 41.61 13.45
C HIS K 118 -65.96 42.05 12.67
N TYR K 119 -66.08 42.26 11.36
CA TYR K 119 -64.96 42.75 10.55
C TYR K 119 -64.52 44.14 11.01
N ARG K 120 -65.49 45.03 11.27
CA ARG K 120 -65.15 46.33 11.81
C ARG K 120 -64.57 46.23 13.21
N ALA K 121 -64.96 45.19 13.97
CA ALA K 121 -64.41 45.00 15.31
C ALA K 121 -62.94 44.61 15.25
N VAL K 122 -62.59 43.67 14.35
CA VAL K 122 -61.18 43.31 14.20
C VAL K 122 -60.40 44.50 13.65
N GLU K 123 -61.04 45.34 12.82
CA GLU K 123 -60.37 46.50 12.27
C GLU K 123 -60.03 47.52 13.36
N MET K 124 -60.99 47.85 14.24
CA MET K 124 -60.69 48.90 15.21
C MET K 124 -59.75 48.38 16.29
N ALA K 125 -59.90 47.11 16.70
CA ALA K 125 -59.00 46.54 17.70
C ALA K 125 -57.57 46.49 17.19
N VAL K 126 -57.37 46.01 15.96
CA VAL K 126 -56.01 45.91 15.45
C VAL K 126 -55.45 47.28 15.09
N ASP K 127 -56.29 48.23 14.69
CA ASP K 127 -55.82 49.59 14.47
C ASP K 127 -55.33 50.23 15.76
N GLU K 128 -56.04 49.99 16.87
CA GLU K 128 -55.56 50.48 18.16
C GLU K 128 -54.26 49.81 18.57
N ILE K 129 -54.13 48.50 18.32
CA ILE K 129 -52.91 47.77 18.67
C ILE K 129 -51.71 48.32 17.90
N ILE K 130 -51.85 48.48 16.58
CA ILE K 130 -50.75 48.98 15.76
C ILE K 130 -50.46 50.45 16.06
N GLY K 131 -51.49 51.22 16.43
CA GLY K 131 -51.25 52.59 16.84
C GLY K 131 -50.42 52.68 18.12
N GLU K 132 -50.71 51.80 19.09
CA GLU K 132 -49.89 51.77 20.30
C GLU K 132 -48.46 51.33 19.97
N LEU K 133 -48.30 50.32 19.10
CA LEU K 133 -46.96 49.84 18.79
C LEU K 133 -46.15 50.90 18.05
N GLN K 134 -46.79 51.64 17.14
CA GLN K 134 -46.12 52.74 16.46
C GLN K 134 -45.74 53.84 17.43
N ALA K 135 -46.64 54.16 18.37
CA ALA K 135 -46.33 55.18 19.38
C ALA K 135 -45.20 54.74 20.30
N MET K 136 -45.08 53.43 20.55
CA MET K 136 -43.96 52.92 21.33
C MET K 136 -42.66 53.02 20.54
N ASP K 137 -42.68 52.68 19.25
CA ASP K 137 -41.46 52.73 18.45
C ASP K 137 -41.04 54.15 18.11
N ASP K 138 -41.93 55.12 18.24
CA ASP K 138 -41.58 56.51 17.94
C ASP K 138 -40.60 57.07 18.96
N GLY K 139 -40.76 56.71 20.23
CA GLY K 139 -39.95 57.25 21.29
C GLY K 139 -38.60 56.56 21.40
N GLY K 140 -37.86 56.96 22.43
CA GLY K 140 -36.55 56.40 22.69
C GLY K 140 -36.59 55.19 23.61
N SER K 141 -37.60 54.36 23.45
CA SER K 141 -37.77 53.13 24.21
C SER K 141 -38.13 51.98 23.28
N ARG K 142 -37.40 51.87 22.18
CA ARG K 142 -37.68 50.83 21.19
C ARG K 142 -37.31 49.46 21.76
N PRO K 143 -38.21 48.49 21.72
CA PRO K 143 -37.84 47.12 22.10
C PRO K 143 -37.38 46.32 20.90
N ASP K 144 -36.67 45.23 21.19
CA ASP K 144 -36.23 44.33 20.13
C ASP K 144 -37.38 43.46 19.62
N VAL K 145 -38.31 43.09 20.50
CA VAL K 145 -39.47 42.29 20.14
C VAL K 145 -40.71 42.92 20.74
N ALA K 146 -41.85 42.24 20.64
CA ALA K 146 -43.05 42.70 21.30
C ALA K 146 -43.91 41.52 21.69
N ILE K 147 -44.47 41.58 22.89
CA ILE K 147 -45.47 40.62 23.36
C ILE K 147 -46.83 41.28 23.24
N ILE K 148 -47.73 40.63 22.52
CA ILE K 148 -49.03 41.20 22.17
C ILE K 148 -50.10 40.39 22.87
N ALA K 149 -49.80 39.98 24.11
CA ALA K 149 -50.73 39.21 24.93
C ALA K 149 -52.08 39.90 25.05
N LEU K 150 -53.10 39.31 24.43
CA LEU K 150 -54.37 39.98 24.25
C LEU K 150 -55.21 39.90 25.53
N PRO K 151 -56.06 40.90 25.76
CA PRO K 151 -57.07 40.77 26.82
C PRO K 151 -58.05 39.66 26.48
N VAL K 152 -58.57 39.02 27.52
CA VAL K 152 -59.40 37.83 27.34
C VAL K 152 -60.69 38.17 26.62
N LYS K 153 -61.42 39.18 27.12
CA LYS K 153 -62.63 39.65 26.45
C LYS K 153 -62.35 40.26 25.09
N LEU K 154 -61.14 40.78 24.90
CA LEU K 154 -60.77 41.37 23.63
C LEU K 154 -60.42 40.28 22.62
N LEU K 155 -60.21 39.06 23.12
CA LEU K 155 -59.87 37.96 22.24
C LEU K 155 -61.07 37.04 22.04
N GLU K 156 -61.68 36.61 23.14
CA GLU K 156 -62.82 35.71 23.05
C GLU K 156 -63.88 36.27 22.11
N ARG K 157 -64.01 37.59 22.08
CA ARG K 157 -64.98 38.22 21.21
C ARG K 157 -64.35 38.79 19.95
N VAL K 158 -63.11 38.40 19.63
CA VAL K 158 -62.54 38.71 18.32
C VAL K 158 -62.26 37.46 17.51
N TRP K 159 -62.20 36.28 18.13
CA TRP K 159 -62.03 35.02 17.43
C TRP K 159 -63.37 34.33 17.17
N ASN K 160 -64.11 33.99 18.23
CA ASN K 160 -65.44 33.42 18.09
C ASN K 160 -66.51 34.50 18.29
N ALA K 161 -66.43 35.55 17.47
CA ALA K 161 -67.33 36.69 17.57
C ALA K 161 -68.64 36.35 16.87
N LYS K 162 -69.59 35.84 17.64
CA LYS K 162 -70.90 35.48 17.11
C LYS K 162 -72.02 36.02 17.98
N ALA K 179 -67.44 35.95 9.88
CA ALA K 179 -66.24 35.19 9.53
C ALA K 179 -64.98 36.03 9.79
N PRO K 180 -64.46 35.96 11.02
CA PRO K 180 -63.24 36.72 11.35
C PRO K 180 -61.97 35.93 11.08
N ASN K 181 -60.83 36.53 11.43
CA ASN K 181 -59.52 35.91 11.27
C ASN K 181 -58.58 36.57 12.27
N PHE K 182 -57.65 35.79 12.83
CA PHE K 182 -56.71 36.36 13.78
C PHE K 182 -55.41 35.57 13.73
N ARG K 183 -54.42 36.07 14.50
CA ARG K 183 -53.04 35.58 14.55
C ARG K 183 -52.40 35.62 13.17
N GLY K 184 -52.20 36.85 12.70
CA GLY K 184 -51.51 37.05 11.44
C GLY K 184 -52.04 38.22 10.64
N MET K 185 -53.31 38.59 10.81
CA MET K 185 -53.79 39.81 10.17
C MET K 185 -53.20 41.04 10.82
N LEU K 186 -53.04 41.00 12.14
CA LEU K 186 -52.39 42.10 12.85
C LEU K 186 -50.92 42.23 12.45
N LYS K 187 -50.26 41.11 12.15
CA LYS K 187 -48.93 41.17 11.57
C LYS K 187 -48.99 41.71 10.14
N ALA K 188 -50.01 41.31 9.39
CA ALA K 188 -50.19 41.74 8.00
C ALA K 188 -50.41 43.24 7.88
N LYS K 189 -50.87 43.90 8.93
CA LYS K 189 -50.79 45.35 8.99
C LYS K 189 -49.76 45.82 10.03
N ALA K 190 -48.62 45.12 10.09
CA ALA K 190 -47.52 45.54 10.95
C ALA K 190 -46.15 45.32 10.30
N MET K 191 -46.04 45.45 8.98
CA MET K 191 -44.70 45.44 8.36
C MET K 191 -44.11 46.84 8.28
N GLY K 192 -44.11 47.56 9.39
CA GLY K 192 -43.55 48.90 9.40
C GLY K 192 -42.85 49.23 10.69
N LEU K 193 -42.71 48.22 11.55
CA LEU K 193 -42.13 48.41 12.88
C LEU K 193 -40.82 47.64 12.95
N SER K 194 -39.85 48.23 13.67
CA SER K 194 -38.53 47.62 13.78
C SER K 194 -38.58 46.29 14.52
N PHE K 195 -39.34 46.21 15.59
CA PHE K 195 -39.49 44.96 16.30
C PHE K 195 -40.50 44.07 15.58
N PRO K 196 -40.19 42.79 15.38
CA PRO K 196 -41.21 41.84 14.91
C PRO K 196 -42.01 41.32 16.09
N ILE K 197 -43.34 41.42 15.98
CA ILE K 197 -44.22 41.17 17.12
C ILE K 197 -44.30 39.67 17.43
N GLN K 198 -44.82 39.33 18.60
CA GLN K 198 -45.01 37.93 19.00
C GLN K 198 -46.23 37.85 19.89
N ILE K 199 -47.37 37.46 19.30
CA ILE K 199 -48.59 37.27 20.07
C ILE K 199 -48.44 36.04 20.97
N VAL K 200 -48.74 36.20 22.25
CA VAL K 200 -48.71 35.10 23.21
C VAL K 200 -50.03 35.09 23.96
N TRP K 201 -50.83 34.04 23.76
CA TRP K 201 -51.99 33.81 24.60
C TRP K 201 -51.55 33.51 26.02
N GLU K 202 -52.40 33.88 26.99
CA GLU K 202 -52.08 33.84 28.41
C GLU K 202 -51.99 32.43 29.01
N ASP K 203 -52.06 31.40 28.15
CA ASP K 203 -52.21 30.02 28.61
C ASP K 203 -51.02 29.54 29.43
N VAL K 204 -49.84 30.14 29.24
CA VAL K 204 -48.65 29.76 29.96
C VAL K 204 -48.12 30.99 30.70
N ILE K 205 -48.42 32.17 30.16
CA ILE K 205 -48.08 33.42 30.84
C ILE K 205 -48.81 33.51 32.17
N ASP K 206 -50.11 33.19 32.17
CA ASP K 206 -50.86 33.11 33.42
C ASP K 206 -50.82 31.71 34.00
N ASP K 207 -51.08 30.69 33.16
CA ASP K 207 -50.97 29.26 33.48
C ASP K 207 -51.91 28.83 34.60
N LYS K 208 -52.98 29.59 34.88
CA LYS K 208 -53.96 29.23 35.88
C LYS K 208 -55.40 29.40 35.43
N VAL K 209 -55.66 30.22 34.41
CA VAL K 209 -57.00 30.67 34.08
C VAL K 209 -57.77 29.55 33.39
N THR K 210 -59.09 29.52 33.61
CA THR K 210 -59.98 28.56 32.96
C THR K 210 -60.28 29.05 31.55
N ILE K 211 -59.34 28.78 30.65
CA ILE K 211 -59.48 29.16 29.24
C ILE K 211 -60.53 28.26 28.58
N PRO K 212 -61.45 28.82 27.80
CA PRO K 212 -62.41 27.96 27.08
C PRO K 212 -61.74 27.21 25.95
N GLN K 213 -62.48 26.26 25.37
CA GLN K 213 -62.02 25.45 24.27
C GLN K 213 -62.83 25.71 23.00
N LYS K 214 -63.18 26.98 22.78
CA LYS K 214 -63.88 27.48 21.60
C LYS K 214 -65.22 26.78 21.35
N VAL K 215 -65.22 25.76 20.49
CA VAL K 215 -66.47 25.14 20.07
C VAL K 215 -66.96 24.13 21.10
N LYS K 216 -66.12 23.16 21.44
CA LYS K 216 -66.46 22.16 22.45
C LYS K 216 -66.33 22.80 23.82
N GLU K 217 -67.45 22.93 24.53
CA GLU K 217 -67.46 23.54 25.85
C GLU K 217 -66.81 22.58 26.83
N SER K 218 -65.51 22.77 27.07
CA SER K 218 -64.70 21.88 27.88
C SER K 218 -64.04 22.69 29.00
N SER K 219 -63.09 22.05 29.69
CA SER K 219 -62.43 22.71 30.81
C SER K 219 -61.38 23.71 30.34
N SER K 220 -60.33 23.21 29.68
CA SER K 220 -59.23 24.04 29.20
C SER K 220 -58.40 23.20 28.24
N ARG K 221 -57.42 23.83 27.62
CA ARG K 221 -56.42 23.14 26.80
C ARG K 221 -55.22 22.83 27.69
N LYS K 222 -55.03 21.57 28.01
CA LYS K 222 -53.84 21.15 28.73
C LYS K 222 -52.63 21.28 27.82
N ILE K 223 -51.54 21.86 28.33
CA ILE K 223 -50.44 22.19 27.46
C ILE K 223 -49.23 21.28 27.70
N GLN K 224 -48.54 21.52 28.83
CA GLN K 224 -47.38 20.75 29.29
C GLN K 224 -46.91 21.30 30.63
N ASP K 225 -45.76 20.83 31.10
CA ASP K 225 -45.14 21.34 32.32
C ASP K 225 -44.44 22.67 32.03
N ILE K 226 -43.63 23.15 32.97
CA ILE K 226 -43.07 24.49 32.93
C ILE K 226 -41.59 24.47 32.59
N ALA K 227 -41.15 23.47 31.81
CA ALA K 227 -39.78 23.44 31.30
C ALA K 227 -39.74 23.64 29.79
N GLY K 228 -40.43 22.78 29.03
CA GLY K 228 -40.40 22.87 27.59
C GLY K 228 -41.04 24.13 27.04
N ARG K 229 -42.07 24.64 27.74
CA ARG K 229 -42.70 25.89 27.36
C ARG K 229 -41.72 27.05 27.40
N THR K 230 -41.04 27.21 28.54
CA THR K 230 -40.02 28.25 28.65
C THR K 230 -38.89 28.02 27.66
N TRP K 231 -38.54 26.75 27.41
CA TRP K 231 -37.46 26.42 26.49
C TRP K 231 -37.75 26.94 25.07
N ASN K 232 -38.84 26.46 24.47
CA ASN K 232 -39.08 26.85 23.08
C ASN K 232 -39.56 28.30 22.96
N LEU K 233 -40.27 28.81 23.97
CA LEU K 233 -40.66 30.21 23.96
C LEU K 233 -39.43 31.12 24.00
N MET K 234 -38.50 30.80 24.88
CA MET K 234 -37.29 31.60 24.97
C MET K 234 -36.49 31.51 23.67
N THR K 235 -36.38 30.30 23.14
CA THR K 235 -35.62 30.12 21.90
C THR K 235 -36.18 30.99 20.78
N SER K 236 -37.50 30.99 20.62
CA SER K 236 -38.15 31.84 19.63
C SER K 236 -37.91 33.32 19.95
N LEU K 237 -37.98 33.68 21.24
CA LEU K 237 -37.73 35.05 21.64
C LEU K 237 -36.29 35.47 21.38
N TYR K 238 -35.33 34.57 21.61
CA TYR K 238 -33.93 34.90 21.39
C TYR K 238 -33.65 35.14 19.91
N TYR K 239 -34.18 34.26 19.03
CA TYR K 239 -34.00 34.49 17.60
C TYR K 239 -34.68 35.78 17.18
N LYS K 240 -35.90 36.02 17.67
CA LYS K 240 -36.65 37.19 17.23
C LYS K 240 -36.05 38.49 17.77
N GLY K 241 -35.36 38.43 18.91
CA GLY K 241 -34.83 39.63 19.51
C GLY K 241 -33.42 39.96 19.10
N SER K 242 -32.50 39.01 19.26
CA SER K 242 -31.09 39.32 18.99
C SER K 242 -30.79 39.42 17.51
N GLY K 243 -31.57 38.75 16.67
CA GLY K 243 -31.25 38.65 15.26
C GLY K 243 -30.26 37.56 14.93
N ARG K 244 -29.57 37.02 15.93
CA ARG K 244 -28.69 35.89 15.73
C ARG K 244 -29.52 34.63 15.55
N ILE K 245 -28.87 33.57 15.06
CA ILE K 245 -29.54 32.36 14.62
C ILE K 245 -29.18 31.23 15.56
N PRO K 246 -30.16 30.43 16.01
CA PRO K 246 -29.86 29.37 16.99
C PRO K 246 -29.02 28.22 16.44
N TRP K 247 -29.42 27.63 15.32
CA TRP K 247 -28.77 26.43 14.84
C TRP K 247 -28.80 26.36 13.32
N ARG K 248 -28.00 25.44 12.79
CA ARG K 248 -28.01 25.07 11.38
C ARG K 248 -27.46 23.66 11.26
N ARG K 249 -27.66 23.04 10.10
CA ARG K 249 -27.12 21.72 9.86
C ARG K 249 -25.68 21.83 9.35
N MET K 250 -24.92 20.71 9.46
CA MET K 250 -23.53 20.92 9.08
C MET K 250 -23.32 20.59 7.62
N PRO K 251 -22.38 21.27 6.97
CA PRO K 251 -21.94 20.83 5.65
C PRO K 251 -21.11 19.55 5.76
N LEU K 252 -20.91 18.90 4.62
CA LEU K 252 -20.12 17.69 4.54
C LEU K 252 -18.87 17.95 3.71
N GLU K 253 -17.81 17.20 4.01
CA GLU K 253 -16.52 17.39 3.36
C GLU K 253 -16.61 16.85 1.93
N GLY K 254 -17.13 17.69 1.05
CA GLY K 254 -17.37 17.29 -0.32
C GLY K 254 -18.71 17.77 -0.83
N GLU K 255 -19.44 18.49 0.03
CA GLU K 255 -20.73 19.04 -0.36
C GLU K 255 -20.53 20.20 -1.34
N PHE K 256 -21.43 20.30 -2.30
CA PHE K 256 -21.44 21.41 -3.24
C PHE K 256 -22.24 22.57 -2.63
N SER K 257 -22.55 23.58 -3.45
CA SER K 257 -23.31 24.74 -3.01
C SER K 257 -24.75 24.60 -3.47
N ALA K 258 -25.69 24.63 -2.52
CA ALA K 258 -27.09 24.34 -2.80
C ALA K 258 -28.00 25.37 -2.15
N CYS K 259 -29.14 25.60 -2.80
CA CYS K 259 -30.18 26.48 -2.31
C CYS K 259 -31.50 25.72 -2.26
N TYR K 260 -32.30 25.96 -1.22
CA TYR K 260 -33.56 25.25 -1.01
C TYR K 260 -34.73 26.22 -1.21
N VAL K 261 -35.60 25.89 -2.16
CA VAL K 261 -36.78 26.68 -2.47
C VAL K 261 -38.00 25.77 -2.34
N GLY K 262 -39.05 26.26 -1.68
CA GLY K 262 -40.26 25.49 -1.52
C GLY K 262 -41.49 26.35 -1.76
N ILE K 263 -42.52 25.72 -2.35
CA ILE K 263 -43.70 26.40 -2.85
C ILE K 263 -44.96 25.76 -2.27
N SER K 264 -45.85 26.59 -1.72
CA SER K 264 -47.16 26.18 -1.22
C SER K 264 -48.26 26.87 -2.02
N PHE K 265 -49.49 26.37 -1.89
CA PHE K 265 -50.55 26.67 -2.86
C PHE K 265 -51.80 27.27 -2.22
N TYR K 266 -51.64 28.35 -1.46
CA TYR K 266 -52.67 28.84 -0.55
C TYR K 266 -53.88 29.43 -1.29
N ARG K 267 -54.95 29.65 -0.54
CA ARG K 267 -56.25 30.06 -1.08
C ARG K 267 -56.33 31.58 -1.17
N GLU K 268 -57.54 32.11 -1.38
CA GLU K 268 -57.78 33.54 -1.37
C GLU K 268 -58.08 33.98 0.06
N ALA K 269 -58.51 35.24 0.23
CA ALA K 269 -59.02 35.68 1.52
C ALA K 269 -60.39 35.08 1.80
N ASP K 270 -61.12 34.71 0.75
CA ASP K 270 -62.38 34.00 0.89
C ASP K 270 -62.38 32.62 0.24
N GLY K 271 -61.45 32.32 -0.66
CA GLY K 271 -61.29 30.98 -1.17
C GLY K 271 -61.99 30.67 -2.49
N GLN K 272 -61.81 31.53 -3.49
CA GLN K 272 -62.22 31.20 -4.86
C GLN K 272 -61.01 31.11 -5.79
N GLN K 273 -60.21 32.16 -5.89
CA GLN K 273 -58.92 32.04 -6.55
C GLN K 273 -57.89 31.47 -5.58
N LEU K 274 -56.77 31.00 -6.12
CA LEU K 274 -55.68 30.50 -5.29
C LEU K 274 -54.35 31.04 -5.78
N PHE K 275 -53.48 31.39 -4.84
CA PHE K 275 -52.16 31.92 -5.13
C PHE K 275 -51.10 30.99 -4.54
N THR K 276 -49.85 31.21 -4.94
CA THR K 276 -48.74 30.33 -4.58
C THR K 276 -47.71 31.13 -3.81
N SER K 277 -47.38 30.66 -2.61
CA SER K 277 -46.33 31.25 -1.79
C SER K 277 -45.06 30.43 -1.92
N ALA K 278 -43.95 31.01 -1.44
CA ALA K 278 -42.65 30.38 -1.60
C ALA K 278 -41.73 30.79 -0.46
N ALA K 279 -40.64 30.05 -0.32
CA ALA K 279 -39.62 30.35 0.67
C ALA K 279 -38.25 30.20 0.03
N GLN K 280 -37.20 30.52 0.78
CA GLN K 280 -35.84 30.44 0.27
C GLN K 280 -34.87 30.28 1.44
N MET K 281 -33.91 29.37 1.30
CA MET K 281 -32.85 29.31 2.31
C MET K 281 -31.56 28.78 1.69
N PHE K 282 -30.45 29.17 2.32
CA PHE K 282 -29.13 28.64 1.96
C PHE K 282 -28.16 28.90 3.12
N ASP K 283 -26.89 28.64 2.86
CA ASP K 283 -25.82 28.67 3.85
C ASP K 283 -25.29 30.09 4.00
N GLU K 284 -24.16 30.25 4.66
CA GLU K 284 -23.49 31.53 4.77
C GLU K 284 -22.01 31.35 4.42
N ARG K 285 -21.33 32.48 4.20
CA ARG K 285 -19.92 32.43 3.87
C ARG K 285 -19.06 32.08 5.08
N GLY K 286 -19.47 32.50 6.28
CA GLY K 286 -18.75 32.16 7.48
C GLY K 286 -19.35 30.95 8.16
N ARG K 287 -20.07 31.17 9.26
CA ARG K 287 -20.74 30.10 10.02
C ARG K 287 -22.17 30.55 10.31
N GLY K 288 -23.08 30.26 9.38
CA GLY K 288 -24.44 30.71 9.56
C GLY K 288 -25.39 30.05 8.58
N PHE K 289 -26.63 30.55 8.58
CA PHE K 289 -27.72 30.04 7.78
C PHE K 289 -28.67 31.19 7.52
N VAL K 290 -29.23 31.27 6.31
CA VAL K 290 -30.12 32.37 5.97
C VAL K 290 -31.41 31.80 5.38
N LEU K 291 -32.55 32.25 5.91
CA LEU K 291 -33.88 31.79 5.51
C LEU K 291 -34.75 33.03 5.33
N LYS K 292 -35.19 33.28 4.10
CA LYS K 292 -35.97 34.44 3.77
C LYS K 292 -37.24 34.03 3.02
N GLY K 293 -38.17 34.98 2.96
CA GLY K 293 -39.30 34.87 2.05
C GLY K 293 -39.02 35.70 0.82
N ARG K 294 -39.97 36.52 0.41
CA ARG K 294 -39.77 37.38 -0.75
C ARG K 294 -40.69 38.59 -0.62
N ARG K 295 -40.12 39.78 -0.81
CA ARG K 295 -40.84 41.04 -0.58
C ARG K 295 -41.60 41.47 -1.83
N ALA K 296 -42.56 40.65 -2.24
CA ALA K 296 -43.34 40.92 -3.44
C ALA K 296 -44.67 40.18 -3.35
N ARG K 297 -45.60 40.60 -4.21
CA ARG K 297 -46.90 39.95 -4.34
C ARG K 297 -46.78 38.69 -5.16
N THR K 298 -47.78 37.82 -5.02
CA THR K 298 -47.81 36.50 -5.66
C THR K 298 -49.16 36.23 -6.29
N GLU K 299 -49.63 37.17 -7.12
CA GLU K 299 -50.98 37.15 -7.68
C GLU K 299 -51.23 35.91 -8.54
N SER K 300 -52.51 35.70 -8.86
CA SER K 300 -52.96 34.39 -9.33
C SER K 300 -52.57 34.12 -10.78
N ARG K 301 -53.09 34.93 -11.71
CA ARG K 301 -53.07 34.64 -13.15
C ARG K 301 -53.61 33.24 -13.44
N GLY K 302 -54.74 32.94 -12.83
CA GLY K 302 -55.36 31.64 -12.97
C GLY K 302 -56.29 31.36 -11.81
N ARG K 303 -56.94 30.22 -11.89
CA ARG K 303 -57.83 29.80 -10.81
C ARG K 303 -57.53 28.41 -10.28
N HIS K 304 -57.11 27.48 -11.15
CA HIS K 304 -56.78 26.15 -10.68
C HIS K 304 -55.45 26.16 -9.95
N PRO K 305 -55.32 25.43 -8.85
CA PRO K 305 -54.06 25.45 -8.08
C PRO K 305 -52.90 24.76 -8.78
N TYR K 306 -52.28 25.44 -9.74
CA TYR K 306 -51.09 24.92 -10.40
C TYR K 306 -50.18 26.08 -10.77
N MET K 307 -48.89 25.79 -10.90
CA MET K 307 -47.87 26.81 -11.16
C MET K 307 -47.98 27.37 -12.57
N ALA K 308 -47.24 28.46 -12.78
CA ALA K 308 -47.05 29.08 -14.08
C ALA K 308 -45.56 29.21 -14.37
N ARG K 309 -45.25 29.44 -15.64
CA ARG K 309 -43.86 29.65 -16.04
C ARG K 309 -43.27 30.90 -15.40
N GLU K 310 -44.07 31.97 -15.35
CA GLU K 310 -43.58 33.28 -14.91
C GLU K 310 -43.18 33.26 -13.44
N ASP K 311 -44.02 32.68 -12.58
CA ASP K 311 -43.74 32.67 -11.14
C ASP K 311 -42.53 31.80 -10.82
N ALA K 312 -42.41 30.64 -11.47
CA ALA K 312 -41.27 29.77 -11.24
C ALA K 312 -39.97 30.40 -11.74
N LYS K 313 -40.00 31.04 -12.91
CA LYS K 313 -38.82 31.73 -13.41
C LYS K 313 -38.44 32.90 -12.51
N LYS K 314 -39.44 33.62 -12.00
CA LYS K 314 -39.18 34.75 -11.10
C LYS K 314 -38.54 34.28 -9.80
N ILE K 315 -39.06 33.20 -9.20
CA ILE K 315 -38.50 32.76 -7.93
C ILE K 315 -37.11 32.16 -8.14
N ILE K 316 -36.86 31.50 -9.27
CA ILE K 316 -35.53 30.95 -9.54
C ILE K 316 -34.50 32.07 -9.74
N GLU K 317 -34.88 33.11 -10.50
CA GLU K 317 -33.99 34.25 -10.67
C GLU K 317 -33.73 34.96 -9.35
N ASP K 318 -34.76 35.03 -8.49
CA ASP K 318 -34.59 35.69 -7.20
C ASP K 318 -33.65 34.92 -6.28
N VAL K 319 -33.75 33.58 -6.24
CA VAL K 319 -32.86 32.85 -5.33
C VAL K 319 -31.43 32.88 -5.86
N LEU K 320 -31.26 32.83 -7.19
CA LEU K 320 -29.93 32.95 -7.77
C LEU K 320 -29.29 34.31 -7.47
N ALA K 321 -30.07 35.39 -7.59
CA ALA K 321 -29.56 36.71 -7.29
C ALA K 321 -29.22 36.87 -5.82
N ALA K 322 -30.05 36.32 -4.94
CA ALA K 322 -29.78 36.45 -3.51
C ALA K 322 -28.61 35.60 -3.05
N TYR K 323 -28.30 34.51 -3.77
CA TYR K 323 -27.09 33.77 -3.45
C TYR K 323 -25.84 34.52 -3.93
N LYS K 324 -25.89 35.03 -5.17
CA LYS K 324 -24.72 35.73 -5.71
C LYS K 324 -24.46 37.06 -5.00
N LEU K 325 -25.48 37.64 -4.38
CA LEU K 325 -25.26 38.86 -3.60
C LEU K 325 -24.37 38.62 -2.39
N HIS K 326 -24.48 37.45 -1.76
CA HIS K 326 -23.72 37.18 -0.54
C HIS K 326 -22.41 36.46 -0.81
N HIS K 327 -22.43 35.39 -1.62
CA HIS K 327 -21.25 34.54 -1.72
C HIS K 327 -20.28 34.97 -2.82
N LYS K 328 -20.66 35.92 -3.68
CA LYS K 328 -19.94 36.36 -4.88
C LYS K 328 -19.72 35.25 -5.90
N THR K 329 -20.36 34.09 -5.73
CA THR K 329 -20.31 33.00 -6.70
C THR K 329 -21.73 32.61 -7.09
N LEU K 330 -21.86 31.50 -7.81
CA LEU K 330 -23.16 30.94 -8.13
C LEU K 330 -23.21 29.52 -7.60
N PRO K 331 -24.36 29.06 -7.11
CA PRO K 331 -24.41 27.72 -6.50
C PRO K 331 -24.30 26.63 -7.54
N ALA K 332 -23.82 25.47 -7.10
CA ALA K 332 -23.65 24.32 -7.96
C ALA K 332 -24.84 23.37 -7.92
N ARG K 333 -25.89 23.72 -7.18
CA ARG K 333 -27.00 22.80 -6.95
C ARG K 333 -28.23 23.63 -6.61
N VAL K 334 -29.38 23.21 -7.11
CA VAL K 334 -30.65 23.89 -6.87
C VAL K 334 -31.68 22.85 -6.48
N PHE K 335 -32.38 23.08 -5.36
CA PHE K 335 -33.32 22.13 -4.79
C PHE K 335 -34.68 22.77 -4.67
N ILE K 336 -35.72 22.10 -5.18
CA ILE K 336 -37.07 22.64 -5.22
C ILE K 336 -38.03 21.59 -4.68
N LEU K 337 -38.88 21.99 -3.72
CA LEU K 337 -39.90 21.13 -3.11
C LEU K 337 -41.26 21.78 -3.30
N LYS K 338 -42.07 21.23 -4.20
CA LYS K 338 -43.35 21.83 -4.59
C LYS K 338 -44.47 20.80 -4.41
N THR K 339 -45.66 21.30 -4.08
CA THR K 339 -46.79 20.45 -3.70
C THR K 339 -47.72 20.11 -4.86
N SER K 340 -47.23 20.08 -6.10
CA SER K 340 -48.05 19.67 -7.23
C SER K 340 -47.16 19.09 -8.32
N ARG K 341 -47.80 18.72 -9.44
CA ARG K 341 -47.13 18.03 -10.53
C ARG K 341 -46.11 18.93 -11.20
N PHE K 342 -45.00 18.32 -11.61
CA PHE K 342 -43.95 19.03 -12.33
C PHE K 342 -44.18 18.83 -13.82
N LYS K 343 -44.82 19.82 -14.45
CA LYS K 343 -45.14 19.77 -15.85
C LYS K 343 -44.30 20.77 -16.63
N ASP K 344 -44.22 20.57 -17.94
CA ASP K 344 -43.31 21.31 -18.79
C ASP K 344 -43.76 22.73 -19.08
N GLU K 345 -44.95 23.12 -18.62
CA GLU K 345 -45.41 24.49 -18.84
C GLU K 345 -44.59 25.50 -18.03
N GLU K 346 -44.02 25.07 -16.90
CA GLU K 346 -43.11 25.90 -16.12
C GLU K 346 -41.72 25.30 -15.96
N ALA K 347 -41.55 24.00 -16.20
CA ALA K 347 -40.23 23.39 -16.14
C ALA K 347 -39.33 23.92 -17.23
N ASP K 348 -39.90 24.32 -18.38
CA ASP K 348 -39.10 24.98 -19.41
C ASP K 348 -38.54 26.30 -18.90
N GLY K 349 -39.34 27.07 -18.17
CA GLY K 349 -38.86 28.31 -17.60
C GLY K 349 -37.80 28.09 -16.53
N ILE K 350 -38.00 27.06 -15.67
CA ILE K 350 -37.04 26.75 -14.63
C ILE K 350 -35.70 26.32 -15.23
N ILE K 351 -35.74 25.39 -16.18
CA ILE K 351 -34.52 24.89 -16.80
C ILE K 351 -33.83 25.99 -17.60
N ALA K 352 -34.60 26.82 -18.31
CA ALA K 352 -34.05 27.92 -19.09
C ALA K 352 -33.39 28.95 -18.20
N ALA K 353 -34.01 29.27 -17.06
CA ALA K 353 -33.39 30.17 -16.09
C ALA K 353 -32.13 29.55 -15.50
N LEU K 354 -32.10 28.22 -15.36
CA LEU K 354 -30.92 27.58 -14.77
C LEU K 354 -29.73 27.60 -15.71
N ASP K 355 -29.92 27.25 -17.00
CA ASP K 355 -28.71 27.29 -17.83
C ASP K 355 -28.43 28.71 -18.31
N GLU K 356 -29.40 29.62 -18.15
CA GLU K 356 -29.12 31.04 -18.27
C GLU K 356 -28.14 31.46 -17.19
N ALA K 357 -28.28 30.89 -15.99
CA ALA K 357 -27.31 31.10 -14.93
C ALA K 357 -26.08 30.20 -15.13
N GLY K 358 -26.28 28.89 -15.11
CA GLY K 358 -25.20 27.95 -15.34
C GLY K 358 -25.06 26.88 -14.27
N THR K 359 -26.07 26.73 -13.42
CA THR K 359 -26.04 25.72 -12.37
C THR K 359 -26.12 24.33 -12.98
N GLU K 360 -25.28 23.42 -12.48
CA GLU K 360 -25.08 22.12 -13.10
C GLU K 360 -25.94 21.02 -12.49
N LEU K 361 -26.00 20.91 -11.17
CA LEU K 361 -26.83 19.90 -10.52
C LEU K 361 -28.21 20.47 -10.26
N ARG K 362 -29.24 19.68 -10.57
CA ARG K 362 -30.63 20.12 -10.42
C ARG K 362 -31.44 19.04 -9.72
N ASP K 363 -32.44 19.47 -8.96
CA ASP K 363 -33.35 18.57 -8.29
C ASP K 363 -34.74 19.20 -8.25
N LEU K 364 -35.77 18.38 -8.47
CA LEU K 364 -37.15 18.84 -8.47
C LEU K 364 -37.99 17.74 -7.84
N VAL K 365 -38.42 17.95 -6.59
CA VAL K 365 -39.07 16.93 -5.78
C VAL K 365 -40.51 17.34 -5.50
N TRP K 366 -41.43 16.39 -5.60
CA TRP K 366 -42.84 16.60 -5.32
C TRP K 366 -43.26 15.73 -4.14
N VAL K 367 -44.22 16.23 -3.37
CA VAL K 367 -44.72 15.55 -2.18
C VAL K 367 -46.21 15.31 -2.31
N GLN K 368 -46.82 14.76 -1.25
CA GLN K 368 -48.26 14.50 -1.15
C GLN K 368 -48.74 13.55 -2.26
N GLU K 369 -48.30 12.31 -2.14
CA GLU K 369 -48.95 11.16 -2.78
C GLU K 369 -49.28 10.18 -1.66
N SER K 370 -50.57 9.86 -1.50
CA SER K 370 -51.01 9.12 -0.33
C SER K 370 -51.41 7.70 -0.71
N TYR K 371 -51.72 6.92 0.33
CA TYR K 371 -52.15 5.52 0.23
C TYR K 371 -51.11 4.65 -0.48
N THR K 372 -49.83 4.97 -0.31
CA THR K 372 -48.77 4.28 -1.03
C THR K 372 -48.13 3.15 -0.23
N ALA K 373 -47.69 3.44 1.00
CA ALA K 373 -47.16 2.39 1.86
C ALA K 373 -47.38 2.79 3.32
N ARG K 374 -47.68 1.81 4.16
CA ARG K 374 -47.94 2.02 5.58
C ARG K 374 -47.25 0.93 6.39
N ILE K 375 -45.93 0.78 6.17
CA ILE K 375 -45.15 -0.36 6.68
C ILE K 375 -45.24 -0.45 8.19
N LEU K 376 -45.40 -1.68 8.69
CA LEU K 376 -45.50 -2.00 10.11
C LEU K 376 -44.26 -2.76 10.55
N ARG K 377 -44.25 -3.14 11.83
CA ARG K 377 -43.15 -3.88 12.43
C ARG K 377 -43.72 -4.96 13.33
N ASP K 378 -42.85 -5.85 13.80
CA ASP K 378 -43.23 -6.90 14.74
C ASP K 378 -42.92 -6.45 16.16
N GLY K 379 -43.95 -6.37 17.00
CA GLY K 379 -43.78 -5.93 18.37
C GLY K 379 -45.00 -5.19 18.88
N ASN K 380 -44.78 -4.03 19.48
CA ASN K 380 -45.88 -3.18 19.93
C ASN K 380 -45.75 -1.74 19.44
N TYR K 381 -44.53 -1.22 19.37
CA TYR K 381 -44.29 0.16 18.97
C TYR K 381 -44.37 0.29 17.46
N PRO K 382 -44.55 1.52 16.93
CA PRO K 382 -44.47 1.70 15.47
C PRO K 382 -43.03 1.78 14.99
N VAL K 383 -42.86 2.10 13.71
CA VAL K 383 -41.55 2.06 13.05
C VAL K 383 -40.60 3.11 13.62
N LEU K 384 -39.32 2.98 13.30
CA LEU K 384 -38.32 3.93 13.77
C LEU K 384 -38.40 5.22 12.98
N ARG K 385 -37.60 6.20 13.40
CA ARG K 385 -37.56 7.52 12.77
C ARG K 385 -36.59 7.49 11.61
N GLY K 386 -37.11 7.22 10.41
CA GLY K 386 -36.28 7.32 9.23
C GLY K 386 -36.13 6.06 8.41
N THR K 387 -37.05 5.11 8.57
CA THR K 387 -37.05 3.92 7.72
C THR K 387 -37.52 4.31 6.33
N PHE K 388 -36.59 4.37 5.38
CA PHE K 388 -36.91 4.82 4.03
C PHE K 388 -37.02 3.60 3.11
N VAL K 389 -38.01 3.61 2.23
CA VAL K 389 -38.22 2.54 1.26
C VAL K 389 -38.30 3.15 -0.12
N ASP K 390 -37.70 2.47 -1.11
CA ASP K 390 -37.76 2.89 -2.49
C ASP K 390 -38.81 2.05 -3.20
N LEU K 391 -39.96 2.65 -3.51
CA LEU K 391 -41.05 1.96 -4.18
C LEU K 391 -40.93 2.13 -5.69
N HIS K 392 -39.77 1.70 -6.20
CA HIS K 392 -39.44 1.75 -7.63
C HIS K 392 -39.54 3.15 -8.21
N GLY K 393 -39.06 4.14 -7.46
CA GLY K 393 -39.01 5.51 -7.95
C GLY K 393 -39.59 6.52 -6.98
N LYS K 394 -40.67 6.15 -6.28
CA LYS K 394 -41.27 7.01 -5.28
C LYS K 394 -40.74 6.58 -3.91
N GLY K 395 -39.85 7.39 -3.35
CA GLY K 395 -39.23 7.00 -2.11
C GLY K 395 -40.01 7.43 -0.89
N LEU K 396 -40.49 6.49 -0.09
CA LEU K 396 -41.29 6.83 1.09
C LEU K 396 -40.39 6.77 2.33
N LEU K 397 -40.48 7.80 3.17
CA LEU K 397 -39.69 7.84 4.39
C LEU K 397 -40.58 8.22 5.57
N TYR K 398 -40.17 7.75 6.74
CA TYR K 398 -40.89 7.93 8.00
C TYR K 398 -40.16 8.98 8.81
N THR K 399 -40.56 10.25 8.62
CA THR K 399 -39.95 11.35 9.35
C THR K 399 -40.23 11.32 10.84
N SER K 400 -41.27 10.60 11.27
CA SER K 400 -41.59 10.40 12.67
C SER K 400 -41.34 8.94 13.04
N GLY K 401 -41.63 8.60 14.29
CA GLY K 401 -41.61 7.23 14.72
C GLY K 401 -41.00 7.10 16.10
N SER K 402 -40.67 5.86 16.48
CA SER K 402 -40.03 5.59 17.75
C SER K 402 -38.62 6.16 17.74
N MET K 403 -38.05 6.35 18.92
CA MET K 403 -36.92 7.26 18.95
C MET K 403 -36.03 6.92 20.13
N PRO K 404 -34.80 6.44 19.87
CA PRO K 404 -34.08 5.63 20.87
C PRO K 404 -33.40 6.40 21.99
N TYR K 405 -32.88 7.59 21.70
CA TYR K 405 -32.25 8.41 22.74
C TYR K 405 -33.27 8.85 23.79
N TYR K 406 -34.53 9.07 23.37
CA TYR K 406 -35.58 9.42 24.32
C TYR K 406 -35.92 8.25 25.22
N GLY K 407 -35.98 7.05 24.66
CA GLY K 407 -36.44 5.88 25.38
C GLY K 407 -37.93 5.67 25.36
N THR K 408 -38.69 6.60 24.74
CA THR K 408 -40.15 6.52 24.71
C THR K 408 -40.65 6.59 23.28
N TYR K 409 -41.96 6.76 23.11
CA TYR K 409 -42.55 7.04 21.80
C TYR K 409 -43.41 8.30 21.89
N PRO K 410 -42.88 9.45 21.52
CA PRO K 410 -43.70 10.67 21.44
C PRO K 410 -44.56 10.67 20.18
N GLY K 411 -45.86 10.49 20.37
CA GLY K 411 -46.80 10.44 19.26
C GLY K 411 -47.96 9.54 19.61
N LYS K 412 -49.08 9.73 18.89
CA LYS K 412 -50.31 9.02 19.20
C LYS K 412 -50.49 7.75 18.38
N TYR K 413 -50.61 7.90 17.06
CA TYR K 413 -51.02 6.80 16.17
C TYR K 413 -50.89 7.26 14.72
N ASP K 414 -50.60 6.29 13.83
CA ASP K 414 -50.55 6.42 12.38
C ASP K 414 -49.52 7.42 11.88
N PRO K 415 -48.22 7.16 12.04
CA PRO K 415 -47.23 8.13 11.56
C PRO K 415 -47.15 8.13 10.05
N ASN K 416 -47.24 9.31 9.45
CA ASN K 416 -47.35 9.42 8.01
C ASN K 416 -45.97 9.34 7.35
N PRO K 417 -45.74 8.37 6.47
CA PRO K 417 -44.47 8.31 5.73
C PRO K 417 -44.46 9.22 4.50
N LEU K 418 -43.96 10.44 4.67
CA LEU K 418 -43.86 11.36 3.55
C LEU K 418 -42.96 10.75 2.49
N LEU K 419 -43.36 10.87 1.22
CA LEU K 419 -42.57 10.29 0.14
C LEU K 419 -42.02 11.35 -0.80
N LEU K 420 -41.00 10.98 -1.55
CA LEU K 420 -40.41 11.91 -2.50
C LEU K 420 -40.61 11.44 -3.94
N CYS K 421 -41.32 12.21 -4.74
CA CYS K 421 -41.48 11.87 -6.15
C CYS K 421 -40.61 12.87 -6.90
N PRO K 422 -39.34 12.53 -7.14
CA PRO K 422 -38.49 13.45 -7.89
C PRO K 422 -38.92 13.52 -9.35
N HIS K 423 -38.81 14.71 -9.92
CA HIS K 423 -39.02 14.84 -11.34
C HIS K 423 -37.87 14.17 -12.10
N HIS K 424 -38.16 13.73 -13.31
CA HIS K 424 -37.16 13.01 -14.10
C HIS K 424 -36.04 13.91 -14.61
N THR K 425 -36.17 15.23 -14.45
CA THR K 425 -35.10 16.16 -14.77
C THR K 425 -34.00 16.16 -13.69
N SER K 426 -34.29 15.65 -12.51
CA SER K 426 -33.36 15.70 -11.39
C SER K 426 -32.17 14.77 -11.62
N GLU K 427 -30.99 15.20 -11.17
CA GLU K 427 -29.75 14.41 -11.28
C GLU K 427 -29.31 14.04 -9.87
N SER K 428 -29.83 12.92 -9.38
CA SER K 428 -29.47 12.25 -8.13
C SER K 428 -30.30 10.97 -8.04
N THR K 429 -29.96 10.14 -7.07
CA THR K 429 -30.81 9.02 -6.72
C THR K 429 -31.75 9.42 -5.58
N VAL K 430 -32.88 8.70 -5.49
CA VAL K 430 -33.91 9.07 -4.54
C VAL K 430 -33.47 8.83 -3.10
N ALA K 431 -32.59 7.85 -2.87
CA ALA K 431 -32.09 7.58 -1.53
C ALA K 431 -31.21 8.71 -1.02
N GLN K 432 -30.38 9.29 -1.88
CA GLN K 432 -29.54 10.42 -1.50
C GLN K 432 -30.39 11.63 -1.14
N LEU K 433 -31.43 11.90 -1.94
CA LEU K 433 -32.32 13.01 -1.64
C LEU K 433 -33.13 12.75 -0.38
N ALA K 434 -33.47 11.49 -0.12
CA ALA K 434 -34.17 11.14 1.12
C ALA K 434 -33.29 11.40 2.34
N GLU K 435 -32.01 11.04 2.24
CA GLU K 435 -31.07 11.34 3.33
C GLU K 435 -30.90 12.86 3.51
N GLU K 436 -30.84 13.60 2.40
CA GLU K 436 -30.68 15.04 2.47
C GLU K 436 -31.89 15.73 3.11
N ILE K 437 -33.10 15.31 2.74
CA ILE K 437 -34.30 15.86 3.36
C ILE K 437 -34.43 15.41 4.82
N PHE K 438 -33.98 14.19 5.15
CA PHE K 438 -33.96 13.78 6.55
C PHE K 438 -32.98 14.62 7.36
N SER K 439 -31.91 15.11 6.73
CA SER K 439 -31.06 16.11 7.36
C SER K 439 -31.67 17.49 7.37
N LEU K 440 -32.82 17.67 6.70
CA LEU K 440 -33.48 18.97 6.60
C LEU K 440 -34.88 18.90 7.20
N THR K 441 -35.00 18.39 8.43
CA THR K 441 -36.27 18.39 9.15
C THR K 441 -36.26 19.35 10.33
N LYS K 442 -35.33 19.22 11.25
CA LYS K 442 -35.27 20.09 12.44
C LYS K 442 -34.30 21.25 12.24
N VAL K 443 -34.47 22.01 11.16
CA VAL K 443 -33.60 23.14 10.89
C VAL K 443 -34.36 24.47 10.94
N ASN K 444 -35.70 24.45 10.85
CA ASN K 444 -36.51 25.66 11.02
C ASN K 444 -36.35 26.21 12.43
N TRP K 445 -36.45 27.54 12.54
CA TRP K 445 -36.17 28.24 13.78
C TRP K 445 -37.41 28.44 14.63
N ASN K 446 -38.37 27.54 14.54
CA ASN K 446 -39.56 27.55 15.37
C ASN K 446 -39.54 26.30 16.24
N SER K 447 -39.59 26.50 17.56
CA SER K 447 -39.63 25.46 18.59
C SER K 447 -38.41 24.54 18.59
N THR K 448 -38.36 23.61 19.55
CA THR K 448 -37.25 22.67 19.66
C THR K 448 -37.69 21.22 19.45
N GLN K 449 -38.83 21.01 18.80
CA GLN K 449 -39.34 19.66 18.59
C GLN K 449 -38.49 18.92 17.55
N MET K 450 -38.33 17.61 17.77
CA MET K 450 -37.53 16.78 16.88
C MET K 450 -38.28 16.45 15.60
N ASN K 451 -39.49 15.92 15.73
CA ASN K 451 -40.23 15.44 14.57
C ASN K 451 -40.75 16.61 13.74
N GLN K 452 -40.40 16.62 12.46
CA GLN K 452 -40.90 17.63 11.52
C GLN K 452 -41.10 16.91 10.18
N ARG K 453 -42.34 16.51 9.90
CA ARG K 453 -42.61 15.72 8.70
C ARG K 453 -42.44 16.56 7.44
N LEU K 454 -43.25 17.59 7.30
CA LEU K 454 -43.10 18.49 6.16
C LEU K 454 -41.80 19.28 6.28
N PRO K 455 -40.97 19.33 5.24
CA PRO K 455 -39.66 19.97 5.36
C PRO K 455 -39.78 21.49 5.50
N ILE K 456 -38.64 22.08 5.85
CA ILE K 456 -38.59 23.53 6.08
C ILE K 456 -38.92 24.37 4.85
N PRO K 457 -38.43 24.07 3.63
CA PRO K 457 -38.80 24.94 2.49
C PRO K 457 -40.29 25.02 2.19
N ILE K 458 -41.10 24.04 2.57
CA ILE K 458 -42.53 24.16 2.37
C ILE K 458 -43.18 24.65 3.65
N ARG K 459 -42.53 24.39 4.80
CA ARG K 459 -43.04 24.86 6.08
C ARG K 459 -43.01 26.39 6.15
N ALA K 460 -41.89 26.98 5.78
CA ALA K 460 -41.77 28.43 5.76
C ALA K 460 -42.67 29.05 4.70
N ALA K 461 -42.88 28.35 3.58
CA ALA K 461 -43.79 28.84 2.55
C ALA K 461 -45.22 28.90 3.06
N ARG K 462 -45.64 27.87 3.80
CA ARG K 462 -46.94 27.93 4.47
C ARG K 462 -46.99 29.07 5.48
N LYS K 463 -45.88 29.27 6.21
CA LYS K 463 -45.84 30.31 7.23
C LYS K 463 -45.85 31.73 6.66
N VAL K 464 -45.45 31.92 5.39
CA VAL K 464 -45.51 33.26 4.84
C VAL K 464 -46.84 33.43 4.11
N GLY K 465 -47.32 32.37 3.47
CA GLY K 465 -48.60 32.44 2.78
C GLY K 465 -49.77 32.62 3.71
N GLU K 466 -49.66 32.12 4.94
CA GLU K 466 -50.74 32.28 5.92
C GLU K 466 -50.95 33.72 6.35
N VAL K 467 -49.94 34.59 6.20
CA VAL K 467 -50.14 36.01 6.43
C VAL K 467 -50.26 36.79 5.11
N LEU K 468 -49.86 36.21 3.99
CA LEU K 468 -50.01 36.88 2.71
C LEU K 468 -51.37 36.65 2.06
N LYS K 469 -52.18 35.73 2.57
CA LYS K 469 -53.44 35.39 1.91
C LYS K 469 -54.52 36.45 2.05
N TYR K 470 -54.31 37.49 2.87
CA TYR K 470 -55.31 38.54 3.01
C TYR K 470 -54.80 39.96 2.83
N VAL K 471 -53.51 40.23 3.03
CA VAL K 471 -52.99 41.57 2.79
C VAL K 471 -51.68 41.43 2.03
N GLY K 472 -51.60 42.09 0.89
CA GLY K 472 -50.34 42.35 0.20
C GLY K 472 -50.41 43.75 -0.35
N GLU K 473 -51.56 44.40 -0.12
CA GLU K 473 -51.83 45.73 -0.62
C GLU K 473 -51.05 46.76 0.17
N GLY K 474 -49.86 47.11 -0.31
CA GLY K 474 -48.98 47.99 0.43
C GLY K 474 -48.32 47.26 1.59
N GLU K 475 -47.43 47.99 2.27
CA GLU K 475 -46.71 47.52 3.46
C GLU K 475 -45.94 46.23 3.16
N VAL K 476 -44.93 46.39 2.31
CA VAL K 476 -44.16 45.26 1.80
C VAL K 476 -43.49 44.50 2.94
N ILE K 477 -43.36 43.19 2.78
CA ILE K 477 -42.95 42.33 3.88
C ILE K 477 -41.49 42.57 4.23
N SER K 478 -41.14 42.23 5.46
CA SER K 478 -39.76 42.12 5.89
C SER K 478 -39.38 40.65 5.79
N ALA K 479 -38.49 40.32 4.86
CA ALA K 479 -38.12 38.95 4.57
C ALA K 479 -37.12 38.37 5.56
N ASP K 480 -36.97 38.97 6.74
CA ASP K 480 -35.99 38.53 7.72
C ASP K 480 -36.45 37.31 8.49
N TYR K 481 -37.69 36.86 8.31
CA TYR K 481 -38.31 35.67 8.91
C TYR K 481 -38.53 35.81 10.42
N ARG K 482 -38.08 36.91 11.05
CA ARG K 482 -38.31 37.08 12.48
C ARG K 482 -39.75 37.45 12.82
N LYS K 483 -40.57 37.79 11.83
CA LYS K 483 -41.99 38.02 12.05
C LYS K 483 -42.81 36.91 11.39
N TYR K 484 -42.31 35.69 11.45
CA TYR K 484 -42.99 34.58 10.81
C TYR K 484 -43.02 33.33 11.69
N ILE K 485 -42.77 33.48 12.98
CA ILE K 485 -42.76 32.32 13.87
C ILE K 485 -43.60 32.61 15.11
N THR L 6 -11.81 -31.46 39.83
CA THR L 6 -12.96 -32.11 40.46
C THR L 6 -14.16 -32.05 39.53
N ALA L 7 -15.31 -31.63 40.06
CA ALA L 7 -16.52 -31.48 39.27
C ALA L 7 -17.01 -30.04 39.19
N ASN L 8 -17.21 -29.39 40.35
CA ASN L 8 -17.87 -28.09 40.37
C ASN L 8 -16.99 -27.00 39.79
N GLN L 9 -15.69 -27.02 40.09
CA GLN L 9 -14.80 -25.98 39.57
C GLN L 9 -14.65 -26.07 38.06
N ILE L 10 -14.53 -27.30 37.52
CA ILE L 10 -14.38 -27.46 36.08
C ILE L 10 -15.68 -27.14 35.36
N ILE L 11 -16.82 -27.53 35.94
CA ILE L 11 -18.08 -27.18 35.29
C ILE L 11 -18.35 -25.67 35.38
N GLY L 12 -17.86 -25.01 36.43
CA GLY L 12 -17.97 -23.55 36.49
C GLY L 12 -17.08 -22.85 35.48
N GLU L 13 -15.86 -23.35 35.27
CA GLU L 13 -15.00 -22.70 34.30
C GLU L 13 -15.46 -22.96 32.87
N ILE L 14 -16.05 -24.13 32.59
CA ILE L 14 -16.61 -24.31 31.26
C ILE L 14 -17.90 -23.49 31.09
N GLY L 15 -18.61 -23.23 32.19
CA GLY L 15 -19.74 -22.32 32.13
C GLY L 15 -19.33 -20.90 31.81
N GLU L 16 -18.23 -20.43 32.43
CA GLU L 16 -17.79 -19.08 32.11
C GLU L 16 -17.19 -19.01 30.70
N ASN L 17 -16.62 -20.11 30.21
CA ASN L 17 -16.18 -20.15 28.81
C ASN L 17 -17.37 -20.04 27.86
N GLU L 18 -18.45 -20.77 28.15
CA GLU L 18 -19.61 -20.74 27.26
C GLU L 18 -20.33 -19.40 27.33
N VAL L 19 -20.37 -18.76 28.49
CA VAL L 19 -21.00 -17.43 28.52
C VAL L 19 -20.07 -16.36 27.98
N ARG L 20 -18.75 -16.58 27.97
CA ARG L 20 -17.86 -15.73 27.20
C ARG L 20 -18.17 -15.82 25.72
N GLY L 21 -18.43 -17.04 25.24
CA GLY L 21 -18.87 -17.20 23.85
C GLY L 21 -20.22 -16.55 23.58
N ARG L 22 -21.14 -16.65 24.54
CA ARG L 22 -22.45 -16.02 24.38
C ARG L 22 -22.35 -14.49 24.42
N PHE L 23 -21.39 -13.96 25.17
CA PHE L 23 -21.03 -12.55 25.04
C PHE L 23 -20.54 -12.25 23.64
N LEU L 24 -19.62 -13.08 23.15
CA LEU L 24 -18.93 -12.81 21.90
C LEU L 24 -19.84 -12.92 20.68
N THR L 25 -20.95 -13.66 20.78
CA THR L 25 -21.78 -13.89 19.60
C THR L 25 -22.55 -12.65 19.14
N LEU L 26 -22.62 -11.58 19.94
CA LEU L 26 -23.20 -10.29 19.54
C LEU L 26 -22.25 -9.15 19.88
N GLY L 27 -21.00 -9.27 19.49
CA GLY L 27 -20.01 -8.27 19.87
C GLY L 27 -19.59 -8.50 21.29
N TRP L 28 -19.65 -7.45 22.11
CA TRP L 28 -19.62 -7.53 23.58
C TRP L 28 -18.35 -8.24 24.08
N GLN L 29 -17.22 -7.59 23.85
CA GLN L 29 -15.91 -8.17 24.11
C GLN L 29 -15.73 -8.36 25.61
N PHE L 30 -15.85 -9.61 26.06
CA PHE L 30 -15.66 -9.98 27.45
C PHE L 30 -14.17 -10.16 27.69
N ASP L 31 -13.53 -9.13 28.22
CA ASP L 31 -12.10 -9.20 28.53
C ASP L 31 -11.94 -9.67 29.96
N GLY L 32 -11.32 -10.83 30.13
CA GLY L 32 -11.19 -11.45 31.43
C GLY L 32 -10.11 -10.81 32.28
N ARG L 33 -9.86 -11.43 33.42
CA ARG L 33 -8.88 -10.95 34.39
C ARG L 33 -8.45 -12.12 35.26
N SER L 34 -7.56 -11.84 36.20
CA SER L 34 -7.19 -12.82 37.21
C SER L 34 -8.38 -13.08 38.13
N ARG L 35 -8.45 -14.30 38.66
CA ARG L 35 -9.61 -14.77 39.42
C ARG L 35 -9.55 -14.38 40.90
N LEU L 36 -8.76 -13.37 41.26
CA LEU L 36 -8.48 -13.09 42.67
C LEU L 36 -9.47 -12.11 43.28
N GLU L 37 -10.77 -12.33 43.05
CA GLU L 37 -11.79 -11.59 43.78
C GLU L 37 -12.96 -12.44 44.23
N ALA L 38 -13.25 -13.57 43.58
CA ALA L 38 -14.26 -14.55 43.96
C ALA L 38 -15.65 -13.91 44.06
N GLY L 39 -16.15 -13.48 42.89
CA GLY L 39 -17.41 -12.78 42.88
C GLY L 39 -17.57 -11.72 41.80
N ILE L 40 -16.52 -11.44 41.03
CA ILE L 40 -16.63 -10.65 39.81
C ILE L 40 -15.74 -11.27 38.75
N ASP L 41 -16.30 -11.45 37.55
CA ASP L 41 -15.57 -11.99 36.41
C ASP L 41 -14.92 -10.84 35.65
N GLY L 42 -14.49 -11.09 34.41
CA GLY L 42 -13.89 -10.05 33.61
C GLY L 42 -14.88 -8.96 33.22
N ILE L 43 -14.34 -7.84 32.78
CA ILE L 43 -15.14 -6.66 32.46
C ILE L 43 -15.56 -6.73 31.00
N ALA L 44 -16.86 -6.68 30.76
CA ALA L 44 -17.38 -6.66 29.40
C ALA L 44 -17.40 -5.23 28.87
N GLU L 45 -17.22 -5.09 27.57
CA GLU L 45 -17.23 -3.78 26.93
C GLU L 45 -18.24 -3.83 25.79
N VAL L 46 -19.22 -2.93 25.83
CA VAL L 46 -20.27 -2.93 24.82
C VAL L 46 -19.74 -2.39 23.50
N MET L 47 -20.10 -3.05 22.41
CA MET L 47 -19.58 -2.72 21.09
C MET L 47 -20.74 -2.71 20.10
N ASN L 48 -20.59 -1.93 19.02
CA ASN L 48 -21.66 -1.76 18.03
C ASN L 48 -21.06 -1.85 16.62
N GLU L 49 -20.98 -3.08 16.11
CA GLU L 49 -20.70 -3.38 14.70
C GLU L 49 -19.37 -2.77 14.22
N GLY L 50 -18.29 -3.24 14.84
CA GLY L 50 -16.97 -2.79 14.48
C GLY L 50 -16.50 -1.56 15.21
N GLN L 51 -17.35 -0.91 16.00
CA GLN L 51 -17.00 0.28 16.75
C GLN L 51 -17.26 0.04 18.23
N PRO L 52 -16.22 0.00 19.06
CA PRO L 52 -16.45 -0.03 20.52
C PRO L 52 -17.10 1.26 20.98
N MET L 53 -17.93 1.14 22.00
CA MET L 53 -18.71 2.27 22.52
C MET L 53 -18.25 2.73 23.89
N ALA L 54 -17.13 2.19 24.38
CA ALA L 54 -16.49 2.59 25.64
C ALA L 54 -17.42 2.41 26.85
N ARG L 55 -18.39 1.52 26.74
CA ARG L 55 -19.31 1.21 27.83
C ARG L 55 -18.96 -0.16 28.38
N MET L 56 -18.83 -0.25 29.69
CA MET L 56 -18.37 -1.46 30.34
C MET L 56 -19.39 -1.92 31.38
N ILE L 57 -19.48 -3.24 31.54
CA ILE L 57 -20.35 -3.87 32.53
C ILE L 57 -19.52 -4.88 33.31
N ALA L 58 -19.64 -4.86 34.63
CA ALA L 58 -19.02 -5.88 35.46
C ALA L 58 -19.89 -7.14 35.44
N VAL L 59 -19.26 -8.29 35.24
CA VAL L 59 -19.95 -9.56 35.10
C VAL L 59 -19.55 -10.47 36.26
N GLN L 60 -20.47 -11.33 36.68
CA GLN L 60 -20.08 -12.42 37.57
C GLN L 60 -20.90 -13.66 37.21
N ILE L 61 -20.27 -14.82 37.37
CA ILE L 61 -20.80 -16.08 36.85
C ILE L 61 -20.72 -17.12 37.97
N LYS L 62 -21.78 -17.92 38.13
CA LYS L 62 -21.80 -19.04 39.05
C LYS L 62 -21.46 -20.32 38.29
N SER L 63 -21.62 -21.48 38.94
CA SER L 63 -21.00 -22.69 38.41
C SER L 63 -21.81 -23.34 37.29
N THR L 64 -22.99 -23.86 37.60
CA THR L 64 -23.75 -24.68 36.67
C THR L 64 -25.17 -24.87 37.19
N LYS L 65 -26.01 -25.48 36.35
CA LYS L 65 -27.34 -25.91 36.76
C LYS L 65 -27.76 -27.06 35.86
N GLU L 66 -27.84 -28.27 36.43
CA GLU L 66 -28.26 -29.46 35.70
C GLU L 66 -29.49 -30.04 36.37
N GLY L 67 -30.50 -30.38 35.57
CA GLY L 67 -31.72 -30.95 36.10
C GLY L 67 -32.58 -29.91 36.81
N LYS L 68 -33.56 -30.43 37.54
CA LYS L 68 -34.49 -29.59 38.29
C LYS L 68 -33.82 -29.04 39.54
N TYR L 69 -34.33 -27.90 40.01
CA TYR L 69 -33.83 -27.23 41.20
C TYR L 69 -35.01 -26.52 41.85
N THR L 70 -34.72 -25.52 42.70
CA THR L 70 -35.72 -24.88 43.54
C THR L 70 -36.79 -24.17 42.70
N SER L 71 -37.98 -24.77 42.67
CA SER L 71 -39.14 -24.30 41.90
C SER L 71 -38.80 -24.10 40.43
N GLU L 72 -38.02 -25.03 39.88
CA GLU L 72 -37.61 -24.95 38.49
C GLU L 72 -38.79 -25.24 37.57
N SER L 73 -38.95 -24.42 36.54
CA SER L 73 -40.03 -24.57 35.57
C SER L 73 -39.61 -23.90 34.28
N ASP L 74 -40.38 -24.17 33.23
CA ASP L 74 -40.08 -23.60 31.92
C ASP L 74 -40.33 -22.10 31.85
N THR L 75 -41.20 -21.58 32.70
CA THR L 75 -41.53 -20.16 32.67
C THR L 75 -41.39 -19.48 34.03
N SER L 76 -41.70 -20.18 35.12
CA SER L 76 -41.76 -19.53 36.43
C SER L 76 -40.37 -19.35 37.03
N PHE L 77 -39.71 -20.47 37.37
CA PHE L 77 -38.39 -20.50 38.00
C PHE L 77 -38.31 -19.60 39.23
N THR L 78 -39.13 -19.94 40.23
CA THR L 78 -39.18 -19.14 41.46
C THR L 78 -37.98 -19.53 42.35
N TYR L 79 -36.82 -19.00 42.00
CA TYR L 79 -35.60 -19.27 42.74
C TYR L 79 -35.23 -18.03 43.55
N LEU L 80 -34.74 -18.25 44.76
CA LEU L 80 -34.39 -17.19 45.69
C LEU L 80 -32.92 -17.29 46.03
N LEU L 81 -32.24 -16.14 46.09
CA LEU L 81 -30.81 -16.10 46.40
C LEU L 81 -30.60 -15.64 47.84
N ARG L 82 -29.34 -15.53 48.22
CA ARG L 82 -28.97 -15.23 49.60
C ARG L 82 -29.07 -13.72 49.85
N THR L 83 -28.63 -13.29 51.02
CA THR L 83 -28.64 -11.89 51.41
C THR L 83 -27.27 -11.39 51.86
N GLN L 84 -26.37 -12.28 52.27
CA GLN L 84 -24.99 -11.89 52.57
C GLN L 84 -24.29 -11.36 51.34
N ASP L 85 -24.48 -12.01 50.19
CA ASP L 85 -23.85 -11.57 48.96
C ASP L 85 -24.45 -10.28 48.41
N LEU L 86 -25.69 -9.96 48.78
CA LEU L 86 -26.40 -8.80 48.23
C LEU L 86 -25.64 -7.50 48.50
N ALA L 87 -25.25 -7.29 49.76
CA ALA L 87 -24.41 -6.14 50.08
C ALA L 87 -23.07 -6.24 49.37
N TYR L 88 -22.51 -7.45 49.28
CA TYR L 88 -21.30 -7.67 48.50
C TYR L 88 -21.53 -7.38 47.02
N TRP L 89 -22.76 -7.55 46.55
CA TRP L 89 -23.14 -7.21 45.19
C TRP L 89 -23.71 -5.80 45.09
N ARG L 90 -23.74 -5.06 46.20
CA ARG L 90 -24.17 -3.67 46.17
C ARG L 90 -23.07 -2.69 46.55
N GLY L 91 -21.99 -3.17 47.19
CA GLY L 91 -20.84 -2.34 47.42
C GLY L 91 -19.95 -2.28 46.20
N SER L 92 -20.42 -1.58 45.17
CA SER L 92 -19.73 -1.51 43.88
C SER L 92 -20.13 -0.24 43.16
N ASN L 93 -19.32 0.14 42.18
CA ASN L 93 -19.62 1.25 41.28
C ASN L 93 -20.12 0.77 39.93
N LEU L 94 -19.41 -0.17 39.31
CA LEU L 94 -19.87 -0.74 38.06
C LEU L 94 -21.13 -1.58 38.29
N PRO L 95 -22.07 -1.61 37.35
CA PRO L 95 -23.24 -2.46 37.51
C PRO L 95 -22.89 -3.94 37.34
N VAL L 96 -22.83 -4.67 38.45
CA VAL L 96 -22.50 -6.09 38.42
C VAL L 96 -23.73 -6.86 37.98
N ILE L 97 -23.56 -7.75 37.00
CA ILE L 97 -24.65 -8.58 36.50
C ILE L 97 -24.41 -10.01 36.95
N VAL L 98 -25.52 -10.72 37.19
CA VAL L 98 -25.49 -12.09 37.68
C VAL L 98 -25.64 -13.04 36.49
N VAL L 99 -24.87 -14.12 36.50
CA VAL L 99 -24.84 -15.07 35.39
C VAL L 99 -24.86 -16.48 35.94
N PHE L 100 -25.74 -17.32 35.39
CA PHE L 100 -25.73 -18.75 35.67
C PHE L 100 -25.75 -19.50 34.34
N TYR L 101 -25.48 -20.81 34.38
CA TYR L 101 -25.37 -21.62 33.18
C TYR L 101 -26.12 -22.94 33.35
N ARG L 102 -26.90 -23.31 32.33
CA ARG L 102 -27.63 -24.57 32.31
C ARG L 102 -27.08 -25.48 31.21
N GLN L 103 -26.75 -26.72 31.61
CA GLN L 103 -26.24 -27.75 30.72
C GLN L 103 -27.34 -28.52 29.99
N SER L 104 -28.59 -28.35 30.37
CA SER L 104 -29.67 -29.10 29.73
C SER L 104 -29.89 -28.59 28.30
N ASP L 105 -29.96 -27.28 28.12
CA ASP L 105 -30.02 -26.67 26.80
C ASP L 105 -28.94 -25.62 26.62
N HIS L 106 -27.85 -25.71 27.40
CA HIS L 106 -26.66 -24.86 27.34
C HIS L 106 -26.97 -23.38 27.54
N SER L 107 -28.10 -23.07 28.18
CA SER L 107 -28.59 -21.69 28.25
C SER L 107 -27.89 -20.92 29.37
N PHE L 108 -28.17 -19.62 29.45
CA PHE L 108 -27.51 -18.74 30.40
C PHE L 108 -28.53 -17.84 31.08
N TYR L 109 -28.47 -17.79 32.41
CA TYR L 109 -29.42 -17.05 33.23
C TYR L 109 -28.88 -15.69 33.62
N TRP L 110 -29.67 -14.64 33.35
CA TRP L 110 -29.43 -13.31 33.88
C TRP L 110 -30.77 -12.57 33.89
N LYS L 111 -31.23 -12.17 35.08
CA LYS L 111 -32.44 -11.35 35.15
C LYS L 111 -32.36 -10.27 36.22
N GLU L 112 -31.16 -9.79 36.53
CA GLU L 112 -31.00 -8.76 37.55
C GLU L 112 -29.71 -7.99 37.31
N VAL L 113 -29.73 -6.71 37.65
CA VAL L 113 -28.52 -5.88 37.57
C VAL L 113 -28.25 -5.13 38.88
N SER L 114 -29.22 -4.38 39.38
CA SER L 114 -29.04 -3.50 40.53
C SER L 114 -30.41 -3.04 41.02
N ARG L 115 -30.47 -2.65 42.29
CA ARG L 115 -31.70 -2.13 42.87
C ARG L 115 -31.49 -0.87 43.70
N ASP L 116 -30.24 -0.40 43.84
CA ASP L 116 -29.87 0.80 44.60
C ASP L 116 -30.34 0.72 46.06
N ALA L 117 -29.77 -0.25 46.77
CA ALA L 117 -30.04 -0.53 48.18
C ALA L 117 -31.52 -0.80 48.44
N GLY L 118 -32.14 -1.56 47.55
CA GLY L 118 -33.53 -1.92 47.70
C GLY L 118 -33.73 -3.42 47.85
N PRO L 119 -34.04 -3.85 49.08
CA PRO L 119 -34.32 -5.28 49.35
C PRO L 119 -35.62 -5.78 48.71
N GLY L 120 -35.53 -6.13 47.44
CA GLY L 120 -36.69 -6.68 46.75
C GLY L 120 -36.82 -8.17 46.95
N GLU L 121 -37.68 -8.56 47.88
CA GLU L 121 -37.87 -9.94 48.34
C GLU L 121 -36.55 -10.63 48.67
N ARG L 122 -36.22 -11.69 47.94
CA ARG L 122 -35.01 -12.47 48.18
C ARG L 122 -34.31 -12.80 46.87
N ARG L 123 -34.16 -11.77 46.02
CA ARG L 123 -33.47 -11.84 44.73
C ARG L 123 -34.11 -12.88 43.80
N LEU L 124 -35.36 -12.60 43.42
CA LEU L 124 -36.10 -13.49 42.54
C LEU L 124 -35.47 -13.47 41.15
N ASN L 125 -35.26 -14.66 40.59
CA ASN L 125 -34.70 -14.81 39.24
C ASN L 125 -35.73 -15.53 38.39
N ILE L 126 -36.67 -14.76 37.84
CA ILE L 126 -37.72 -15.31 36.98
C ILE L 126 -37.18 -15.30 35.54
N ASP L 127 -36.84 -16.48 35.04
CA ASP L 127 -36.16 -16.60 33.77
C ASP L 127 -36.96 -17.45 32.80
N LYS L 128 -36.58 -17.38 31.53
CA LYS L 128 -37.21 -18.10 30.42
C LYS L 128 -38.70 -17.81 30.30
N VAL L 129 -39.11 -16.57 30.63
CA VAL L 129 -40.48 -16.16 30.36
C VAL L 129 -40.70 -15.98 28.87
N ALA L 130 -39.79 -15.28 28.20
CA ALA L 130 -39.73 -15.24 26.74
C ALA L 130 -38.38 -15.67 26.21
N ASP L 131 -37.30 -15.12 26.76
CA ASP L 131 -35.96 -15.36 26.26
C ASP L 131 -34.95 -15.04 27.35
N LEU L 132 -33.84 -15.78 27.35
CA LEU L 132 -32.76 -15.58 28.28
C LEU L 132 -31.76 -14.60 27.68
N PHE L 133 -30.55 -14.52 28.25
CA PHE L 133 -29.50 -13.67 27.70
C PHE L 133 -29.04 -14.27 26.37
N ASN L 134 -29.55 -13.70 25.28
CA ASN L 134 -29.34 -14.24 23.94
C ASN L 134 -29.35 -13.08 22.96
N ALA L 135 -29.55 -13.40 21.68
CA ALA L 135 -29.62 -12.37 20.64
C ALA L 135 -30.82 -11.46 20.86
N SER L 136 -31.97 -12.03 21.20
CA SER L 136 -33.14 -11.23 21.50
C SER L 136 -33.02 -10.60 22.89
N THR L 137 -33.55 -9.39 23.02
CA THR L 137 -33.58 -8.61 24.27
C THR L 137 -32.16 -8.39 24.83
N VAL L 138 -31.36 -7.66 24.06
CA VAL L 138 -29.99 -7.34 24.47
C VAL L 138 -29.86 -5.90 24.95
N ASN L 139 -30.81 -5.02 24.62
CA ASN L 139 -30.78 -3.64 25.11
C ASN L 139 -31.12 -3.55 26.59
N LYS L 140 -31.58 -4.64 27.21
CA LYS L 140 -31.63 -4.74 28.66
C LYS L 140 -30.24 -4.69 29.29
N LEU L 141 -29.21 -5.01 28.53
CA LEU L 141 -27.84 -4.92 28.99
C LEU L 141 -27.16 -3.60 28.61
N ALA L 142 -27.68 -2.91 27.60
CA ALA L 142 -27.09 -1.63 27.21
C ALA L 142 -27.42 -0.52 28.20
N ALA L 143 -28.68 -0.46 28.65
CA ALA L 143 -29.13 0.62 29.52
C ALA L 143 -28.89 0.27 30.99
N LEU L 144 -27.62 0.06 31.33
CA LEU L 144 -27.25 -0.29 32.70
C LEU L 144 -26.38 0.77 33.36
N THR L 145 -25.28 1.16 32.72
CA THR L 145 -24.41 2.17 33.31
C THR L 145 -25.00 3.57 33.19
N VAL L 146 -25.90 3.78 32.22
CA VAL L 146 -26.62 5.04 32.09
C VAL L 146 -27.78 5.02 33.08
N PRO L 147 -27.80 5.93 34.06
CA PRO L 147 -28.90 5.93 35.03
C PRO L 147 -30.10 6.75 34.57
N LYS L 148 -31.11 6.87 35.43
CA LYS L 148 -32.30 7.62 35.10
C LYS L 148 -32.09 9.13 35.15
N THR L 149 -30.93 9.60 35.62
CA THR L 149 -30.63 11.02 35.59
C THR L 149 -30.49 11.53 34.17
N GLY L 150 -29.66 10.85 33.36
CA GLY L 150 -29.59 11.02 31.91
C GLY L 150 -29.41 12.41 31.37
N LEU L 151 -28.25 13.03 31.62
CA LEU L 151 -28.01 14.39 31.15
C LEU L 151 -27.97 14.48 29.63
N GLY L 152 -26.95 13.89 29.00
CA GLY L 152 -26.89 13.85 27.55
C GLY L 152 -26.58 12.48 26.98
N TYR L 153 -26.01 11.62 27.82
CA TYR L 153 -25.53 10.31 27.40
C TYR L 153 -26.68 9.34 27.15
N TYR L 154 -26.47 8.46 26.17
CA TYR L 154 -27.46 7.45 25.80
C TYR L 154 -26.75 6.31 25.09
N VAL L 155 -27.53 5.33 24.64
CA VAL L 155 -27.01 4.21 23.87
C VAL L 155 -27.88 3.99 22.63
N PRO L 156 -27.30 3.83 21.45
CA PRO L 156 -28.08 3.50 20.26
C PRO L 156 -28.55 2.06 20.30
N PRO L 157 -29.49 1.67 19.44
CA PRO L 157 -29.92 0.25 19.38
C PRO L 157 -28.77 -0.68 19.03
N LEU L 158 -28.70 -1.80 19.75
CA LEU L 158 -27.55 -2.70 19.70
C LEU L 158 -27.72 -3.73 18.58
N GLY L 159 -27.63 -3.23 17.35
CA GLY L 159 -27.58 -4.07 16.17
C GLY L 159 -28.80 -4.93 15.94
N GLY L 160 -28.65 -6.24 16.15
CA GLY L 160 -29.75 -7.17 16.00
C GLY L 160 -30.11 -7.42 14.55
N GLY L 161 -31.27 -6.94 14.13
CA GLY L 161 -31.75 -7.20 12.78
C GLY L 161 -33.00 -8.07 12.79
N GLU L 162 -34.15 -7.44 12.61
CA GLU L 162 -35.43 -8.13 12.70
C GLU L 162 -36.23 -7.91 11.42
N ASP L 163 -37.04 -8.90 11.07
CA ASP L 163 -37.95 -8.81 9.93
C ASP L 163 -39.20 -8.04 10.32
N ALA L 164 -39.97 -7.63 9.31
CA ALA L 164 -41.24 -6.96 9.55
C ALA L 164 -42.15 -7.15 8.36
N LEU L 165 -43.46 -7.11 8.63
CA LEU L 165 -44.47 -7.30 7.60
C LEU L 165 -44.76 -5.98 6.89
N ILE L 166 -45.54 -6.06 5.81
CA ILE L 166 -45.97 -4.87 5.09
C ILE L 166 -47.44 -5.07 4.73
N ASN L 167 -48.20 -3.98 4.71
CA ASN L 167 -49.65 -4.05 4.52
C ASN L 167 -50.10 -3.66 3.11
N MET L 168 -49.66 -4.39 2.09
CA MET L 168 -50.43 -4.50 0.85
C MET L 168 -50.37 -5.94 0.36
N LEU L 169 -51.54 -6.49 0.06
CA LEU L 169 -51.66 -7.87 -0.40
C LEU L 169 -51.53 -7.93 -1.92
N PRO L 170 -50.58 -8.69 -2.47
CA PRO L 170 -50.50 -8.82 -3.93
C PRO L 170 -51.67 -9.59 -4.50
N LEU L 171 -52.03 -9.25 -5.73
CA LEU L 171 -53.20 -9.80 -6.40
C LEU L 171 -52.79 -10.47 -7.70
N THR L 172 -53.39 -11.62 -7.98
CA THR L 172 -53.22 -12.34 -9.24
C THR L 172 -54.54 -12.26 -10.00
N LEU L 173 -54.61 -11.36 -10.98
CA LEU L 173 -55.82 -11.12 -11.73
C LEU L 173 -56.12 -12.30 -12.66
N PRO L 174 -57.40 -12.47 -13.09
CA PRO L 174 -57.73 -13.54 -14.03
C PRO L 174 -57.13 -13.37 -15.43
N ASN L 175 -57.42 -14.32 -16.31
CA ASN L 175 -56.70 -14.39 -17.59
C ASN L 175 -57.37 -13.65 -18.73
N GLU L 176 -58.70 -13.60 -18.77
CA GLU L 176 -59.41 -13.05 -19.91
C GLU L 176 -60.14 -11.77 -19.53
N MET L 177 -60.55 -11.03 -20.57
CA MET L 177 -61.42 -9.87 -20.39
C MET L 177 -62.32 -9.77 -21.61
N TYR L 178 -63.50 -9.20 -21.42
CA TYR L 178 -64.56 -9.25 -22.43
C TYR L 178 -65.08 -7.86 -22.73
N ILE L 179 -65.17 -7.53 -24.02
CA ILE L 179 -65.69 -6.25 -24.49
C ILE L 179 -66.74 -6.51 -25.56
N ALA L 180 -67.62 -5.53 -25.74
CA ALA L 180 -68.67 -5.60 -26.76
C ALA L 180 -69.12 -4.18 -27.05
N SER L 181 -69.98 -4.05 -28.07
CA SER L 181 -70.59 -2.77 -28.37
C SER L 181 -71.82 -2.55 -27.50
N THR L 182 -72.11 -1.27 -27.21
CA THR L 182 -73.22 -0.90 -26.36
C THR L 182 -73.81 0.41 -26.86
N THR L 183 -75.12 0.41 -27.15
CA THR L 183 -75.84 1.58 -27.61
C THR L 183 -76.92 1.99 -26.62
N TYR L 184 -76.59 1.96 -25.33
CA TYR L 184 -77.59 2.20 -24.29
C TYR L 184 -77.14 3.26 -23.29
N GLU L 185 -77.90 3.40 -22.20
CA GLU L 185 -77.63 4.40 -21.18
C GLU L 185 -77.59 3.73 -19.81
N PRO L 186 -76.78 4.27 -18.88
CA PRO L 186 -76.67 3.63 -17.56
C PRO L 186 -77.94 3.73 -16.72
N ARG L 187 -78.77 4.75 -16.92
CA ARG L 187 -80.00 4.86 -16.15
C ARG L 187 -81.02 3.81 -16.57
N LYS L 188 -80.96 3.35 -17.82
CA LYS L 188 -81.74 2.18 -18.23
C LYS L 188 -81.17 0.91 -17.61
N ALA L 189 -79.85 0.85 -17.45
CA ALA L 189 -79.20 -0.34 -16.93
C ALA L 189 -79.56 -0.60 -15.47
N ILE L 190 -79.54 0.44 -14.64
CA ILE L 190 -79.92 0.27 -13.24
C ILE L 190 -81.40 -0.06 -13.11
N ALA L 191 -82.23 0.48 -14.02
CA ALA L 191 -83.65 0.16 -14.01
C ALA L 191 -83.92 -1.31 -14.34
N VAL L 192 -83.25 -1.83 -15.37
CA VAL L 192 -83.48 -3.23 -15.74
C VAL L 192 -82.80 -4.18 -14.74
N ILE L 193 -81.76 -3.74 -14.05
CA ILE L 193 -81.20 -4.54 -12.98
C ILE L 193 -82.16 -4.58 -11.78
N LEU L 194 -82.78 -3.45 -11.46
CA LEU L 194 -83.64 -3.39 -10.28
C LEU L 194 -84.97 -4.12 -10.52
N ASN L 195 -85.59 -3.91 -11.68
CA ASN L 195 -86.93 -4.45 -11.90
C ASN L 195 -86.92 -5.82 -12.55
N GLY L 196 -85.75 -6.41 -12.78
CA GLY L 196 -85.68 -7.73 -13.38
C GLY L 196 -86.16 -8.82 -12.44
N ASP L 197 -86.41 -9.99 -13.03
CA ASP L 197 -87.07 -11.08 -12.31
C ASP L 197 -86.10 -11.97 -11.55
N GLY L 198 -85.12 -12.55 -12.26
CA GLY L 198 -84.24 -13.52 -11.66
C GLY L 198 -83.14 -12.87 -10.84
N PRO L 199 -82.24 -13.71 -10.32
CA PRO L 199 -81.08 -13.19 -9.59
C PRO L 199 -80.14 -12.44 -10.52
N LYS L 200 -79.44 -11.46 -9.96
CA LYS L 200 -78.59 -10.58 -10.75
C LYS L 200 -77.31 -10.22 -9.99
N ARG L 201 -76.24 -10.01 -10.75
CA ARG L 201 -74.97 -9.48 -10.28
C ARG L 201 -74.65 -8.22 -11.05
N PHE L 202 -73.67 -7.46 -10.57
CA PHE L 202 -73.32 -6.18 -11.18
C PHE L 202 -71.80 -6.01 -11.24
N ASP L 203 -71.09 -7.04 -11.67
CA ASP L 203 -69.63 -6.94 -11.85
C ASP L 203 -69.29 -6.51 -13.28
N TRP L 204 -69.85 -5.36 -13.67
CA TRP L 204 -69.54 -4.79 -14.97
C TRP L 204 -69.66 -3.28 -14.92
N VAL L 205 -69.00 -2.62 -15.87
CA VAL L 205 -69.13 -1.19 -16.09
C VAL L 205 -69.23 -0.93 -17.58
N ILE L 206 -69.78 0.23 -17.93
CA ILE L 206 -69.98 0.64 -19.31
C ILE L 206 -69.37 2.02 -19.49
N ASN L 207 -68.43 2.15 -20.42
CA ASN L 207 -67.87 3.45 -20.77
C ASN L 207 -68.74 4.09 -21.84
N GLY L 208 -68.36 5.29 -22.29
CA GLY L 208 -69.16 6.01 -23.26
C GLY L 208 -69.25 5.32 -24.61
N GLY L 209 -68.22 4.56 -24.99
CA GLY L 209 -68.24 3.90 -26.29
C GLY L 209 -68.48 2.40 -26.29
N THR L 210 -67.81 1.67 -25.38
CA THR L 210 -67.83 0.21 -25.42
C THR L 210 -68.27 -0.41 -24.10
N PHE L 211 -68.11 -1.73 -24.00
CA PHE L 211 -68.43 -2.51 -22.81
C PHE L 211 -67.16 -2.87 -22.05
N TRP L 212 -67.33 -3.27 -20.78
CA TRP L 212 -66.19 -3.52 -19.91
C TRP L 212 -66.64 -4.49 -18.81
N SER L 213 -66.30 -5.78 -18.98
CA SER L 213 -66.73 -6.80 -18.05
C SER L 213 -65.89 -8.07 -18.21
N PHE L 214 -66.27 -9.09 -17.44
CA PHE L 214 -65.66 -10.41 -17.47
C PHE L 214 -66.75 -11.49 -17.41
N HIS L 215 -67.77 -11.37 -18.26
CA HIS L 215 -68.90 -12.29 -18.18
C HIS L 215 -69.36 -12.63 -19.61
N ASP L 216 -70.42 -13.44 -19.69
CA ASP L 216 -70.89 -14.01 -20.94
C ASP L 216 -71.59 -12.97 -21.80
N PRO L 217 -71.78 -13.25 -23.10
CA PRO L 217 -72.80 -12.51 -23.86
C PRO L 217 -74.20 -12.64 -23.28
N ARG L 218 -74.51 -13.78 -22.67
CA ARG L 218 -75.76 -13.97 -21.92
C ARG L 218 -75.35 -14.23 -20.47
N THR L 219 -75.27 -13.17 -19.68
CA THR L 219 -74.82 -13.28 -18.31
C THR L 219 -75.89 -13.93 -17.43
N SER L 220 -75.49 -14.29 -16.21
CA SER L 220 -76.45 -14.71 -15.20
C SER L 220 -77.37 -13.57 -14.80
N ALA L 221 -76.90 -12.34 -14.92
CA ALA L 221 -77.72 -11.15 -14.69
C ALA L 221 -78.34 -10.63 -15.98
N CYS L 222 -79.01 -11.53 -16.71
CA CYS L 222 -79.65 -11.28 -18.00
C CYS L 222 -78.67 -10.76 -19.06
N SER L 223 -79.19 -10.34 -20.21
CA SER L 223 -78.34 -9.88 -21.29
C SER L 223 -78.94 -8.69 -22.05
N GLU L 224 -79.85 -7.93 -21.41
CA GLU L 224 -80.51 -6.85 -22.13
C GLU L 224 -79.59 -5.66 -22.37
N ILE L 225 -78.76 -5.32 -21.38
CA ILE L 225 -77.89 -4.16 -21.49
C ILE L 225 -76.79 -4.40 -22.52
N VAL L 226 -76.29 -5.62 -22.60
CA VAL L 226 -75.26 -5.95 -23.59
C VAL L 226 -75.92 -6.13 -24.95
N ASP L 227 -75.11 -6.14 -26.00
CA ASP L 227 -75.65 -6.23 -27.35
C ASP L 227 -75.89 -7.68 -27.74
N ILE L 228 -76.52 -7.86 -28.91
CA ILE L 228 -76.72 -9.18 -29.49
C ILE L 228 -75.45 -9.74 -30.09
N ASP L 229 -74.42 -8.91 -30.29
CA ASP L 229 -73.18 -9.37 -30.88
C ASP L 229 -72.37 -10.18 -29.89
N GLN L 230 -71.46 -10.99 -30.43
CA GLN L 230 -70.54 -11.77 -29.61
C GLN L 230 -69.56 -10.85 -28.90
N VAL L 231 -69.29 -11.14 -27.62
CA VAL L 231 -68.24 -10.41 -26.93
C VAL L 231 -66.88 -10.96 -27.34
N GLU L 232 -65.86 -10.12 -27.23
CA GLU L 232 -64.53 -10.45 -27.74
C GLU L 232 -63.63 -10.86 -26.59
N ALA L 233 -62.84 -11.90 -26.80
CA ALA L 233 -61.96 -12.47 -25.78
C ALA L 233 -60.56 -11.89 -25.93
N ILE L 234 -60.14 -11.10 -24.94
CA ILE L 234 -58.80 -10.53 -24.90
C ILE L 234 -58.11 -11.03 -23.64
N ASN L 235 -56.85 -11.44 -23.78
CA ASN L 235 -56.06 -11.79 -22.62
C ASN L 235 -55.75 -10.54 -21.79
N THR L 236 -55.61 -10.73 -20.48
CA THR L 236 -55.42 -9.62 -19.56
C THR L 236 -54.01 -9.04 -19.60
N LYS L 237 -53.08 -9.67 -20.33
CA LYS L 237 -51.72 -9.16 -20.44
C LYS L 237 -51.56 -8.09 -21.51
N GLU L 238 -52.63 -7.74 -22.22
CA GLU L 238 -52.64 -6.62 -23.17
C GLU L 238 -53.81 -5.73 -22.75
N LEU L 239 -53.52 -4.74 -21.92
CA LEU L 239 -54.58 -3.93 -21.32
C LEU L 239 -54.01 -2.53 -21.03
N ALA L 240 -54.32 -1.59 -21.91
CA ALA L 240 -54.14 -0.15 -21.70
C ALA L 240 -52.69 0.27 -21.49
N LEU L 241 -51.73 -0.52 -21.98
CA LEU L 241 -50.32 -0.22 -21.72
C LEU L 241 -49.70 0.65 -22.81
N HIS L 242 -50.34 1.76 -23.17
CA HIS L 242 -49.67 2.71 -24.05
C HIS L 242 -49.79 4.16 -23.57
N ASP L 243 -50.96 4.55 -23.08
CA ASP L 243 -51.29 5.95 -22.75
C ASP L 243 -52.64 5.93 -22.03
N ASP L 244 -53.18 7.13 -21.76
CA ASP L 244 -54.59 7.34 -21.42
C ASP L 244 -54.98 6.60 -20.13
N ILE L 245 -54.51 7.14 -19.00
CA ILE L 245 -54.84 6.65 -17.67
C ILE L 245 -56.35 6.63 -17.38
N ASP L 246 -57.18 7.25 -18.21
CA ASP L 246 -58.62 7.04 -18.15
C ASP L 246 -58.98 5.58 -18.38
N GLU L 247 -58.21 4.86 -19.22
CA GLU L 247 -58.41 3.43 -19.37
C GLU L 247 -58.08 2.69 -18.08
N GLN L 248 -57.05 3.15 -17.36
CA GLN L 248 -56.76 2.59 -16.03
C GLN L 248 -57.89 2.88 -15.06
N ASN L 249 -58.52 4.06 -15.18
CA ASN L 249 -59.70 4.37 -14.37
C ASN L 249 -60.87 3.45 -14.70
N ARG L 250 -61.05 3.11 -15.98
CA ARG L 250 -62.12 2.21 -16.36
C ARG L 250 -61.85 0.79 -15.87
N PHE L 251 -60.59 0.35 -15.92
CA PHE L 251 -60.23 -0.92 -15.28
C PHE L 251 -60.45 -0.87 -13.78
N SER L 252 -60.21 0.30 -13.18
CA SER L 252 -60.45 0.47 -11.75
C SER L 252 -61.93 0.33 -11.43
N HIS L 253 -62.81 0.86 -12.28
CA HIS L 253 -64.23 0.66 -12.04
C HIS L 253 -64.65 -0.79 -12.30
N LEU L 254 -64.00 -1.46 -13.26
CA LEU L 254 -64.23 -2.89 -13.47
C LEU L 254 -63.90 -3.69 -12.22
N LEU L 255 -62.70 -3.50 -11.67
CA LEU L 255 -62.30 -4.22 -10.48
C LEU L 255 -63.09 -3.77 -9.26
N ARG L 256 -63.56 -2.51 -9.27
CA ARG L 256 -64.38 -1.99 -8.20
C ARG L 256 -65.71 -2.73 -8.13
N GLN L 257 -66.38 -2.90 -9.28
CA GLN L 257 -67.61 -3.67 -9.29
C GLN L 257 -67.35 -5.15 -9.08
N THR L 258 -66.18 -5.65 -9.50
CA THR L 258 -65.82 -7.04 -9.24
C THR L 258 -65.69 -7.32 -7.75
N LEU L 259 -65.04 -6.42 -7.01
CA LEU L 259 -64.92 -6.60 -5.56
C LEU L 259 -66.23 -6.28 -4.86
N ARG L 260 -67.04 -5.37 -5.41
CA ARG L 260 -68.27 -4.98 -4.75
C ARG L 260 -69.34 -6.06 -4.85
N TYR L 261 -69.43 -6.74 -6.00
CA TYR L 261 -70.51 -7.70 -6.20
C TYR L 261 -70.02 -9.14 -6.20
N GLN L 262 -68.82 -9.39 -5.69
CA GLN L 262 -68.34 -10.76 -5.51
C GLN L 262 -67.31 -10.75 -4.39
N THR L 263 -67.72 -11.19 -3.20
CA THR L 263 -66.84 -11.24 -2.04
C THR L 263 -67.16 -12.51 -1.26
N ASP L 264 -66.62 -12.60 -0.05
CA ASP L 264 -66.83 -13.74 0.83
C ASP L 264 -67.74 -13.32 1.98
N SER L 265 -68.87 -14.05 2.13
CA SER L 265 -69.89 -13.78 3.14
C SER L 265 -70.41 -12.35 3.03
N ASP L 266 -71.12 -12.12 1.91
CA ASP L 266 -71.38 -10.82 1.29
C ASP L 266 -71.74 -9.72 2.29
N LEU L 267 -70.99 -8.62 2.20
CA LEU L 267 -71.03 -7.54 3.18
C LEU L 267 -71.77 -6.34 2.61
N GLY L 268 -71.83 -5.29 3.41
CA GLY L 268 -72.34 -4.01 2.98
C GLY L 268 -71.19 -3.07 2.67
N TRP L 269 -71.47 -2.07 1.84
CA TRP L 269 -70.44 -1.17 1.36
C TRP L 269 -70.71 0.23 1.88
N ASP L 270 -69.94 0.63 2.89
CA ASP L 270 -70.07 1.92 3.53
C ASP L 270 -69.61 3.05 2.60
N LYS L 271 -70.16 4.23 2.81
CA LYS L 271 -69.68 5.43 2.15
C LYS L 271 -69.15 6.49 3.12
N ASP L 272 -69.16 6.22 4.42
CA ASP L 272 -68.57 7.16 5.38
C ASP L 272 -67.05 7.08 5.33
N HIS L 273 -66.49 5.90 5.63
CA HIS L 273 -65.04 5.79 5.64
C HIS L 273 -64.55 5.58 4.21
N LYS L 274 -64.79 4.39 3.67
CA LYS L 274 -64.76 3.99 2.26
C LYS L 274 -65.06 2.50 2.18
N ALA L 275 -65.49 2.06 1.00
CA ALA L 275 -65.56 0.66 0.57
C ALA L 275 -66.45 -0.16 1.50
N LEU L 276 -66.02 -1.31 2.00
CA LEU L 276 -66.91 -2.29 2.62
C LEU L 276 -66.74 -2.28 4.14
N TYR L 277 -67.64 -2.99 4.81
CA TYR L 277 -67.63 -3.16 6.26
C TYR L 277 -68.45 -4.40 6.61
N PHE L 278 -68.15 -4.98 7.77
CA PHE L 278 -68.82 -6.20 8.23
C PHE L 278 -70.25 -5.94 8.65
N ARG L 279 -71.15 -6.84 8.28
CA ARG L 279 -72.57 -6.69 8.54
C ARG L 279 -72.93 -7.27 9.91
N ALA L 280 -74.23 -7.42 10.16
CA ALA L 280 -74.74 -8.11 11.34
C ALA L 280 -75.56 -9.32 10.88
N ILE L 281 -75.30 -10.47 11.50
CA ILE L 281 -75.95 -11.71 11.08
C ILE L 281 -77.43 -11.70 11.44
N GLU L 282 -77.78 -11.17 12.61
CA GLU L 282 -79.18 -11.04 13.02
C GLU L 282 -79.35 -9.72 13.75
N ARG L 283 -80.46 -9.57 14.44
CA ARG L 283 -80.81 -8.32 15.11
C ARG L 283 -80.00 -8.19 16.40
N GLU L 284 -78.89 -7.47 16.30
CA GLU L 284 -78.03 -7.07 17.41
C GLU L 284 -77.50 -8.26 18.20
N VAL L 285 -76.65 -9.04 17.53
CA VAL L 285 -76.01 -10.20 18.13
C VAL L 285 -74.51 -10.12 17.88
N SER L 286 -73.76 -10.91 18.65
CA SER L 286 -72.31 -10.92 18.54
C SER L 286 -71.87 -11.59 17.24
N ARG L 287 -70.61 -11.38 16.88
CA ARG L 287 -70.09 -11.80 15.58
C ARG L 287 -68.58 -12.03 15.72
N ASN L 288 -68.20 -13.30 15.87
CA ASN L 288 -66.80 -13.62 16.11
C ASN L 288 -66.11 -14.16 14.85
N PHE L 289 -66.58 -15.30 14.32
CA PHE L 289 -65.97 -16.00 13.18
C PHE L 289 -64.48 -16.25 13.39
N ALA L 290 -64.20 -17.15 14.32
CA ALA L 290 -62.84 -17.64 14.50
C ALA L 290 -62.41 -18.48 13.29
N TYR L 291 -61.36 -18.02 12.61
CA TYR L 291 -60.74 -18.80 11.53
C TYR L 291 -59.24 -18.52 11.56
N THR L 292 -58.48 -19.44 10.96
CA THR L 292 -57.03 -19.29 10.93
C THR L 292 -56.46 -20.05 9.75
N SER L 293 -55.22 -19.67 9.37
CA SER L 293 -54.44 -20.42 8.40
C SER L 293 -53.43 -21.30 9.15
N SER L 294 -53.98 -22.34 9.79
CA SER L 294 -53.24 -23.34 10.59
C SER L 294 -52.53 -22.62 11.73
N LYS L 295 -51.22 -22.76 11.89
CA LYS L 295 -50.41 -22.22 13.01
C LYS L 295 -50.99 -22.78 14.31
N LYS L 296 -51.19 -21.97 15.34
CA LYS L 296 -51.73 -22.47 16.60
C LYS L 296 -52.75 -21.53 17.24
N LYS L 297 -53.09 -20.42 16.61
CA LYS L 297 -54.03 -19.45 17.17
C LYS L 297 -55.12 -19.16 16.16
N THR L 298 -56.37 -19.20 16.60
CA THR L 298 -57.53 -18.89 15.78
C THR L 298 -57.96 -17.46 16.06
N ASP L 299 -58.87 -16.94 15.24
CA ASP L 299 -59.28 -15.54 15.30
C ASP L 299 -60.01 -15.23 16.60
N ALA L 300 -59.85 -13.99 17.06
CA ALA L 300 -60.34 -13.55 18.37
C ALA L 300 -61.69 -12.84 18.28
N ASN L 301 -61.78 -11.77 17.49
CA ASN L 301 -63.01 -11.01 17.41
C ASN L 301 -63.09 -10.32 16.06
N VAL L 302 -64.32 -10.03 15.63
CA VAL L 302 -64.56 -9.25 14.41
C VAL L 302 -65.50 -8.10 14.73
N VAL L 303 -66.69 -8.42 15.26
CA VAL L 303 -67.71 -7.43 15.59
C VAL L 303 -68.23 -7.72 16.99
N SER L 304 -68.19 -6.72 17.86
CA SER L 304 -68.70 -6.86 19.21
C SER L 304 -69.82 -5.85 19.46
N VAL L 305 -70.52 -6.05 20.58
CA VAL L 305 -71.62 -5.20 21.00
C VAL L 305 -71.23 -4.55 22.32
N PHE L 306 -71.22 -3.23 22.36
CA PHE L 306 -70.90 -2.49 23.57
C PHE L 306 -72.16 -1.83 24.10
N LYS L 307 -72.39 -1.98 25.39
CA LYS L 307 -73.63 -1.59 26.06
C LYS L 307 -73.34 -0.39 26.97
N ASN L 308 -74.42 0.18 27.53
CA ASN L 308 -74.28 1.28 28.47
C ASN L 308 -73.66 0.80 29.78
N SER L 309 -73.07 1.74 30.52
CA SER L 309 -72.38 1.39 31.76
C SER L 309 -73.38 0.99 32.85
N LYS L 310 -74.48 1.73 32.98
CA LYS L 310 -75.45 1.47 34.03
C LYS L 310 -76.85 1.20 33.51
N ASP L 311 -77.27 1.84 32.42
CA ASP L 311 -78.59 1.62 31.84
C ASP L 311 -78.53 0.33 31.04
N GLU L 312 -78.80 -0.80 31.71
CA GLU L 312 -78.64 -2.11 31.10
C GLU L 312 -79.66 -2.39 30.00
N THR L 313 -80.80 -1.67 29.99
CA THR L 313 -81.84 -1.90 29.00
C THR L 313 -81.59 -1.19 27.68
N ARG L 314 -80.52 -0.41 27.58
CA ARG L 314 -80.18 0.29 26.34
C ARG L 314 -78.79 -0.10 25.89
N VAL L 315 -78.64 -0.32 24.58
CA VAL L 315 -77.37 -0.69 23.97
C VAL L 315 -76.66 0.57 23.51
N SER L 316 -75.34 0.64 23.74
CA SER L 316 -74.60 1.83 23.35
C SER L 316 -74.31 1.84 21.84
N PHE L 317 -73.53 0.88 21.36
CA PHE L 317 -73.18 0.84 19.94
C PHE L 317 -72.62 -0.54 19.57
N VAL L 318 -72.44 -0.72 18.27
CA VAL L 318 -71.88 -1.93 17.68
C VAL L 318 -70.90 -1.50 16.59
N ARG L 319 -69.67 -2.02 16.66
CA ARG L 319 -68.61 -1.61 15.73
C ARG L 319 -68.15 -2.78 14.87
N HIS L 320 -67.88 -2.48 13.61
CA HIS L 320 -67.40 -3.43 12.62
C HIS L 320 -66.09 -2.94 12.04
N HIS L 321 -65.47 -3.78 11.22
CA HIS L 321 -64.14 -3.50 10.67
C HIS L 321 -64.24 -3.20 9.18
N ALA L 322 -63.42 -2.25 8.72
CA ALA L 322 -63.53 -1.70 7.37
C ALA L 322 -62.15 -1.33 6.84
N PHE L 323 -62.06 -1.22 5.51
CA PHE L 323 -60.81 -0.99 4.81
C PHE L 323 -61.17 -0.53 3.40
N SER L 324 -60.19 -0.06 2.64
CA SER L 324 -60.48 0.42 1.29
C SER L 324 -59.31 0.18 0.34
N PRO L 325 -59.47 -0.76 -0.59
CA PRO L 325 -58.42 -1.02 -1.58
C PRO L 325 -58.28 0.11 -2.58
N ARG L 326 -57.11 0.24 -3.21
CA ARG L 326 -56.90 1.27 -4.21
C ARG L 326 -56.40 0.65 -5.51
N PHE L 327 -55.84 1.45 -6.40
CA PHE L 327 -55.37 0.92 -7.68
C PHE L 327 -53.99 1.49 -7.99
N GLU L 328 -52.97 0.63 -7.91
CA GLU L 328 -51.59 1.04 -8.15
C GLU L 328 -50.89 -0.04 -8.96
N LEU L 329 -50.49 0.30 -10.18
CA LEU L 329 -49.71 -0.61 -11.01
C LEU L 329 -48.23 -0.35 -10.72
N MET L 330 -47.79 -0.80 -9.54
CA MET L 330 -46.42 -0.62 -9.11
C MET L 330 -45.54 -1.61 -9.86
N ALA L 331 -44.98 -1.16 -10.99
CA ALA L 331 -44.07 -1.94 -11.84
C ALA L 331 -44.71 -3.24 -12.32
N ASP L 332 -45.90 -3.10 -12.92
CA ASP L 332 -46.65 -4.19 -13.55
C ASP L 332 -46.96 -5.33 -12.58
N GLN L 333 -47.27 -4.98 -11.33
CA GLN L 333 -47.64 -5.94 -10.31
C GLN L 333 -48.56 -5.26 -9.32
N TRP L 334 -49.76 -5.80 -9.15
CA TRP L 334 -50.80 -5.14 -8.37
C TRP L 334 -50.59 -5.34 -6.87
N TYR L 335 -51.28 -4.49 -6.11
CA TYR L 335 -51.20 -4.49 -4.66
C TYR L 335 -52.49 -3.86 -4.13
N LEU L 336 -53.23 -4.59 -3.30
CA LEU L 336 -54.39 -4.06 -2.62
C LEU L 336 -53.93 -3.53 -1.27
N ILE L 337 -54.30 -2.29 -0.96
CA ILE L 337 -53.76 -1.56 0.17
C ILE L 337 -54.85 -1.46 1.23
N ILE L 338 -54.50 -1.74 2.48
CA ILE L 338 -55.46 -1.84 3.56
C ILE L 338 -55.29 -0.67 4.51
N THR L 339 -56.40 -0.31 5.17
CA THR L 339 -56.47 0.61 6.30
C THR L 339 -57.48 0.07 7.30
N PRO L 340 -57.05 -0.57 8.38
CA PRO L 340 -58.00 -1.13 9.35
C PRO L 340 -58.67 -0.02 10.15
N THR L 341 -60.00 0.08 10.02
CA THR L 341 -60.74 1.08 10.77
C THR L 341 -62.03 0.47 11.28
N TYR L 342 -62.67 1.17 12.22
CA TYR L 342 -63.95 0.74 12.77
C TYR L 342 -65.09 1.56 12.19
N TYR L 343 -66.28 0.98 12.19
CA TYR L 343 -67.50 1.66 11.80
C TYR L 343 -68.57 1.35 12.82
N TYR L 344 -69.26 2.38 13.31
CA TYR L 344 -70.15 2.26 14.45
C TYR L 344 -71.61 2.46 14.03
N THR L 345 -72.49 1.70 14.69
CA THR L 345 -73.92 1.81 14.51
C THR L 345 -74.59 1.63 15.87
N THR L 346 -75.90 1.88 15.92
CA THR L 346 -76.66 1.61 17.13
C THR L 346 -77.47 0.33 17.07
N ASN L 347 -77.69 -0.24 15.88
CA ASN L 347 -78.36 -1.52 15.75
C ASN L 347 -77.70 -2.48 14.76
N GLY L 348 -76.76 -2.01 13.94
CA GLY L 348 -76.15 -2.83 12.91
C GLY L 348 -76.63 -2.52 11.50
N TYR L 349 -77.76 -1.84 11.36
CA TYR L 349 -78.23 -1.40 10.06
C TYR L 349 -78.45 0.10 9.97
N ALA L 350 -79.01 0.71 11.01
CA ALA L 350 -79.19 2.15 11.02
C ALA L 350 -77.87 2.83 11.38
N PRO L 351 -77.35 3.73 10.56
CA PRO L 351 -76.06 4.35 10.83
C PRO L 351 -76.07 5.23 12.07
N HIS L 352 -74.91 5.31 12.73
CA HIS L 352 -74.75 6.10 13.94
C HIS L 352 -74.58 7.57 13.58
N GLN L 353 -75.19 8.44 14.38
CA GLN L 353 -75.07 9.88 14.22
C GLN L 353 -73.98 10.49 15.08
N PHE L 354 -73.28 9.70 15.88
CA PHE L 354 -72.21 10.17 16.76
C PHE L 354 -70.98 9.31 16.60
N ALA L 355 -70.64 8.95 15.37
CA ALA L 355 -69.52 8.04 15.11
C ALA L 355 -68.16 8.72 15.12
N ALA L 356 -68.11 10.05 15.31
CA ALA L 356 -66.82 10.74 15.30
C ALA L 356 -65.96 10.41 16.52
N PRO L 357 -66.39 10.61 17.78
CA PRO L 357 -65.46 10.30 18.88
C PRO L 357 -65.37 8.83 19.23
N LEU L 358 -66.16 7.98 18.58
CA LEU L 358 -66.07 6.54 18.83
C LEU L 358 -64.85 5.92 18.17
N LEU L 359 -64.37 6.51 17.07
CA LEU L 359 -63.13 6.02 16.46
C LEU L 359 -61.93 6.29 17.35
N ALA L 360 -61.95 7.37 18.11
CA ALA L 360 -60.92 7.63 19.11
C ALA L 360 -61.22 6.80 20.35
N GLY L 361 -60.51 7.08 21.45
CA GLY L 361 -60.65 6.21 22.60
C GLY L 361 -59.58 5.14 22.60
N LYS L 362 -59.91 3.98 22.02
CA LYS L 362 -58.91 2.93 21.84
C LYS L 362 -57.79 3.38 20.90
N LYS L 363 -58.12 4.24 19.94
CA LYS L 363 -57.10 4.90 19.12
C LYS L 363 -56.27 5.89 19.92
N ARG L 364 -56.78 6.29 21.09
CA ARG L 364 -56.18 7.29 21.98
C ARG L 364 -55.53 6.68 23.21
N LEU L 365 -55.96 5.49 23.62
CA LEU L 365 -55.65 4.97 24.96
C LEU L 365 -54.17 4.64 25.10
N ASP L 366 -53.66 3.75 24.26
CA ASP L 366 -52.30 3.25 24.42
C ASP L 366 -51.73 2.93 23.05
N LYS L 367 -50.67 2.13 23.02
CA LYS L 367 -50.01 1.74 21.78
C LYS L 367 -50.92 0.83 20.95
N SER L 368 -50.42 0.46 19.77
CA SER L 368 -51.20 -0.32 18.80
C SER L 368 -51.61 -1.69 19.37
N ALA L 369 -50.62 -2.57 19.56
CA ALA L 369 -50.72 -3.82 20.32
C ALA L 369 -51.65 -4.86 19.68
N ALA L 370 -52.36 -4.49 18.61
CA ALA L 370 -53.21 -5.42 17.89
C ALA L 370 -53.21 -5.18 16.38
N LEU L 371 -52.40 -4.23 15.88
CA LEU L 371 -52.43 -3.91 14.46
C LEU L 371 -51.83 -5.04 13.64
N ARG L 372 -50.80 -5.71 14.19
CA ARG L 372 -50.24 -6.89 13.52
C ARG L 372 -51.26 -8.00 13.43
N GLY L 373 -52.00 -8.24 14.51
CA GLY L 373 -53.05 -9.25 14.49
C GLY L 373 -54.17 -8.91 13.53
N GLN L 374 -54.55 -7.63 13.47
CA GLN L 374 -55.57 -7.17 12.54
C GLN L 374 -55.12 -7.36 11.09
N VAL L 375 -53.85 -7.05 10.80
CA VAL L 375 -53.31 -7.23 9.47
C VAL L 375 -53.30 -8.71 9.10
N ILE L 376 -52.89 -9.58 10.04
CA ILE L 376 -52.82 -11.01 9.78
C ILE L 376 -54.21 -11.59 9.53
N MET L 377 -55.18 -11.25 10.38
CA MET L 377 -56.52 -11.81 10.20
C MET L 377 -57.20 -11.25 8.97
N TRP L 378 -56.89 -10.01 8.59
CA TRP L 378 -57.51 -9.47 7.39
C TRP L 378 -56.89 -10.05 6.14
N HIS L 379 -55.59 -10.35 6.17
CA HIS L 379 -54.97 -11.00 5.03
C HIS L 379 -55.38 -12.46 4.91
N ARG L 380 -55.74 -13.10 6.03
CA ARG L 380 -56.26 -14.46 5.99
C ARG L 380 -57.75 -14.51 5.68
N PHE L 381 -58.49 -13.43 5.91
CA PHE L 381 -59.93 -13.45 5.70
C PHE L 381 -60.28 -13.53 4.22
N LEU L 382 -59.62 -12.71 3.38
CA LEU L 382 -59.93 -12.68 1.97
C LEU L 382 -59.28 -13.81 1.19
N THR L 383 -58.39 -14.58 1.82
CA THR L 383 -57.75 -15.73 1.17
C THR L 383 -58.45 -17.00 1.64
N GLN L 384 -59.59 -17.29 1.02
CA GLN L 384 -60.35 -18.49 1.33
C GLN L 384 -61.04 -19.03 0.09
N PRO L 397 -70.92 -18.38 -9.25
CA PRO L 397 -70.12 -19.58 -9.52
C PRO L 397 -68.62 -19.34 -9.32
N GLU L 398 -67.98 -18.74 -10.31
CA GLU L 398 -66.55 -18.45 -10.23
C GLU L 398 -66.29 -17.30 -9.26
N ALA L 399 -65.06 -17.25 -8.74
CA ALA L 399 -64.68 -16.24 -7.77
C ALA L 399 -64.09 -14.99 -8.41
N TYR L 400 -63.51 -15.12 -9.61
CA TYR L 400 -62.91 -14.03 -10.39
C TYR L 400 -61.77 -13.32 -9.66
N LEU L 401 -61.18 -13.93 -8.64
CA LEU L 401 -60.09 -13.31 -7.89
C LEU L 401 -59.28 -14.38 -7.18
N MET L 402 -57.99 -14.13 -7.05
CA MET L 402 -57.09 -14.96 -6.25
C MET L 402 -56.06 -14.04 -5.60
N PHE L 403 -55.92 -14.14 -4.28
CA PHE L 403 -55.06 -13.25 -3.52
C PHE L 403 -53.82 -13.99 -3.05
N GLY L 404 -52.82 -13.23 -2.58
CA GLY L 404 -51.52 -13.80 -2.27
C GLY L 404 -51.05 -13.60 -0.84
N GLU L 405 -49.84 -13.06 -0.68
CA GLU L 405 -49.22 -12.84 0.62
C GLU L 405 -48.22 -11.70 0.53
N PRO L 406 -48.29 -10.70 1.43
CA PRO L 406 -47.37 -9.56 1.33
C PRO L 406 -45.95 -9.97 1.68
N PRO L 407 -44.95 -9.29 1.13
CA PRO L 407 -43.56 -9.59 1.48
C PRO L 407 -43.21 -9.14 2.89
N SER L 408 -42.19 -9.77 3.45
CA SER L 408 -41.62 -9.37 4.74
C SER L 408 -40.24 -8.78 4.49
N ILE L 409 -40.08 -7.50 4.84
CA ILE L 409 -38.81 -6.82 4.59
C ILE L 409 -37.89 -6.96 5.80
N HIS L 410 -36.61 -6.72 5.54
CA HIS L 410 -35.55 -6.90 6.52
C HIS L 410 -34.99 -5.55 6.93
N LEU L 411 -34.84 -5.34 8.23
CA LEU L 411 -34.29 -4.12 8.78
C LEU L 411 -33.03 -4.43 9.57
N ASP L 412 -32.10 -3.49 9.57
CA ASP L 412 -30.85 -3.63 10.31
C ASP L 412 -30.98 -3.17 11.75
N VAL L 413 -32.11 -2.57 12.13
CA VAL L 413 -32.27 -1.93 13.43
C VAL L 413 -33.52 -2.45 14.12
N ARG L 414 -33.52 -2.34 15.45
CA ARG L 414 -34.64 -2.76 16.28
C ARG L 414 -34.91 -1.70 17.34
N VAL L 415 -36.15 -1.65 17.80
CA VAL L 415 -36.54 -0.74 18.85
C VAL L 415 -36.05 -1.29 20.19
N PRO L 416 -35.48 -0.45 21.05
CA PRO L 416 -34.96 -0.94 22.34
C PRO L 416 -36.01 -1.15 23.43
N GLU L 417 -37.28 -1.31 23.05
CA GLU L 417 -38.35 -1.58 24.02
C GLU L 417 -38.13 -2.86 24.81
N ASP L 418 -37.33 -3.79 24.29
CA ASP L 418 -36.91 -4.95 25.08
C ASP L 418 -36.13 -4.52 26.32
N GLY L 419 -35.29 -3.49 26.19
CA GLY L 419 -34.60 -2.92 27.33
C GLY L 419 -35.32 -1.80 28.04
N TRP L 420 -36.41 -1.30 27.46
CA TRP L 420 -37.17 -0.21 28.04
C TRP L 420 -38.19 -0.76 29.04
N VAL L 421 -39.12 0.10 29.47
CA VAL L 421 -40.18 -0.29 30.40
C VAL L 421 -41.51 -0.18 29.67
N LYS L 422 -42.37 -1.18 29.86
CA LYS L 422 -43.65 -1.22 29.18
C LYS L 422 -44.60 -0.16 29.75
N GLU L 423 -45.58 0.22 28.94
CA GLU L 423 -46.56 1.22 29.36
C GLU L 423 -47.50 0.62 30.40
N LYS L 424 -47.71 1.35 31.49
CA LYS L 424 -48.60 0.90 32.56
C LYS L 424 -49.92 1.66 32.52
N MET M 1 6.07 56.59 14.23
CA MET M 1 5.93 58.03 14.08
C MET M 1 5.28 58.37 12.74
N THR M 2 6.11 58.62 11.74
CA THR M 2 5.64 58.95 10.40
C THR M 2 5.48 57.73 9.51
N PHE M 3 5.72 56.53 10.03
CA PHE M 3 5.60 55.31 9.27
C PHE M 3 4.76 54.30 10.04
N GLU M 4 3.98 53.52 9.31
CA GLU M 4 3.06 52.54 9.88
C GLU M 4 3.77 51.18 9.88
N THR M 5 4.19 50.74 11.06
CA THR M 5 4.95 49.51 11.21
C THR M 5 4.06 48.43 11.82
N ARG M 6 4.02 47.26 11.18
CA ARG M 6 3.26 46.13 11.67
C ARG M 6 4.17 44.91 11.73
N ILE M 7 4.13 44.21 12.86
CA ILE M 7 4.88 42.96 13.03
C ILE M 7 3.86 41.84 13.04
N PHE M 8 3.80 41.07 11.95
CA PHE M 8 2.87 39.97 11.86
C PHE M 8 3.34 38.79 12.69
N ASP M 9 2.38 38.00 13.17
CA ASP M 9 2.71 36.81 13.92
C ASP M 9 3.21 35.71 12.98
N GLU M 10 3.73 34.66 13.57
CA GLU M 10 4.13 33.48 12.79
C GLU M 10 2.89 32.77 12.31
N PRO M 11 2.71 32.57 11.00
CA PRO M 11 1.50 31.90 10.51
C PRO M 11 1.46 30.44 10.88
N GLU M 12 0.25 29.92 11.00
CA GLU M 12 0.03 28.55 11.44
C GLU M 12 -0.29 27.66 10.25
N LEU M 13 0.36 26.50 10.17
CA LEU M 13 0.14 25.53 9.12
C LEU M 13 -0.74 24.42 9.65
N GLU M 14 -1.76 24.05 8.88
CA GLU M 14 -2.70 23.02 9.30
C GLU M 14 -2.12 21.64 9.01
N PHE M 15 -1.95 20.84 10.05
CA PHE M 15 -1.52 19.45 9.93
C PHE M 15 -2.74 18.54 9.97
N GLY M 16 -2.50 17.24 10.09
CA GLY M 16 -3.60 16.30 10.07
C GLY M 16 -4.44 16.33 11.33
N ASP M 17 -5.64 15.75 11.21
CA ASP M 17 -6.69 15.64 12.23
C ASP M 17 -6.85 16.91 13.08
N HIS M 18 -6.99 18.04 12.37
CA HIS M 18 -7.30 19.35 12.94
C HIS M 18 -6.27 19.78 14.00
N HIS M 19 -5.02 19.93 13.55
CA HIS M 19 -3.95 20.40 14.40
C HIS M 19 -3.12 21.42 13.63
N HIS M 20 -2.68 22.46 14.32
CA HIS M 20 -1.89 23.52 13.69
C HIS M 20 -0.67 23.84 14.53
N HIS M 21 0.39 24.23 13.83
CA HIS M 21 1.66 24.63 14.44
C HIS M 21 2.41 25.49 13.43
N GLN M 22 3.50 26.09 13.87
CA GLN M 22 4.32 26.89 12.98
C GLN M 22 5.57 26.16 12.49
N ASP M 23 6.11 25.24 13.27
CA ASP M 23 7.31 24.51 12.88
C ASP M 23 6.90 23.24 12.14
N PRO M 24 7.31 23.05 10.88
CA PRO M 24 7.00 21.79 10.18
C PRO M 24 7.61 20.55 10.82
N ARG M 25 8.73 20.69 11.54
CA ARG M 25 9.34 19.52 12.15
C ARG M 25 8.53 19.02 13.34
N LEU M 26 8.09 19.92 14.22
CA LEU M 26 7.34 19.51 15.39
C LEU M 26 5.90 19.15 15.06
N GLY M 27 5.30 19.84 14.09
CA GLY M 27 3.93 19.52 13.72
C GLY M 27 3.79 18.16 13.07
N LEU M 28 4.78 17.77 12.26
CA LEU M 28 4.72 16.48 11.59
C LEU M 28 5.02 15.34 12.56
N SER M 29 5.84 15.59 13.58
CA SER M 29 6.20 14.52 14.51
C SER M 29 5.07 14.20 15.49
N GLU M 30 4.25 15.19 15.84
CA GLU M 30 3.23 15.00 16.86
C GLU M 30 1.82 14.88 16.31
N ALA M 31 1.61 15.18 15.03
CA ALA M 31 0.27 15.09 14.45
C ALA M 31 0.27 14.27 13.17
N GLY M 32 1.38 14.27 12.45
CA GLY M 32 1.48 13.52 11.22
C GLY M 32 1.12 14.36 10.00
N PRO M 33 1.10 13.74 8.83
CA PRO M 33 0.76 14.48 7.61
C PRO M 33 -0.71 14.85 7.57
N LEU M 34 -1.01 15.84 6.73
CA LEU M 34 -2.40 16.29 6.58
C LEU M 34 -3.25 15.23 5.89
N GLN M 35 -2.76 14.67 4.79
CA GLN M 35 -3.47 13.63 4.06
C GLN M 35 -2.77 12.31 4.36
N THR M 36 -3.42 11.47 5.17
CA THR M 36 -2.82 10.21 5.56
C THR M 36 -2.82 9.23 4.39
N PHE M 37 -1.70 8.54 4.22
CA PHE M 37 -1.57 7.56 3.16
C PHE M 37 -2.39 6.32 3.49
N LEU M 38 -3.33 5.98 2.60
CA LEU M 38 -4.16 4.79 2.78
C LEU M 38 -3.31 3.57 2.46
N GLY M 39 -2.56 3.13 3.45
CA GLY M 39 -1.63 2.03 3.27
C GLY M 39 -0.53 2.09 4.31
N ASP M 40 0.48 1.24 4.10
CA ASP M 40 1.61 1.19 5.02
C ASP M 40 2.93 0.98 4.29
N VAL M 41 2.96 1.06 2.97
CA VAL M 41 4.11 0.64 2.18
C VAL M 41 4.52 1.76 1.23
N ILE M 42 5.80 2.12 1.25
CA ILE M 42 6.40 2.91 0.19
C ILE M 42 7.65 2.19 -0.28
N LYS M 43 7.64 1.78 -1.54
CA LYS M 43 8.74 1.01 -2.12
C LYS M 43 9.75 1.95 -2.75
N ILE M 44 11.02 1.78 -2.39
CA ILE M 44 12.10 2.63 -2.85
C ILE M 44 13.05 1.80 -3.69
N GLY M 45 13.37 2.30 -4.88
CA GLY M 45 14.39 1.71 -5.72
C GLY M 45 15.65 2.54 -5.67
N VAL M 46 16.80 1.86 -5.80
CA VAL M 46 18.10 2.52 -5.76
C VAL M 46 18.82 2.21 -7.06
N VAL M 47 19.50 3.21 -7.60
CA VAL M 47 20.32 3.08 -8.81
C VAL M 47 21.71 3.64 -8.50
N GLY M 48 22.73 2.83 -8.67
CA GLY M 48 24.09 3.28 -8.45
C GLY M 48 25.03 2.10 -8.28
N ASN M 49 26.31 2.42 -8.15
CA ASN M 49 27.31 1.36 -7.97
C ASN M 49 27.15 0.68 -6.61
N SER M 50 27.77 -0.50 -6.49
CA SER M 50 27.46 -1.42 -5.39
C SER M 50 27.81 -0.82 -4.03
N LYS M 51 28.89 -0.03 -3.96
CA LYS M 51 29.23 0.65 -2.72
C LYS M 51 28.17 1.66 -2.33
N THR M 52 27.62 2.40 -3.29
CA THR M 52 26.55 3.34 -2.97
C THR M 52 25.25 2.63 -2.66
N ILE M 53 25.02 1.44 -3.23
CA ILE M 53 23.84 0.67 -2.86
C ILE M 53 23.94 0.22 -1.40
N GLU M 54 25.12 -0.28 -0.99
CA GLU M 54 25.31 -0.62 0.42
C GLU M 54 25.21 0.60 1.32
N ASP M 55 25.73 1.74 0.89
CA ASP M 55 25.65 2.93 1.73
C ASP M 55 24.22 3.45 1.83
N THR M 56 23.43 3.32 0.76
CA THR M 56 22.01 3.67 0.83
C THR M 56 21.25 2.75 1.77
N ARG M 57 21.49 1.44 1.68
CA ARG M 57 20.82 0.50 2.58
C ARG M 57 21.23 0.72 4.03
N LYS M 58 22.53 0.96 4.26
CA LYS M 58 23.02 1.22 5.60
C LYS M 58 22.46 2.52 6.17
N PHE M 59 22.34 3.54 5.32
CA PHE M 59 21.77 4.81 5.76
C PHE M 59 20.29 4.67 6.11
N ILE M 60 19.55 3.91 5.31
CA ILE M 60 18.14 3.67 5.60
C ILE M 60 17.99 2.93 6.92
N GLU M 61 18.80 1.88 7.12
CA GLU M 61 18.72 1.11 8.35
C GLU M 61 19.17 1.92 9.57
N THR M 62 20.13 2.83 9.40
CA THR M 62 20.58 3.65 10.51
C THR M 62 19.54 4.70 10.89
N VAL M 63 18.99 5.41 9.90
CA VAL M 63 17.99 6.43 10.22
C VAL M 63 16.62 5.86 10.54
N SER M 64 16.40 4.57 10.32
CA SER M 64 15.17 3.95 10.80
C SER M 64 15.10 3.93 12.32
N SER M 65 16.25 3.82 12.98
CA SER M 65 16.27 3.81 14.44
C SER M 65 16.04 5.21 15.00
N GLY M 66 16.64 6.22 14.38
CA GLY M 66 16.55 7.58 14.88
C GLY M 66 17.90 8.13 15.28
N VAL M 67 18.13 9.42 15.03
CA VAL M 67 19.41 10.05 15.35
C VAL M 67 19.22 11.07 16.46
N GLU M 68 20.31 11.68 16.91
CA GLU M 68 20.31 12.59 18.03
C GLU M 68 20.52 14.03 17.55
N GLY M 69 20.29 14.97 18.48
CA GLY M 69 20.49 16.37 18.16
C GLY M 69 21.94 16.76 18.05
N LYS M 70 22.17 17.92 17.44
CA LYS M 70 23.54 18.38 17.22
C LYS M 70 24.19 18.88 18.50
N GLY M 71 23.44 19.61 19.32
CA GLY M 71 24.03 20.17 20.53
C GLY M 71 22.96 20.55 21.53
N GLU M 72 23.41 20.90 22.72
CA GLU M 72 22.53 21.29 23.80
C GLU M 72 21.99 22.71 23.63
N LYS M 73 22.63 23.52 22.81
CA LYS M 73 22.19 24.89 22.58
C LYS M 73 21.22 24.95 21.43
N HIS M 74 20.17 25.78 21.60
CA HIS M 74 19.06 25.98 20.65
C HIS M 74 18.42 24.66 20.27
N PRO M 75 17.63 24.05 21.17
CA PRO M 75 17.06 22.73 20.88
C PRO M 75 16.06 22.74 19.73
N ASN M 76 15.34 23.84 19.51
CA ASN M 76 14.43 23.90 18.38
C ASN M 76 15.17 24.00 17.06
N MET M 77 16.38 24.57 17.07
CA MET M 77 17.16 24.66 15.85
C MET M 77 17.71 23.30 15.43
N HIS M 78 17.96 22.40 16.39
CA HIS M 78 18.47 21.06 16.10
C HIS M 78 17.60 20.03 16.80
N PRO M 79 16.43 19.72 16.23
CA PRO M 79 15.61 18.65 16.81
C PRO M 79 16.02 17.29 16.27
N PRO M 80 16.06 16.27 17.12
CA PRO M 80 16.49 14.95 16.66
C PRO M 80 15.42 14.27 15.82
N PHE M 81 15.87 13.49 14.85
CA PHE M 81 14.95 12.70 14.05
C PHE M 81 14.35 11.59 14.91
N PRO M 82 13.04 11.42 14.91
CA PRO M 82 12.44 10.43 15.81
C PRO M 82 12.63 8.99 15.34
N GLY M 83 12.59 8.78 14.02
CA GLY M 83 12.80 7.45 13.48
C GLY M 83 11.64 6.98 12.61
N LEU M 84 11.54 5.66 12.42
CA LEU M 84 10.48 5.07 11.62
C LEU M 84 9.77 3.99 12.42
N GLY M 85 8.49 3.80 12.11
CA GLY M 85 7.71 2.77 12.78
C GLY M 85 6.47 3.30 13.46
N ASN M 86 6.30 2.97 14.74
CA ASN M 86 5.14 3.42 15.49
C ASN M 86 5.20 4.90 15.80
N GLN M 87 6.40 5.43 16.05
CA GLN M 87 6.60 6.83 16.38
C GLN M 87 7.13 7.63 15.19
N SER M 88 6.92 7.14 13.98
CA SER M 88 7.35 7.84 12.78
C SER M 88 6.47 9.06 12.55
N PRO M 89 7.03 10.13 11.99
CA PRO M 89 6.23 11.32 11.64
C PRO M 89 5.49 11.22 10.32
N TYR M 90 5.39 10.02 9.72
CA TYR M 90 4.72 9.86 8.44
C TYR M 90 3.65 8.80 8.43
N ARG M 91 3.53 7.98 9.49
CA ARG M 91 2.53 6.91 9.63
C ARG M 91 2.61 5.91 8.49
N CYS M 92 3.82 5.60 8.04
CA CYS M 92 4.04 4.65 6.95
C CYS M 92 5.44 4.09 7.09
N ARG M 93 5.78 3.14 6.20
CA ARG M 93 7.08 2.50 6.19
C ARG M 93 7.74 2.67 4.82
N PHE M 94 9.06 2.76 4.83
CA PHE M 94 9.88 2.88 3.62
C PHE M 94 10.71 1.60 3.50
N GLU M 95 10.44 0.80 2.48
CA GLU M 95 11.20 -0.42 2.28
C GLU M 95 11.77 -0.49 0.87
N ILE M 96 12.90 -1.18 0.75
CA ILE M 96 13.58 -1.39 -0.53
C ILE M 96 13.52 -2.88 -0.84
N GLU M 97 12.97 -3.22 -2.00
CA GLU M 97 12.89 -4.60 -2.44
C GLU M 97 14.04 -4.92 -3.39
N ASP M 98 14.35 -6.21 -3.50
CA ASP M 98 15.52 -6.65 -4.25
C ASP M 98 15.33 -6.54 -5.75
N GLY M 99 14.10 -6.49 -6.23
CA GLY M 99 13.85 -6.36 -7.65
C GLY M 99 13.99 -4.97 -8.20
N ALA M 100 14.30 -3.98 -7.36
CA ALA M 100 14.45 -2.61 -7.80
C ALA M 100 15.88 -2.10 -7.72
N THR M 101 16.79 -2.86 -7.10
CA THR M 101 18.17 -2.46 -6.99
C THR M 101 18.85 -2.52 -8.36
N ALA M 102 19.57 -1.45 -8.71
CA ALA M 102 20.28 -1.38 -9.98
C ALA M 102 21.72 -1.01 -9.75
N ALA M 103 22.64 -1.82 -10.30
CA ALA M 103 24.06 -1.61 -10.17
C ALA M 103 24.63 -0.98 -11.43
N LEU M 104 25.79 -0.33 -11.28
CA LEU M 104 26.51 0.27 -12.40
C LEU M 104 27.90 -0.37 -12.44
N THR M 105 28.16 -1.14 -13.49
CA THR M 105 29.45 -1.80 -13.64
C THR M 105 30.55 -0.79 -13.92
N LYS M 106 31.77 -1.15 -13.53
CA LYS M 106 32.89 -0.21 -13.60
C LYS M 106 33.37 0.04 -15.02
N SER M 107 33.00 -0.83 -15.97
CA SER M 107 33.43 -0.64 -17.35
C SER M 107 32.81 0.61 -17.96
N LYS M 108 31.49 0.75 -17.86
CA LYS M 108 30.86 1.97 -18.37
C LYS M 108 31.20 3.18 -17.53
N LEU M 109 31.44 3.00 -16.24
CA LEU M 109 31.86 4.13 -15.39
C LEU M 109 33.22 4.65 -15.83
N ASP M 110 34.15 3.76 -16.16
CA ASP M 110 35.43 4.19 -16.72
C ASP M 110 35.25 4.77 -18.12
N LYS M 111 34.25 4.30 -18.85
CA LYS M 111 33.97 4.89 -20.17
C LYS M 111 33.49 6.33 -20.05
N ILE M 112 32.67 6.63 -19.04
CA ILE M 112 32.36 8.03 -18.75
C ILE M 112 33.59 8.77 -18.26
N GLY M 113 34.46 8.09 -17.52
CA GLY M 113 35.65 8.74 -17.02
C GLY M 113 36.73 9.03 -18.04
N LYS M 114 36.54 8.65 -19.29
CA LYS M 114 37.55 8.84 -20.34
C LYS M 114 36.91 9.41 -21.61
N GLU M 115 36.12 10.46 -21.45
CA GLU M 115 35.50 11.10 -22.60
C GLU M 115 36.01 12.53 -22.77
N PRO M 116 36.28 12.97 -24.01
CA PRO M 116 36.88 14.31 -24.18
C PRO M 116 35.92 15.46 -23.96
N ASP M 117 34.71 15.38 -24.49
CA ASP M 117 33.73 16.44 -24.35
C ASP M 117 32.72 16.05 -23.27
N HIS M 118 32.41 17.01 -22.40
CA HIS M 118 31.58 16.73 -21.24
C HIS M 118 30.12 16.47 -21.61
N TYR M 119 29.67 17.05 -22.73
CA TYR M 119 28.25 17.02 -23.07
C TYR M 119 27.75 15.60 -23.34
N ARG M 120 28.44 14.87 -24.21
CA ARG M 120 27.96 13.54 -24.56
C ARG M 120 28.19 12.55 -23.43
N ALA M 121 29.20 12.79 -22.58
CA ALA M 121 29.40 11.91 -21.42
C ALA M 121 28.27 12.07 -20.41
N VAL M 122 27.89 13.32 -20.12
CA VAL M 122 26.77 13.58 -19.23
C VAL M 122 25.48 13.04 -19.81
N GLU M 123 25.29 13.24 -21.13
CA GLU M 123 24.08 12.76 -21.80
C GLU M 123 23.99 11.23 -21.80
N MET M 124 25.12 10.54 -22.01
CA MET M 124 25.08 9.09 -22.04
C MET M 124 24.92 8.50 -20.65
N ALA M 125 25.45 9.16 -19.62
CA ALA M 125 25.16 8.74 -18.25
C ALA M 125 23.67 8.90 -17.95
N VAL M 126 23.09 10.03 -18.35
CA VAL M 126 21.66 10.28 -18.14
C VAL M 126 20.82 9.24 -18.87
N ASP M 127 21.18 8.93 -20.12
CA ASP M 127 20.39 8.00 -20.92
C ASP M 127 20.52 6.57 -20.41
N GLU M 128 21.70 6.18 -19.93
CA GLU M 128 21.86 4.85 -19.36
C GLU M 128 21.05 4.68 -18.09
N ILE M 129 21.08 5.69 -17.21
CA ILE M 129 20.27 5.63 -15.98
C ILE M 129 18.78 5.62 -16.32
N ILE M 130 18.38 6.38 -17.34
CA ILE M 130 16.98 6.48 -17.73
C ILE M 130 16.50 5.16 -18.33
N GLY M 131 17.34 4.52 -19.15
CA GLY M 131 16.98 3.22 -19.69
C GLY M 131 16.86 2.15 -18.63
N GLU M 132 17.75 2.18 -17.63
CA GLU M 132 17.63 1.26 -16.50
C GLU M 132 16.33 1.50 -15.72
N LEU M 133 15.98 2.76 -15.48
CA LEU M 133 14.74 3.08 -14.78
C LEU M 133 13.52 2.66 -15.58
N GLN M 134 13.56 2.83 -16.90
CA GLN M 134 12.44 2.44 -17.74
C GLN M 134 12.27 0.92 -17.77
N ALA M 135 13.38 0.18 -17.80
CA ALA M 135 13.30 -1.28 -17.72
C ALA M 135 12.77 -1.73 -16.37
N MET M 136 13.11 -1.00 -15.31
CA MET M 136 12.51 -1.28 -14.00
C MET M 136 11.01 -1.01 -14.00
N ASP M 137 10.58 0.06 -14.67
CA ASP M 137 9.17 0.45 -14.65
C ASP M 137 8.31 -0.50 -15.47
N ASP M 138 8.81 -0.94 -16.63
CA ASP M 138 7.99 -1.75 -17.53
C ASP M 138 7.74 -3.16 -16.99
N GLY M 139 8.57 -3.65 -16.09
CA GLY M 139 8.43 -4.98 -15.54
C GLY M 139 7.43 -5.04 -14.40
N GLY M 140 7.63 -6.01 -13.52
CA GLY M 140 6.73 -6.20 -12.40
C GLY M 140 7.38 -5.91 -11.07
N SER M 141 8.20 -4.87 -11.02
CA SER M 141 8.86 -4.45 -9.79
C SER M 141 8.82 -2.93 -9.67
N ARG M 142 7.65 -2.36 -9.94
CA ARG M 142 7.49 -0.90 -9.96
C ARG M 142 7.61 -0.33 -8.56
N PRO M 143 8.53 0.61 -8.32
CA PRO M 143 8.54 1.31 -7.03
C PRO M 143 7.70 2.58 -7.07
N ASP M 144 7.58 3.27 -5.93
CA ASP M 144 6.90 4.56 -5.90
C ASP M 144 7.86 5.73 -6.04
N VAL M 145 9.12 5.55 -5.68
CA VAL M 145 10.13 6.59 -5.79
C VAL M 145 11.49 5.91 -5.92
N ALA M 146 12.35 6.46 -6.79
CA ALA M 146 13.68 5.92 -7.00
C ALA M 146 14.72 6.89 -6.44
N ILE M 147 15.87 6.35 -6.06
CA ILE M 147 16.99 7.13 -5.53
C ILE M 147 18.21 6.86 -6.40
N ILE M 148 18.86 7.93 -6.83
CA ILE M 148 20.10 7.83 -7.61
C ILE M 148 21.23 8.34 -6.73
N ALA M 149 22.10 7.43 -6.29
CA ALA M 149 23.20 7.75 -5.38
C ALA M 149 24.49 7.88 -6.18
N LEU M 150 24.95 9.11 -6.34
CA LEU M 150 26.11 9.36 -7.20
C LEU M 150 27.40 9.09 -6.46
N PRO M 151 28.29 8.24 -6.99
CA PRO M 151 29.57 7.96 -6.33
C PRO M 151 30.56 9.09 -6.60
N VAL M 152 31.80 8.88 -6.11
CA VAL M 152 32.83 9.90 -6.22
C VAL M 152 33.36 9.99 -7.64
N LYS M 153 33.66 8.84 -8.26
CA LYS M 153 34.31 8.85 -9.57
C LYS M 153 33.37 9.32 -10.67
N LEU M 154 32.06 9.19 -10.47
CA LEU M 154 31.12 9.83 -11.36
C LEU M 154 31.04 11.33 -11.08
N LEU M 155 31.30 11.75 -9.84
CA LEU M 155 31.22 13.15 -9.46
C LEU M 155 32.50 13.91 -9.72
N GLU M 156 33.56 13.24 -10.16
CA GLU M 156 34.73 13.92 -10.68
C GLU M 156 34.61 14.19 -12.17
N ARG M 157 33.52 13.76 -12.80
CA ARG M 157 33.24 14.02 -14.20
C ARG M 157 31.96 14.80 -14.41
N VAL M 158 30.86 14.39 -13.77
CA VAL M 158 29.57 15.03 -14.04
C VAL M 158 29.45 16.36 -13.33
N TRP M 159 30.31 16.65 -12.35
CA TRP M 159 30.31 17.93 -11.65
C TRP M 159 31.58 18.73 -11.93
N ASN M 160 32.74 18.13 -11.74
CA ASN M 160 33.99 18.80 -12.08
C ASN M 160 34.42 18.43 -13.49
N PRO M 180 27.92 21.85 -18.12
CA PRO M 180 26.64 21.13 -18.26
C PRO M 180 26.22 20.47 -16.95
N ASN M 181 24.97 20.69 -16.53
CA ASN M 181 24.49 20.13 -15.28
C ASN M 181 23.77 18.80 -15.53
N PHE M 182 23.44 18.11 -14.44
CA PHE M 182 22.99 16.74 -14.47
C PHE M 182 21.56 16.55 -13.99
N ARG M 183 21.17 17.29 -12.94
CA ARG M 183 19.85 17.13 -12.35
C ARG M 183 18.74 17.55 -13.31
N GLY M 184 18.96 18.65 -14.05
CA GLY M 184 17.97 19.10 -15.00
C GLY M 184 17.75 18.11 -16.13
N MET M 185 18.84 17.55 -16.66
CA MET M 185 18.73 16.53 -17.71
C MET M 185 18.02 15.29 -17.20
N LEU M 186 18.38 14.83 -16.00
CA LEU M 186 17.78 13.62 -15.47
C LEU M 186 16.30 13.81 -15.17
N LYS M 187 15.92 14.95 -14.58
CA LYS M 187 14.52 15.19 -14.29
C LYS M 187 13.70 15.51 -15.53
N ALA M 188 14.33 16.01 -16.59
CA ALA M 188 13.62 16.20 -17.84
C ALA M 188 13.40 14.89 -18.58
N LYS M 189 14.35 13.95 -18.47
CA LYS M 189 14.25 12.67 -19.15
C LYS M 189 13.47 11.63 -18.35
N ALA M 190 12.98 11.96 -17.16
CA ALA M 190 12.26 11.00 -16.33
C ALA M 190 10.81 11.39 -16.10
N MET M 191 10.22 12.17 -17.00
CA MET M 191 8.86 12.64 -16.83
C MET M 191 7.84 11.83 -17.63
N GLY M 192 8.27 10.72 -18.21
CA GLY M 192 7.33 9.82 -18.86
C GLY M 192 7.05 8.60 -18.01
N LEU M 193 7.79 8.45 -16.92
CA LEU M 193 7.64 7.29 -16.05
C LEU M 193 6.47 7.50 -15.08
N SER M 194 6.21 6.51 -14.25
CA SER M 194 5.11 6.54 -13.31
C SER M 194 5.56 6.86 -11.89
N PHE M 195 6.83 7.19 -11.69
CA PHE M 195 7.32 7.53 -10.36
C PHE M 195 8.32 8.68 -10.45
N PRO M 196 8.41 9.50 -9.42
CA PRO M 196 9.48 10.51 -9.36
C PRO M 196 10.75 9.94 -8.76
N ILE M 197 11.82 10.73 -8.88
CA ILE M 197 13.17 10.30 -8.48
C ILE M 197 13.79 11.35 -7.58
N GLN M 198 14.82 10.92 -6.85
CA GLN M 198 15.54 11.78 -5.91
C GLN M 198 17.03 11.47 -6.00
N ILE M 199 17.86 12.50 -6.09
CA ILE M 199 19.30 12.37 -6.27
C ILE M 199 19.99 12.60 -4.93
N VAL M 200 20.96 11.74 -4.61
CA VAL M 200 21.70 11.80 -3.35
C VAL M 200 23.18 11.65 -3.66
N TRP M 201 23.98 12.60 -3.18
CA TRP M 201 25.43 12.52 -3.34
C TRP M 201 26.03 11.55 -2.32
N GLU M 202 27.30 11.19 -2.54
CA GLU M 202 27.94 10.23 -1.67
C GLU M 202 28.41 10.83 -0.35
N ASP M 203 28.42 12.15 -0.22
CA ASP M 203 28.77 12.77 1.05
C ASP M 203 27.73 12.51 2.13
N VAL M 204 26.44 12.51 1.74
CA VAL M 204 25.36 12.37 2.71
C VAL M 204 25.31 10.95 3.27
N ILE M 205 25.43 9.95 2.40
CA ILE M 205 25.22 8.57 2.83
C ILE M 205 26.43 8.03 3.58
N ASP M 206 27.65 8.41 3.19
CA ASP M 206 28.86 7.89 3.79
C ASP M 206 29.59 9.02 4.51
N ASP M 207 29.87 8.81 5.80
CA ASP M 207 30.56 9.80 6.61
C ASP M 207 32.08 9.68 6.52
N LYS M 208 32.60 8.62 5.91
CA LYS M 208 34.04 8.41 5.84
C LYS M 208 34.68 9.06 4.61
N VAL M 209 33.89 9.50 3.64
CA VAL M 209 34.41 10.07 2.40
C VAL M 209 33.76 11.43 2.17
N THR M 210 34.59 12.40 1.80
CA THR M 210 34.13 13.75 1.49
C THR M 210 34.70 14.14 0.13
N ILE M 211 33.89 14.84 -0.67
CA ILE M 211 34.30 15.23 -2.01
C ILE M 211 34.69 16.70 -1.99
N PRO M 212 35.61 17.14 -2.86
CA PRO M 212 35.99 18.56 -2.87
C PRO M 212 35.00 19.45 -3.63
N GLN M 213 35.36 20.72 -3.78
CA GLN M 213 34.53 21.70 -4.45
C GLN M 213 34.77 21.64 -5.95
N LYS M 214 34.30 22.64 -6.68
CA LYS M 214 34.43 22.67 -8.14
C LYS M 214 35.67 23.40 -8.61
N VAL M 215 35.85 24.66 -8.18
CA VAL M 215 36.91 25.50 -8.73
C VAL M 215 38.18 25.36 -7.91
N LYS M 216 38.13 25.73 -6.63
CA LYS M 216 39.32 25.71 -5.80
C LYS M 216 39.54 24.31 -5.24
N GLU M 217 40.77 23.82 -5.37
CA GLU M 217 41.12 22.49 -4.87
C GLU M 217 41.55 22.58 -3.41
N SER M 218 40.58 22.89 -2.57
CA SER M 218 40.78 22.99 -1.13
C SER M 218 40.54 21.61 -0.51
N SER M 219 40.36 21.55 0.81
CA SER M 219 40.17 20.30 1.53
C SER M 219 38.91 19.56 1.08
N SER M 220 37.74 20.13 1.36
CA SER M 220 36.47 19.47 1.05
C SER M 220 35.34 20.48 1.21
N ARG M 221 34.16 20.06 0.78
CA ARG M 221 32.91 20.74 1.10
C ARG M 221 32.33 20.14 2.38
N LYS M 222 31.48 20.92 3.05
CA LYS M 222 30.88 20.50 4.31
C LYS M 222 29.37 20.67 4.23
N ILE M 223 28.67 19.80 4.95
CA ILE M 223 27.21 19.75 4.94
C ILE M 223 26.71 19.65 6.37
N GLN M 224 25.38 19.58 6.50
CA GLN M 224 24.73 19.61 7.80
C GLN M 224 24.94 18.31 8.56
N ASP M 225 24.49 18.29 9.81
CA ASP M 225 24.54 17.08 10.62
C ASP M 225 23.47 16.10 10.14
N ILE M 226 23.48 14.91 10.75
CA ILE M 226 22.68 13.79 10.24
C ILE M 226 21.19 14.05 10.41
N ALA M 227 20.81 14.71 11.52
CA ALA M 227 19.40 15.05 11.73
C ALA M 227 18.90 16.06 10.70
N GLY M 228 19.72 17.06 10.39
CA GLY M 228 19.34 18.04 9.38
C GLY M 228 19.29 17.45 7.99
N ARG M 229 20.10 16.43 7.74
CA ARG M 229 19.99 15.68 6.48
C ARG M 229 18.67 14.92 6.43
N THR M 230 18.37 14.17 7.50
CA THR M 230 17.29 13.21 7.46
C THR M 230 15.92 13.89 7.48
N TRP M 231 15.81 15.00 8.20
CA TRP M 231 14.53 15.71 8.27
C TRP M 231 14.12 16.26 6.91
N ASN M 232 15.09 16.81 6.16
CA ASN M 232 14.79 17.32 4.83
C ASN M 232 14.76 16.22 3.77
N LEU M 233 15.32 15.05 4.05
CA LEU M 233 15.30 13.98 3.05
C LEU M 233 14.02 13.15 3.11
N MET M 234 13.62 12.73 4.31
CA MET M 234 12.49 11.81 4.42
C MET M 234 11.16 12.47 4.08
N THR M 235 11.04 13.78 4.30
CA THR M 235 9.80 14.47 3.93
C THR M 235 9.61 14.51 2.42
N SER M 236 10.68 14.83 1.69
CA SER M 236 10.62 14.80 0.23
C SER M 236 10.38 13.40 -0.28
N LEU M 237 11.00 12.40 0.36
CA LEU M 237 10.78 11.01 -0.04
C LEU M 237 9.33 10.58 0.19
N TYR M 238 8.74 10.98 1.33
CA TYR M 238 7.36 10.61 1.61
C TYR M 238 6.39 11.28 0.64
N TYR M 239 6.58 12.57 0.36
CA TYR M 239 5.66 13.24 -0.55
C TYR M 239 5.83 12.72 -1.97
N LYS M 240 7.05 12.38 -2.37
CA LYS M 240 7.25 11.84 -3.71
C LYS M 240 6.66 10.44 -3.84
N GLY M 241 6.77 9.63 -2.79
CA GLY M 241 6.26 8.27 -2.86
C GLY M 241 4.75 8.17 -2.76
N SER M 242 4.17 8.76 -1.71
CA SER M 242 2.74 8.60 -1.47
C SER M 242 1.92 9.45 -2.44
N GLY M 243 2.37 10.66 -2.74
CA GLY M 243 1.60 11.59 -3.53
C GLY M 243 0.61 12.41 -2.75
N ARG M 244 0.53 12.22 -1.43
CA ARG M 244 -0.36 12.98 -0.58
C ARG M 244 0.42 14.06 0.15
N ILE M 245 -0.18 15.25 0.25
CA ILE M 245 0.54 16.43 0.71
C ILE M 245 0.75 16.34 2.22
N PRO M 246 1.91 16.77 2.74
CA PRO M 246 2.16 16.67 4.18
C PRO M 246 1.42 17.72 5.01
N TRP M 247 1.42 18.97 4.57
CA TRP M 247 0.77 20.03 5.35
C TRP M 247 0.34 21.15 4.41
N ARG M 248 -0.50 22.03 4.94
CA ARG M 248 -0.99 23.19 4.19
C ARG M 248 -1.26 24.32 5.18
N ARG M 249 -1.37 25.54 4.64
CA ARG M 249 -1.69 26.69 5.46
C ARG M 249 -3.16 26.64 5.90
N MET M 250 -3.42 27.16 7.09
CA MET M 250 -4.78 27.18 7.62
C MET M 250 -5.59 28.26 6.94
N PRO M 251 -6.72 27.94 6.31
CA PRO M 251 -7.56 28.99 5.75
C PRO M 251 -8.29 29.75 6.85
N LEU M 252 -8.45 31.05 6.64
CA LEU M 252 -9.18 31.86 7.60
C LEU M 252 -10.69 31.65 7.44
N GLU M 253 -11.43 32.13 8.43
CA GLU M 253 -12.88 31.99 8.43
C GLU M 253 -13.51 33.25 7.85
N GLY M 254 -14.43 33.06 6.90
CA GLY M 254 -15.16 34.15 6.30
C GLY M 254 -14.55 34.69 5.02
N GLU M 255 -13.37 34.23 4.63
CA GLU M 255 -12.75 34.73 3.40
C GLU M 255 -13.40 34.11 2.19
N PHE M 256 -13.38 34.85 1.08
CA PHE M 256 -13.95 34.38 -0.17
C PHE M 256 -13.05 33.31 -0.78
N SER M 257 -13.63 32.51 -1.68
CA SER M 257 -12.89 31.50 -2.40
C SER M 257 -11.91 32.15 -3.37
N ALA M 258 -10.71 31.57 -3.48
CA ALA M 258 -9.67 32.18 -4.29
C ALA M 258 -8.71 31.13 -4.80
N CYS M 259 -7.97 31.50 -5.85
CA CYS M 259 -6.92 30.66 -6.42
C CYS M 259 -5.66 31.50 -6.62
N TYR M 260 -4.51 30.93 -6.28
CA TYR M 260 -3.23 31.64 -6.30
C TYR M 260 -2.40 31.17 -7.47
N VAL M 261 -1.96 32.12 -8.29
CA VAL M 261 -1.12 31.86 -9.45
C VAL M 261 0.18 32.64 -9.28
N GLY M 262 1.30 31.92 -9.30
CA GLY M 262 2.58 32.58 -9.42
C GLY M 262 2.90 32.87 -10.86
N ILE M 263 4.00 33.58 -11.09
CA ILE M 263 4.63 33.78 -12.41
C ILE M 263 6.13 33.91 -12.19
N SER M 264 6.94 33.22 -13.00
CA SER M 264 8.38 33.45 -13.01
C SER M 264 8.96 33.05 -14.38
N PHE M 265 10.25 33.30 -14.54
CA PHE M 265 10.94 33.19 -15.82
C PHE M 265 12.22 32.37 -15.66
N TYR M 266 12.76 31.92 -16.80
CA TYR M 266 13.98 31.11 -16.80
C TYR M 266 14.64 31.19 -18.17
N ARG M 267 15.89 30.73 -18.22
CA ARG M 267 16.73 30.81 -19.41
C ARG M 267 16.69 29.48 -20.18
N GLU M 268 17.48 29.42 -21.26
CA GLU M 268 17.43 28.30 -22.20
C GLU M 268 18.66 27.43 -22.22
N ALA M 269 19.66 27.73 -21.38
CA ALA M 269 20.86 26.93 -21.09
C ALA M 269 21.88 26.89 -22.23
N ASP M 270 21.54 27.44 -23.39
CA ASP M 270 22.52 27.67 -24.45
C ASP M 270 22.53 29.12 -24.92
N GLY M 271 21.36 29.68 -25.23
CA GLY M 271 21.25 31.04 -25.70
C GLY M 271 20.63 31.96 -24.66
N GLN M 272 20.62 33.24 -24.98
CA GLN M 272 20.11 34.27 -24.10
C GLN M 272 18.66 34.55 -24.49
N GLN M 273 17.73 33.80 -23.88
CA GLN M 273 16.31 34.02 -24.04
C GLN M 273 15.65 33.83 -22.68
N LEU M 274 14.34 34.04 -22.63
CA LEU M 274 13.58 33.89 -21.41
C LEU M 274 12.22 33.28 -21.72
N PHE M 275 11.78 32.35 -20.88
CA PHE M 275 10.45 31.78 -20.96
C PHE M 275 9.61 32.27 -19.79
N THR M 276 8.36 31.80 -19.72
CA THR M 276 7.47 32.01 -18.57
C THR M 276 6.93 30.67 -18.13
N SER M 277 6.99 30.40 -16.82
CA SER M 277 6.47 29.15 -16.30
C SER M 277 6.03 29.35 -14.85
N ALA M 278 4.99 28.63 -14.44
CA ALA M 278 4.32 28.95 -13.19
C ALA M 278 3.42 27.79 -12.77
N ALA M 279 2.86 27.92 -11.57
CA ALA M 279 1.91 26.97 -10.98
C ALA M 279 0.57 27.66 -10.74
N GLN M 280 -0.44 26.86 -10.43
CA GLN M 280 -1.83 27.33 -10.42
C GLN M 280 -2.60 26.83 -9.18
N MET M 281 -2.02 27.03 -8.00
CA MET M 281 -2.50 26.36 -6.81
C MET M 281 -3.82 26.94 -6.31
N PHE M 282 -4.59 26.11 -5.62
CA PHE M 282 -5.84 26.52 -4.98
C PHE M 282 -6.20 25.51 -3.91
N ASP M 283 -7.40 25.67 -3.33
CA ASP M 283 -7.87 24.83 -2.25
C ASP M 283 -8.87 23.81 -2.77
N GLU M 284 -8.79 22.59 -2.23
CA GLU M 284 -9.70 21.53 -2.62
C GLU M 284 -11.07 21.75 -2.01
N ARG M 285 -12.04 20.96 -2.50
CA ARG M 285 -13.39 21.03 -1.95
C ARG M 285 -13.45 20.43 -0.56
N GLY M 286 -12.72 19.34 -0.33
CA GLY M 286 -12.68 18.74 0.98
C GLY M 286 -11.58 19.31 1.83
N ARG M 287 -10.66 18.47 2.28
CA ARG M 287 -9.51 18.89 3.08
C ARG M 287 -8.26 18.58 2.27
N GLY M 288 -7.88 19.52 1.40
CA GLY M 288 -6.73 19.29 0.54
C GLY M 288 -6.28 20.58 -0.10
N PHE M 289 -5.15 20.48 -0.79
CA PHE M 289 -4.52 21.61 -1.48
C PHE M 289 -4.05 21.14 -2.84
N VAL M 290 -4.40 21.86 -3.89
CA VAL M 290 -4.03 21.49 -5.25
C VAL M 290 -2.93 22.42 -5.70
N LEU M 291 -1.70 21.89 -5.77
CA LEU M 291 -0.55 22.61 -6.29
C LEU M 291 -0.06 21.86 -7.52
N LYS M 292 -0.20 22.47 -8.69
CA LYS M 292 0.19 21.81 -9.92
C LYS M 292 0.53 22.87 -10.98
N GLY M 293 1.34 22.45 -11.94
CA GLY M 293 1.62 23.26 -13.11
C GLY M 293 0.59 23.04 -14.19
N ARG M 294 0.91 23.55 -15.37
CA ARG M 294 0.05 23.43 -16.53
C ARG M 294 0.75 22.56 -17.59
N ARG M 295 -0.04 21.84 -18.36
CA ARG M 295 0.48 20.96 -19.40
C ARG M 295 0.75 21.70 -20.70
N ALA M 296 1.52 22.77 -20.63
CA ALA M 296 1.86 23.56 -21.81
C ALA M 296 3.16 24.30 -21.55
N ARG M 297 3.83 24.65 -22.64
CA ARG M 297 5.06 25.44 -22.60
C ARG M 297 4.83 26.70 -23.42
N THR M 298 5.01 27.86 -22.79
CA THR M 298 4.86 29.12 -23.50
C THR M 298 6.08 29.36 -24.38
N GLU M 299 5.86 30.12 -25.46
CA GLU M 299 6.94 30.46 -26.37
C GLU M 299 7.83 31.54 -25.76
N SER M 300 8.91 31.88 -26.46
CA SER M 300 9.86 32.86 -25.93
C SER M 300 9.37 34.28 -26.17
N ARG M 301 9.22 34.67 -27.44
CA ARG M 301 8.74 35.99 -27.87
C ARG M 301 9.60 37.11 -27.29
N GLY M 302 10.87 37.11 -27.68
CA GLY M 302 11.80 38.14 -27.28
C GLY M 302 12.50 37.82 -25.98
N ARG M 303 13.57 38.58 -25.72
CA ARG M 303 14.38 38.43 -24.52
C ARG M 303 13.92 39.35 -23.40
N HIS M 304 12.62 39.29 -23.09
CA HIS M 304 12.05 40.19 -22.09
C HIS M 304 11.37 39.39 -21.00
N PRO M 305 11.52 39.79 -19.73
CA PRO M 305 10.80 39.15 -18.63
C PRO M 305 9.41 39.73 -18.41
N TYR M 306 8.65 39.89 -19.49
CA TYR M 306 7.26 40.34 -19.45
C TYR M 306 6.53 39.64 -20.58
N MET M 307 5.32 39.15 -20.31
CA MET M 307 4.56 38.41 -21.32
C MET M 307 3.76 39.40 -22.17
N ALA M 308 2.86 38.87 -22.98
CA ALA M 308 2.01 39.64 -23.86
C ALA M 308 0.54 39.35 -23.55
N ARG M 309 -0.35 40.03 -24.27
CA ARG M 309 -1.79 39.90 -24.04
C ARG M 309 -2.40 38.81 -24.92
N GLU M 310 -1.74 37.65 -24.96
CA GLU M 310 -2.29 36.50 -25.67
C GLU M 310 -2.17 35.19 -24.92
N ASP M 311 -1.24 35.07 -23.96
CA ASP M 311 -1.12 33.91 -23.12
C ASP M 311 -1.54 34.16 -21.68
N ALA M 312 -1.55 35.42 -21.24
CA ALA M 312 -2.03 35.75 -19.91
C ALA M 312 -3.51 35.43 -19.76
N LYS M 313 -4.30 35.70 -20.82
CA LYS M 313 -5.71 35.34 -20.81
C LYS M 313 -5.88 33.82 -20.82
N LYS M 314 -5.03 33.12 -21.58
CA LYS M 314 -5.11 31.66 -21.66
C LYS M 314 -4.79 31.02 -20.32
N ILE M 315 -3.80 31.56 -19.59
CA ILE M 315 -3.41 31.02 -18.29
C ILE M 315 -4.56 31.14 -17.30
N ILE M 316 -5.22 32.30 -17.27
CA ILE M 316 -6.34 32.52 -16.36
C ILE M 316 -7.52 31.63 -16.76
N GLU M 317 -7.73 31.44 -18.06
CA GLU M 317 -8.79 30.54 -18.52
C GLU M 317 -8.54 29.11 -18.07
N ASP M 318 -7.28 28.65 -18.14
CA ASP M 318 -6.96 27.31 -17.64
C ASP M 318 -7.16 27.20 -16.14
N VAL M 319 -6.77 28.24 -15.39
CA VAL M 319 -6.95 28.21 -13.94
C VAL M 319 -8.43 28.16 -13.58
N LEU M 320 -9.26 28.97 -14.25
CA LEU M 320 -10.68 28.99 -13.97
C LEU M 320 -11.36 27.69 -14.39
N ALA M 321 -10.93 27.09 -15.50
CA ALA M 321 -11.49 25.80 -15.90
C ALA M 321 -11.11 24.70 -14.93
N ALA M 322 -9.87 24.71 -14.44
CA ALA M 322 -9.45 23.71 -13.46
C ALA M 322 -10.16 23.88 -12.13
N TYR M 323 -10.50 25.13 -11.77
CA TYR M 323 -11.27 25.33 -10.54
C TYR M 323 -12.73 24.92 -10.73
N LYS M 324 -13.33 25.26 -11.88
CA LYS M 324 -14.74 24.99 -12.10
C LYS M 324 -15.01 23.53 -12.40
N LEU M 325 -14.00 22.77 -12.83
CA LEU M 325 -14.22 21.34 -13.01
C LEU M 325 -14.29 20.61 -11.66
N HIS M 326 -13.65 21.15 -10.63
CA HIS M 326 -13.58 20.50 -9.33
C HIS M 326 -14.60 21.02 -8.33
N HIS M 327 -14.81 22.34 -8.26
CA HIS M 327 -15.77 22.91 -7.34
C HIS M 327 -17.15 23.10 -7.95
N LYS M 328 -17.30 22.82 -9.25
CA LYS M 328 -18.53 22.99 -10.02
C LYS M 328 -19.04 24.44 -10.03
N THR M 329 -18.16 25.40 -9.78
CA THR M 329 -18.50 26.81 -9.83
C THR M 329 -17.23 27.63 -10.01
N LEU M 330 -17.40 28.86 -10.47
CA LEU M 330 -16.30 29.78 -10.63
C LEU M 330 -15.93 30.41 -9.28
N PRO M 331 -14.66 30.74 -9.07
CA PRO M 331 -14.24 31.33 -7.80
C PRO M 331 -14.67 32.78 -7.70
N ALA M 332 -14.40 33.39 -6.54
CA ALA M 332 -14.77 34.76 -6.28
C ALA M 332 -13.58 35.70 -6.21
N ARG M 333 -12.36 35.20 -6.37
CA ARG M 333 -11.16 36.01 -6.23
C ARG M 333 -10.01 35.31 -6.95
N VAL M 334 -9.14 36.09 -7.57
CA VAL M 334 -7.96 35.56 -8.24
C VAL M 334 -6.75 36.34 -7.76
N PHE M 335 -5.75 35.63 -7.23
CA PHE M 335 -4.53 36.22 -6.69
C PHE M 335 -3.36 35.85 -7.59
N ILE M 336 -2.63 36.85 -8.05
CA ILE M 336 -1.52 36.65 -8.99
C ILE M 336 -0.26 37.26 -8.39
N LEU M 337 0.79 36.44 -8.29
CA LEU M 337 2.10 36.86 -7.81
C LEU M 337 3.11 36.81 -8.94
N LYS M 338 3.93 37.85 -9.06
CA LYS M 338 4.88 37.97 -10.15
C LYS M 338 6.21 38.49 -9.65
N THR M 339 7.28 38.09 -10.33
CA THR M 339 8.63 38.56 -10.05
C THR M 339 9.03 39.74 -10.91
N SER M 340 8.15 40.21 -11.79
CA SER M 340 8.42 41.37 -12.64
C SER M 340 7.30 42.38 -12.44
N ARG M 341 7.59 43.63 -12.81
CA ARG M 341 6.62 44.69 -12.65
C ARG M 341 5.44 44.49 -13.58
N PHE M 342 4.24 44.73 -13.07
CA PHE M 342 3.02 44.50 -13.83
C PHE M 342 2.83 45.61 -14.85
N LYS M 343 2.90 45.26 -16.13
CA LYS M 343 2.79 46.23 -17.21
C LYS M 343 1.33 46.43 -17.58
N ASP M 344 1.07 47.12 -18.68
CA ASP M 344 -0.31 47.43 -19.03
C ASP M 344 -1.03 46.30 -19.73
N GLU M 345 -0.33 45.56 -20.57
CA GLU M 345 -0.98 44.50 -21.36
C GLU M 345 -1.43 43.33 -20.49
N GLU M 346 -0.63 42.99 -19.47
CA GLU M 346 -1.01 41.91 -18.56
C GLU M 346 -2.30 42.25 -17.81
N ALA M 347 -2.46 43.52 -17.44
CA ALA M 347 -3.67 43.95 -16.74
C ALA M 347 -4.91 43.75 -17.62
N ASP M 348 -4.81 44.15 -18.88
CA ASP M 348 -5.93 43.96 -19.79
C ASP M 348 -6.23 42.48 -19.87
N GLY M 349 -5.20 41.67 -20.09
CA GLY M 349 -5.40 40.23 -20.22
C GLY M 349 -6.13 39.62 -19.04
N ILE M 350 -5.67 39.93 -17.81
CA ILE M 350 -6.33 39.40 -16.62
C ILE M 350 -7.76 39.89 -16.52
N ILE M 351 -7.97 41.20 -16.75
CA ILE M 351 -9.30 41.79 -16.62
C ILE M 351 -10.25 41.22 -17.65
N ALA M 352 -9.78 41.05 -18.89
CA ALA M 352 -10.63 40.48 -19.95
C ALA M 352 -11.01 39.05 -19.64
N ALA M 353 -10.06 38.25 -19.14
CA ALA M 353 -10.39 36.87 -18.77
C ALA M 353 -11.37 36.83 -17.61
N LEU M 354 -11.21 37.71 -16.62
CA LEU M 354 -12.06 37.66 -15.44
C LEU M 354 -13.48 38.13 -15.74
N ASP M 355 -13.64 39.20 -16.54
CA ASP M 355 -15.02 39.59 -16.87
C ASP M 355 -15.61 38.75 -18.00
N GLU M 356 -14.79 37.98 -18.73
CA GLU M 356 -15.36 36.95 -19.59
C GLU M 356 -15.90 35.80 -18.76
N ALA M 357 -15.25 35.49 -17.64
CA ALA M 357 -15.77 34.45 -16.76
C ALA M 357 -16.88 34.98 -15.86
N GLY M 358 -16.56 35.98 -15.02
CA GLY M 358 -17.55 36.53 -14.10
C GLY M 358 -17.02 36.75 -12.71
N THR M 359 -15.73 36.49 -12.50
CA THR M 359 -15.10 36.74 -11.21
C THR M 359 -15.00 38.23 -10.95
N GLU M 360 -15.19 38.62 -9.68
CA GLU M 360 -15.23 40.03 -9.31
C GLU M 360 -13.91 40.52 -8.72
N LEU M 361 -13.46 39.90 -7.63
CA LEU M 361 -12.27 40.37 -6.94
C LEU M 361 -11.00 39.94 -7.66
N ARG M 362 -10.01 40.84 -7.65
CA ARG M 362 -8.77 40.64 -8.39
C ARG M 362 -7.62 41.19 -7.55
N ASP M 363 -6.42 40.68 -7.79
CA ASP M 363 -5.27 41.03 -6.96
C ASP M 363 -3.99 40.69 -7.71
N LEU M 364 -3.10 41.68 -7.83
CA LEU M 364 -1.90 41.56 -8.66
C LEU M 364 -0.73 42.24 -7.96
N VAL M 365 0.28 41.45 -7.57
CA VAL M 365 1.39 41.92 -6.75
C VAL M 365 2.71 41.60 -7.46
N TRP M 366 3.70 42.50 -7.33
CA TRP M 366 5.06 42.26 -7.78
C TRP M 366 5.99 42.22 -6.56
N VAL M 367 6.87 41.22 -6.54
CA VAL M 367 7.85 41.03 -5.47
C VAL M 367 9.23 41.41 -6.01
N GLN M 368 9.88 42.35 -5.33
CA GLN M 368 11.25 42.74 -5.66
C GLN M 368 12.17 42.37 -4.52
N GLU M 369 13.22 41.60 -4.81
CA GLU M 369 14.16 41.16 -3.80
C GLU M 369 15.45 41.95 -3.81
N SER M 370 15.52 43.03 -4.58
CA SER M 370 16.71 43.88 -4.67
C SER M 370 16.31 45.29 -4.25
N TYR M 371 16.35 45.54 -2.94
CA TYR M 371 16.11 46.87 -2.39
C TYR M 371 17.17 47.19 -1.35
N THR M 372 17.68 48.41 -1.40
CA THR M 372 18.75 48.83 -0.51
C THR M 372 18.25 49.50 0.76
N ALA M 373 16.93 49.61 0.94
CA ALA M 373 16.37 50.20 2.16
C ALA M 373 16.23 49.12 3.22
N ARG M 374 16.71 49.42 4.42
CA ARG M 374 16.72 48.46 5.52
C ARG M 374 16.17 49.09 6.79
N ILE M 375 15.98 48.25 7.80
CA ILE M 375 15.59 48.67 9.13
C ILE M 375 16.73 48.32 10.07
N LEU M 376 17.23 49.30 10.81
CA LEU M 376 18.41 49.14 11.65
C LEU M 376 18.07 49.44 13.10
N ARG M 377 18.77 48.76 14.00
CA ARG M 377 18.52 48.89 15.43
C ARG M 377 19.79 48.51 16.19
N ASP M 378 19.83 48.88 17.46
CA ASP M 378 20.96 48.58 18.33
C ASP M 378 20.64 47.37 19.20
N GLY M 379 21.66 46.56 19.45
CA GLY M 379 21.48 45.34 20.21
C GLY M 379 22.18 44.14 19.59
N ASN M 380 23.04 44.41 18.60
CA ASN M 380 23.91 43.43 17.93
C ASN M 380 23.13 42.33 17.21
N TYR M 381 21.84 42.55 16.94
CA TYR M 381 20.99 41.56 16.30
C TYR M 381 19.95 42.31 15.48
N PRO M 382 19.59 41.81 14.32
CA PRO M 382 18.63 42.51 13.46
C PRO M 382 17.20 42.36 13.97
N VAL M 383 16.27 42.95 13.22
CA VAL M 383 14.86 43.04 13.62
C VAL M 383 14.18 41.68 13.55
N LEU M 384 12.98 41.60 14.10
CA LEU M 384 12.22 40.36 14.10
C LEU M 384 11.76 40.00 12.69
N ARG M 385 11.68 38.69 12.43
CA ARG M 385 11.16 38.21 11.15
C ARG M 385 9.66 38.46 11.09
N GLY M 386 9.22 39.12 10.02
CA GLY M 386 7.84 39.53 9.88
C GLY M 386 7.60 41.02 10.02
N THR M 387 8.64 41.83 10.08
CA THR M 387 8.48 43.28 10.12
C THR M 387 7.96 43.79 8.78
N PHE M 388 7.05 44.76 8.84
CA PHE M 388 6.47 45.32 7.63
C PHE M 388 6.28 46.81 7.81
N VAL M 389 6.83 47.59 6.87
CA VAL M 389 6.68 49.03 6.90
C VAL M 389 6.17 49.51 5.54
N ASP M 390 5.19 50.41 5.58
CA ASP M 390 4.54 50.91 4.38
C ASP M 390 5.27 52.15 3.91
N LEU M 391 5.91 52.06 2.74
CA LEU M 391 6.61 53.20 2.14
C LEU M 391 5.74 53.88 1.09
N HIS M 392 4.60 54.40 1.57
CA HIS M 392 3.65 55.20 0.78
C HIS M 392 3.13 54.42 -0.43
N GLY M 393 2.54 53.26 -0.16
CA GLY M 393 1.93 52.47 -1.20
C GLY M 393 2.57 51.11 -1.38
N LYS M 394 3.89 51.07 -1.35
CA LYS M 394 4.62 49.81 -1.41
C LYS M 394 4.94 49.34 0.00
N GLY M 395 5.36 48.07 0.10
CA GLY M 395 5.62 47.55 1.43
C GLY M 395 6.92 46.79 1.58
N LEU M 396 7.73 47.18 2.57
CA LEU M 396 8.93 46.43 2.92
C LEU M 396 8.54 45.34 3.91
N LEU M 397 8.88 44.10 3.58
CA LEU M 397 8.58 42.93 4.40
C LEU M 397 9.85 42.18 4.71
N TYR M 398 10.03 41.82 5.97
CA TYR M 398 11.21 41.11 6.47
C TYR M 398 10.79 39.65 6.69
N THR M 399 10.90 38.84 5.65
CA THR M 399 10.65 37.41 5.83
C THR M 399 11.84 36.67 6.41
N SER M 400 13.02 37.29 6.43
CA SER M 400 14.19 36.75 7.09
C SER M 400 14.62 37.71 8.18
N GLY M 401 15.05 37.16 9.30
CA GLY M 401 15.39 37.96 10.45
C GLY M 401 15.31 37.11 11.71
N SER M 402 15.40 37.80 12.85
CA SER M 402 15.36 37.12 14.14
C SER M 402 13.98 36.52 14.40
N MET M 403 13.97 35.30 14.91
CA MET M 403 12.73 34.63 15.28
C MET M 403 12.81 34.21 16.74
N PRO M 404 11.78 34.52 17.54
CA PRO M 404 11.76 34.08 18.94
C PRO M 404 11.22 32.67 19.14
N TYR M 405 11.61 31.77 18.26
CA TYR M 405 11.34 30.34 18.39
C TYR M 405 12.59 29.50 18.29
N TYR M 406 13.53 29.88 17.43
CA TYR M 406 14.82 29.22 17.34
C TYR M 406 15.78 29.67 18.44
N GLY M 407 15.48 30.76 19.12
CA GLY M 407 16.32 31.27 20.18
C GLY M 407 17.52 32.07 19.71
N THR M 408 17.70 32.23 18.39
CA THR M 408 18.84 32.92 17.81
C THR M 408 18.54 33.14 16.32
N TYR M 409 18.81 34.33 15.82
CA TYR M 409 18.74 34.57 14.38
C TYR M 409 19.79 33.72 13.67
N PRO M 410 19.41 32.86 12.74
CA PRO M 410 20.37 32.02 12.04
C PRO M 410 21.06 32.79 10.92
N GLY M 411 22.34 33.08 11.10
CA GLY M 411 23.12 33.84 10.14
C GLY M 411 23.91 34.95 10.80
N LYS M 412 24.81 35.52 10.01
CA LYS M 412 25.77 36.51 10.51
C LYS M 412 25.36 37.94 10.17
N TYR M 413 25.23 38.26 8.89
CA TYR M 413 25.06 39.63 8.45
C TYR M 413 23.60 40.05 8.60
N ASP M 414 23.26 41.20 8.04
CA ASP M 414 21.87 41.65 8.08
C ASP M 414 21.04 40.90 7.04
N PRO M 415 19.76 40.68 7.32
CA PRO M 415 18.89 40.03 6.34
C PRO M 415 18.52 40.96 5.21
N ASN M 416 18.05 40.37 4.13
CA ASN M 416 17.66 41.11 2.94
C ASN M 416 16.14 41.09 2.80
N PRO M 417 15.45 42.20 3.06
CA PRO M 417 13.99 42.21 2.96
C PRO M 417 13.54 42.32 1.51
N LEU M 418 12.24 42.14 1.30
CA LEU M 418 11.65 42.19 -0.04
C LEU M 418 10.51 43.20 -0.07
N LEU M 419 10.32 43.81 -1.23
CA LEU M 419 9.33 44.87 -1.42
C LEU M 419 8.16 44.33 -2.22
N LEU M 420 6.95 44.61 -1.74
CA LEU M 420 5.71 44.23 -2.40
C LEU M 420 5.11 45.48 -3.03
N CYS M 421 4.84 45.43 -4.32
CA CYS M 421 4.23 46.54 -5.05
C CYS M 421 2.97 46.05 -5.75
N PRO M 422 1.78 46.47 -5.33
CA PRO M 422 0.56 46.00 -5.99
C PRO M 422 0.26 46.80 -7.25
N HIS M 423 -0.60 46.22 -8.08
CA HIS M 423 -1.11 46.93 -9.24
C HIS M 423 -2.24 47.86 -8.81
N HIS M 424 -2.49 48.87 -9.65
CA HIS M 424 -3.48 49.88 -9.31
C HIS M 424 -4.92 49.38 -9.45
N THR M 425 -5.15 48.24 -10.10
CA THR M 425 -6.48 47.69 -10.23
C THR M 425 -6.81 46.64 -9.17
N SER M 426 -5.89 46.39 -8.25
CA SER M 426 -6.14 45.43 -7.17
C SER M 426 -7.16 46.00 -6.18
N GLU M 427 -7.79 45.10 -5.43
CA GLU M 427 -8.84 45.45 -4.50
C GLU M 427 -8.37 45.59 -3.06
N SER M 428 -7.56 44.66 -2.57
CA SER M 428 -7.15 44.67 -1.17
C SER M 428 -6.08 45.71 -0.93
N THR M 429 -5.89 46.03 0.35
CA THR M 429 -4.87 46.99 0.76
C THR M 429 -3.51 46.29 0.91
N VAL M 430 -2.49 47.09 1.20
CA VAL M 430 -1.12 46.58 1.24
C VAL M 430 -0.90 45.65 2.42
N ALA M 431 -1.54 45.96 3.56
CA ALA M 431 -1.37 45.14 4.76
C ALA M 431 -1.93 43.74 4.58
N GLN M 432 -3.09 43.63 3.92
CA GLN M 432 -3.67 42.32 3.66
C GLN M 432 -2.82 41.52 2.70
N LEU M 433 -2.24 42.18 1.69
CA LEU M 433 -1.35 41.50 0.76
C LEU M 433 -0.09 41.01 1.47
N ALA M 434 0.47 41.83 2.37
CA ALA M 434 1.64 41.42 3.12
C ALA M 434 1.34 40.24 4.03
N GLU M 435 0.18 40.26 4.69
CA GLU M 435 -0.22 39.16 5.55
C GLU M 435 -0.43 37.87 4.76
N GLU M 436 -1.08 37.97 3.59
CA GLU M 436 -1.34 36.78 2.79
C GLU M 436 -0.05 36.22 2.19
N ILE M 437 0.87 37.09 1.77
CA ILE M 437 2.13 36.62 1.22
C ILE M 437 2.99 36.01 2.31
N PHE M 438 2.99 36.60 3.51
CA PHE M 438 3.72 36.03 4.63
C PHE M 438 3.12 34.70 5.09
N SER M 439 1.81 34.51 4.88
CA SER M 439 1.20 33.24 5.22
C SER M 439 1.62 32.13 4.27
N LEU M 440 1.84 32.45 2.99
CA LEU M 440 2.22 31.46 1.98
C LEU M 440 3.73 31.31 1.87
N THR M 441 4.40 31.04 2.99
CA THR M 441 5.86 31.01 3.01
C THR M 441 6.42 29.61 3.24
N LYS M 442 5.90 28.88 4.24
CA LYS M 442 6.46 27.59 4.62
C LYS M 442 5.72 26.42 3.98
N VAL M 443 4.99 26.67 2.89
CA VAL M 443 4.23 25.61 2.25
C VAL M 443 5.14 24.74 1.39
N ASN M 444 6.34 25.24 1.09
CA ASN M 444 7.34 24.51 0.31
C ASN M 444 7.74 23.20 1.00
N TRP M 445 7.54 22.09 0.29
CA TRP M 445 7.71 20.76 0.85
C TRP M 445 9.10 20.18 0.64
N ASN M 446 9.98 20.89 -0.08
CA ASN M 446 11.33 20.41 -0.28
C ASN M 446 12.18 20.55 0.98
N SER M 447 11.80 21.45 1.89
CA SER M 447 12.59 21.76 3.07
C SER M 447 11.71 21.66 4.31
N THR M 448 12.32 21.87 5.47
CA THR M 448 11.60 21.90 6.73
C THR M 448 11.96 23.09 7.61
N GLN M 449 12.80 24.01 7.15
CA GLN M 449 13.16 25.18 7.93
C GLN M 449 12.02 26.20 7.93
N MET M 450 11.99 27.00 8.98
CA MET M 450 11.15 28.19 9.00
C MET M 450 11.88 29.39 8.41
N ASN M 451 13.14 29.23 8.03
CA ASN M 451 13.95 30.29 7.43
C ASN M 451 13.75 30.36 5.91
N GLN M 452 12.50 30.56 5.52
CA GLN M 452 12.11 30.67 4.13
C GLN M 452 11.77 32.12 3.80
N ARG M 453 12.29 32.59 2.67
CA ARG M 453 12.11 33.98 2.26
C ARG M 453 11.10 34.13 1.14
N LEU M 454 11.28 33.42 0.03
CA LEU M 454 10.36 33.52 -1.08
C LEU M 454 9.07 32.75 -0.79
N PRO M 455 7.93 33.22 -1.29
CA PRO M 455 6.68 32.47 -1.10
C PRO M 455 6.64 31.22 -1.95
N ILE M 456 5.63 30.39 -1.68
CA ILE M 456 5.49 29.12 -2.39
C ILE M 456 5.27 29.25 -3.90
N PRO M 457 4.42 30.14 -4.43
CA PRO M 457 4.25 30.13 -5.90
C PRO M 457 5.49 30.54 -6.67
N ILE M 458 6.29 31.47 -6.14
CA ILE M 458 7.53 31.86 -6.80
C ILE M 458 8.52 30.71 -6.81
N ARG M 459 8.67 30.01 -5.68
CA ARG M 459 9.58 28.87 -5.61
C ARG M 459 9.14 27.75 -6.54
N ALA M 460 7.83 27.47 -6.57
CA ALA M 460 7.31 26.43 -7.44
C ALA M 460 7.50 26.78 -8.91
N ALA M 461 7.29 28.06 -9.26
CA ALA M 461 7.50 28.49 -10.63
C ALA M 461 8.96 28.39 -11.04
N ARG M 462 9.88 28.75 -10.13
CA ARG M 462 11.31 28.66 -10.45
C ARG M 462 11.76 27.21 -10.61
N LYS M 463 11.28 26.31 -9.75
CA LYS M 463 11.65 24.90 -9.87
C LYS M 463 11.04 24.27 -11.13
N VAL M 464 9.79 24.65 -11.45
CA VAL M 464 9.16 24.18 -12.67
C VAL M 464 9.94 24.64 -13.89
N GLY M 465 10.40 25.89 -13.88
CA GLY M 465 11.21 26.37 -14.99
C GLY M 465 12.56 25.70 -15.10
N GLU M 466 13.18 25.41 -13.96
CA GLU M 466 14.47 24.73 -13.95
C GLU M 466 14.36 23.36 -14.59
N VAL M 467 13.33 22.59 -14.22
CA VAL M 467 13.15 21.28 -14.83
C VAL M 467 12.71 21.41 -16.28
N LEU M 468 11.90 22.42 -16.61
CA LEU M 468 11.41 22.61 -17.97
C LEU M 468 12.46 23.14 -18.92
N LYS M 469 13.62 23.57 -18.40
CA LYS M 469 14.66 24.16 -19.25
C LYS M 469 15.18 23.16 -20.29
N TYR M 470 15.33 21.89 -19.93
CA TYR M 470 15.94 20.91 -20.81
C TYR M 470 14.94 20.07 -21.58
N VAL M 471 13.64 20.32 -21.45
CA VAL M 471 12.63 19.53 -22.15
C VAL M 471 12.55 20.02 -23.59
N GLY M 472 12.73 19.11 -24.54
CA GLY M 472 12.61 19.46 -25.94
C GLY M 472 11.17 19.50 -26.40
N GLU M 473 10.97 20.06 -27.59
CA GLU M 473 9.64 20.13 -28.17
C GLU M 473 9.18 18.76 -28.63
N GLY M 474 7.89 18.48 -28.43
CA GLY M 474 7.31 17.22 -28.78
C GLY M 474 7.34 16.18 -27.69
N GLU M 475 8.03 16.44 -26.58
CA GLU M 475 8.06 15.52 -25.46
C GLU M 475 6.79 15.64 -24.63
N VAL M 476 6.69 14.80 -23.60
CA VAL M 476 5.55 14.80 -22.70
C VAL M 476 5.91 15.57 -21.43
N ILE M 477 5.09 16.55 -21.09
CA ILE M 477 5.23 17.32 -19.86
C ILE M 477 4.08 16.96 -18.94
N SER M 478 4.38 16.79 -17.66
CA SER M 478 3.38 16.40 -16.68
C SER M 478 3.02 17.58 -15.80
N ALA M 479 1.76 17.61 -15.37
CA ALA M 479 1.30 18.62 -14.43
C ALA M 479 1.53 18.22 -12.99
N ASP M 480 2.02 17.01 -12.74
CA ASP M 480 2.30 16.56 -11.38
C ASP M 480 3.49 17.33 -10.82
N TYR M 481 3.34 17.82 -9.59
CA TYR M 481 4.39 18.61 -8.98
C TYR M 481 5.57 17.77 -8.52
N ARG M 482 5.37 16.47 -8.30
CA ARG M 482 6.45 15.62 -7.80
C ARG M 482 7.55 15.40 -8.82
N LYS M 483 7.28 15.64 -10.10
CA LYS M 483 8.30 15.49 -11.12
C LYS M 483 9.24 16.70 -11.20
N TYR M 484 8.98 17.76 -10.43
CA TYR M 484 9.77 18.97 -10.50
C TYR M 484 10.61 19.25 -9.27
N ILE M 485 10.18 18.84 -8.09
CA ILE M 485 10.94 19.14 -6.89
C ILE M 485 12.14 18.20 -6.76
N ALA N 7 9.75 -5.57 15.91
CA ALA N 7 9.92 -5.69 17.36
C ALA N 7 9.04 -4.69 18.11
N ASN N 8 8.09 -4.10 17.37
CA ASN N 8 7.16 -3.16 17.99
C ASN N 8 6.21 -3.86 18.96
N GLN N 9 5.80 -5.08 18.61
CA GLN N 9 4.99 -5.88 19.53
C GLN N 9 5.78 -6.25 20.78
N ILE N 10 7.08 -6.50 20.62
CA ILE N 10 7.93 -6.86 21.76
C ILE N 10 8.04 -5.71 22.74
N ILE N 11 8.31 -4.51 22.24
CA ILE N 11 8.45 -3.36 23.12
C ILE N 11 7.09 -2.98 23.72
N GLY N 12 6.01 -3.15 22.96
CA GLY N 12 4.68 -2.91 23.52
C GLY N 12 4.34 -3.86 24.65
N GLU N 13 4.66 -5.15 24.48
CA GLU N 13 4.36 -6.14 25.50
C GLU N 13 5.23 -5.95 26.75
N ILE N 14 6.52 -5.67 26.57
CA ILE N 14 7.36 -5.47 27.74
C ILE N 14 7.02 -4.16 28.45
N GLY N 15 6.58 -3.14 27.71
CA GLY N 15 6.11 -1.92 28.34
C GLY N 15 4.84 -2.13 29.13
N GLU N 16 3.90 -2.91 28.58
CA GLU N 16 2.69 -3.24 29.31
C GLU N 16 3.00 -4.05 30.56
N ASN N 17 3.93 -5.00 30.47
CA ASN N 17 4.26 -5.81 31.64
C ASN N 17 4.97 -4.99 32.71
N GLU N 18 5.84 -4.07 32.32
CA GLU N 18 6.52 -3.24 33.32
C GLU N 18 5.58 -2.22 33.94
N VAL N 19 4.63 -1.70 33.15
CA VAL N 19 3.59 -0.82 33.69
C VAL N 19 2.76 -1.58 34.72
N ARG N 20 2.37 -2.83 34.40
CA ARG N 20 1.62 -3.65 35.34
C ARG N 20 2.46 -3.98 36.58
N GLY N 21 3.76 -4.19 36.41
CA GLY N 21 4.63 -4.47 37.54
C GLY N 21 4.75 -3.29 38.49
N ARG N 22 4.89 -2.08 37.95
CA ARG N 22 4.94 -0.90 38.80
C ARG N 22 3.59 -0.61 39.45
N PHE N 23 2.49 -0.90 38.73
CA PHE N 23 1.16 -0.82 39.35
C PHE N 23 1.04 -1.79 40.51
N LEU N 24 1.50 -3.02 40.34
CA LEU N 24 1.21 -4.07 41.30
C LEU N 24 2.21 -4.16 42.44
N THR N 25 3.42 -3.61 42.28
CA THR N 25 4.38 -3.64 43.39
C THR N 25 3.99 -2.70 44.52
N LEU N 26 3.12 -1.72 44.23
CA LEU N 26 2.48 -0.92 45.26
C LEU N 26 1.17 -1.55 45.73
N GLY N 27 0.83 -2.71 45.21
CA GLY N 27 -0.44 -3.34 45.52
C GLY N 27 -1.60 -2.60 44.91
N TRP N 28 -1.60 -2.45 43.58
CA TRP N 28 -2.72 -1.90 42.83
C TRP N 28 -2.98 -2.82 41.65
N GLN N 29 -4.23 -3.28 41.51
CA GLN N 29 -4.56 -4.22 40.46
C GLN N 29 -4.54 -3.54 39.09
N PHE N 30 -4.06 -4.28 38.09
CA PHE N 30 -4.13 -3.84 36.71
C PHE N 30 -4.11 -5.10 35.84
N ASP N 31 -5.10 -5.23 34.98
CA ASP N 31 -5.22 -6.39 34.10
C ASP N 31 -5.38 -5.92 32.67
N GLY N 32 -4.53 -6.43 31.79
CA GLY N 32 -4.56 -6.03 30.40
C GLY N 32 -5.70 -6.67 29.65
N ARG N 33 -5.84 -6.27 28.39
CA ARG N 33 -6.86 -6.77 27.50
C ARG N 33 -6.20 -7.32 26.24
N SER N 34 -7.02 -7.89 25.35
CA SER N 34 -6.53 -8.42 24.09
C SER N 34 -6.26 -7.27 23.12
N ARG N 35 -5.82 -7.62 21.90
CA ARG N 35 -5.52 -6.61 20.89
C ARG N 35 -6.73 -6.30 20.00
N LEU N 36 -7.93 -6.66 20.44
CA LEU N 36 -9.16 -6.31 19.75
C LEU N 36 -9.67 -4.92 20.11
N GLU N 37 -9.03 -4.24 21.05
CA GLU N 37 -9.45 -2.92 21.49
C GLU N 37 -8.88 -1.84 20.58
N ALA N 38 -9.19 -0.59 20.90
CA ALA N 38 -8.55 0.56 20.25
C ALA N 38 -8.50 1.69 21.29
N GLY N 39 -7.38 1.77 22.01
CA GLY N 39 -7.13 2.81 22.97
C GLY N 39 -7.26 2.40 24.42
N ILE N 40 -8.14 1.45 24.73
CA ILE N 40 -8.38 1.02 26.10
C ILE N 40 -7.44 -0.15 26.35
N ASP N 41 -6.24 0.15 26.84
CA ASP N 41 -5.19 -0.85 26.99
C ASP N 41 -5.29 -1.63 28.28
N GLY N 42 -6.23 -1.33 29.17
CA GLY N 42 -6.39 -2.16 30.34
C GLY N 42 -7.31 -1.55 31.38
N ILE N 43 -7.54 -2.33 32.43
CA ILE N 43 -8.48 -2.02 33.50
C ILE N 43 -7.73 -2.04 34.82
N ALA N 44 -7.92 -0.99 35.63
CA ALA N 44 -7.25 -0.88 36.92
C ALA N 44 -8.28 -0.64 38.02
N GLU N 45 -8.18 -1.44 39.08
CA GLU N 45 -8.95 -1.27 40.30
C GLU N 45 -7.98 -1.13 41.48
N VAL N 46 -8.35 -0.30 42.44
CA VAL N 46 -7.43 0.15 43.48
C VAL N 46 -7.74 -0.56 44.79
N MET N 47 -6.69 -1.06 45.45
CA MET N 47 -6.77 -1.40 46.86
C MET N 47 -5.55 -0.87 47.60
N ASN N 48 -5.76 -0.56 48.88
CA ASN N 48 -4.71 -0.10 49.79
C ASN N 48 -4.93 -0.80 51.13
N GLU N 49 -3.95 -1.60 51.55
CA GLU N 49 -4.01 -2.42 52.76
C GLU N 49 -5.24 -3.32 52.76
N GLY N 50 -5.48 -3.98 51.62
CA GLY N 50 -6.60 -4.88 51.48
C GLY N 50 -7.97 -4.24 51.48
N GLN N 51 -8.14 -3.16 50.70
CA GLN N 51 -9.43 -2.48 50.54
C GLN N 51 -9.77 -2.40 49.05
N PRO N 52 -10.16 -3.51 48.43
CA PRO N 52 -10.46 -3.51 47.00
C PRO N 52 -11.92 -3.18 46.67
N MET N 53 -12.26 -1.89 46.69
CA MET N 53 -13.57 -1.50 46.22
C MET N 53 -13.65 -1.61 44.71
N ALA N 54 -14.87 -1.70 44.19
CA ALA N 54 -15.09 -1.89 42.76
C ALA N 54 -15.08 -0.55 42.02
N ARG N 55 -13.94 0.13 42.10
CA ARG N 55 -13.72 1.38 41.39
C ARG N 55 -12.85 1.12 40.16
N MET N 56 -13.23 1.72 39.05
CA MET N 56 -12.75 1.33 37.73
C MET N 56 -12.06 2.51 37.07
N ILE N 57 -10.83 2.30 36.63
CA ILE N 57 -10.08 3.31 35.88
C ILE N 57 -9.48 2.64 34.64
N ALA N 58 -9.78 3.18 33.46
CA ALA N 58 -9.18 2.67 32.25
C ALA N 58 -7.72 3.11 32.18
N VAL N 59 -6.90 2.34 31.46
CA VAL N 59 -5.49 2.65 31.34
C VAL N 59 -5.07 2.48 29.88
N GLN N 60 -4.44 3.52 29.32
CA GLN N 60 -3.72 3.41 28.07
C GLN N 60 -2.22 3.49 28.35
N ILE N 61 -1.46 2.59 27.72
CA ILE N 61 -0.02 2.54 27.90
C ILE N 61 0.67 3.24 26.74
N LYS N 62 1.91 3.68 26.98
CA LYS N 62 2.78 4.23 25.94
C LYS N 62 4.20 3.82 26.26
N SER N 63 4.72 2.84 25.53
CA SER N 63 6.06 2.31 25.75
C SER N 63 7.04 2.92 24.77
N THR N 64 8.25 3.19 25.25
CA THR N 64 9.31 3.75 24.42
C THR N 64 10.64 3.13 24.84
N LYS N 65 11.51 2.86 23.86
CA LYS N 65 12.82 2.28 24.17
C LYS N 65 13.82 3.38 24.54
N GLU N 66 14.09 4.28 23.59
CA GLU N 66 15.05 5.35 23.83
C GLU N 66 14.69 6.52 22.91
N GLY N 67 14.70 7.73 23.47
CA GLY N 67 14.39 8.92 22.72
C GLY N 67 13.64 9.91 23.57
N LYS N 68 14.08 11.17 23.56
CA LYS N 68 13.40 12.20 24.33
C LYS N 68 12.07 12.53 23.70
N TYR N 69 11.12 12.95 24.54
CA TYR N 69 9.80 13.31 24.05
C TYR N 69 9.81 14.73 23.50
N THR N 70 8.63 15.22 23.12
CA THR N 70 8.52 16.52 22.47
C THR N 70 8.79 17.63 23.47
N SER N 71 9.67 18.57 23.07
CA SER N 71 10.08 19.72 23.89
C SER N 71 10.64 19.29 25.24
N GLU N 72 11.43 18.20 25.25
CA GLU N 72 12.04 17.71 26.47
C GLU N 72 13.23 18.60 26.82
N SER N 73 13.11 19.36 27.90
CA SER N 73 14.13 20.32 28.32
C SER N 73 14.52 20.06 29.77
N ASP N 74 14.78 18.78 30.10
CA ASP N 74 15.30 18.31 31.37
C ASP N 74 14.37 18.54 32.57
N THR N 75 13.18 19.07 32.33
CA THR N 75 12.19 19.25 33.40
C THR N 75 10.77 18.89 33.01
N SER N 76 10.45 18.73 31.73
CA SER N 76 9.08 18.49 31.29
C SER N 76 9.11 17.93 29.88
N PHE N 77 7.93 17.56 29.38
CA PHE N 77 7.71 17.28 27.96
C PHE N 77 6.23 17.47 27.68
N THR N 78 5.86 17.28 26.41
CA THR N 78 4.48 17.41 25.99
C THR N 78 4.11 16.24 25.09
N TYR N 79 2.86 15.79 25.21
CA TYR N 79 2.33 14.73 24.36
C TYR N 79 0.97 15.15 23.85
N LEU N 80 0.77 15.03 22.53
CA LEU N 80 -0.47 15.44 21.91
C LEU N 80 -1.39 14.24 21.76
N LEU N 81 -2.66 14.41 22.12
CA LEU N 81 -3.66 13.36 22.01
C LEU N 81 -4.25 13.35 20.60
N ARG N 82 -5.07 12.34 20.33
CA ARG N 82 -5.74 12.19 19.05
C ARG N 82 -7.21 12.57 19.20
N THR N 83 -7.76 13.22 18.18
CA THR N 83 -9.08 13.84 18.30
C THR N 83 -10.22 12.84 18.33
N GLN N 84 -10.05 11.65 17.76
CA GLN N 84 -11.12 10.66 17.81
C GLN N 84 -11.03 9.82 19.09
N ASP N 85 -9.83 9.53 19.56
CA ASP N 85 -9.67 8.83 20.84
C ASP N 85 -10.13 9.71 21.99
N LEU N 86 -9.87 11.01 21.91
CA LEU N 86 -10.31 11.94 22.95
C LEU N 86 -11.83 11.96 23.06
N ALA N 87 -12.53 12.01 21.92
CA ALA N 87 -13.99 11.94 21.94
C ALA N 87 -14.48 10.57 22.38
N TYR N 88 -13.72 9.51 22.04
CA TYR N 88 -14.06 8.16 22.48
C TYR N 88 -13.97 8.02 24.00
N TRP N 89 -13.06 8.76 24.63
CA TRP N 89 -13.02 8.79 26.10
C TRP N 89 -13.99 9.81 26.70
N ARG N 90 -14.34 10.86 25.94
CA ARG N 90 -15.38 11.77 26.39
C ARG N 90 -16.72 11.07 26.50
N GLY N 91 -17.06 10.23 25.53
CA GLY N 91 -18.20 9.36 25.69
C GLY N 91 -17.77 8.05 26.33
N SER N 92 -17.91 7.97 27.65
CA SER N 92 -17.47 6.80 28.41
C SER N 92 -18.23 6.79 29.73
N ASN N 93 -17.74 5.98 30.67
CA ASN N 93 -18.37 5.90 31.99
C ASN N 93 -17.37 6.14 33.11
N LEU N 94 -16.12 5.70 32.92
CA LEU N 94 -15.05 5.94 33.87
C LEU N 94 -13.82 6.45 33.15
N PRO N 95 -13.02 7.31 33.77
CA PRO N 95 -11.92 7.97 33.04
C PRO N 95 -10.73 7.05 32.81
N VAL N 96 -9.78 7.56 32.02
CA VAL N 96 -8.63 6.79 31.55
C VAL N 96 -7.36 7.52 31.95
N ILE N 97 -6.42 6.77 32.51
CA ILE N 97 -5.08 7.25 32.83
C ILE N 97 -4.16 6.87 31.69
N VAL N 98 -3.41 7.85 31.18
CA VAL N 98 -2.41 7.63 30.15
C VAL N 98 -1.06 7.49 30.83
N VAL N 99 -0.38 6.38 30.59
CA VAL N 99 0.85 6.03 31.29
C VAL N 99 2.01 6.09 30.30
N PHE N 100 3.12 6.66 30.74
CA PHE N 100 4.32 6.81 29.92
C PHE N 100 5.44 5.97 30.54
N TYR N 101 5.99 5.04 29.76
CA TYR N 101 7.11 4.22 30.20
C TYR N 101 8.23 4.31 29.18
N ARG N 102 9.45 4.55 29.68
CA ARG N 102 10.65 4.51 28.87
C ARG N 102 11.61 3.48 29.44
N GLN N 103 12.27 2.74 28.56
CA GLN N 103 13.00 1.55 28.96
C GLN N 103 14.46 1.81 29.30
N SER N 104 15.17 2.56 28.45
CA SER N 104 16.61 2.75 28.63
C SER N 104 16.91 3.58 29.88
N ASP N 105 16.23 4.70 30.04
CA ASP N 105 16.33 5.49 31.26
C ASP N 105 15.27 5.14 32.29
N HIS N 106 14.33 4.25 31.92
CA HIS N 106 13.33 3.68 32.83
C HIS N 106 12.47 4.76 33.49
N SER N 107 11.70 5.45 32.66
CA SER N 107 10.85 6.53 33.11
C SER N 107 9.42 6.04 33.28
N PHE N 108 8.77 6.46 34.37
CA PHE N 108 7.44 6.02 34.74
C PHE N 108 6.60 7.24 35.10
N TYR N 109 5.57 7.54 34.32
CA TYR N 109 4.76 8.73 34.57
C TYR N 109 3.30 8.46 34.24
N TRP N 110 2.42 9.29 34.78
CA TRP N 110 0.98 9.15 34.59
C TRP N 110 0.36 10.51 34.30
N LYS N 111 -0.78 10.48 33.61
CA LYS N 111 -1.54 11.69 33.34
C LYS N 111 -3.02 11.32 33.22
N GLU N 112 -3.89 12.30 33.44
CA GLU N 112 -5.33 12.09 33.42
C GLU N 112 -6.02 13.14 32.57
N VAL N 113 -7.14 12.76 31.96
CA VAL N 113 -7.94 13.64 31.13
C VAL N 113 -9.28 13.89 31.82
N SER N 114 -9.71 15.15 31.82
CA SER N 114 -10.88 15.58 32.59
C SER N 114 -12.17 15.29 31.83
N ARG N 115 -13.29 15.62 32.47
CA ARG N 115 -14.63 15.50 31.91
C ARG N 115 -15.39 16.81 32.07
N ASP N 116 -14.72 17.92 31.79
CA ASP N 116 -15.38 19.22 31.83
C ASP N 116 -16.19 19.45 30.56
N ALA N 117 -17.21 20.29 30.67
CA ALA N 117 -18.11 20.52 29.55
C ALA N 117 -17.46 21.35 28.46
N GLY N 118 -17.77 21.04 27.20
CA GLY N 118 -17.24 21.75 26.08
C GLY N 118 -16.38 20.87 25.19
N PRO N 119 -15.21 21.36 24.80
CA PRO N 119 -14.28 20.56 24.01
C PRO N 119 -13.31 19.78 24.88
N GLY N 120 -12.60 18.85 24.25
CA GLY N 120 -11.59 18.09 24.94
C GLY N 120 -10.33 18.90 25.17
N GLU N 121 -9.40 18.31 25.94
CA GLU N 121 -8.16 18.97 26.32
C GLU N 121 -6.99 18.16 25.77
N ARG N 122 -6.58 18.46 24.54
CA ARG N 122 -5.41 17.82 23.95
C ARG N 122 -4.14 18.51 24.44
N ARG N 123 -3.00 18.01 23.96
CA ARG N 123 -1.66 18.55 24.24
C ARG N 123 -1.36 18.59 25.73
N LEU N 124 -1.32 17.39 26.33
CA LEU N 124 -1.00 17.28 27.74
C LEU N 124 0.47 17.60 27.99
N ASN N 125 0.72 18.47 28.96
CA ASN N 125 2.08 18.80 29.36
C ASN N 125 2.41 18.10 30.68
N ILE N 126 3.51 17.35 30.68
CA ILE N 126 3.88 16.50 31.81
C ILE N 126 5.20 17.00 32.37
N ASP N 127 5.21 17.31 33.66
CA ASP N 127 6.43 17.72 34.34
C ASP N 127 7.16 16.51 34.88
N LYS N 128 8.36 16.73 35.43
CA LYS N 128 9.18 15.65 35.97
C LYS N 128 9.41 15.81 37.47
N VAL N 129 8.44 16.41 38.17
CA VAL N 129 8.54 16.64 39.61
C VAL N 129 7.36 16.02 40.35
N ALA N 130 6.15 16.22 39.86
CA ALA N 130 4.94 15.74 40.53
C ALA N 130 4.15 14.74 39.71
N ASP N 131 4.62 14.35 38.53
CA ASP N 131 3.96 13.36 37.71
C ASP N 131 4.61 11.99 37.82
N LEU N 132 5.51 11.80 38.78
CA LEU N 132 6.21 10.55 38.98
C LEU N 132 5.26 9.44 39.41
N PHE N 133 5.59 8.21 39.01
CA PHE N 133 4.83 7.03 39.38
C PHE N 133 5.44 6.31 40.59
N ASN N 134 6.05 7.06 41.49
CA ASN N 134 6.58 6.49 42.72
C ASN N 134 5.48 6.46 43.78
N ALA N 135 5.85 6.20 45.03
CA ALA N 135 4.89 6.14 46.12
C ALA N 135 4.42 7.51 46.59
N SER N 136 5.02 8.59 46.08
CA SER N 136 4.63 9.93 46.51
C SER N 136 3.30 10.37 45.91
N THR N 137 3.09 10.11 44.61
CA THR N 137 1.94 10.62 43.88
C THR N 137 0.91 9.52 43.60
N VAL N 138 0.73 8.60 44.56
CA VAL N 138 -0.17 7.48 44.35
C VAL N 138 -1.63 7.92 44.43
N ASN N 139 -1.97 8.75 45.41
CA ASN N 139 -3.36 9.03 45.72
C ASN N 139 -3.94 10.18 44.91
N LYS N 140 -3.16 10.78 44.01
CA LYS N 140 -3.68 11.89 43.22
C LYS N 140 -4.71 11.43 42.20
N LEU N 141 -4.40 10.36 41.47
CA LEU N 141 -5.35 9.83 40.49
C LEU N 141 -6.38 8.90 41.10
N ALA N 142 -6.24 8.57 42.38
CA ALA N 142 -7.22 7.73 43.07
C ALA N 142 -8.37 8.53 43.66
N ALA N 143 -8.41 9.84 43.42
CA ALA N 143 -9.48 10.69 43.90
C ALA N 143 -10.56 10.92 42.84
N LEU N 144 -10.47 10.25 41.70
CA LEU N 144 -11.42 10.48 40.62
C LEU N 144 -12.81 9.94 40.95
N THR N 145 -12.87 8.88 41.76
CA THR N 145 -14.11 8.27 42.25
C THR N 145 -15.08 7.86 41.15
N GLY N 161 7.79 48.39 23.17
CA GLY N 161 8.27 48.64 21.83
C GLY N 161 9.73 49.04 21.77
N GLU N 162 10.20 49.40 20.58
CA GLU N 162 11.58 49.82 20.40
C GLU N 162 11.65 50.88 19.31
N ASP N 163 12.55 51.83 19.47
CA ASP N 163 12.72 52.90 18.49
C ASP N 163 13.89 52.55 17.58
N ALA N 164 13.59 52.23 16.33
CA ALA N 164 14.58 51.83 15.36
C ALA N 164 14.76 52.93 14.31
N LEU N 165 15.73 52.73 13.42
CA LEU N 165 16.03 53.70 12.37
C LEU N 165 16.23 52.98 11.05
N ILE N 166 16.05 53.74 9.96
CA ILE N 166 16.14 53.20 8.62
C ILE N 166 17.42 53.69 7.95
N ASN N 167 17.81 53.01 6.88
CA ASN N 167 19.00 53.37 6.12
C ASN N 167 18.66 54.30 4.96
N MET N 168 17.93 55.37 5.26
CA MET N 168 17.48 56.31 4.25
C MET N 168 17.13 57.61 4.95
N LEU N 169 17.47 58.73 4.31
CA LEU N 169 17.50 60.02 4.99
C LEU N 169 16.91 61.12 4.13
N PRO N 170 16.21 62.07 4.75
CA PRO N 170 15.63 63.18 3.99
C PRO N 170 16.64 64.29 3.77
N LEU N 171 16.42 65.05 2.69
CA LEU N 171 17.35 66.08 2.26
C LEU N 171 16.70 67.45 2.27
N THR N 172 17.54 68.47 2.06
CA THR N 172 17.10 69.86 1.95
C THR N 172 18.02 70.56 0.96
N LEU N 173 17.49 70.90 -0.21
CA LEU N 173 18.28 71.48 -1.28
C LEU N 173 18.02 72.97 -1.42
N PRO N 174 18.99 73.73 -1.90
CA PRO N 174 18.74 75.14 -2.23
C PRO N 174 17.76 75.28 -3.38
N ASN N 175 17.06 76.42 -3.40
CA ASN N 175 15.95 76.65 -4.32
C ASN N 175 16.38 77.39 -5.59
N GLU N 176 17.61 77.17 -6.06
CA GLU N 176 18.10 77.78 -7.29
C GLU N 176 18.46 76.70 -8.29
N MET N 177 17.96 76.83 -9.52
CA MET N 177 18.22 75.88 -10.59
C MET N 177 18.52 76.66 -11.87
N TYR N 178 19.69 76.43 -12.44
CA TYR N 178 20.13 77.15 -13.63
C TYR N 178 20.01 76.25 -14.85
N ILE N 179 19.47 76.79 -15.94
CA ILE N 179 19.42 76.11 -17.23
C ILE N 179 20.09 76.98 -18.27
N ALA N 180 20.66 76.31 -19.28
CA ALA N 180 21.37 77.00 -20.36
C ALA N 180 21.47 76.04 -21.54
N SER N 181 21.58 76.62 -22.74
CA SER N 181 21.62 75.86 -23.98
C SER N 181 22.97 76.00 -24.65
N THR N 182 23.46 74.90 -25.22
CA THR N 182 24.73 74.88 -25.96
C THR N 182 24.68 73.70 -26.93
N THR N 183 25.83 73.35 -27.50
CA THR N 183 25.90 72.26 -28.47
C THR N 183 27.06 71.30 -28.24
N TYR N 184 27.68 71.37 -27.06
CA TYR N 184 28.81 70.52 -26.74
C TYR N 184 28.39 69.07 -26.56
N GLU N 185 29.32 68.15 -26.80
CA GLU N 185 29.03 66.74 -26.56
C GLU N 185 29.63 66.39 -25.21
N PRO N 186 28.83 65.76 -24.34
CA PRO N 186 29.31 65.42 -23.00
C PRO N 186 30.81 65.14 -23.00
N ARG N 187 31.25 64.29 -23.92
CA ARG N 187 32.66 63.95 -24.00
C ARG N 187 33.51 65.20 -24.22
N LYS N 188 33.30 65.87 -25.34
CA LYS N 188 34.06 67.08 -25.64
C LYS N 188 33.96 68.10 -24.52
N ALA N 189 32.82 68.14 -23.82
CA ALA N 189 32.67 69.06 -22.69
C ALA N 189 33.60 68.69 -21.54
N ILE N 190 33.72 67.40 -21.23
CA ILE N 190 34.67 66.99 -20.20
C ILE N 190 36.11 67.00 -20.70
N ALA N 191 36.31 66.93 -22.01
CA ALA N 191 37.67 67.00 -22.56
C ALA N 191 38.22 68.42 -22.52
N VAL N 192 37.39 69.41 -22.84
CA VAL N 192 37.83 70.80 -22.84
C VAL N 192 38.07 71.29 -21.40
N ILE N 193 37.19 70.88 -20.48
CA ILE N 193 37.30 71.30 -19.09
C ILE N 193 38.56 70.72 -18.44
N LEU N 194 38.86 69.45 -18.73
CA LEU N 194 40.06 68.82 -18.17
C LEU N 194 41.33 69.47 -18.71
N ASN N 195 41.34 69.83 -20.00
CA ASN N 195 42.48 70.50 -20.60
C ASN N 195 42.37 72.00 -20.32
N GLY N 196 42.77 72.38 -19.11
CA GLY N 196 42.69 73.77 -18.71
C GLY N 196 43.54 74.00 -17.47
N ASP N 197 43.45 75.23 -16.96
CA ASP N 197 44.18 75.63 -15.77
C ASP N 197 43.33 76.35 -14.73
N GLY N 198 42.07 76.61 -15.03
CA GLY N 198 41.19 77.30 -14.10
C GLY N 198 40.54 76.35 -13.12
N PRO N 199 39.43 76.78 -12.50
CA PRO N 199 38.70 75.89 -11.59
C PRO N 199 38.02 74.77 -12.35
N LYS N 200 38.32 73.53 -11.97
CA LYS N 200 37.83 72.34 -12.68
C LYS N 200 36.88 71.59 -11.77
N ARG N 201 35.58 71.83 -11.95
CA ARG N 201 34.54 71.05 -11.29
C ARG N 201 33.55 70.57 -12.33
N PHE N 202 33.03 69.36 -12.12
CA PHE N 202 32.25 68.65 -13.12
C PHE N 202 30.76 68.67 -12.83
N ASP N 203 30.29 69.58 -11.97
CA ASP N 203 28.92 69.56 -11.48
C ASP N 203 27.97 70.13 -12.54
N TRP N 204 27.78 69.35 -13.61
CA TRP N 204 26.82 69.69 -14.63
C TRP N 204 26.30 68.41 -15.27
N VAL N 205 25.08 68.49 -15.79
CA VAL N 205 24.44 67.37 -16.49
C VAL N 205 23.81 67.93 -17.76
N ILE N 206 24.18 67.35 -18.90
CA ILE N 206 23.72 67.80 -20.21
C ILE N 206 22.90 66.69 -20.86
N ASN N 207 21.81 67.08 -21.51
CA ASN N 207 20.94 66.13 -22.19
C ASN N 207 20.15 66.85 -23.26
N GLY N 208 20.51 66.63 -24.53
CA GLY N 208 19.75 67.12 -25.65
C GLY N 208 19.66 68.64 -25.74
N GLY N 209 20.80 69.31 -25.68
CA GLY N 209 20.78 70.75 -25.60
C GLY N 209 20.91 71.29 -24.19
N THR N 210 19.77 71.57 -23.55
CA THR N 210 19.73 72.27 -22.26
C THR N 210 20.50 71.53 -21.18
N PHE N 211 21.34 72.26 -20.45
CA PHE N 211 22.13 71.68 -19.37
C PHE N 211 21.96 72.47 -18.08
N TRP N 212 22.12 71.77 -16.97
CA TRP N 212 21.86 72.25 -15.62
C TRP N 212 23.12 72.11 -14.76
N SER N 213 23.16 72.87 -13.68
CA SER N 213 24.29 72.86 -12.75
C SER N 213 23.80 73.27 -11.38
N PHE N 214 24.75 73.54 -10.48
CA PHE N 214 24.45 73.97 -9.12
C PHE N 214 24.89 75.41 -8.87
N HIS N 215 26.17 75.71 -9.09
CA HIS N 215 26.68 77.06 -8.91
C HIS N 215 26.34 77.94 -10.10
N ASP N 216 26.48 79.24 -9.91
CA ASP N 216 26.29 80.18 -11.02
C ASP N 216 27.52 80.13 -11.92
N PRO N 217 27.38 79.79 -13.21
CA PRO N 217 28.55 79.69 -14.08
C PRO N 217 29.06 81.01 -14.61
N ARG N 218 28.35 82.11 -14.36
CA ARG N 218 28.72 83.40 -14.95
C ARG N 218 29.81 84.09 -14.13
N THR N 219 29.52 84.41 -12.87
CA THR N 219 30.43 85.23 -12.08
C THR N 219 31.69 84.47 -11.69
N SER N 220 31.52 83.23 -11.23
CA SER N 220 32.63 82.35 -10.88
C SER N 220 32.45 81.03 -11.61
N ALA N 221 33.44 80.14 -11.47
CA ALA N 221 33.42 78.78 -12.02
C ALA N 221 33.25 78.81 -13.54
N CYS N 222 34.31 79.28 -14.20
CA CYS N 222 34.32 79.56 -15.63
C CYS N 222 33.84 78.37 -16.47
N SER N 223 32.96 78.68 -17.42
CA SER N 223 32.13 77.70 -18.11
C SER N 223 32.18 77.94 -19.61
N GLU N 224 33.39 77.98 -20.16
CA GLU N 224 33.61 78.21 -21.60
C GLU N 224 33.01 77.12 -22.49
N ILE N 225 32.50 76.02 -21.91
CA ILE N 225 31.72 75.05 -22.67
C ILE N 225 30.48 75.69 -23.28
N VAL N 226 29.80 76.54 -22.51
CA VAL N 226 28.54 77.15 -22.92
C VAL N 226 28.73 78.67 -23.00
N ASP N 227 28.27 79.26 -24.09
CA ASP N 227 28.31 80.70 -24.21
C ASP N 227 27.18 81.23 -23.37
N ILE N 228 27.28 82.48 -22.94
CA ILE N 228 26.25 83.05 -22.07
C ILE N 228 25.27 83.85 -22.90
N ASP N 229 24.17 83.22 -23.29
CA ASP N 229 23.13 83.92 -24.02
C ASP N 229 21.78 83.80 -23.32
N GLN N 230 21.49 82.61 -22.81
CA GLN N 230 20.17 82.29 -22.27
C GLN N 230 20.28 81.57 -20.94
N VAL N 231 21.30 81.87 -20.14
CA VAL N 231 21.45 81.26 -18.83
C VAL N 231 20.47 81.91 -17.86
N GLU N 232 19.56 81.11 -17.32
CA GLU N 232 18.46 81.60 -16.49
C GLU N 232 18.52 80.95 -15.12
N ALA N 233 17.57 81.31 -14.26
CA ALA N 233 17.49 80.78 -12.91
C ALA N 233 16.03 80.47 -12.59
N ILE N 234 15.78 79.29 -12.04
CA ILE N 234 14.44 78.86 -11.66
C ILE N 234 14.50 78.17 -10.30
N ASN N 235 13.34 78.08 -9.66
CA ASN N 235 13.24 77.44 -8.36
C ASN N 235 13.27 75.92 -8.50
N THR N 236 13.84 75.27 -7.48
CA THR N 236 13.91 73.80 -7.45
C THR N 236 12.66 73.22 -6.80
N LYS N 237 11.52 73.49 -7.40
CA LYS N 237 10.27 72.97 -6.87
C LYS N 237 9.44 72.22 -7.90
N GLU N 238 9.41 72.69 -9.16
CA GLU N 238 8.65 72.03 -10.22
C GLU N 238 9.56 71.85 -11.44
N LEU N 239 10.35 70.78 -11.43
CA LEU N 239 11.16 70.42 -12.59
C LEU N 239 10.46 69.37 -13.45
N ALA N 240 9.19 69.60 -13.77
CA ALA N 240 8.36 68.74 -14.62
C ALA N 240 8.36 67.28 -14.13
N LEU N 241 7.89 67.09 -12.90
CA LEU N 241 7.93 65.76 -12.28
C LEU N 241 6.68 64.94 -12.60
N HIS N 242 6.38 64.80 -13.88
CA HIS N 242 5.27 63.97 -14.35
C HIS N 242 5.71 63.22 -15.60
N ASP N 243 5.48 61.90 -15.59
CA ASP N 243 5.91 60.91 -16.60
C ASP N 243 7.32 61.17 -17.12
N ASP N 244 8.23 61.48 -16.21
CA ASP N 244 9.57 61.96 -16.52
C ASP N 244 10.61 61.24 -15.67
N ILE N 245 10.58 59.90 -15.71
CA ILE N 245 11.56 59.10 -14.97
C ILE N 245 12.98 59.36 -15.49
N ASP N 246 13.11 59.74 -16.76
CA ASP N 246 14.40 60.17 -17.28
C ASP N 246 14.87 61.45 -16.59
N GLU N 247 13.94 62.38 -16.32
CA GLU N 247 14.26 63.55 -15.50
C GLU N 247 14.71 63.15 -14.10
N GLN N 248 14.09 62.13 -13.51
CA GLN N 248 14.52 61.69 -12.19
C GLN N 248 15.91 61.08 -12.24
N ASN N 249 16.22 60.36 -13.32
CA ASN N 249 17.56 59.81 -13.51
C ASN N 249 18.60 60.92 -13.65
N ARG N 250 18.26 61.96 -14.42
CA ARG N 250 19.17 63.09 -14.58
C ARG N 250 19.34 63.86 -13.27
N PHE N 251 18.27 63.96 -12.48
CA PHE N 251 18.35 64.60 -11.18
C PHE N 251 19.24 63.81 -10.23
N SER N 252 19.14 62.47 -10.27
CA SER N 252 20.02 61.63 -9.46
C SER N 252 21.47 61.76 -9.89
N HIS N 253 21.71 61.85 -11.21
CA HIS N 253 23.08 62.05 -11.69
C HIS N 253 23.64 63.41 -11.26
N LEU N 254 22.81 64.45 -11.32
CA LEU N 254 23.23 65.78 -10.86
C LEU N 254 23.53 65.77 -9.37
N LEU N 255 22.69 65.08 -8.59
CA LEU N 255 22.94 64.98 -7.15
C LEU N 255 24.21 64.20 -6.86
N ARG N 256 24.50 63.17 -7.67
CA ARG N 256 25.74 62.43 -7.52
C ARG N 256 26.95 63.30 -7.81
N GLN N 257 26.86 64.13 -8.86
CA GLN N 257 27.95 65.04 -9.18
C GLN N 257 28.17 66.08 -8.09
N THR N 258 27.07 66.62 -7.53
CA THR N 258 27.21 67.61 -6.45
C THR N 258 27.76 66.97 -5.19
N LEU N 259 27.36 65.73 -4.90
CA LEU N 259 27.90 65.03 -3.74
C LEU N 259 29.38 64.71 -3.95
N ARG N 260 29.78 64.43 -5.19
CA ARG N 260 31.19 64.24 -5.50
C ARG N 260 31.96 65.54 -5.30
N TYR N 261 31.35 66.68 -5.66
CA TYR N 261 31.99 67.96 -5.41
C TYR N 261 32.17 68.22 -3.93
N GLN N 262 31.14 67.94 -3.13
CA GLN N 262 31.24 68.15 -1.69
C GLN N 262 32.26 67.20 -1.07
N THR N 263 32.34 65.97 -1.60
CA THR N 263 33.24 64.95 -1.09
C THR N 263 34.52 64.82 -1.91
N ASP N 264 34.92 65.88 -2.62
CA ASP N 264 36.21 65.89 -3.30
C ASP N 264 37.30 66.48 -2.40
N SER N 265 37.37 65.95 -1.18
CA SER N 265 38.38 66.34 -0.19
C SER N 265 39.27 65.17 0.20
N ASP N 266 38.68 64.05 0.61
CA ASP N 266 39.43 62.83 0.87
C ASP N 266 38.72 61.59 0.37
N LEU N 267 37.57 61.73 -0.28
CA LEU N 267 36.78 60.59 -0.75
C LEU N 267 36.89 60.51 -2.26
N GLY N 268 37.34 59.37 -2.76
CA GLY N 268 37.55 59.15 -4.18
C GLY N 268 36.32 58.61 -4.87
N TRP N 269 36.56 57.83 -5.92
CA TRP N 269 35.47 57.21 -6.66
C TRP N 269 35.97 55.94 -7.34
N ASP N 270 35.18 54.89 -7.26
CA ASP N 270 35.37 53.69 -8.07
C ASP N 270 34.05 53.32 -8.72
N LYS N 271 34.07 53.13 -10.04
CA LYS N 271 32.88 52.83 -10.81
C LYS N 271 32.51 51.35 -10.76
N ASP N 272 33.44 50.47 -10.39
CA ASP N 272 33.14 49.04 -10.33
C ASP N 272 32.18 48.74 -9.19
N HIS N 273 32.32 49.43 -8.05
CA HIS N 273 31.40 49.30 -6.95
C HIS N 273 30.67 50.60 -6.64
N LYS N 274 30.94 51.67 -7.41
CA LYS N 274 30.33 53.00 -7.24
C LYS N 274 30.53 53.52 -5.82
N ALA N 275 31.77 53.44 -5.33
CA ALA N 275 32.04 53.75 -3.94
C ALA N 275 33.03 54.91 -3.82
N LEU N 276 32.99 55.57 -2.67
CA LEU N 276 33.87 56.70 -2.36
C LEU N 276 34.76 56.30 -1.19
N TYR N 277 36.02 56.01 -1.48
CA TYR N 277 36.96 55.53 -0.48
C TYR N 277 37.70 56.69 0.18
N PHE N 278 38.19 56.44 1.39
CA PHE N 278 39.06 57.37 2.06
C PHE N 278 40.41 57.48 1.34
N ARG N 279 41.09 58.61 1.55
CA ARG N 279 42.41 58.84 1.01
C ARG N 279 43.40 58.96 2.15
N ALA N 280 44.65 58.53 1.90
CA ALA N 280 45.68 58.57 2.93
C ALA N 280 47.03 58.75 2.22
N ILE N 281 47.55 59.97 2.24
CA ILE N 281 48.90 60.19 1.74
C ILE N 281 49.95 59.88 2.80
N GLU N 282 49.58 60.01 4.08
CA GLU N 282 50.43 59.58 5.19
C GLU N 282 50.01 58.15 5.54
N ARG N 283 50.61 57.18 4.83
CA ARG N 283 50.23 55.79 4.99
C ARG N 283 50.66 55.20 6.32
N GLU N 284 51.65 55.81 6.99
CA GLU N 284 52.16 55.28 8.25
C GLU N 284 51.22 55.53 9.42
N VAL N 285 50.22 56.39 9.27
CA VAL N 285 49.28 56.70 10.34
C VAL N 285 47.92 56.14 9.96
N SER N 286 47.30 55.41 10.88
CA SER N 286 45.94 54.94 10.67
C SER N 286 44.96 56.12 10.77
N ARG N 287 44.02 56.17 9.83
CA ARG N 287 43.04 57.25 9.79
C ARG N 287 42.02 57.02 10.90
N ASN N 288 42.24 57.65 12.04
CA ASN N 288 41.31 57.59 13.17
C ASN N 288 40.68 58.97 13.30
N PHE N 289 39.53 59.14 12.68
CA PHE N 289 38.82 60.41 12.62
C PHE N 289 37.33 60.08 12.59
N ALA N 290 36.52 61.04 12.11
CA ALA N 290 35.10 60.85 11.82
C ALA N 290 34.30 60.52 13.08
N TYR N 291 34.53 61.32 14.13
CA TYR N 291 33.81 61.19 15.40
C TYR N 291 33.39 62.59 15.82
N THR N 292 32.23 63.03 15.33
CA THR N 292 31.73 64.37 15.59
C THR N 292 30.64 64.32 16.67
N SER N 293 30.43 65.48 17.30
CA SER N 293 29.61 65.64 18.50
C SER N 293 30.06 64.66 19.57
N SER N 294 29.20 63.69 19.91
CA SER N 294 29.53 62.53 20.75
C SER N 294 30.03 62.98 22.14
N LYS N 295 29.10 63.55 22.90
CA LYS N 295 29.42 64.09 24.22
C LYS N 295 29.87 63.02 25.22
N LYS N 296 29.57 61.75 24.96
CA LYS N 296 29.97 60.69 25.88
C LYS N 296 31.47 60.48 25.89
N LYS N 297 32.08 60.36 24.71
CA LYS N 297 33.51 60.09 24.59
C LYS N 297 33.96 60.52 23.20
N THR N 298 35.29 60.59 23.03
CA THR N 298 35.87 61.01 21.76
C THR N 298 36.83 59.96 21.21
N ASP N 299 36.43 58.69 21.24
CA ASP N 299 37.26 57.63 20.70
C ASP N 299 37.20 57.63 19.17
N ALA N 300 38.35 57.51 18.54
CA ALA N 300 38.46 57.50 17.08
C ALA N 300 39.01 56.15 16.65
N ASN N 301 38.16 55.35 16.00
CA ASN N 301 38.59 54.04 15.49
C ASN N 301 37.78 53.77 14.22
N VAL N 302 38.37 54.08 13.07
CA VAL N 302 37.74 53.87 11.78
C VAL N 302 38.59 52.97 10.89
N VAL N 303 39.87 53.26 10.76
CA VAL N 303 40.77 52.55 9.87
C VAL N 303 41.83 51.83 10.69
N SER N 304 42.00 50.54 10.44
CA SER N 304 43.09 49.76 11.00
C SER N 304 44.14 49.55 9.92
N VAL N 305 45.37 50.01 10.18
CA VAL N 305 46.48 49.89 9.25
C VAL N 305 47.49 48.93 9.88
N PHE N 306 47.76 47.82 9.19
CA PHE N 306 48.80 46.93 9.66
C PHE N 306 49.53 46.32 8.48
N LYS N 307 50.65 45.68 8.80
CA LYS N 307 51.63 45.18 7.85
C LYS N 307 51.34 43.71 7.53
N ASN N 308 52.29 43.06 6.85
CA ASN N 308 52.15 41.64 6.55
C ASN N 308 52.40 40.82 7.81
N SER N 309 51.96 39.56 7.77
CA SER N 309 52.06 38.70 8.94
C SER N 309 53.49 38.24 9.19
N LYS N 310 54.29 38.05 8.14
CA LYS N 310 55.61 37.45 8.30
C LYS N 310 56.60 38.43 8.92
N ASP N 311 56.63 39.68 8.45
CA ASP N 311 57.68 40.60 8.85
C ASP N 311 57.17 42.03 8.71
N GLU N 312 58.09 42.99 8.73
CA GLU N 312 57.76 44.41 8.73
C GLU N 312 57.95 45.09 7.38
N THR N 313 58.61 44.43 6.42
CA THR N 313 58.87 45.07 5.13
C THR N 313 57.59 45.22 4.32
N ARG N 314 56.81 44.15 4.21
CA ARG N 314 55.64 44.13 3.36
C ARG N 314 54.41 44.57 4.15
N VAL N 315 53.51 45.27 3.47
CA VAL N 315 52.21 45.65 4.02
C VAL N 315 51.12 45.01 3.18
N SER N 316 50.17 44.34 3.85
CA SER N 316 49.11 43.66 3.13
C SER N 316 48.06 44.64 2.63
N PHE N 317 47.38 45.33 3.55
CA PHE N 317 46.39 46.32 3.17
C PHE N 317 46.26 47.35 4.27
N VAL N 318 46.07 48.61 3.88
CA VAL N 318 45.94 49.71 4.83
C VAL N 318 44.61 50.44 4.72
N ARG N 319 43.86 50.28 3.63
CA ARG N 319 42.60 51.00 3.46
C ARG N 319 41.45 50.16 3.97
N HIS N 320 40.44 50.82 4.55
CA HIS N 320 39.36 50.00 5.09
C HIS N 320 37.95 50.41 4.66
N HIS N 321 37.65 51.71 4.63
CA HIS N 321 36.25 52.15 4.62
C HIS N 321 35.87 52.92 3.36
N ALA N 322 34.59 52.80 3.00
CA ALA N 322 33.96 53.53 1.90
C ALA N 322 32.45 53.36 2.06
N PHE N 323 31.70 54.00 1.18
CA PHE N 323 30.25 53.75 1.11
C PHE N 323 29.77 54.01 -0.30
N SER N 324 28.55 53.54 -0.59
CA SER N 324 27.93 53.68 -1.90
C SER N 324 26.57 54.32 -1.71
N PRO N 325 26.29 55.46 -2.37
CA PRO N 325 24.98 56.10 -2.23
C PRO N 325 23.98 55.74 -3.32
N ARG N 326 22.71 55.82 -2.98
CA ARG N 326 21.60 55.66 -3.91
C ARG N 326 20.59 56.78 -3.66
N PHE N 327 19.79 57.10 -4.67
CA PHE N 327 18.85 58.22 -4.58
C PHE N 327 17.48 57.80 -5.06
N GLU N 328 16.45 58.22 -4.34
CA GLU N 328 15.08 57.86 -4.70
C GLU N 328 14.14 59.02 -4.38
N LEU N 329 12.88 58.86 -4.81
CA LEU N 329 11.86 59.87 -4.62
C LEU N 329 10.55 59.22 -4.23
N MET N 330 9.93 59.72 -3.16
CA MET N 330 8.54 59.36 -2.85
C MET N 330 7.91 60.48 -2.05
N ALA N 331 6.58 60.59 -2.18
CA ALA N 331 5.76 61.61 -1.51
C ALA N 331 6.24 63.03 -1.82
N ASP N 332 6.71 63.23 -3.06
CA ASP N 332 7.33 64.47 -3.53
C ASP N 332 8.48 64.90 -2.64
N GLN N 333 9.28 63.93 -2.21
CA GLN N 333 10.47 64.19 -1.40
C GLN N 333 11.55 63.19 -1.79
N TRP N 334 12.77 63.69 -1.95
CA TRP N 334 13.89 62.82 -2.32
C TRP N 334 14.61 62.31 -1.08
N TYR N 335 15.25 61.15 -1.23
CA TYR N 335 15.95 60.49 -0.15
C TYR N 335 17.23 59.87 -0.67
N LEU N 336 18.21 59.74 0.23
CA LEU N 336 19.50 59.13 -0.08
C LEU N 336 19.68 57.89 0.80
N ILE N 337 20.30 56.86 0.24
CA ILE N 337 20.47 55.56 0.87
C ILE N 337 21.96 55.24 0.91
N ILE N 338 22.44 54.79 2.06
CA ILE N 338 23.85 54.51 2.30
C ILE N 338 24.03 53.00 2.35
N THR N 339 24.96 52.47 1.57
CA THR N 339 25.44 51.09 1.74
C THR N 339 26.93 51.14 2.04
N PRO N 340 27.34 50.99 3.30
CA PRO N 340 28.78 51.03 3.61
C PRO N 340 29.50 49.80 3.08
N THR N 341 30.76 50.00 2.70
CA THR N 341 31.53 49.02 1.95
C THR N 341 32.98 49.10 2.43
N TYR N 342 33.69 47.98 2.34
CA TYR N 342 35.10 47.95 2.69
C TYR N 342 35.96 48.02 1.43
N TYR N 343 37.11 48.67 1.58
CA TYR N 343 38.09 48.82 0.50
C TYR N 343 39.50 48.76 1.09
N TYR N 344 40.40 48.11 0.36
CA TYR N 344 41.78 47.87 0.75
C TYR N 344 42.71 48.37 -0.34
N THR N 345 44.03 48.29 -0.08
CA THR N 345 45.06 48.69 -1.02
C THR N 345 46.25 47.75 -0.88
N THR N 346 47.27 47.93 -1.73
CA THR N 346 48.50 47.17 -1.55
C THR N 346 49.43 47.84 -0.54
N ASN N 347 49.97 49.01 -0.89
CA ASN N 347 50.71 49.82 0.06
C ASN N 347 50.05 51.17 0.28
N GLY N 348 49.92 51.99 -0.77
CA GLY N 348 49.08 53.17 -0.68
C GLY N 348 48.00 53.26 -1.74
N TYR N 349 48.32 52.80 -2.96
CA TYR N 349 47.35 52.85 -4.06
C TYR N 349 47.79 51.82 -5.10
N ALA N 350 47.17 50.63 -5.07
CA ALA N 350 47.03 49.72 -6.19
C ALA N 350 45.96 48.67 -5.88
N PRO N 351 44.70 49.04 -5.66
CA PRO N 351 43.74 48.04 -5.20
C PRO N 351 43.23 47.16 -6.31
N HIS N 352 43.80 45.97 -6.47
CA HIS N 352 43.21 44.93 -7.32
C HIS N 352 43.35 43.52 -6.77
N GLN N 353 44.31 43.24 -5.89
CA GLN N 353 44.66 41.87 -5.54
C GLN N 353 43.74 41.37 -4.43
N PHE N 354 43.07 40.25 -4.70
CA PHE N 354 42.24 39.53 -3.72
C PHE N 354 41.15 40.40 -3.12
N ALA N 355 40.56 41.27 -3.95
CA ALA N 355 39.49 42.14 -3.48
C ALA N 355 38.24 41.34 -3.15
N ALA N 356 37.83 40.45 -4.06
CA ALA N 356 36.64 39.64 -3.82
C ALA N 356 36.73 38.69 -2.63
N PRO N 357 37.83 37.95 -2.37
CA PRO N 357 37.82 37.12 -1.15
C PRO N 357 37.96 37.91 0.14
N LEU N 358 38.73 39.00 0.14
CA LEU N 358 38.94 39.75 1.37
C LEU N 358 37.69 40.53 1.77
N LEU N 359 36.96 41.07 0.79
CA LEU N 359 35.70 41.76 1.07
C LEU N 359 34.68 40.79 1.67
N ALA N 360 34.59 39.58 1.10
CA ALA N 360 33.69 38.57 1.66
C ALA N 360 34.13 38.13 3.05
N GLY N 361 35.44 38.00 3.27
CA GLY N 361 35.94 37.59 4.57
C GLY N 361 35.67 38.61 5.65
N LYS N 362 35.84 39.89 5.34
CA LYS N 362 35.52 40.93 6.31
C LYS N 362 34.01 41.14 6.47
N LYS N 363 33.24 40.95 5.40
CA LYS N 363 31.79 41.14 5.48
C LYS N 363 31.13 40.01 6.25
N ARG N 364 31.69 38.81 6.20
CA ARG N 364 31.19 37.73 7.04
C ARG N 364 31.72 37.80 8.47
N LEU N 365 32.74 38.62 8.73
CA LEU N 365 33.31 38.68 10.07
C LEU N 365 32.51 39.59 10.99
N ASP N 366 32.14 40.77 10.50
CA ASP N 366 31.42 41.72 11.34
C ASP N 366 29.93 41.36 11.43
N LYS N 367 29.23 42.02 12.34
CA LYS N 367 27.82 41.80 12.58
C LYS N 367 27.05 43.09 12.28
N SER N 368 25.75 43.08 12.58
CA SER N 368 24.90 44.21 12.29
C SER N 368 25.04 45.36 13.30
N ALA N 369 25.76 45.14 14.40
CA ALA N 369 26.05 46.24 15.33
C ALA N 369 26.92 47.29 14.66
N ALA N 370 27.98 46.84 13.98
CA ALA N 370 28.79 47.76 13.19
C ALA N 370 28.00 48.33 12.02
N LEU N 371 27.13 47.51 11.41
CA LEU N 371 26.30 48.01 10.32
C LEU N 371 25.32 49.08 10.80
N ARG N 372 24.87 48.99 12.06
CA ARG N 372 24.09 50.07 12.63
C ARG N 372 24.96 51.28 12.94
N GLY N 373 26.19 51.04 13.40
CA GLY N 373 27.04 52.15 13.84
C GLY N 373 27.54 53.02 12.70
N GLN N 374 27.98 52.40 11.60
CA GLN N 374 28.68 53.18 10.58
C GLN N 374 27.74 54.06 9.77
N VAL N 375 26.44 53.77 9.73
CA VAL N 375 25.52 54.63 9.01
C VAL N 375 25.38 55.98 9.71
N ILE N 376 25.14 55.96 11.03
CA ILE N 376 25.04 57.21 11.77
C ILE N 376 26.41 57.87 11.88
N MET N 377 27.50 57.07 11.91
CA MET N 377 28.84 57.65 11.88
C MET N 377 29.10 58.41 10.59
N TRP N 378 28.72 57.83 9.45
CA TRP N 378 28.96 58.47 8.17
C TRP N 378 28.05 59.66 7.95
N HIS N 379 26.83 59.63 8.51
CA HIS N 379 26.01 60.83 8.41
C HIS N 379 26.47 61.93 9.35
N ARG N 380 27.10 61.59 10.47
CA ARG N 380 27.68 62.67 11.26
C ARG N 380 29.04 63.12 10.73
N PHE N 381 29.65 62.34 9.84
CA PHE N 381 30.85 62.78 9.15
C PHE N 381 30.56 63.50 7.83
N LEU N 382 29.34 63.38 7.29
CA LEU N 382 28.99 63.99 6.02
C LEU N 382 27.97 65.09 6.26
N THR N 383 28.24 66.27 5.68
CA THR N 383 27.44 67.49 5.84
C THR N 383 27.24 67.84 7.33
N GLN N 384 28.37 68.13 7.99
CA GLN N 384 28.37 68.48 9.39
C GLN N 384 29.22 69.73 9.60
N SER N 385 28.87 70.50 10.63
CA SER N 385 29.60 71.71 10.98
C SER N 385 29.34 72.10 12.43
N TYR N 400 26.40 74.06 -1.06
CA TYR N 400 26.73 72.85 -0.33
C TYR N 400 25.46 72.04 -0.05
N LEU N 401 25.64 70.73 0.16
CA LEU N 401 24.51 69.84 0.40
C LEU N 401 24.09 69.90 1.85
N MET N 402 22.79 70.01 2.08
CA MET N 402 22.21 70.03 3.42
C MET N 402 21.29 68.83 3.57
N PHE N 403 21.49 68.06 4.64
CA PHE N 403 20.69 66.87 4.88
C PHE N 403 20.10 66.90 6.28
N GLY N 404 19.50 65.79 6.72
CA GLY N 404 18.90 65.73 8.04
C GLY N 404 19.09 64.38 8.71
N GLU N 405 18.51 64.22 9.90
CA GLU N 405 18.61 62.98 10.63
C GLU N 405 17.71 61.92 9.99
N PRO N 406 18.07 60.63 10.11
CA PRO N 406 17.21 59.56 9.60
C PRO N 406 15.91 59.48 10.38
N PRO N 407 14.80 59.16 9.71
CA PRO N 407 13.50 59.13 10.40
C PRO N 407 13.39 57.89 11.29
N SER N 408 13.15 58.12 12.57
CA SER N 408 12.95 57.02 13.50
C SER N 408 11.59 56.38 13.30
N ILE N 409 11.50 55.10 13.66
CA ILE N 409 10.26 54.34 13.54
C ILE N 409 10.05 53.56 14.83
N HIS N 410 8.81 53.15 15.05
CA HIS N 410 8.40 52.49 16.29
C HIS N 410 8.04 51.05 15.98
N LEU N 411 8.69 50.12 16.69
CA LEU N 411 8.40 48.70 16.61
C LEU N 411 7.58 48.30 17.83
N ASP N 412 6.54 47.51 17.60
CA ASP N 412 5.66 47.13 18.70
C ASP N 412 6.33 46.13 19.64
N VAL N 413 7.11 45.21 19.10
CA VAL N 413 7.74 44.15 19.89
C VAL N 413 9.24 44.31 19.82
N ARG N 414 9.89 44.26 20.97
CA ARG N 414 11.34 44.36 21.06
C ARG N 414 11.97 42.97 20.96
N VAL N 415 13.13 42.91 20.31
CA VAL N 415 13.92 41.67 20.30
C VAL N 415 14.38 41.37 21.72
N PRO N 416 14.22 40.13 22.22
CA PRO N 416 14.51 39.85 23.64
C PRO N 416 15.95 40.02 24.05
N GLU N 417 16.87 39.33 23.36
CA GLU N 417 18.29 39.25 23.73
C GLU N 417 18.50 38.79 25.17
N ASP N 418 17.72 37.78 25.56
CA ASP N 418 17.81 37.21 26.90
C ASP N 418 18.77 36.01 26.92
N GLY N 419 18.50 35.01 26.07
CA GLY N 419 19.42 33.92 25.85
C GLY N 419 20.48 34.21 24.81
N TRP N 420 20.50 35.43 24.29
CA TRP N 420 21.44 35.87 23.27
C TRP N 420 22.70 36.49 23.87
N VAL N 421 23.04 36.13 25.12
CA VAL N 421 24.04 36.89 25.88
C VAL N 421 25.44 36.70 25.31
N LYS N 422 25.83 35.46 25.00
CA LYS N 422 27.17 35.16 24.50
C LYS N 422 27.04 34.43 23.17
N GLU N 423 26.91 35.20 22.09
CA GLU N 423 26.81 34.65 20.75
C GLU N 423 27.09 35.76 19.75
N LYS N 424 27.43 35.34 18.52
CA LYS N 424 27.66 36.22 17.37
C LYS N 424 28.70 37.30 17.63
#